data_6L3X
#
_entry.id   6L3X
#
_cell.length_a   176.750
_cell.length_b   176.750
_cell.length_c   101.200
_cell.angle_alpha   90.000
_cell.angle_beta   90.000
_cell.angle_gamma   120.000
#
_symmetry.space_group_name_H-M   'P 32'
#
loop_
_entity.id
_entity.type
_entity.pdbx_description
1 polymer 'ATP-dependent Clp protease proteolytic subunit'
2 non-polymer '[(1~{R})-1-[[(2~{S})-2-[[2,5-bis(chloranyl)phenyl]carbonylamino]-3-(1~{H}-indol-3-yl)propanoyl]amino]-3-methyl-butyl]boronic acid'
3 water water
#
_entity_poly.entity_id   1
_entity_poly.type   'polypeptide(L)'
_entity_poly.pdbx_seq_one_letter_code
;DIYSRLLKDRIIMLGSQIDDNVANSIVSQLLFLQAQDSEKDIYLYINSPGGSVTAGFAIYDTIQHIKPDVQTICIGMAAS
MGSFLLAAGAKGKRFALPNAEVMIHQPLGGAQGQATEIEIAANHILKTREKLNRILSERTGQSIEKIQKDTDRDNFLTAE
EAKEYGLIDEVMVPETK
;
_entity_poly.pdbx_strand_id   A,B,C,D,E,F,G,H,I,J,K,L,M,N
#
loop_
_chem_comp.id
_chem_comp.type
_chem_comp.name
_chem_comp.formula
E4U non-polymer '[(1~{R})-1-[[(2~{S})-2-[[2,5-bis(chloranyl)phenyl]carbonylamino]-3-(1~{H}-indol-3-yl)propanoyl]amino]-3-methyl-butyl]boronic acid' 'C23 H26 B Cl2 N3 O4'
#
# COMPACT_ATOMS: atom_id res chain seq x y z
N ASP A 1 8.91 -39.24 -2.92
CA ASP A 1 7.54 -38.75 -2.80
C ASP A 1 7.32 -37.31 -3.25
N ILE A 2 7.71 -36.96 -4.49
CA ILE A 2 8.37 -37.81 -5.46
C ILE A 2 9.90 -37.80 -5.18
N TYR A 3 10.35 -36.77 -4.46
CA TYR A 3 11.77 -36.64 -4.19
C TYR A 3 12.26 -37.67 -3.18
N SER A 4 11.40 -38.08 -2.25
CA SER A 4 11.79 -39.10 -1.28
C SER A 4 12.07 -40.45 -1.95
N ARG A 5 11.31 -40.80 -2.98
CA ARG A 5 11.55 -42.10 -3.61
C ARG A 5 12.81 -42.05 -4.45
N LEU A 6 13.03 -40.93 -5.15
CA LEU A 6 14.31 -40.73 -5.84
C LEU A 6 15.47 -40.71 -4.86
N LEU A 7 15.23 -40.29 -3.60
CA LEU A 7 16.32 -40.28 -2.63
C LEU A 7 16.80 -41.71 -2.34
N LYS A 8 15.90 -42.69 -2.44
CA LYS A 8 16.31 -44.07 -2.24
C LYS A 8 17.14 -44.61 -3.39
N ASP A 9 17.14 -43.95 -4.55
CA ASP A 9 18.12 -44.21 -5.59
C ASP A 9 19.36 -43.34 -5.44
N ARG A 10 19.57 -42.74 -4.26
CA ARG A 10 20.72 -41.87 -3.98
C ARG A 10 20.76 -40.66 -4.92
N ILE A 11 19.59 -40.14 -5.26
CA ILE A 11 19.45 -38.98 -6.12
C ILE A 11 18.99 -37.79 -5.26
N ILE A 12 19.60 -36.64 -5.49
CA ILE A 12 19.23 -35.37 -4.86
C ILE A 12 18.92 -34.35 -5.95
N MET A 13 17.84 -33.63 -5.80
CA MET A 13 17.43 -32.66 -6.82
C MET A 13 17.62 -31.25 -6.29
N LEU A 14 18.61 -30.54 -6.84
CA LEU A 14 18.82 -29.13 -6.52
C LEU A 14 18.23 -28.31 -7.67
N GLY A 15 17.03 -27.75 -7.45
CA GLY A 15 16.35 -27.06 -8.51
C GLY A 15 15.74 -25.73 -8.10
N SER A 16 16.52 -24.90 -7.42
CA SER A 16 16.06 -23.57 -7.04
C SER A 16 17.28 -22.72 -6.74
N GLN A 17 17.02 -21.45 -6.47
CA GLN A 17 18.00 -20.59 -5.82
C GLN A 17 18.57 -21.29 -4.60
N ILE A 18 19.85 -21.05 -4.34
CA ILE A 18 20.55 -21.66 -3.22
C ILE A 18 20.53 -20.64 -2.08
N ASP A 19 19.64 -20.84 -1.11
CA ASP A 19 19.71 -20.07 0.12
C ASP A 19 19.99 -21.02 1.27
N ASP A 20 19.94 -20.48 2.49
CA ASP A 20 20.30 -21.26 3.68
C ASP A 20 19.38 -22.46 3.86
N ASN A 21 18.06 -22.28 3.65
CA ASN A 21 17.12 -23.40 3.76
C ASN A 21 17.46 -24.49 2.76
N VAL A 22 17.71 -24.11 1.52
CA VAL A 22 18.04 -25.10 0.50
C VAL A 22 19.34 -25.81 0.83
N ALA A 23 20.37 -25.05 1.25
CA ALA A 23 21.63 -25.68 1.64
C ALA A 23 21.43 -26.67 2.79
N ASN A 24 20.63 -26.31 3.81
CA ASN A 24 20.42 -27.22 4.93
C ASN A 24 19.79 -28.52 4.46
N SER A 25 18.79 -28.41 3.59
CA SER A 25 18.16 -29.58 3.02
C SER A 25 19.16 -30.44 2.24
N ILE A 26 19.94 -29.84 1.34
CA ILE A 26 20.90 -30.61 0.54
C ILE A 26 21.96 -31.25 1.43
N VAL A 27 22.56 -30.47 2.34
CA VAL A 27 23.56 -31.01 3.26
C VAL A 27 23.00 -32.21 4.02
N SER A 28 21.78 -32.07 4.56
CA SER A 28 21.18 -33.17 5.31
C SER A 28 21.01 -34.41 4.46
N GLN A 29 20.51 -34.25 3.23
CA GLN A 29 20.33 -35.39 2.34
C GLN A 29 21.67 -36.07 2.04
N LEU A 30 22.73 -35.30 1.81
CA LEU A 30 24.06 -35.87 1.65
C LEU A 30 24.50 -36.60 2.93
N LEU A 31 24.35 -35.95 4.08
CA LEU A 31 24.71 -36.60 5.34
C LEU A 31 23.97 -37.91 5.52
N PHE A 32 22.69 -37.93 5.12
CA PHE A 32 21.85 -39.11 5.31
C PHE A 32 22.23 -40.23 4.34
N LEU A 33 22.55 -39.89 3.10
CA LEU A 33 22.93 -40.93 2.14
C LEU A 33 24.28 -41.56 2.50
N GLN A 34 25.22 -40.76 3.01
CA GLN A 34 26.44 -41.37 3.53
C GLN A 34 26.17 -42.29 4.70
N ALA A 35 25.28 -41.89 5.61
CA ALA A 35 24.93 -42.74 6.75
C ALA A 35 24.39 -44.08 6.28
N GLN A 36 23.58 -44.06 5.23
CA GLN A 36 22.99 -45.29 4.72
C GLN A 36 24.02 -46.18 4.05
N ASP A 37 25.00 -45.58 3.38
CA ASP A 37 25.98 -46.35 2.63
C ASP A 37 27.11 -45.38 2.27
N SER A 38 28.30 -45.61 2.81
CA SER A 38 29.42 -44.68 2.60
C SER A 38 30.22 -44.92 1.33
N GLU A 39 29.86 -45.90 0.49
CA GLU A 39 30.65 -46.20 -0.70
C GLU A 39 29.94 -45.92 -2.03
N LYS A 40 28.62 -46.14 -2.12
CA LYS A 40 27.94 -45.94 -3.39
C LYS A 40 27.85 -44.46 -3.75
N ASP A 41 28.04 -44.16 -5.04
CA ASP A 41 27.97 -42.80 -5.57
C ASP A 41 26.64 -42.13 -5.21
N ILE A 42 26.65 -40.80 -5.22
CA ILE A 42 25.44 -40.01 -5.06
C ILE A 42 25.25 -39.20 -6.33
N TYR A 43 23.99 -38.97 -6.70
CA TYR A 43 23.63 -38.26 -7.93
C TYR A 43 22.94 -36.96 -7.57
N LEU A 44 23.63 -35.84 -7.81
CA LEU A 44 23.10 -34.52 -7.53
C LEU A 44 22.76 -33.82 -8.84
N TYR A 45 21.45 -33.67 -9.11
CA TYR A 45 21.00 -32.90 -10.26
C TYR A 45 20.92 -31.42 -9.90
N ILE A 46 21.36 -30.58 -10.82
CA ILE A 46 21.55 -29.16 -10.57
C ILE A 46 20.81 -28.40 -11.66
N ASN A 47 19.78 -27.67 -11.26
CA ASN A 47 19.12 -26.68 -12.12
C ASN A 47 18.91 -25.47 -11.21
N SER A 48 19.89 -24.59 -11.18
CA SER A 48 19.88 -23.54 -10.20
C SER A 48 20.41 -22.28 -10.85
N PRO A 49 19.77 -21.14 -10.58
CA PRO A 49 20.33 -19.85 -10.97
C PRO A 49 21.38 -19.32 -10.01
N GLY A 50 21.76 -20.04 -8.97
CA GLY A 50 22.76 -19.59 -8.03
C GLY A 50 22.19 -19.25 -6.66
N GLY A 51 22.86 -18.32 -6.00
CA GLY A 51 22.41 -17.90 -4.70
C GLY A 51 23.58 -17.54 -3.80
N SER A 52 23.33 -17.67 -2.49
CA SER A 52 24.24 -17.16 -1.49
C SER A 52 25.57 -17.90 -1.51
N VAL A 53 26.66 -17.15 -1.36
CA VAL A 53 27.98 -17.77 -1.41
C VAL A 53 28.20 -18.69 -0.22
N THR A 54 27.81 -18.26 0.99
CA THR A 54 28.05 -19.12 2.15
C THR A 54 27.12 -20.34 2.13
N ALA A 55 25.85 -20.16 1.74
CA ALA A 55 24.99 -21.34 1.53
C ALA A 55 25.63 -22.34 0.57
N GLY A 56 26.08 -21.84 -0.59
CA GLY A 56 26.77 -22.72 -1.53
C GLY A 56 28.00 -23.39 -0.93
N PHE A 57 28.74 -22.67 -0.10
CA PHE A 57 29.93 -23.30 0.49
C PHE A 57 29.56 -24.39 1.49
N ALA A 58 28.42 -24.25 2.21
CA ALA A 58 27.92 -25.34 3.03
C ALA A 58 27.74 -26.61 2.21
N ILE A 59 27.21 -26.46 0.98
CA ILE A 59 27.01 -27.62 0.12
C ILE A 59 28.36 -28.12 -0.43
N TYR A 60 29.15 -27.20 -0.98
CA TYR A 60 30.46 -27.56 -1.55
C TYR A 60 31.29 -28.40 -0.60
N ASP A 61 31.51 -27.90 0.63
CA ASP A 61 32.41 -28.59 1.55
C ASP A 61 31.83 -29.92 2.01
N THR A 62 30.50 -30.02 2.11
CA THR A 62 29.90 -31.31 2.44
C THR A 62 30.12 -32.33 1.32
N ILE A 63 30.06 -31.88 0.07
CA ILE A 63 30.38 -32.76 -1.05
C ILE A 63 31.81 -33.25 -0.92
N GLN A 64 32.74 -32.34 -0.69
CA GLN A 64 34.13 -32.75 -0.55
C GLN A 64 34.33 -33.63 0.68
N HIS A 65 33.52 -33.45 1.72
CA HIS A 65 33.84 -34.13 2.97
C HIS A 65 33.41 -35.60 2.99
N ILE A 66 32.23 -35.92 2.45
CA ILE A 66 31.71 -37.26 2.67
C ILE A 66 32.52 -38.28 1.87
N LYS A 67 32.42 -39.56 2.28
CA LYS A 67 33.11 -40.63 1.57
C LYS A 67 32.66 -40.78 0.13
N PRO A 68 31.37 -40.90 -0.17
CA PRO A 68 30.96 -41.23 -1.54
C PRO A 68 31.38 -40.19 -2.55
N ASP A 69 31.67 -40.66 -3.75
CA ASP A 69 31.66 -39.79 -4.90
C ASP A 69 30.29 -39.13 -5.06
N VAL A 70 30.30 -37.85 -5.40
CA VAL A 70 29.08 -37.12 -5.70
C VAL A 70 29.15 -36.73 -7.17
N GLN A 71 28.36 -37.41 -7.99
CA GLN A 71 28.23 -37.03 -9.39
C GLN A 71 27.31 -35.84 -9.49
N THR A 72 27.68 -34.87 -10.34
CA THR A 72 26.87 -33.69 -10.61
C THR A 72 26.39 -33.72 -12.06
N ILE A 73 25.08 -33.50 -12.26
CA ILE A 73 24.46 -33.52 -13.58
C ILE A 73 23.69 -32.21 -13.77
N CYS A 74 24.17 -31.38 -14.68
CA CYS A 74 23.50 -30.12 -14.98
C CYS A 74 22.35 -30.37 -15.96
N ILE A 75 21.12 -30.06 -15.51
CA ILE A 75 19.95 -30.02 -16.38
C ILE A 75 19.41 -28.59 -16.39
N GLY A 76 19.16 -28.05 -17.57
CA GLY A 76 18.61 -26.72 -17.68
C GLY A 76 19.64 -25.62 -17.57
N MET A 77 19.96 -25.19 -16.34
CA MET A 77 20.90 -24.09 -16.16
C MET A 77 21.63 -24.25 -14.84
N ALA A 78 22.96 -24.16 -14.89
CA ALA A 78 23.79 -24.00 -13.70
C ALA A 78 24.42 -22.64 -13.85
N ALA A 79 23.92 -21.66 -13.09
CA ALA A 79 24.44 -20.30 -13.10
C ALA A 79 25.07 -19.96 -11.76
N SER A 80 26.14 -19.18 -11.81
CA SER A 80 26.69 -18.54 -10.61
C SER A 80 27.10 -19.64 -9.62
N MET A 81 26.61 -19.62 -8.39
CA MET A 81 26.91 -20.71 -7.47
C MET A 81 26.44 -22.06 -8.02
N GLY A 82 25.46 -22.08 -8.93
CA GLY A 82 25.07 -23.34 -9.53
C GLY A 82 26.23 -24.01 -10.26
N SER A 83 26.96 -23.23 -11.08
CA SER A 83 28.07 -23.76 -11.85
C SER A 83 29.25 -24.10 -10.97
N PHE A 84 29.36 -23.43 -9.82
CA PHE A 84 30.41 -23.77 -8.86
C PHE A 84 30.16 -25.14 -8.25
N LEU A 85 28.92 -25.44 -7.89
CA LEU A 85 28.62 -26.76 -7.37
C LEU A 85 28.71 -27.80 -8.47
N LEU A 86 28.44 -27.41 -9.71
CA LEU A 86 28.60 -28.33 -10.83
C LEU A 86 30.06 -28.78 -10.92
N ALA A 87 30.99 -27.83 -10.93
CA ALA A 87 32.41 -28.18 -10.94
C ALA A 87 32.84 -28.92 -9.68
N ALA A 88 32.05 -28.86 -8.61
CA ALA A 88 32.47 -29.50 -7.37
C ALA A 88 32.30 -31.01 -7.38
N GLY A 89 31.58 -31.57 -8.36
CA GLY A 89 31.39 -33.01 -8.41
C GLY A 89 32.70 -33.75 -8.55
N ALA A 90 32.66 -35.04 -8.23
CA ALA A 90 33.85 -35.87 -8.32
C ALA A 90 34.39 -35.88 -9.75
N LYS A 91 35.69 -35.70 -9.90
CA LYS A 91 36.25 -35.50 -11.24
C LYS A 91 36.09 -36.75 -12.08
N GLY A 92 35.70 -36.54 -13.35
CA GLY A 92 35.28 -37.63 -14.20
C GLY A 92 33.80 -37.92 -14.14
N LYS A 93 33.08 -37.33 -13.19
CA LYS A 93 31.66 -37.61 -13.01
C LYS A 93 30.85 -36.32 -12.93
N ARG A 94 31.26 -35.30 -13.69
CA ARG A 94 30.58 -34.02 -13.76
C ARG A 94 29.99 -33.89 -15.16
N PHE A 95 28.66 -33.90 -15.23
CA PHE A 95 27.96 -33.96 -16.51
C PHE A 95 27.05 -32.76 -16.71
N ALA A 96 26.69 -32.54 -17.97
CA ALA A 96 25.65 -31.63 -18.40
C ALA A 96 24.87 -32.29 -19.54
N LEU A 97 23.55 -32.08 -19.57
CA LEU A 97 22.75 -32.55 -20.69
C LEU A 97 22.97 -31.62 -21.88
N PRO A 98 22.71 -32.11 -23.10
CA PRO A 98 23.29 -31.46 -24.29
C PRO A 98 22.91 -30.02 -24.45
N ASN A 99 21.70 -29.63 -24.01
CA ASN A 99 21.20 -28.27 -24.18
C ASN A 99 21.23 -27.47 -22.88
N ALA A 100 21.81 -28.01 -21.80
CA ALA A 100 21.88 -27.27 -20.56
C ALA A 100 22.82 -26.07 -20.72
N GLU A 101 22.59 -25.03 -19.93
CA GLU A 101 23.34 -23.78 -19.95
C GLU A 101 24.24 -23.69 -18.70
N VAL A 102 25.44 -23.17 -18.87
CA VAL A 102 26.32 -22.88 -17.73
C VAL A 102 26.69 -21.41 -17.77
N MET A 103 26.67 -20.76 -16.61
CA MET A 103 27.04 -19.35 -16.56
C MET A 103 27.93 -19.11 -15.36
N ILE A 104 29.02 -18.38 -15.58
CA ILE A 104 29.94 -17.96 -14.53
C ILE A 104 30.02 -16.44 -14.54
N HIS A 105 30.21 -15.87 -13.34
CA HIS A 105 30.35 -14.43 -13.20
C HIS A 105 30.87 -14.16 -11.80
N GLN A 106 31.31 -12.94 -11.56
CA GLN A 106 31.87 -12.60 -10.26
C GLN A 106 30.76 -12.37 -9.22
N PRO A 107 31.09 -12.44 -7.92
CA PRO A 107 30.05 -12.25 -6.91
C PRO A 107 29.56 -10.80 -6.85
N LEU A 108 28.33 -10.67 -6.36
CA LEU A 108 27.66 -9.41 -6.17
C LEU A 108 27.32 -9.24 -4.69
N GLY A 109 27.18 -8.00 -4.26
CA GLY A 109 26.90 -7.75 -2.86
C GLY A 109 26.36 -6.36 -2.67
N GLY A 110 26.21 -5.99 -1.41
CA GLY A 110 25.76 -4.65 -1.07
C GLY A 110 26.37 -4.27 0.25
N ALA A 111 26.57 -2.97 0.44
CA ALA A 111 27.14 -2.42 1.66
C ALA A 111 26.55 -1.04 1.89
N GLN A 112 26.26 -0.73 3.15
CA GLN A 112 25.76 0.59 3.52
C GLN A 112 26.23 0.93 4.94
N GLY A 113 26.50 2.22 5.20
CA GLY A 113 26.89 2.66 6.52
C GLY A 113 28.09 3.59 6.45
N GLN A 114 28.82 3.68 7.56
CA GLN A 114 29.97 4.57 7.60
C GLN A 114 31.04 4.10 6.61
N ALA A 115 31.89 5.04 6.20
CA ALA A 115 32.99 4.67 5.30
C ALA A 115 33.76 3.44 5.79
N THR A 116 34.05 3.33 7.10
CA THR A 116 34.82 2.16 7.53
C THR A 116 34.02 0.86 7.39
N GLU A 117 32.69 0.91 7.57
CA GLU A 117 31.87 -0.28 7.33
C GLU A 117 31.89 -0.67 5.85
N ILE A 118 31.79 0.32 4.97
CA ILE A 118 31.84 0.05 3.53
C ILE A 118 33.20 -0.54 3.14
N GLU A 119 34.28 -0.06 3.76
CA GLU A 119 35.58 -0.65 3.46
C GLU A 119 35.64 -2.10 3.93
N ILE A 120 35.07 -2.40 5.10
CA ILE A 120 35.11 -3.76 5.61
C ILE A 120 34.32 -4.70 4.70
N ALA A 121 33.14 -4.26 4.24
CA ALA A 121 32.35 -5.08 3.33
C ALA A 121 33.06 -5.28 1.98
N ALA A 122 33.68 -4.22 1.45
CA ALA A 122 34.40 -4.38 0.18
C ALA A 122 35.56 -5.38 0.32
N ASN A 123 36.39 -5.24 1.37
CA ASN A 123 37.49 -6.18 1.54
C ASN A 123 37.00 -7.62 1.70
N HIS A 124 35.91 -7.81 2.42
CA HIS A 124 35.39 -9.16 2.61
C HIS A 124 34.94 -9.77 1.27
N ILE A 125 34.25 -9.00 0.42
CA ILE A 125 33.79 -9.63 -0.83
C ILE A 125 34.93 -9.80 -1.84
N LEU A 126 35.91 -8.89 -1.84
CA LEU A 126 37.12 -9.10 -2.65
C LEU A 126 37.83 -10.38 -2.22
N LYS A 127 37.97 -10.60 -0.91
CA LYS A 127 38.60 -11.83 -0.43
C LYS A 127 37.79 -13.04 -0.83
N THR A 128 36.46 -12.95 -0.68
CA THR A 128 35.60 -14.02 -1.15
C THR A 128 35.82 -14.27 -2.64
N ARG A 129 35.98 -13.21 -3.43
CA ARG A 129 36.19 -13.43 -4.86
C ARG A 129 37.49 -14.19 -5.13
N GLU A 130 38.59 -13.79 -4.46
CA GLU A 130 39.84 -14.52 -4.63
C GLU A 130 39.72 -15.96 -4.16
N LYS A 131 38.94 -16.22 -3.11
CA LYS A 131 38.76 -17.60 -2.67
C LYS A 131 38.05 -18.42 -3.74
N LEU A 132 37.01 -17.85 -4.36
CA LEU A 132 36.22 -18.58 -5.35
C LEU A 132 37.04 -18.83 -6.62
N ASN A 133 37.75 -17.81 -7.08
CA ASN A 133 38.67 -17.99 -8.21
C ASN A 133 39.67 -19.10 -7.93
N ARG A 134 40.23 -19.12 -6.71
CA ARG A 134 41.25 -20.10 -6.43
C ARG A 134 40.68 -21.51 -6.49
N ILE A 135 39.48 -21.70 -5.95
CA ILE A 135 38.86 -23.03 -5.98
C ILE A 135 38.48 -23.40 -7.41
N LEU A 136 37.88 -22.46 -8.16
CA LEU A 136 37.45 -22.85 -9.49
C LEU A 136 38.65 -23.20 -10.36
N SER A 137 39.79 -22.58 -10.07
CA SER A 137 41.06 -22.86 -10.75
C SER A 137 41.51 -24.30 -10.52
N GLU A 138 41.40 -24.78 -9.29
CA GLU A 138 41.74 -26.15 -8.99
C GLU A 138 40.74 -27.11 -9.61
N ARG A 139 39.50 -26.67 -9.79
CA ARG A 139 38.45 -27.55 -10.23
C ARG A 139 38.46 -27.71 -11.74
N THR A 140 39.01 -26.74 -12.44
CA THR A 140 38.94 -26.65 -13.89
C THR A 140 40.27 -26.77 -14.59
N GLY A 141 41.39 -26.50 -13.91
CA GLY A 141 42.66 -26.38 -14.60
C GLY A 141 42.92 -25.05 -15.26
N GLN A 142 41.98 -24.10 -15.21
CA GLN A 142 42.33 -22.77 -15.69
C GLN A 142 43.11 -22.00 -14.65
N SER A 143 43.91 -21.05 -15.11
CA SER A 143 44.59 -20.14 -14.20
C SER A 143 43.60 -19.14 -13.57
N ILE A 144 44.03 -18.61 -12.41
CA ILE A 144 43.25 -17.66 -11.63
C ILE A 144 43.03 -16.38 -12.40
N GLU A 145 44.05 -15.93 -13.13
CA GLU A 145 43.95 -14.73 -13.94
C GLU A 145 42.92 -14.90 -15.03
N LYS A 146 42.83 -16.11 -15.60
CA LYS A 146 41.85 -16.34 -16.65
C LYS A 146 40.43 -16.39 -16.07
N ILE A 147 40.25 -17.14 -14.98
CA ILE A 147 38.99 -17.08 -14.23
C ILE A 147 38.62 -15.63 -13.93
N GLN A 148 39.58 -14.89 -13.36
CA GLN A 148 39.34 -13.48 -13.03
C GLN A 148 38.80 -12.73 -14.25
N LYS A 149 39.48 -12.85 -15.39
CA LYS A 149 39.08 -12.08 -16.57
C LYS A 149 37.76 -12.60 -17.14
N ASP A 150 37.54 -13.92 -17.11
CA ASP A 150 36.34 -14.50 -17.73
C ASP A 150 35.07 -14.32 -16.90
N THR A 151 35.19 -13.95 -15.61
CA THR A 151 34.03 -13.73 -14.78
C THR A 151 33.80 -12.25 -14.52
N ASP A 152 34.54 -11.37 -15.18
CA ASP A 152 34.32 -9.95 -14.94
C ASP A 152 32.86 -9.56 -15.21
N ARG A 153 32.25 -10.12 -16.25
CA ARG A 153 30.82 -9.99 -16.53
C ARG A 153 30.25 -11.38 -16.78
N ASP A 154 28.92 -11.44 -16.91
CA ASP A 154 28.23 -12.71 -17.06
C ASP A 154 28.76 -13.44 -18.27
N ASN A 155 29.07 -14.71 -18.11
CA ASN A 155 29.74 -15.47 -19.14
C ASN A 155 28.94 -16.75 -19.33
N PHE A 156 28.18 -16.81 -20.43
CA PHE A 156 27.30 -17.94 -20.74
C PHE A 156 28.03 -18.98 -21.57
N LEU A 157 27.86 -20.24 -21.20
CA LEU A 157 28.57 -21.31 -21.88
C LEU A 157 27.59 -22.42 -22.22
N THR A 158 27.68 -22.91 -23.46
CA THR A 158 27.03 -24.16 -23.83
C THR A 158 27.67 -25.32 -23.06
N ALA A 159 26.98 -26.45 -23.06
CA ALA A 159 27.53 -27.62 -22.39
C ALA A 159 28.87 -28.00 -22.96
N GLU A 160 29.03 -27.89 -24.28
CA GLU A 160 30.29 -28.24 -24.90
C GLU A 160 31.38 -27.28 -24.47
N GLU A 161 31.08 -25.97 -24.44
CA GLU A 161 32.08 -25.02 -23.98
C GLU A 161 32.41 -25.22 -22.51
N ALA A 162 31.45 -25.65 -21.69
CA ALA A 162 31.76 -25.94 -20.27
C ALA A 162 32.66 -27.16 -20.14
N LYS A 163 32.57 -28.12 -21.06
CA LYS A 163 33.54 -29.20 -21.09
C LYS A 163 34.93 -28.69 -21.46
N GLU A 164 35.02 -27.93 -22.55
CA GLU A 164 36.31 -27.34 -22.94
C GLU A 164 36.92 -26.52 -21.82
N TYR A 165 36.07 -25.92 -20.97
CA TYR A 165 36.55 -25.03 -19.92
C TYR A 165 37.01 -25.80 -18.68
N GLY A 166 36.50 -27.01 -18.46
CA GLY A 166 36.85 -27.77 -17.29
C GLY A 166 35.83 -27.74 -16.16
N LEU A 167 34.65 -27.16 -16.40
CA LEU A 167 33.59 -27.20 -15.39
C LEU A 167 32.95 -28.57 -15.33
N ILE A 168 32.83 -29.25 -16.47
CA ILE A 168 32.30 -30.61 -16.52
C ILE A 168 33.28 -31.49 -17.28
N ASP A 169 33.03 -32.80 -17.18
CA ASP A 169 33.86 -33.82 -17.80
C ASP A 169 33.29 -34.32 -19.12
N GLU A 170 31.97 -34.51 -19.21
CA GLU A 170 31.31 -35.02 -20.40
C GLU A 170 29.96 -34.34 -20.58
N VAL A 171 29.55 -34.23 -21.84
CA VAL A 171 28.16 -33.95 -22.20
C VAL A 171 27.42 -35.28 -22.25
N MET A 172 26.27 -35.36 -21.60
CA MET A 172 25.56 -36.62 -21.53
C MET A 172 24.79 -36.87 -22.82
N VAL A 173 24.97 -38.04 -23.40
CA VAL A 173 24.28 -38.45 -24.63
C VAL A 173 23.11 -39.36 -24.28
N PRO A 174 22.10 -39.44 -25.15
CA PRO A 174 20.92 -40.27 -24.85
C PRO A 174 21.13 -41.79 -25.01
N GLU A 175 20.02 -42.53 -25.17
CA GLU A 175 19.94 -44.00 -25.18
C GLU A 175 20.46 -44.61 -23.87
N THR A 176 20.66 -43.79 -22.84
CA THR A 176 21.03 -44.31 -21.53
C THR A 176 20.27 -43.52 -20.47
N LYS A 177 19.93 -44.19 -19.37
CA LYS A 177 19.30 -43.54 -18.21
C LYS A 177 20.12 -42.37 -17.64
N ASP B 1 -3.43 -39.79 -6.79
CA ASP B 1 -3.93 -38.92 -5.75
C ASP B 1 -3.83 -37.43 -6.08
N ILE B 2 -4.58 -36.97 -7.08
CA ILE B 2 -5.21 -37.83 -8.08
C ILE B 2 -4.08 -38.14 -9.05
N TYR B 3 -3.16 -37.17 -9.13
CA TYR B 3 -2.00 -37.28 -10.01
C TYR B 3 -1.17 -38.50 -9.66
N SER B 4 -1.09 -38.83 -8.37
CA SER B 4 -0.34 -40.01 -7.94
C SER B 4 -0.88 -41.29 -8.55
N ARG B 5 -2.21 -41.46 -8.57
CA ARG B 5 -2.80 -42.65 -9.15
C ARG B 5 -2.65 -42.67 -10.67
N LEU B 6 -2.71 -41.51 -11.31
CA LEU B 6 -2.35 -41.46 -12.73
C LEU B 6 -0.89 -41.79 -12.95
N LEU B 7 -0.01 -41.45 -11.99
CA LEU B 7 1.42 -41.76 -12.16
C LEU B 7 1.63 -43.26 -12.32
N LYS B 8 0.90 -44.07 -11.54
CA LYS B 8 1.05 -45.51 -11.65
C LYS B 8 0.72 -46.02 -13.03
N ASP B 9 -0.07 -45.27 -13.81
CA ASP B 9 -0.35 -45.56 -15.21
C ASP B 9 0.63 -44.89 -16.15
N ARG B 10 1.77 -44.42 -15.63
CA ARG B 10 2.80 -43.75 -16.41
C ARG B 10 2.26 -42.49 -17.10
N ILE B 11 1.32 -41.81 -16.46
CA ILE B 11 0.75 -40.58 -16.98
C ILE B 11 1.28 -39.41 -16.17
N ILE B 12 1.88 -38.43 -16.84
CA ILE B 12 2.35 -37.20 -16.20
C ILE B 12 1.51 -36.05 -16.74
N MET B 13 1.07 -35.17 -15.84
CA MET B 13 0.28 -33.99 -16.17
C MET B 13 1.14 -32.74 -16.07
N LEU B 14 1.28 -32.02 -17.17
CA LEU B 14 1.96 -30.73 -17.20
C LEU B 14 0.87 -29.71 -17.49
N GLY B 15 0.35 -29.07 -16.44
CA GLY B 15 -0.79 -28.18 -16.59
C GLY B 15 -0.64 -26.76 -16.06
N SER B 16 0.53 -26.15 -16.20
CA SER B 16 0.74 -24.81 -15.67
C SER B 16 1.89 -24.14 -16.40
N GLN B 17 2.19 -22.91 -15.98
CA GLN B 17 3.42 -22.28 -16.39
C GLN B 17 4.60 -23.21 -16.09
N ILE B 18 5.68 -23.05 -16.82
CA ILE B 18 6.87 -23.88 -16.66
C ILE B 18 7.93 -23.02 -16.01
N ASP B 19 8.14 -23.20 -14.71
CA ASP B 19 9.25 -22.59 -13.98
C ASP B 19 10.17 -23.71 -13.46
N ASP B 20 11.17 -23.32 -12.66
CA ASP B 20 12.09 -24.30 -12.12
C ASP B 20 11.39 -25.33 -11.25
N ASN B 21 10.42 -24.90 -10.44
CA ASN B 21 9.70 -25.82 -9.58
C ASN B 21 8.95 -26.86 -10.40
N VAL B 22 8.11 -26.39 -11.32
CA VAL B 22 7.42 -27.28 -12.26
C VAL B 22 8.40 -28.18 -13.01
N ALA B 23 9.49 -27.62 -13.55
CA ALA B 23 10.43 -28.47 -14.30
C ALA B 23 11.03 -29.54 -13.39
N ASN B 24 11.41 -29.17 -12.17
CA ASN B 24 11.97 -30.14 -11.23
C ASN B 24 10.99 -31.28 -10.95
N SER B 25 9.72 -30.95 -10.77
CA SER B 25 8.70 -31.99 -10.59
C SER B 25 8.60 -32.91 -11.81
N ILE B 26 8.55 -32.35 -13.02
CA ILE B 26 8.38 -33.17 -14.22
C ILE B 26 9.62 -34.03 -14.49
N VAL B 27 10.81 -33.49 -14.28
CA VAL B 27 12.02 -34.29 -14.45
C VAL B 27 12.02 -35.45 -13.45
N SER B 28 11.69 -35.17 -12.20
CA SER B 28 11.65 -36.20 -11.17
C SER B 28 10.69 -37.33 -11.55
N GLN B 29 9.48 -36.97 -11.99
CA GLN B 29 8.49 -37.97 -12.38
C GLN B 29 8.99 -38.83 -13.54
N LEU B 30 9.66 -38.20 -14.52
CA LEU B 30 10.24 -38.93 -15.65
C LEU B 30 11.33 -39.89 -15.19
N LEU B 31 12.30 -39.38 -14.42
CA LEU B 31 13.32 -40.22 -13.78
C LEU B 31 12.68 -41.37 -13.00
N PHE B 32 11.71 -41.05 -12.14
CA PHE B 32 11.03 -42.07 -11.35
C PHE B 32 10.46 -43.18 -12.24
N LEU B 33 9.77 -42.79 -13.31
CA LEU B 33 9.07 -43.79 -14.11
C LEU B 33 10.06 -44.67 -14.86
N GLN B 34 11.14 -44.07 -15.38
CA GLN B 34 12.18 -44.88 -16.01
C GLN B 34 12.76 -45.90 -15.03
N ALA B 35 12.99 -45.49 -13.78
CA ALA B 35 13.52 -46.43 -12.79
C ALA B 35 12.57 -47.59 -12.58
N GLN B 36 11.26 -47.31 -12.51
CA GLN B 36 10.26 -48.37 -12.37
C GLN B 36 10.25 -49.31 -13.57
N ASP B 37 10.40 -48.78 -14.77
CA ASP B 37 10.34 -49.60 -15.97
C ASP B 37 10.97 -48.79 -17.10
N SER B 38 12.10 -49.28 -17.62
CA SER B 38 12.81 -48.57 -18.66
C SER B 38 12.24 -48.83 -20.04
N GLU B 39 11.29 -49.75 -20.20
CA GLU B 39 10.79 -50.08 -21.53
C GLU B 39 9.39 -49.53 -21.84
N LYS B 40 8.51 -49.38 -20.85
CA LYS B 40 7.14 -49.01 -21.16
C LYS B 40 7.01 -47.50 -21.37
N ASP B 41 6.22 -47.14 -22.37
CA ASP B 41 5.92 -45.75 -22.72
C ASP B 41 5.50 -44.91 -21.52
N ILE B 42 5.75 -43.60 -21.63
CA ILE B 42 5.24 -42.60 -20.69
C ILE B 42 4.31 -41.66 -21.45
N TYR B 43 3.25 -41.19 -20.78
CA TYR B 43 2.22 -40.32 -21.36
C TYR B 43 2.27 -38.97 -20.68
N LEU B 44 2.65 -37.93 -21.43
CA LEU B 44 2.81 -36.57 -20.89
C LEU B 44 1.74 -35.67 -21.50
N TYR B 45 0.75 -35.31 -20.69
CA TYR B 45 -0.29 -34.38 -21.13
C TYR B 45 0.16 -32.94 -20.92
N ILE B 46 -0.13 -32.09 -21.90
CA ILE B 46 0.42 -30.75 -21.90
C ILE B 46 -0.72 -29.77 -22.04
N ASN B 47 -0.86 -28.90 -21.05
CA ASN B 47 -1.79 -27.76 -21.05
C ASN B 47 -1.00 -26.67 -20.34
N SER B 48 -0.28 -25.88 -21.12
CA SER B 48 0.63 -24.96 -20.53
C SER B 48 0.72 -23.73 -21.42
N PRO B 49 0.73 -22.54 -20.84
CA PRO B 49 0.97 -21.31 -21.60
C PRO B 49 2.44 -21.03 -21.83
N GLY B 50 3.33 -21.92 -21.43
CA GLY B 50 4.73 -21.73 -21.62
C GLY B 50 5.45 -21.53 -20.30
N GLY B 51 6.65 -20.97 -20.39
CA GLY B 51 7.44 -20.60 -19.24
C GLY B 51 8.91 -20.41 -19.62
N SER B 52 9.77 -20.67 -18.63
CA SER B 52 11.19 -20.37 -18.73
C SER B 52 11.88 -21.30 -19.73
N VAL B 53 12.74 -20.72 -20.56
CA VAL B 53 13.48 -21.51 -21.54
C VAL B 53 14.36 -22.56 -20.86
N THR B 54 15.09 -22.19 -19.78
CA THR B 54 16.02 -23.15 -19.20
C THR B 54 15.27 -24.26 -18.46
N ALA B 55 14.19 -23.90 -17.75
CA ALA B 55 13.35 -24.93 -17.13
C ALA B 55 12.76 -25.86 -18.20
N GLY B 56 12.29 -25.29 -19.30
CA GLY B 56 11.84 -26.12 -20.40
C GLY B 56 12.91 -27.04 -20.93
N PHE B 57 14.13 -26.53 -21.09
CA PHE B 57 15.20 -27.40 -21.58
C PHE B 57 15.55 -28.51 -20.57
N ALA B 58 15.37 -28.26 -19.27
CA ALA B 58 15.56 -29.33 -18.30
C ALA B 58 14.60 -30.49 -18.57
N ILE B 59 13.35 -30.17 -18.91
CA ILE B 59 12.36 -31.20 -19.26
C ILE B 59 12.70 -31.80 -20.62
N TYR B 60 13.02 -30.96 -21.61
CA TYR B 60 13.31 -31.44 -22.96
C TYR B 60 14.44 -32.46 -22.96
N ASP B 61 15.59 -32.09 -22.41
CA ASP B 61 16.74 -32.99 -22.43
C ASP B 61 16.47 -34.26 -21.62
N THR B 62 15.69 -34.15 -20.53
CA THR B 62 15.36 -35.35 -19.78
C THR B 62 14.49 -36.30 -20.61
N ILE B 63 13.59 -35.74 -21.43
CA ILE B 63 12.74 -36.57 -22.28
C ILE B 63 13.57 -37.33 -23.31
N GLN B 64 14.51 -36.63 -23.97
CA GLN B 64 15.38 -37.29 -24.95
C GLN B 64 16.34 -38.27 -24.29
N HIS B 65 16.70 -38.05 -23.02
CA HIS B 65 17.74 -38.85 -22.37
C HIS B 65 17.25 -40.22 -21.94
N ILE B 66 16.06 -40.30 -21.34
CA ILE B 66 15.61 -41.56 -20.81
C ILE B 66 15.33 -42.54 -21.94
N LYS B 67 15.27 -43.82 -21.60
CA LYS B 67 14.96 -44.87 -22.58
C LYS B 67 13.50 -44.90 -23.01
N PRO B 68 12.51 -44.84 -22.08
CA PRO B 68 11.10 -44.94 -22.51
C PRO B 68 10.71 -43.87 -23.53
N ASP B 69 9.94 -44.29 -24.53
CA ASP B 69 9.25 -43.32 -25.38
C ASP B 69 8.35 -42.46 -24.52
N VAL B 70 8.31 -41.15 -24.80
CA VAL B 70 7.44 -40.21 -24.10
C VAL B 70 6.44 -39.69 -25.11
N GLN B 71 5.18 -40.12 -24.98
CA GLN B 71 4.11 -39.58 -25.80
C GLN B 71 3.73 -38.21 -25.26
N THR B 72 3.45 -37.27 -26.15
CA THR B 72 3.00 -35.95 -25.76
C THR B 72 1.57 -35.73 -26.26
N ILE B 73 0.66 -35.37 -25.36
CA ILE B 73 -0.74 -35.15 -25.74
C ILE B 73 -1.12 -33.73 -25.31
N CYS B 74 -1.38 -32.87 -26.28
CA CYS B 74 -1.82 -31.52 -26.00
C CYS B 74 -3.32 -31.51 -25.76
N ILE B 75 -3.73 -31.10 -24.57
CA ILE B 75 -5.11 -30.80 -24.27
C ILE B 75 -5.20 -29.33 -23.90
N GLY B 76 -6.16 -28.63 -24.48
CA GLY B 76 -6.37 -27.23 -24.17
C GLY B 76 -5.45 -26.30 -24.96
N MET B 77 -4.21 -26.15 -24.51
CA MET B 77 -3.32 -25.18 -25.15
C MET B 77 -1.87 -25.56 -24.86
N ALA B 78 -1.04 -25.52 -25.89
CA ALA B 78 0.40 -25.69 -25.73
C ALA B 78 0.99 -24.48 -26.42
N ALA B 79 1.38 -23.49 -25.70
CA ALA B 79 1.96 -22.30 -26.27
C ALA B 79 3.36 -22.10 -25.76
N SER B 80 4.19 -21.51 -26.59
CA SER B 80 5.53 -21.17 -26.27
C SER B 80 6.32 -22.39 -25.90
N MET B 81 6.89 -22.37 -24.75
CA MET B 81 7.65 -23.52 -24.32
C MET B 81 6.78 -24.77 -24.21
N GLY B 82 5.48 -24.58 -23.95
CA GLY B 82 4.54 -25.69 -24.02
C GLY B 82 4.53 -26.37 -25.38
N SER B 83 4.47 -25.58 -26.46
CA SER B 83 4.49 -26.21 -27.78
C SER B 83 5.86 -26.76 -28.15
N PHE B 84 6.94 -26.25 -27.54
CA PHE B 84 8.26 -26.85 -27.78
C PHE B 84 8.34 -28.25 -27.19
N LEU B 85 7.84 -28.41 -25.96
CA LEU B 85 7.84 -29.74 -25.35
C LEU B 85 6.85 -30.66 -26.05
N LEU B 86 5.77 -30.12 -26.62
CA LEU B 86 4.86 -30.97 -27.37
C LEU B 86 5.59 -31.58 -28.55
N ALA B 87 6.31 -30.74 -29.32
CA ALA B 87 7.10 -31.23 -30.45
C ALA B 87 8.23 -32.15 -30.03
N ALA B 88 8.55 -32.22 -28.73
CA ALA B 88 9.68 -33.01 -28.26
C ALA B 88 9.35 -34.46 -27.99
N GLY B 89 8.08 -34.88 -28.04
CA GLY B 89 7.77 -36.27 -27.78
C GLY B 89 8.27 -37.19 -28.89
N ALA B 90 8.27 -38.49 -28.60
CA ALA B 90 8.73 -39.49 -29.55
C ALA B 90 7.98 -39.34 -30.86
N LYS B 91 8.70 -39.34 -31.98
CA LYS B 91 8.05 -39.06 -33.25
C LYS B 91 7.05 -40.17 -33.59
N GLY B 92 5.91 -39.79 -34.15
CA GLY B 92 4.78 -40.68 -34.28
C GLY B 92 3.90 -40.80 -33.05
N LYS B 93 4.32 -40.27 -31.90
CA LYS B 93 3.54 -40.36 -30.67
C LYS B 93 3.29 -38.96 -30.08
N ARG B 94 3.23 -37.94 -30.94
CA ARG B 94 2.94 -36.58 -30.54
C ARG B 94 1.53 -36.24 -31.00
N PHE B 95 0.65 -35.93 -30.05
CA PHE B 95 -0.77 -35.79 -30.34
C PHE B 95 -1.32 -34.45 -29.88
N ALA B 96 -2.47 -34.11 -30.45
CA ALA B 96 -3.32 -33.05 -29.92
C ALA B 96 -4.77 -33.49 -29.99
N LEU B 97 -5.54 -33.12 -28.99
CA LEU B 97 -6.96 -33.31 -29.04
C LEU B 97 -7.57 -32.30 -30.00
N PRO B 98 -8.74 -32.63 -30.58
CA PRO B 98 -9.20 -31.87 -31.76
C PRO B 98 -9.39 -30.37 -31.54
N ASN B 99 -9.77 -29.90 -30.35
CA ASN B 99 -10.00 -28.47 -30.18
C ASN B 99 -8.89 -27.78 -29.41
N ALA B 100 -7.80 -28.49 -29.09
CA ALA B 100 -6.63 -27.87 -28.47
C ALA B 100 -5.96 -26.88 -29.41
N GLU B 101 -5.37 -25.83 -28.83
CA GLU B 101 -4.69 -24.80 -29.58
C GLU B 101 -3.19 -24.93 -29.37
N VAL B 102 -2.43 -24.53 -30.38
CA VAL B 102 -0.97 -24.52 -30.30
C VAL B 102 -0.49 -23.14 -30.71
N MET B 103 0.50 -22.60 -29.99
CA MET B 103 1.02 -21.28 -30.35
C MET B 103 2.54 -21.28 -30.26
N ILE B 104 3.20 -20.65 -31.25
CA ILE B 104 4.66 -20.55 -31.30
C ILE B 104 4.98 -19.07 -31.46
N HIS B 105 6.04 -18.62 -30.78
CA HIS B 105 6.52 -17.26 -30.96
C HIS B 105 7.97 -17.19 -30.51
N GLN B 106 8.60 -16.07 -30.79
CA GLN B 106 9.99 -15.93 -30.43
C GLN B 106 10.12 -15.70 -28.93
N PRO B 107 11.29 -15.98 -28.36
CA PRO B 107 11.50 -15.76 -26.92
C PRO B 107 11.45 -14.29 -26.52
N LEU B 108 11.06 -14.05 -25.26
CA LEU B 108 11.00 -12.73 -24.65
C LEU B 108 11.96 -12.62 -23.48
N GLY B 109 12.43 -11.42 -23.19
CA GLY B 109 13.30 -11.24 -22.04
C GLY B 109 13.39 -9.81 -21.58
N GLY B 110 14.43 -9.53 -20.82
CA GLY B 110 14.64 -8.20 -20.29
C GLY B 110 16.10 -8.01 -19.94
N ALA B 111 16.56 -6.75 -19.99
CA ALA B 111 17.94 -6.41 -19.69
C ALA B 111 17.96 -5.04 -19.02
N GLN B 112 18.77 -4.91 -17.98
CA GLN B 112 18.97 -3.61 -17.36
C GLN B 112 20.42 -3.48 -16.91
N GLY B 113 20.96 -2.26 -17.00
CA GLY B 113 22.32 -2.04 -16.55
C GLY B 113 23.15 -1.28 -17.56
N GLN B 114 24.46 -1.44 -17.49
CA GLN B 114 25.35 -0.74 -18.40
C GLN B 114 25.16 -1.20 -19.84
N ALA B 115 25.56 -0.31 -20.76
CA ALA B 115 25.53 -0.69 -22.17
C ALA B 115 26.16 -2.05 -22.41
N THR B 116 27.29 -2.35 -21.75
CA THR B 116 27.92 -3.63 -22.09
C THR B 116 27.16 -4.82 -21.50
N GLU B 117 26.45 -4.62 -20.38
CA GLU B 117 25.58 -5.68 -19.86
C GLU B 117 24.38 -5.89 -20.77
N ILE B 118 23.79 -4.81 -21.29
CA ILE B 118 22.67 -4.96 -22.19
C ILE B 118 23.11 -5.75 -23.42
N GLU B 119 24.27 -5.41 -23.97
CA GLU B 119 24.81 -6.16 -25.10
C GLU B 119 24.96 -7.63 -24.77
N ILE B 120 25.43 -7.96 -23.57
CA ILE B 120 25.61 -9.36 -23.22
C ILE B 120 24.27 -10.07 -23.15
N ALA B 121 23.27 -9.42 -22.56
CA ALA B 121 21.95 -10.05 -22.48
C ALA B 121 21.33 -10.21 -23.87
N ALA B 122 21.49 -9.22 -24.74
CA ALA B 122 20.93 -9.33 -26.09
C ALA B 122 21.60 -10.46 -26.84
N ASN B 123 22.94 -10.53 -26.81
CA ASN B 123 23.64 -11.62 -27.49
C ASN B 123 23.19 -12.95 -26.95
N HIS B 124 22.98 -13.04 -25.65
CA HIS B 124 22.54 -14.30 -25.09
C HIS B 124 21.16 -14.69 -25.63
N ILE B 125 20.21 -13.76 -25.64
CA ILE B 125 18.87 -14.22 -25.95
C ILE B 125 18.74 -14.51 -27.44
N LEU B 126 19.53 -13.82 -28.28
CA LEU B 126 19.58 -14.13 -29.71
C LEU B 126 20.15 -15.51 -29.98
N LYS B 127 21.26 -15.86 -29.31
CA LYS B 127 21.82 -17.20 -29.44
C LYS B 127 20.82 -18.25 -28.99
N THR B 128 20.11 -17.95 -27.89
CA THR B 128 19.08 -18.86 -27.41
C THR B 128 18.00 -19.04 -28.47
N ARG B 129 17.60 -17.95 -29.13
CA ARG B 129 16.60 -18.06 -30.18
C ARG B 129 17.10 -18.98 -31.31
N GLU B 130 18.37 -18.82 -31.74
CA GLU B 130 18.91 -19.69 -32.79
C GLU B 130 18.94 -21.16 -32.36
N LYS B 131 19.27 -21.43 -31.09
CA LYS B 131 19.29 -22.82 -30.62
C LYS B 131 17.89 -23.43 -30.69
N LEU B 132 16.89 -22.66 -30.26
CA LEU B 132 15.50 -23.13 -30.29
C LEU B 132 15.00 -23.33 -31.71
N ASN B 133 15.28 -22.37 -32.61
CA ASN B 133 14.92 -22.51 -34.03
C ASN B 133 15.55 -23.75 -34.65
N ARG B 134 16.82 -24.01 -34.33
CA ARG B 134 17.49 -25.17 -34.91
C ARG B 134 16.84 -26.45 -34.44
N ILE B 135 16.54 -26.54 -33.14
CA ILE B 135 15.94 -27.76 -32.60
C ILE B 135 14.51 -27.92 -33.13
N LEU B 136 13.74 -26.84 -33.23
CA LEU B 136 12.38 -27.02 -33.71
C LEU B 136 12.39 -27.44 -35.17
N SER B 137 13.32 -26.90 -35.96
CA SER B 137 13.58 -27.37 -37.33
C SER B 137 13.74 -28.88 -37.40
N GLU B 138 14.60 -29.42 -36.54
CA GLU B 138 14.83 -30.87 -36.53
C GLU B 138 13.57 -31.63 -36.11
N ARG B 139 12.78 -31.06 -35.20
CA ARG B 139 11.61 -31.78 -34.70
C ARG B 139 10.46 -31.77 -35.68
N THR B 140 10.42 -30.77 -36.58
CA THR B 140 9.26 -30.55 -37.43
C THR B 140 9.54 -30.76 -38.92
N GLY B 141 10.80 -30.77 -39.36
CA GLY B 141 11.07 -30.75 -40.78
C GLY B 141 10.97 -29.39 -41.43
N GLN B 142 10.60 -28.34 -40.68
CA GLN B 142 10.59 -27.03 -41.33
C GLN B 142 12.00 -26.45 -41.36
N SER B 143 12.23 -25.55 -42.29
CA SER B 143 13.53 -24.90 -42.29
C SER B 143 13.66 -23.89 -41.14
N ILE B 144 14.91 -23.58 -40.80
CA ILE B 144 15.20 -22.60 -39.77
C ILE B 144 14.65 -21.23 -40.17
N GLU B 145 14.86 -20.85 -41.43
CA GLU B 145 14.43 -19.54 -41.91
C GLU B 145 12.91 -19.41 -41.86
N LYS B 146 12.18 -20.53 -41.97
CA LYS B 146 10.72 -20.47 -41.93
C LYS B 146 10.22 -20.41 -40.48
N ILE B 147 10.86 -21.14 -39.57
CA ILE B 147 10.58 -20.98 -38.16
C ILE B 147 10.87 -19.54 -37.72
N GLN B 148 12.00 -18.99 -38.15
CA GLN B 148 12.34 -17.59 -37.84
C GLN B 148 11.22 -16.64 -38.24
N LYS B 149 10.71 -16.75 -39.46
CA LYS B 149 9.67 -15.81 -39.85
C LYS B 149 8.33 -16.12 -39.20
N ASP B 150 8.02 -17.40 -38.96
CA ASP B 150 6.71 -17.79 -38.46
C ASP B 150 6.55 -17.53 -36.96
N THR B 151 7.65 -17.25 -36.26
CA THR B 151 7.63 -16.94 -34.83
C THR B 151 7.92 -15.48 -34.58
N ASP B 152 8.01 -14.66 -35.63
CA ASP B 152 8.31 -13.25 -35.41
C ASP B 152 7.30 -12.63 -34.45
N ARG B 153 6.01 -12.97 -34.59
CA ARG B 153 4.97 -12.63 -33.62
C ARG B 153 4.15 -13.88 -33.31
N ASP B 154 3.22 -13.74 -32.35
CA ASP B 154 2.42 -14.89 -31.91
C ASP B 154 1.73 -15.55 -33.09
N ASN B 155 1.91 -16.87 -33.20
CA ASN B 155 1.38 -17.67 -34.31
C ASN B 155 0.51 -18.75 -33.70
N PHE B 156 -0.81 -18.56 -33.76
CA PHE B 156 -1.77 -19.50 -33.19
C PHE B 156 -2.13 -20.55 -34.25
N LEU B 157 -2.08 -21.83 -33.88
CA LEU B 157 -2.35 -22.94 -34.78
C LEU B 157 -3.43 -23.86 -34.22
N THR B 158 -4.38 -24.27 -35.07
CA THR B 158 -5.30 -25.36 -34.72
C THR B 158 -4.52 -26.66 -34.60
N ALA B 159 -5.21 -27.67 -34.05
CA ALA B 159 -4.63 -29.02 -34.02
C ALA B 159 -4.25 -29.49 -35.42
N GLU B 160 -5.14 -29.26 -36.39
CA GLU B 160 -4.85 -29.68 -37.76
C GLU B 160 -3.66 -28.93 -38.33
N GLU B 161 -3.60 -27.61 -38.15
CA GLU B 161 -2.43 -26.85 -38.61
C GLU B 161 -1.14 -27.30 -37.91
N ALA B 162 -1.23 -27.70 -36.64
CA ALA B 162 -0.03 -28.16 -35.93
C ALA B 162 0.48 -29.45 -36.54
N LYS B 163 -0.43 -30.30 -37.01
CA LYS B 163 -0.04 -31.53 -37.69
C LYS B 163 0.65 -31.24 -39.02
N GLU B 164 0.07 -30.35 -39.84
CA GLU B 164 0.69 -29.97 -41.11
C GLU B 164 2.01 -29.27 -40.90
N TYR B 165 2.16 -28.58 -39.77
CA TYR B 165 3.43 -27.91 -39.48
C TYR B 165 4.51 -28.91 -39.08
N GLY B 166 4.13 -30.06 -38.52
CA GLY B 166 5.10 -31.00 -37.99
C GLY B 166 5.26 -30.97 -36.48
N LEU B 167 4.51 -30.10 -35.77
CA LEU B 167 4.60 -30.07 -34.32
C LEU B 167 4.03 -31.32 -33.69
N ILE B 168 3.00 -31.92 -34.29
CA ILE B 168 2.45 -33.18 -33.80
C ILE B 168 2.34 -34.14 -34.97
N ASP B 169 2.06 -35.40 -34.66
CA ASP B 169 1.89 -36.43 -35.68
C ASP B 169 0.43 -36.69 -36.01
N GLU B 170 -0.46 -36.72 -35.01
CA GLU B 170 -1.86 -37.03 -35.27
C GLU B 170 -2.77 -36.18 -34.38
N VAL B 171 -3.96 -35.87 -34.91
CA VAL B 171 -5.06 -35.35 -34.12
C VAL B 171 -5.79 -36.54 -33.50
N MET B 172 -5.92 -36.54 -32.18
CA MET B 172 -6.56 -37.66 -31.52
C MET B 172 -8.08 -37.55 -31.64
N VAL B 173 -8.70 -38.64 -32.07
CA VAL B 173 -10.13 -38.65 -32.34
C VAL B 173 -10.76 -39.55 -31.31
N PRO B 174 -12.06 -39.35 -30.99
CA PRO B 174 -12.69 -40.08 -29.88
C PRO B 174 -12.92 -41.59 -30.02
N GLU B 175 -13.88 -42.10 -29.22
CA GLU B 175 -14.18 -43.50 -28.90
C GLU B 175 -12.94 -44.38 -28.73
N THR B 176 -11.85 -43.79 -28.27
CA THR B 176 -10.70 -44.56 -27.82
C THR B 176 -10.12 -43.79 -26.64
N LYS B 177 -9.84 -44.48 -25.53
CA LYS B 177 -9.27 -43.79 -24.35
C LYS B 177 -8.02 -42.94 -24.63
N ASP C 1 -14.07 -37.95 0.35
CA ASP C 1 -13.38 -37.26 1.44
C ASP C 1 -13.40 -35.72 1.34
N ILE C 2 -14.56 -35.09 1.07
CA ILE C 2 -15.86 -35.70 0.79
C ILE C 2 -15.98 -35.99 -0.71
N TYR C 3 -15.18 -35.25 -1.49
CA TYR C 3 -15.16 -35.44 -2.93
C TYR C 3 -14.53 -36.78 -3.30
N SER C 4 -13.59 -37.26 -2.48
CA SER C 4 -12.98 -38.55 -2.77
C SER C 4 -13.97 -39.68 -2.59
N ARG C 5 -14.89 -39.57 -1.63
CA ARG C 5 -15.92 -40.60 -1.51
C ARG C 5 -16.87 -40.54 -2.69
N LEU C 6 -17.27 -39.34 -3.11
CA LEU C 6 -18.15 -39.24 -4.27
C LEU C 6 -17.47 -39.79 -5.52
N LEU C 7 -16.15 -39.64 -5.61
CA LEU C 7 -15.46 -40.16 -6.79
C LEU C 7 -15.61 -41.67 -6.88
N LYS C 8 -15.74 -42.34 -5.72
CA LYS C 8 -16.02 -43.77 -5.72
C LYS C 8 -17.32 -44.09 -6.43
N ASP C 9 -18.30 -43.18 -6.40
CA ASP C 9 -19.53 -43.35 -7.15
C ASP C 9 -19.45 -42.73 -8.55
N ARG C 10 -18.25 -42.44 -9.04
CA ARG C 10 -18.08 -41.91 -10.40
C ARG C 10 -18.71 -40.53 -10.56
N ILE C 11 -18.68 -39.73 -9.50
CA ILE C 11 -19.23 -38.37 -9.50
C ILE C 11 -18.06 -37.39 -9.43
N ILE C 12 -18.09 -36.38 -10.31
CA ILE C 12 -17.14 -35.27 -10.27
C ILE C 12 -17.91 -33.97 -10.01
N MET C 13 -17.42 -33.15 -9.08
CA MET C 13 -18.04 -31.88 -8.69
C MET C 13 -17.23 -30.73 -9.29
N LEU C 14 -17.81 -30.02 -10.24
CA LEU C 14 -17.17 -28.84 -10.80
C LEU C 14 -17.89 -27.64 -10.22
N GLY C 15 -17.32 -27.05 -9.19
CA GLY C 15 -18.03 -26.02 -8.46
C GLY C 15 -17.35 -24.67 -8.38
N SER C 16 -16.62 -24.24 -9.41
CA SER C 16 -15.90 -22.97 -9.33
C SER C 16 -15.60 -22.45 -10.74
N GLN C 17 -14.86 -21.34 -10.80
CA GLN C 17 -14.35 -20.87 -12.08
C GLN C 17 -13.41 -21.90 -12.67
N ILE C 18 -13.35 -21.90 -13.99
CA ILE C 18 -12.59 -22.89 -14.73
C ILE C 18 -11.29 -22.21 -15.09
N ASP C 19 -10.24 -22.52 -14.35
CA ASP C 19 -8.91 -22.08 -14.74
C ASP C 19 -8.10 -23.33 -15.05
N ASP C 20 -6.81 -23.13 -15.37
CA ASP C 20 -5.98 -24.26 -15.77
C ASP C 20 -5.89 -25.31 -14.67
N ASN C 21 -5.81 -24.89 -13.41
CA ASN C 21 -5.72 -25.86 -12.31
C ASN C 21 -7.00 -26.68 -12.20
N VAL C 22 -8.16 -25.99 -12.17
CA VAL C 22 -9.44 -26.69 -12.17
C VAL C 22 -9.52 -27.66 -13.34
N ALA C 23 -9.13 -27.22 -14.54
CA ALA C 23 -9.26 -28.07 -15.72
C ALA C 23 -8.40 -29.32 -15.61
N ASN C 24 -7.16 -29.19 -15.11
CA ASN C 24 -6.30 -30.37 -14.93
C ASN C 24 -6.86 -31.32 -13.90
N SER C 25 -7.46 -30.77 -12.82
CA SER C 25 -8.11 -31.63 -11.84
C SER C 25 -9.26 -32.42 -12.47
N ILE C 26 -10.19 -31.72 -13.14
CA ILE C 26 -11.29 -32.42 -13.81
C ILE C 26 -10.76 -33.42 -14.83
N VAL C 27 -9.79 -33.03 -15.66
CA VAL C 27 -9.29 -33.95 -16.68
C VAL C 27 -8.70 -35.19 -16.02
N SER C 28 -7.92 -35.00 -14.96
CA SER C 28 -7.31 -36.14 -14.27
C SER C 28 -8.35 -37.08 -13.69
N GLN C 29 -9.43 -36.53 -13.09
CA GLN C 29 -10.53 -37.34 -12.57
C GLN C 29 -11.24 -38.14 -13.67
N LEU C 30 -11.52 -37.49 -14.81
CA LEU C 30 -12.08 -38.19 -15.97
C LEU C 30 -11.22 -39.38 -16.39
N LEU C 31 -9.91 -39.16 -16.54
CA LEU C 31 -8.98 -40.24 -16.89
C LEU C 31 -8.95 -41.31 -15.82
N PHE C 32 -9.02 -40.92 -14.55
CA PHE C 32 -9.00 -41.89 -13.46
C PHE C 32 -10.19 -42.83 -13.54
N LEU C 33 -11.40 -42.29 -13.78
CA LEU C 33 -12.60 -43.11 -13.79
C LEU C 33 -12.64 -44.02 -15.00
N GLN C 34 -12.22 -43.53 -16.16
CA GLN C 34 -12.14 -44.40 -17.33
C GLN C 34 -11.19 -45.56 -17.06
N ALA C 35 -10.10 -45.28 -16.33
CA ALA C 35 -9.11 -46.32 -16.05
C ALA C 35 -9.68 -47.39 -15.13
N GLN C 36 -10.52 -47.00 -14.18
CA GLN C 36 -11.19 -48.00 -13.34
C GLN C 36 -12.28 -48.74 -14.09
N ASP C 37 -13.01 -48.05 -14.96
CA ASP C 37 -14.09 -48.72 -15.66
C ASP C 37 -14.43 -47.91 -16.90
N SER C 38 -14.13 -48.45 -18.07
CA SER C 38 -14.36 -47.69 -19.29
C SER C 38 -15.79 -47.79 -19.78
N GLU C 39 -16.69 -48.45 -19.05
CA GLU C 39 -18.06 -48.71 -19.49
C GLU C 39 -19.13 -47.96 -18.71
N LYS C 40 -19.00 -47.84 -17.38
CA LYS C 40 -20.02 -47.18 -16.57
C LYS C 40 -20.02 -45.67 -16.80
N ASP C 41 -21.21 -45.07 -16.79
CA ASP C 41 -21.34 -43.63 -16.91
C ASP C 41 -20.55 -42.88 -15.82
N ILE C 42 -20.24 -41.62 -16.10
CA ILE C 42 -19.64 -40.67 -15.17
C ILE C 42 -20.66 -39.55 -14.95
N TYR C 43 -20.71 -38.99 -13.74
CA TYR C 43 -21.66 -37.92 -13.42
C TYR C 43 -20.91 -36.63 -13.09
N LEU C 44 -21.12 -35.59 -13.91
CA LEU C 44 -20.38 -34.33 -13.77
C LEU C 44 -21.36 -33.24 -13.39
N TYR C 45 -21.32 -32.84 -12.11
CA TYR C 45 -22.13 -31.73 -11.62
C TYR C 45 -21.42 -30.41 -11.92
N ILE C 46 -22.18 -29.43 -12.40
CA ILE C 46 -21.59 -28.16 -12.82
C ILE C 46 -22.30 -27.03 -12.10
N ASN C 47 -21.54 -26.30 -11.30
CA ASN C 47 -21.96 -25.04 -10.68
C ASN C 47 -20.78 -24.10 -10.91
N SER C 48 -20.86 -23.31 -11.98
CA SER C 48 -19.69 -22.59 -12.38
C SER C 48 -20.07 -21.33 -13.11
N PRO C 49 -19.42 -20.21 -12.80
CA PRO C 49 -19.64 -18.97 -13.55
C PRO C 49 -18.82 -18.87 -14.84
N GLY C 50 -18.08 -19.90 -15.21
CA GLY C 50 -17.26 -19.87 -16.41
C GLY C 50 -15.78 -19.83 -16.08
N GLY C 51 -15.00 -19.36 -17.04
CA GLY C 51 -13.56 -19.37 -16.93
C GLY C 51 -12.88 -19.43 -18.28
N SER C 52 -11.61 -19.81 -18.26
CA SER C 52 -10.75 -19.74 -19.44
C SER C 52 -11.26 -20.63 -20.58
N VAL C 53 -11.16 -20.13 -21.81
CA VAL C 53 -11.63 -20.91 -22.97
C VAL C 53 -10.79 -22.18 -23.14
N THR C 54 -9.45 -22.05 -23.08
CA THR C 54 -8.59 -23.22 -23.34
C THR C 54 -8.67 -24.25 -22.22
N ALA C 55 -8.79 -23.80 -20.97
CA ALA C 55 -9.02 -24.76 -19.90
C ALA C 55 -10.37 -25.47 -20.09
N GLY C 56 -11.41 -24.72 -20.48
CA GLY C 56 -12.67 -25.33 -20.84
C GLY C 56 -12.52 -26.37 -21.94
N PHE C 57 -11.70 -26.06 -22.95
CA PHE C 57 -11.55 -27.01 -24.05
C PHE C 57 -10.78 -28.27 -23.63
N ALA C 58 -9.83 -28.17 -22.70
CA ALA C 58 -9.23 -29.36 -22.12
C ALA C 58 -10.28 -30.28 -21.51
N ILE C 59 -11.20 -29.73 -20.71
CA ILE C 59 -12.30 -30.55 -20.18
C ILE C 59 -13.16 -31.08 -21.33
N TYR C 60 -13.57 -30.19 -22.23
CA TYR C 60 -14.50 -30.57 -23.30
C TYR C 60 -13.97 -31.76 -24.11
N ASP C 61 -12.77 -31.63 -24.67
CA ASP C 61 -12.24 -32.69 -25.52
C ASP C 61 -12.01 -33.98 -24.72
N THR C 62 -11.64 -33.87 -23.45
CA THR C 62 -11.49 -35.08 -22.65
C THR C 62 -12.83 -35.78 -22.46
N ILE C 63 -13.89 -35.01 -22.21
CA ILE C 63 -15.22 -35.61 -22.14
C ILE C 63 -15.52 -36.36 -23.43
N GLN C 64 -15.24 -35.72 -24.59
CA GLN C 64 -15.59 -36.38 -25.85
C GLN C 64 -14.71 -37.59 -26.12
N HIS C 65 -13.52 -37.63 -25.54
CA HIS C 65 -12.51 -38.58 -25.97
C HIS C 65 -12.66 -39.94 -25.29
N ILE C 66 -12.99 -39.95 -24.00
CA ILE C 66 -13.07 -41.19 -23.26
C ILE C 66 -14.29 -42.00 -23.69
N LYS C 67 -14.25 -43.32 -23.42
CA LYS C 67 -15.37 -44.18 -23.77
C LYS C 67 -16.61 -43.90 -22.92
N PRO C 68 -16.53 -43.77 -21.58
CA PRO C 68 -17.77 -43.58 -20.80
C PRO C 68 -18.57 -42.37 -21.26
N ASP C 69 -19.89 -42.52 -21.20
CA ASP C 69 -20.77 -41.37 -21.26
C ASP C 69 -20.53 -40.48 -20.03
N VAL C 70 -20.48 -39.17 -20.25
CA VAL C 70 -20.42 -38.22 -19.17
C VAL C 70 -21.77 -37.51 -19.11
N GLN C 71 -22.49 -37.72 -18.01
CA GLN C 71 -23.72 -36.99 -17.73
C GLN C 71 -23.36 -35.64 -17.14
N THR C 72 -24.00 -34.58 -17.61
CA THR C 72 -23.80 -33.24 -17.05
C THR C 72 -25.04 -32.81 -16.30
N ILE C 73 -24.86 -32.32 -15.07
CA ILE C 73 -25.98 -31.94 -14.20
C ILE C 73 -25.74 -30.52 -13.68
N CYS C 74 -26.53 -29.57 -14.16
CA CYS C 74 -26.40 -28.20 -13.68
C CYS C 74 -27.17 -28.00 -12.37
N ILE C 75 -26.44 -27.69 -11.30
CA ILE C 75 -27.00 -27.20 -10.03
C ILE C 75 -26.58 -25.74 -9.86
N GLY C 76 -27.51 -24.89 -9.50
CA GLY C 76 -27.22 -23.50 -9.24
C GLY C 76 -27.02 -22.65 -10.48
N MET C 77 -25.83 -22.67 -11.07
CA MET C 77 -25.59 -21.86 -12.24
C MET C 77 -24.54 -22.49 -13.14
N ALA C 78 -24.84 -22.52 -14.43
CA ALA C 78 -23.82 -22.78 -15.44
C ALA C 78 -23.81 -21.55 -16.36
N ALA C 79 -22.77 -20.72 -16.22
CA ALA C 79 -22.61 -19.54 -17.05
C ALA C 79 -21.38 -19.68 -17.93
N SER C 80 -21.42 -19.05 -19.10
CA SER C 80 -20.24 -18.94 -19.99
C SER C 80 -19.63 -20.32 -20.29
N MET C 81 -18.39 -20.55 -19.91
CA MET C 81 -17.76 -21.87 -20.16
C MET C 81 -18.50 -22.94 -19.35
N GLY C 82 -19.17 -22.56 -18.26
CA GLY C 82 -19.94 -23.56 -17.54
C GLY C 82 -21.07 -24.12 -18.37
N SER C 83 -21.75 -23.26 -19.14
CA SER C 83 -22.84 -23.79 -19.95
C SER C 83 -22.33 -24.46 -21.21
N PHE C 84 -21.14 -24.10 -21.68
CA PHE C 84 -20.57 -24.85 -22.80
C PHE C 84 -20.32 -26.29 -22.39
N LEU C 85 -19.83 -26.49 -21.15
CA LEU C 85 -19.56 -27.86 -20.72
C LEU C 85 -20.86 -28.60 -20.42
N LEU C 86 -21.86 -27.91 -19.89
CA LEU C 86 -23.15 -28.54 -19.67
C LEU C 86 -23.68 -29.13 -20.97
N ALA C 87 -23.65 -28.33 -22.05
CA ALA C 87 -24.09 -28.76 -23.37
C ALA C 87 -23.28 -29.94 -23.88
N ALA C 88 -22.10 -30.15 -23.32
CA ALA C 88 -21.16 -31.13 -23.83
C ALA C 88 -21.42 -32.54 -23.31
N GLY C 89 -22.33 -32.71 -22.37
CA GLY C 89 -22.65 -34.04 -21.87
C GLY C 89 -23.19 -34.95 -22.96
N ALA C 90 -23.22 -36.24 -22.63
CA ALA C 90 -23.73 -37.23 -23.57
C ALA C 90 -25.17 -36.90 -23.89
N LYS C 91 -25.53 -36.93 -25.17
CA LYS C 91 -26.86 -36.49 -25.56
C LYS C 91 -27.91 -37.40 -24.92
N GLY C 92 -29.04 -36.81 -24.53
CA GLY C 92 -29.95 -37.47 -23.65
C GLY C 92 -29.59 -37.48 -22.18
N LYS C 93 -28.38 -37.07 -21.80
CA LYS C 93 -27.95 -37.18 -20.40
C LYS C 93 -27.46 -35.84 -19.85
N ARG C 94 -27.99 -34.74 -20.36
CA ARG C 94 -27.66 -33.40 -19.91
C ARG C 94 -28.88 -32.83 -19.18
N PHE C 95 -28.69 -32.51 -17.90
CA PHE C 95 -29.78 -32.16 -17.00
C PHE C 95 -29.52 -30.81 -16.35
N ALA C 96 -30.61 -30.21 -15.89
CA ALA C 96 -30.52 -29.11 -14.93
C ALA C 96 -31.56 -29.32 -13.85
N LEU C 97 -31.23 -28.92 -12.62
CA LEU C 97 -32.20 -28.89 -11.55
C LEU C 97 -33.16 -27.73 -11.75
N PRO C 98 -34.37 -27.80 -11.18
CA PRO C 98 -35.46 -26.90 -11.65
C PRO C 98 -35.17 -25.42 -11.44
N ASN C 99 -34.38 -25.02 -10.45
CA ASN C 99 -34.14 -23.59 -10.25
C ASN C 99 -32.73 -23.19 -10.67
N ALA C 100 -31.99 -24.10 -11.30
CA ALA C 100 -30.69 -23.75 -11.85
C ALA C 100 -30.86 -22.73 -12.97
N GLU C 101 -29.88 -21.85 -13.11
CA GLU C 101 -29.84 -20.86 -14.18
C GLU C 101 -28.70 -21.20 -15.14
N VAL C 102 -28.90 -20.89 -16.41
CA VAL C 102 -27.90 -21.07 -17.45
C VAL C 102 -27.69 -19.71 -18.11
N MET C 103 -26.44 -19.36 -18.41
CA MET C 103 -26.18 -18.12 -19.12
C MET C 103 -25.18 -18.34 -20.24
N ILE C 104 -25.45 -17.69 -21.40
CA ILE C 104 -24.54 -17.74 -22.52
C ILE C 104 -24.17 -16.33 -22.94
N HIS C 105 -22.93 -16.14 -23.38
CA HIS C 105 -22.47 -14.85 -23.87
C HIS C 105 -21.21 -15.06 -24.66
N GLN C 106 -20.82 -14.03 -25.42
CA GLN C 106 -19.62 -14.15 -26.25
C GLN C 106 -18.35 -14.08 -25.40
N PRO C 107 -17.21 -14.57 -25.91
CA PRO C 107 -15.98 -14.53 -25.11
C PRO C 107 -15.49 -13.11 -24.85
N LEU C 108 -14.71 -12.97 -23.79
CA LEU C 108 -14.07 -11.72 -23.42
C LEU C 108 -12.56 -11.89 -23.41
N GLY C 109 -11.82 -10.82 -23.67
CA GLY C 109 -10.39 -10.85 -23.53
C GLY C 109 -9.77 -9.47 -23.51
N GLY C 110 -8.49 -9.42 -23.83
CA GLY C 110 -7.75 -8.16 -23.75
C GLY C 110 -6.52 -8.22 -24.63
N ALA C 111 -6.11 -7.05 -25.13
CA ALA C 111 -4.97 -6.90 -26.02
C ALA C 111 -4.31 -5.55 -25.78
N GLN C 112 -2.98 -5.54 -25.62
CA GLN C 112 -2.19 -4.31 -25.61
C GLN C 112 -0.90 -4.54 -26.38
N GLY C 113 -0.37 -3.47 -26.94
CA GLY C 113 0.87 -3.52 -27.69
C GLY C 113 0.73 -2.75 -28.97
N GLN C 114 1.60 -3.07 -29.92
CA GLN C 114 1.56 -2.44 -31.24
C GLN C 114 0.28 -2.83 -31.97
N ALA C 115 -0.15 -1.94 -32.87
CA ALA C 115 -1.25 -2.21 -33.80
C ALA C 115 -1.20 -3.63 -34.36
N THR C 116 -0.04 -4.10 -34.82
CA THR C 116 -0.06 -5.44 -35.41
C THR C 116 -0.28 -6.52 -34.36
N GLU C 117 0.18 -6.33 -33.12
CA GLU C 117 -0.07 -7.31 -32.06
C GLU C 117 -1.55 -7.30 -31.67
N ILE C 118 -2.18 -6.13 -31.66
CA ILE C 118 -3.60 -6.03 -31.35
C ILE C 118 -4.42 -6.70 -32.44
N GLU C 119 -4.03 -6.50 -33.71
CA GLU C 119 -4.67 -7.22 -34.81
C GLU C 119 -4.54 -8.73 -34.64
N ILE C 120 -3.36 -9.22 -34.23
CA ILE C 120 -3.21 -10.67 -34.05
C ILE C 120 -4.13 -11.16 -32.94
N ALA C 121 -4.30 -10.37 -31.88
CA ALA C 121 -5.11 -10.82 -30.77
C ALA C 121 -6.60 -10.72 -31.10
N ALA C 122 -7.00 -9.66 -31.80
CA ALA C 122 -8.36 -9.54 -32.31
C ALA C 122 -8.70 -10.74 -33.20
N ASN C 123 -7.84 -11.05 -34.17
CA ASN C 123 -8.09 -12.17 -35.08
C ASN C 123 -8.22 -13.50 -34.32
N HIS C 124 -7.35 -13.74 -33.34
CA HIS C 124 -7.43 -14.99 -32.57
C HIS C 124 -8.73 -15.09 -31.76
N ILE C 125 -9.20 -13.98 -31.19
CA ILE C 125 -10.40 -14.15 -30.36
C ILE C 125 -11.69 -14.19 -31.22
N LEU C 126 -11.69 -13.56 -32.40
CA LEU C 126 -12.81 -13.76 -33.34
C LEU C 126 -12.85 -15.18 -33.86
N LYS C 127 -11.69 -15.76 -34.18
CA LYS C 127 -11.67 -17.14 -34.66
C LYS C 127 -12.03 -18.10 -33.54
N THR C 128 -11.69 -17.76 -32.30
CA THR C 128 -12.10 -18.60 -31.19
C THR C 128 -13.61 -18.56 -31.01
N ARG C 129 -14.20 -17.38 -31.18
CA ARG C 129 -15.64 -17.24 -31.11
C ARG C 129 -16.34 -18.01 -32.23
N GLU C 130 -15.79 -18.00 -33.44
CA GLU C 130 -16.40 -18.82 -34.51
C GLU C 130 -16.30 -20.30 -34.18
N LYS C 131 -15.19 -20.74 -33.58
CA LYS C 131 -15.08 -22.14 -33.19
C LYS C 131 -16.10 -22.50 -32.10
N LEU C 132 -16.26 -21.65 -31.08
CA LEU C 132 -17.23 -21.92 -30.00
C LEU C 132 -18.68 -21.95 -30.54
N ASN C 133 -19.05 -20.93 -31.31
CA ASN C 133 -20.35 -20.92 -32.00
C ASN C 133 -20.59 -22.18 -32.82
N ARG C 134 -19.58 -22.63 -33.58
CA ARG C 134 -19.81 -23.80 -34.42
C ARG C 134 -20.08 -25.04 -33.57
N ILE C 135 -19.31 -25.25 -32.49
CA ILE C 135 -19.53 -26.42 -31.64
C ILE C 135 -20.86 -26.31 -30.87
N LEU C 136 -21.22 -25.11 -30.41
CA LEU C 136 -22.48 -24.99 -29.68
C LEU C 136 -23.65 -25.24 -30.62
N SER C 137 -23.53 -24.79 -31.87
CA SER C 137 -24.53 -25.09 -32.90
C SER C 137 -24.72 -26.60 -33.06
N GLU C 138 -23.60 -27.35 -33.12
CA GLU C 138 -23.67 -28.81 -33.22
C GLU C 138 -24.28 -29.45 -31.99
N ARG C 139 -24.11 -28.85 -30.82
CA ARG C 139 -24.56 -29.53 -29.62
C ARG C 139 -25.99 -29.23 -29.29
N THR C 140 -26.51 -28.10 -29.80
CA THR C 140 -27.81 -27.58 -29.45
C THR C 140 -28.83 -27.71 -30.56
N GLY C 141 -28.40 -27.72 -31.82
CA GLY C 141 -29.32 -27.60 -32.95
C GLY C 141 -29.60 -26.17 -33.38
N GLN C 142 -29.09 -25.17 -32.66
CA GLN C 142 -29.26 -23.80 -33.14
C GLN C 142 -28.31 -23.54 -34.31
N SER C 143 -28.72 -22.68 -35.22
CA SER C 143 -27.80 -22.28 -36.28
C SER C 143 -26.73 -21.33 -35.72
N ILE C 144 -25.61 -21.27 -36.43
CA ILE C 144 -24.47 -20.47 -36.02
C ILE C 144 -24.87 -19.01 -35.93
N GLU C 145 -25.63 -18.52 -36.90
CA GLU C 145 -26.02 -17.11 -36.86
C GLU C 145 -26.97 -16.83 -35.68
N LYS C 146 -27.74 -17.82 -35.23
CA LYS C 146 -28.58 -17.55 -34.06
C LYS C 146 -27.74 -17.53 -32.79
N ILE C 147 -26.77 -18.44 -32.66
CA ILE C 147 -25.83 -18.41 -31.53
C ILE C 147 -25.16 -17.03 -31.47
N GLN C 148 -24.68 -16.57 -32.63
CA GLN C 148 -23.97 -15.29 -32.73
C GLN C 148 -24.81 -14.15 -32.16
N LYS C 149 -26.09 -14.09 -32.57
CA LYS C 149 -26.95 -12.99 -32.11
C LYS C 149 -27.31 -13.13 -30.65
N ASP C 150 -27.53 -14.37 -30.18
CA ASP C 150 -28.06 -14.61 -28.85
C ASP C 150 -27.02 -14.41 -27.76
N THR C 151 -25.74 -14.51 -28.10
CA THR C 151 -24.61 -14.32 -27.19
C THR C 151 -23.97 -12.95 -27.36
N ASP C 152 -24.58 -12.05 -28.14
CA ASP C 152 -24.00 -10.71 -28.26
C ASP C 152 -23.85 -10.04 -26.90
N ARG C 153 -24.88 -10.17 -26.05
CA ARG C 153 -24.83 -9.75 -24.66
C ARG C 153 -25.26 -10.91 -23.78
N ASP C 154 -25.15 -10.71 -22.47
CA ASP C 154 -25.53 -11.75 -21.53
C ASP C 154 -26.97 -12.18 -21.77
N ASN C 155 -27.19 -13.50 -21.77
CA ASN C 155 -28.46 -14.09 -22.13
C ASN C 155 -28.71 -15.15 -21.09
N PHE C 156 -29.61 -14.82 -20.15
CA PHE C 156 -29.97 -15.67 -19.01
C PHE C 156 -31.16 -16.55 -19.35
N LEU C 157 -31.06 -17.82 -19.00
CA LEU C 157 -32.06 -18.83 -19.32
C LEU C 157 -32.42 -19.60 -18.07
N THR C 158 -33.71 -19.87 -17.89
CA THR C 158 -34.16 -20.84 -16.89
C THR C 158 -33.84 -22.27 -17.35
N ALA C 159 -34.05 -23.22 -16.44
CA ALA C 159 -33.86 -24.62 -16.78
C ALA C 159 -34.71 -25.03 -17.98
N GLU C 160 -36.02 -24.71 -17.94
CA GLU C 160 -36.90 -25.05 -19.06
C GLU C 160 -36.47 -24.34 -20.36
N GLU C 161 -36.00 -23.09 -20.27
CA GLU C 161 -35.51 -22.42 -21.47
C GLU C 161 -34.23 -23.07 -21.98
N ALA C 162 -33.38 -23.56 -21.07
CA ALA C 162 -32.16 -24.21 -21.51
C ALA C 162 -32.49 -25.51 -22.25
N LYS C 163 -33.56 -26.18 -21.79
CA LYS C 163 -34.02 -27.38 -22.47
C LYS C 163 -34.55 -27.05 -23.85
N GLU C 164 -35.42 -26.04 -23.95
CA GLU C 164 -35.93 -25.62 -25.25
C GLU C 164 -34.82 -25.12 -26.15
N TYR C 165 -33.76 -24.54 -25.58
CA TYR C 165 -32.61 -24.07 -26.37
C TYR C 165 -31.78 -25.22 -26.91
N GLY C 166 -31.91 -26.42 -26.34
CA GLY C 166 -31.03 -27.51 -26.73
C GLY C 166 -29.79 -27.68 -25.89
N LEU C 167 -29.62 -26.89 -24.83
CA LEU C 167 -28.41 -26.97 -23.99
C LEU C 167 -28.46 -28.16 -23.03
N ILE C 168 -29.65 -28.57 -22.59
CA ILE C 168 -29.85 -29.78 -21.79
C ILE C 168 -31.00 -30.56 -22.42
N ASP C 169 -31.17 -31.78 -21.92
CA ASP C 169 -32.20 -32.71 -22.40
C ASP C 169 -33.42 -32.75 -21.50
N GLU C 170 -33.24 -32.68 -20.18
CA GLU C 170 -34.35 -32.77 -19.25
C GLU C 170 -34.12 -31.85 -18.05
N VAL C 171 -35.20 -31.31 -17.51
CA VAL C 171 -35.18 -30.70 -16.18
C VAL C 171 -35.41 -31.79 -15.16
N MET C 172 -34.52 -31.90 -14.17
CA MET C 172 -34.66 -32.97 -13.19
C MET C 172 -35.79 -32.68 -12.23
N VAL C 173 -36.65 -33.67 -12.02
CA VAL C 173 -37.74 -33.57 -11.02
C VAL C 173 -37.34 -34.30 -9.75
N PRO C 174 -37.93 -33.95 -8.59
CA PRO C 174 -37.55 -34.62 -7.34
C PRO C 174 -38.03 -36.06 -7.18
N GLU C 175 -37.92 -36.57 -5.95
CA GLU C 175 -38.27 -37.94 -5.53
C GLU C 175 -37.37 -38.99 -6.18
N THR C 176 -36.37 -38.58 -6.94
CA THR C 176 -35.43 -39.55 -7.51
C THR C 176 -34.02 -39.04 -7.19
N LYS C 177 -33.15 -39.92 -6.68
CA LYS C 177 -31.76 -39.53 -6.31
C LYS C 177 -31.04 -38.63 -7.34
N ASP D 1 -5.40 -34.15 21.24
CA ASP D 1 -4.29 -33.69 20.43
C ASP D 1 -4.40 -32.17 20.20
N ILE D 2 -4.07 -31.36 21.22
CA ILE D 2 -4.11 -31.80 22.60
C ILE D 2 -5.58 -31.59 23.03
N TYR D 3 -6.28 -30.72 22.29
CA TYR D 3 -7.71 -30.51 22.55
C TYR D 3 -8.52 -31.77 22.29
N SER D 4 -8.16 -32.53 21.25
CA SER D 4 -8.87 -33.77 20.98
C SER D 4 -8.75 -34.73 22.15
N ARG D 5 -7.60 -34.73 22.83
CA ARG D 5 -7.45 -35.61 23.98
C ARG D 5 -8.20 -35.04 25.19
N LEU D 6 -8.38 -33.73 25.28
CA LEU D 6 -9.26 -33.29 26.35
C LEU D 6 -10.71 -33.55 26.00
N LEU D 7 -11.04 -33.71 24.72
CA LEU D 7 -12.43 -33.98 24.37
C LEU D 7 -12.90 -35.29 24.98
N LYS D 8 -12.06 -36.34 24.94
CA LYS D 8 -12.42 -37.61 25.55
C LYS D 8 -12.64 -37.50 27.05
N ASP D 9 -12.13 -36.45 27.68
CA ASP D 9 -12.48 -36.12 29.06
C ASP D 9 -13.70 -35.21 29.17
N ARG D 10 -14.40 -34.98 28.06
CA ARG D 10 -15.59 -34.11 28.02
C ARG D 10 -15.24 -32.66 28.36
N ILE D 11 -14.04 -32.24 27.99
CA ILE D 11 -13.57 -30.88 28.19
C ILE D 11 -13.54 -30.17 26.85
N ILE D 12 -14.22 -29.01 26.77
CA ILE D 12 -14.16 -28.13 25.61
C ILE D 12 -13.46 -26.85 26.05
N MET D 13 -12.56 -26.36 25.19
CA MET D 13 -11.79 -25.15 25.46
C MET D 13 -12.29 -24.05 24.55
N LEU D 14 -12.87 -23.00 25.13
CA LEU D 14 -13.27 -21.81 24.39
C LEU D 14 -12.25 -20.73 24.74
N GLY D 15 -11.26 -20.54 23.87
CA GLY D 15 -10.15 -19.64 24.17
C GLY D 15 -9.89 -18.50 23.18
N SER D 16 -10.93 -17.91 22.59
CA SER D 16 -10.69 -16.88 21.59
C SER D 16 -11.94 -16.04 21.41
N GLN D 17 -11.85 -15.07 20.49
CA GLN D 17 -13.01 -14.28 20.10
C GLN D 17 -14.08 -15.22 19.54
N ILE D 18 -15.34 -14.92 19.81
CA ILE D 18 -16.46 -15.75 19.38
C ILE D 18 -16.95 -15.22 18.04
N ASP D 19 -16.63 -15.90 16.95
CA ASP D 19 -17.29 -15.64 15.68
C ASP D 19 -18.03 -16.89 15.25
N ASP D 20 -18.52 -16.87 14.01
CA ASP D 20 -19.30 -17.98 13.48
C ASP D 20 -18.48 -19.27 13.42
N ASN D 21 -17.20 -19.20 13.05
CA ASN D 21 -16.39 -20.42 12.98
C ASN D 21 -16.22 -21.04 14.36
N VAL D 22 -15.92 -20.22 15.36
CA VAL D 22 -15.72 -20.71 16.73
C VAL D 22 -17.03 -21.28 17.27
N ALA D 23 -18.15 -20.57 17.05
CA ALA D 23 -19.42 -21.10 17.48
C ALA D 23 -19.70 -22.45 16.86
N ASN D 24 -19.44 -22.58 15.55
CA ASN D 24 -19.62 -23.84 14.84
C ASN D 24 -18.81 -24.96 15.50
N SER D 25 -17.54 -24.69 15.79
CA SER D 25 -16.72 -25.69 16.46
C SER D 25 -17.30 -26.05 17.83
N ILE D 26 -17.64 -25.05 18.65
CA ILE D 26 -18.12 -25.33 20.01
C ILE D 26 -19.44 -26.09 19.97
N VAL D 27 -20.41 -25.61 19.17
CA VAL D 27 -21.67 -26.32 19.01
C VAL D 27 -21.42 -27.76 18.59
N SER D 28 -20.56 -27.96 17.57
CA SER D 28 -20.32 -29.32 17.08
C SER D 28 -19.75 -30.22 18.18
N GLN D 29 -18.81 -29.68 18.96
CA GLN D 29 -18.28 -30.43 20.10
C GLN D 29 -19.36 -30.73 21.13
N LEU D 30 -20.32 -29.82 21.33
CA LEU D 30 -21.39 -30.09 22.28
C LEU D 30 -22.30 -31.20 21.77
N LEU D 31 -22.74 -31.08 20.51
CA LEU D 31 -23.51 -32.14 19.87
C LEU D 31 -22.77 -33.47 19.96
N PHE D 32 -21.48 -33.46 19.66
CA PHE D 32 -20.70 -34.71 19.63
C PHE D 32 -20.60 -35.35 21.02
N LEU D 33 -20.45 -34.56 22.08
CA LEU D 33 -20.27 -35.16 23.40
C LEU D 33 -21.59 -35.68 23.96
N GLN D 34 -22.70 -35.02 23.62
CA GLN D 34 -24.00 -35.58 23.95
C GLN D 34 -24.21 -36.90 23.21
N ALA D 35 -23.82 -36.96 21.94
CA ALA D 35 -23.93 -38.21 21.18
C ALA D 35 -23.22 -39.37 21.89
N GLN D 36 -22.02 -39.10 22.43
CA GLN D 36 -21.28 -40.14 23.14
C GLN D 36 -21.93 -40.51 24.47
N ASP D 37 -22.59 -39.56 25.12
CA ASP D 37 -23.15 -39.83 26.44
C ASP D 37 -24.04 -38.68 26.86
N SER D 38 -25.34 -38.92 26.98
CA SER D 38 -26.31 -37.89 27.28
C SER D 38 -26.41 -37.57 28.77
N GLU D 39 -25.70 -38.31 29.62
CA GLU D 39 -25.84 -38.15 31.07
C GLU D 39 -24.66 -37.43 31.73
N LYS D 40 -23.44 -37.74 31.34
CA LYS D 40 -22.26 -37.21 32.03
C LYS D 40 -22.08 -35.72 31.75
N ASP D 41 -21.52 -34.99 32.74
CA ASP D 41 -21.31 -33.56 32.59
C ASP D 41 -20.33 -33.28 31.46
N ILE D 42 -20.43 -32.06 30.91
CA ILE D 42 -19.43 -31.48 30.02
C ILE D 42 -18.76 -30.33 30.76
N TYR D 43 -17.49 -30.08 30.46
CA TYR D 43 -16.73 -29.00 31.09
C TYR D 43 -16.27 -27.98 30.05
N LEU D 44 -16.77 -26.74 30.14
CA LEU D 44 -16.49 -25.68 29.17
C LEU D 44 -15.62 -24.60 29.80
N TYR D 45 -14.34 -24.60 29.44
CA TYR D 45 -13.41 -23.57 29.91
C TYR D 45 -13.52 -22.33 29.03
N ILE D 46 -13.54 -21.16 29.65
CA ILE D 46 -13.84 -19.92 28.94
C ILE D 46 -12.72 -18.93 29.21
N ASN D 47 -12.01 -18.55 28.16
CA ASN D 47 -11.04 -17.46 28.18
C ASN D 47 -11.27 -16.72 26.88
N SER D 48 -12.15 -15.71 26.92
CA SER D 48 -12.60 -15.11 25.70
C SER D 48 -12.87 -13.62 25.92
N PRO D 49 -12.44 -12.77 25.00
CA PRO D 49 -12.84 -11.36 25.03
C PRO D 49 -14.24 -11.08 24.47
N GLY D 50 -15.03 -12.07 24.10
CA GLY D 50 -16.34 -11.81 23.56
C GLY D 50 -16.39 -12.04 22.05
N GLY D 51 -17.38 -11.42 21.43
CA GLY D 51 -17.57 -11.55 20.01
C GLY D 51 -19.03 -11.38 19.63
N SER D 52 -19.37 -11.99 18.50
CA SER D 52 -20.66 -11.79 17.83
C SER D 52 -21.82 -12.24 18.72
N VAL D 53 -22.89 -11.46 18.74
CA VAL D 53 -24.04 -11.83 19.56
C VAL D 53 -24.73 -13.08 19.02
N THR D 54 -24.92 -13.17 17.70
CA THR D 54 -25.60 -14.33 17.13
C THR D 54 -24.76 -15.60 17.24
N ALA D 55 -23.44 -15.48 17.00
CA ALA D 55 -22.55 -16.61 17.25
C ALA D 55 -22.58 -17.02 18.72
N GLY D 56 -22.63 -16.06 19.63
CA GLY D 56 -22.75 -16.40 21.05
C GLY D 56 -24.06 -17.12 21.37
N PHE D 57 -25.16 -16.66 20.79
CA PHE D 57 -26.44 -17.34 21.03
C PHE D 57 -26.49 -18.74 20.41
N ALA D 58 -25.80 -18.99 19.30
CA ALA D 58 -25.70 -20.37 18.84
C ALA D 58 -25.13 -21.27 19.94
N ILE D 59 -24.07 -20.82 20.64
CA ILE D 59 -23.50 -21.62 21.73
C ILE D 59 -24.45 -21.66 22.92
N TYR D 60 -24.94 -20.48 23.36
CA TYR D 60 -25.84 -20.42 24.51
C TYR D 60 -26.99 -21.41 24.35
N ASP D 61 -27.76 -21.29 23.25
CA ASP D 61 -28.94 -22.13 23.09
C ASP D 61 -28.56 -23.61 22.94
N THR D 62 -27.37 -23.92 22.41
CA THR D 62 -26.98 -25.32 22.33
C THR D 62 -26.66 -25.87 23.72
N ILE D 63 -25.96 -25.08 24.56
CA ILE D 63 -25.75 -25.43 25.96
C ILE D 63 -27.06 -25.75 26.64
N GLN D 64 -28.07 -24.88 26.45
CA GLN D 64 -29.35 -25.08 27.13
C GLN D 64 -30.07 -26.30 26.61
N HIS D 65 -29.97 -26.54 25.30
CA HIS D 65 -30.81 -27.55 24.66
C HIS D 65 -30.40 -28.97 25.03
N ILE D 66 -29.10 -29.23 25.19
CA ILE D 66 -28.65 -30.61 25.34
C ILE D 66 -28.95 -31.13 26.75
N LYS D 67 -28.94 -32.48 26.87
CA LYS D 67 -29.25 -33.10 28.16
C LYS D 67 -28.15 -32.90 29.21
N PRO D 68 -26.86 -33.15 28.93
CA PRO D 68 -25.85 -33.03 30.00
C PRO D 68 -25.83 -31.64 30.60
N ASP D 69 -25.58 -31.59 31.90
CA ASP D 69 -25.11 -30.36 32.52
C ASP D 69 -23.82 -29.91 31.83
N VAL D 70 -23.73 -28.63 31.56
CA VAL D 70 -22.50 -28.03 31.04
C VAL D 70 -21.94 -27.13 32.12
N GLN D 71 -20.83 -27.56 32.73
CA GLN D 71 -20.12 -26.72 33.69
C GLN D 71 -19.35 -25.64 32.95
N THR D 72 -19.29 -24.43 33.50
CA THR D 72 -18.49 -23.39 32.87
C THR D 72 -17.45 -22.90 33.84
N ILE D 73 -16.22 -22.74 33.36
CA ILE D 73 -15.08 -22.38 34.20
C ILE D 73 -14.33 -21.22 33.54
N CYS D 74 -14.33 -20.07 34.18
CA CYS D 74 -13.62 -18.91 33.65
C CYS D 74 -12.16 -18.96 34.08
N ILE D 75 -11.26 -19.00 33.10
CA ILE D 75 -9.82 -18.81 33.32
C ILE D 75 -9.39 -17.56 32.57
N GLY D 76 -8.62 -16.72 33.23
CA GLY D 76 -8.14 -15.53 32.55
C GLY D 76 -9.19 -14.44 32.40
N MET D 77 -10.07 -14.54 31.41
CA MET D 77 -11.04 -13.47 31.20
C MET D 77 -12.31 -13.99 30.51
N ALA D 78 -13.45 -13.56 31.01
CA ALA D 78 -14.73 -13.76 30.33
C ALA D 78 -15.35 -12.38 30.22
N ALA D 79 -15.24 -11.78 29.06
CA ALA D 79 -15.73 -10.44 28.84
C ALA D 79 -16.84 -10.47 27.79
N SER D 80 -17.87 -9.66 28.00
CA SER D 80 -18.89 -9.44 26.98
C SER D 80 -19.59 -10.76 26.70
N MET D 81 -19.65 -11.23 25.45
CA MET D 81 -20.31 -12.53 25.19
C MET D 81 -19.64 -13.66 25.97
N GLY D 82 -18.36 -13.53 26.32
CA GLY D 82 -17.73 -14.56 27.15
C GLY D 82 -18.38 -14.67 28.53
N SER D 83 -18.67 -13.53 29.17
CA SER D 83 -19.30 -13.61 30.48
C SER D 83 -20.76 -14.02 30.37
N PHE D 84 -21.43 -13.69 29.26
CA PHE D 84 -22.76 -14.22 29.03
C PHE D 84 -22.74 -15.74 29.01
N LEU D 85 -21.77 -16.33 28.30
CA LEU D 85 -21.66 -17.78 28.24
C LEU D 85 -21.15 -18.38 29.55
N LEU D 86 -20.41 -17.61 30.35
CA LEU D 86 -20.08 -18.10 31.69
C LEU D 86 -21.35 -18.25 32.52
N ALA D 87 -22.21 -17.23 32.52
CA ALA D 87 -23.48 -17.29 33.24
C ALA D 87 -24.43 -18.34 32.68
N ALA D 88 -24.18 -18.86 31.49
CA ALA D 88 -25.10 -19.81 30.88
C ALA D 88 -24.94 -21.24 31.39
N GLY D 89 -23.87 -21.57 32.11
CA GLY D 89 -23.67 -22.95 32.54
C GLY D 89 -24.71 -23.39 33.56
N ALA D 90 -24.76 -24.70 33.81
CA ALA D 90 -25.76 -25.28 34.69
C ALA D 90 -25.68 -24.65 36.08
N LYS D 91 -26.83 -24.21 36.60
CA LYS D 91 -26.81 -23.49 37.86
C LYS D 91 -26.26 -24.39 38.96
N GLY D 92 -25.38 -23.80 39.78
CA GLY D 92 -24.53 -24.54 40.70
C GLY D 92 -23.19 -25.00 40.13
N LYS D 93 -22.92 -24.79 38.84
CA LYS D 93 -21.71 -25.35 38.23
C LYS D 93 -21.00 -24.29 37.38
N ARG D 94 -21.11 -23.05 37.81
CA ARG D 94 -20.53 -21.91 37.13
C ARG D 94 -19.37 -21.39 38.00
N PHE D 95 -18.14 -21.49 37.48
CA PHE D 95 -16.93 -21.23 38.26
C PHE D 95 -16.04 -20.18 37.62
N ALA D 96 -15.26 -19.51 38.47
CA ALA D 96 -14.09 -18.74 38.04
C ALA D 96 -12.91 -19.11 38.93
N LEU D 97 -11.72 -19.18 38.31
CA LEU D 97 -10.49 -19.26 39.06
C LEU D 97 -10.25 -17.94 39.79
N PRO D 98 -9.45 -17.98 40.88
CA PRO D 98 -9.37 -16.81 41.78
C PRO D 98 -8.99 -15.51 41.12
N ASN D 99 -8.14 -15.54 40.10
CA ASN D 99 -7.63 -14.30 39.50
C ASN D 99 -8.25 -14.01 38.13
N ALA D 100 -9.24 -14.80 37.72
CA ALA D 100 -9.97 -14.52 36.51
C ALA D 100 -10.69 -13.18 36.62
N GLU D 101 -10.88 -12.54 35.48
CA GLU D 101 -11.61 -11.29 35.36
C GLU D 101 -12.88 -11.54 34.55
N VAL D 102 -13.96 -10.87 34.93
CA VAL D 102 -15.21 -10.90 34.18
C VAL D 102 -15.58 -9.48 33.85
N MET D 103 -16.10 -9.26 32.65
CA MET D 103 -16.49 -7.93 32.22
C MET D 103 -17.83 -7.96 31.51
N ILE D 104 -18.70 -7.01 31.86
CA ILE D 104 -19.99 -6.91 31.22
C ILE D 104 -20.12 -5.51 30.66
N HIS D 105 -20.74 -5.40 29.50
CA HIS D 105 -21.06 -4.10 28.92
C HIS D 105 -22.18 -4.29 27.90
N GLN D 106 -22.69 -3.20 27.40
CA GLN D 106 -23.80 -3.29 26.47
C GLN D 106 -23.29 -3.59 25.05
N PRO D 107 -24.16 -4.06 24.15
CA PRO D 107 -23.70 -4.43 22.80
C PRO D 107 -23.25 -3.22 21.98
N LEU D 108 -22.40 -3.50 20.98
CA LEU D 108 -21.84 -2.49 20.09
C LEU D 108 -22.17 -2.89 18.66
N GLY D 109 -22.26 -1.92 17.77
CA GLY D 109 -22.62 -2.23 16.41
C GLY D 109 -22.28 -1.10 15.47
N GLY D 110 -22.90 -1.13 14.31
CA GLY D 110 -22.70 -0.06 13.37
C GLY D 110 -23.83 -0.10 12.38
N ALA D 111 -23.89 0.95 11.57
CA ALA D 111 -24.94 1.10 10.58
C ALA D 111 -24.54 2.24 9.66
N GLN D 112 -24.88 2.10 8.38
CA GLN D 112 -24.73 3.20 7.45
C GLN D 112 -25.84 3.05 6.42
N GLY D 113 -26.09 4.12 5.70
CA GLY D 113 -27.10 4.06 4.66
C GLY D 113 -28.14 5.14 4.87
N GLN D 114 -29.33 4.92 4.32
CA GLN D 114 -30.40 5.90 4.44
C GLN D 114 -30.91 5.97 5.89
N ALA D 115 -31.52 7.11 6.23
CA ALA D 115 -32.14 7.25 7.55
C ALA D 115 -33.00 6.05 7.90
N THR D 116 -33.83 5.56 6.97
CA THR D 116 -34.66 4.44 7.40
C THR D 116 -33.84 3.17 7.61
N GLU D 117 -32.71 2.98 6.90
CA GLU D 117 -31.82 1.86 7.22
C GLU D 117 -31.17 2.02 8.60
N ILE D 118 -30.75 3.25 8.95
CA ILE D 118 -30.14 3.45 10.26
C ILE D 118 -31.16 3.19 11.36
N GLU D 119 -32.42 3.56 11.12
CA GLU D 119 -33.45 3.30 12.10
C GLU D 119 -33.70 1.80 12.28
N ILE D 120 -33.70 1.04 11.20
CA ILE D 120 -33.91 -0.41 11.31
C ILE D 120 -32.79 -1.05 12.14
N ALA D 121 -31.54 -0.67 11.86
CA ALA D 121 -30.39 -1.20 12.60
C ALA D 121 -30.41 -0.76 14.07
N ALA D 122 -30.78 0.49 14.36
CA ALA D 122 -30.87 0.93 15.74
C ALA D 122 -31.93 0.15 16.50
N ASN D 123 -33.14 0.05 15.94
CA ASN D 123 -34.20 -0.73 16.58
C ASN D 123 -33.77 -2.18 16.81
N HIS D 124 -33.05 -2.76 15.86
CA HIS D 124 -32.64 -4.15 16.01
C HIS D 124 -31.61 -4.30 17.13
N ILE D 125 -30.65 -3.36 17.25
CA ILE D 125 -29.66 -3.56 18.32
C ILE D 125 -30.25 -3.19 19.70
N LEU D 126 -31.15 -2.20 19.77
CA LEU D 126 -31.85 -1.96 21.05
C LEU D 126 -32.65 -3.18 21.47
N LYS D 127 -33.33 -3.84 20.51
CA LYS D 127 -34.14 -5.02 20.87
C LYS D 127 -33.25 -6.16 21.32
N THR D 128 -32.12 -6.34 20.65
CA THR D 128 -31.16 -7.36 21.08
C THR D 128 -30.68 -7.11 22.50
N ARG D 129 -30.46 -5.84 22.84
CA ARG D 129 -30.02 -5.49 24.19
C ARG D 129 -31.08 -5.83 25.23
N GLU D 130 -32.37 -5.57 24.94
CA GLU D 130 -33.41 -5.98 25.89
C GLU D 130 -33.46 -7.50 26.02
N LYS D 131 -33.26 -8.23 24.93
CA LYS D 131 -33.20 -9.69 25.03
C LYS D 131 -32.00 -10.13 25.88
N LEU D 132 -30.82 -9.53 25.68
CA LEU D 132 -29.65 -9.94 26.48
C LEU D 132 -29.87 -9.62 27.95
N ASN D 133 -30.39 -8.43 28.26
CA ASN D 133 -30.67 -8.04 29.65
C ASN D 133 -31.61 -9.02 30.34
N ARG D 134 -32.66 -9.43 29.64
CA ARG D 134 -33.68 -10.27 30.25
C ARG D 134 -33.10 -11.65 30.60
N ILE D 135 -32.33 -12.24 29.68
CA ILE D 135 -31.71 -13.54 29.91
C ILE D 135 -30.67 -13.44 31.03
N LEU D 136 -29.87 -12.39 31.05
CA LEU D 136 -28.91 -12.27 32.13
C LEU D 136 -29.62 -12.05 33.45
N SER D 137 -30.78 -11.40 33.41
CA SER D 137 -31.59 -11.19 34.61
C SER D 137 -32.06 -12.52 35.19
N GLU D 138 -32.54 -13.41 34.33
CA GLU D 138 -32.88 -14.77 34.74
C GLU D 138 -31.66 -15.57 35.18
N ARG D 139 -30.49 -15.28 34.62
CA ARG D 139 -29.37 -16.14 34.93
C ARG D 139 -28.71 -15.77 36.23
N THR D 140 -28.90 -14.53 36.67
CA THR D 140 -28.17 -13.96 37.78
C THR D 140 -29.03 -13.61 38.99
N GLY D 141 -30.34 -13.47 38.81
CA GLY D 141 -31.17 -12.93 39.85
C GLY D 141 -31.17 -11.43 39.96
N GLN D 142 -30.39 -10.70 39.15
CA GLN D 142 -30.52 -9.25 39.21
C GLN D 142 -31.68 -8.77 38.34
N SER D 143 -32.20 -7.61 38.70
CA SER D 143 -33.28 -7.02 37.93
C SER D 143 -32.74 -6.47 36.61
N ILE D 144 -33.64 -6.45 35.61
CA ILE D 144 -33.30 -5.94 34.28
C ILE D 144 -32.81 -4.51 34.37
N GLU D 145 -33.46 -3.69 35.17
CA GLU D 145 -33.06 -2.29 35.28
C GLU D 145 -31.64 -2.15 35.83
N LYS D 146 -31.24 -3.01 36.77
CA LYS D 146 -29.88 -2.96 37.31
C LYS D 146 -28.84 -3.45 36.30
N ILE D 147 -29.18 -4.49 35.52
CA ILE D 147 -28.33 -4.87 34.40
C ILE D 147 -28.16 -3.69 33.44
N GLN D 148 -29.27 -3.04 33.10
CA GLN D 148 -29.22 -1.92 32.18
C GLN D 148 -28.23 -0.86 32.66
N LYS D 149 -28.30 -0.46 33.93
CA LYS D 149 -27.38 0.56 34.43
C LYS D 149 -25.94 0.05 34.52
N ASP D 150 -25.76 -1.19 34.99
CA ASP D 150 -24.42 -1.69 35.24
C ASP D 150 -23.67 -2.04 33.95
N THR D 151 -24.37 -2.16 32.81
CA THR D 151 -23.73 -2.43 31.55
C THR D 151 -23.62 -1.20 30.68
N ASP D 152 -24.07 -0.04 31.16
CA ASP D 152 -24.00 1.17 30.33
C ASP D 152 -22.58 1.41 29.81
N ARG D 153 -21.58 1.21 30.65
CA ARG D 153 -20.20 1.21 30.19
C ARG D 153 -19.51 -0.05 30.71
N ASP D 154 -18.26 -0.24 30.28
CA ASP D 154 -17.49 -1.43 30.63
C ASP D 154 -17.45 -1.57 32.14
N ASN D 155 -17.77 -2.76 32.64
CA ASN D 155 -17.94 -3.00 34.07
C ASN D 155 -17.10 -4.23 34.40
N PHE D 156 -15.90 -4.01 34.93
CA PHE D 156 -14.96 -5.09 35.23
C PHE D 156 -15.24 -5.62 36.64
N LEU D 157 -15.35 -6.92 36.77
CA LEU D 157 -15.63 -7.56 38.04
C LEU D 157 -14.52 -8.56 38.36
N THR D 158 -14.18 -8.68 39.66
CA THR D 158 -13.33 -9.78 40.11
C THR D 158 -14.16 -11.06 40.18
N ALA D 159 -13.48 -12.18 40.42
CA ALA D 159 -14.19 -13.44 40.55
C ALA D 159 -15.16 -13.39 41.72
N GLU D 160 -14.73 -12.81 42.84
CA GLU D 160 -15.63 -12.63 43.97
C GLU D 160 -16.77 -11.67 43.63
N GLU D 161 -16.49 -10.59 42.92
CA GLU D 161 -17.60 -9.72 42.52
C GLU D 161 -18.54 -10.42 41.55
N ALA D 162 -18.02 -11.30 40.70
CA ALA D 162 -18.90 -12.01 39.77
C ALA D 162 -19.77 -13.02 40.50
N LYS D 163 -19.28 -13.58 41.61
CA LYS D 163 -20.09 -14.54 42.36
C LYS D 163 -21.17 -13.81 43.14
N GLU D 164 -20.84 -12.66 43.72
CA GLU D 164 -21.86 -11.85 44.39
C GLU D 164 -22.90 -11.34 43.41
N TYR D 165 -22.47 -11.10 42.17
CA TYR D 165 -23.39 -10.60 41.15
C TYR D 165 -24.35 -11.69 40.72
N GLY D 166 -23.95 -12.94 40.78
CA GLY D 166 -24.79 -14.01 40.31
C GLY D 166 -24.32 -14.62 39.02
N LEU D 167 -23.22 -14.11 38.45
CA LEU D 167 -22.74 -14.61 37.17
C LEU D 167 -22.13 -16.01 37.31
N ILE D 168 -21.54 -16.33 38.46
CA ILE D 168 -21.01 -17.66 38.76
C ILE D 168 -21.52 -18.07 40.13
N ASP D 169 -21.38 -19.36 40.43
CA ASP D 169 -21.79 -19.89 41.72
C ASP D 169 -20.67 -19.99 42.73
N GLU D 170 -19.44 -20.30 42.33
CA GLU D 170 -18.34 -20.48 43.27
C GLU D 170 -17.02 -20.04 42.63
N VAL D 171 -16.13 -19.51 43.46
CA VAL D 171 -14.76 -19.26 43.07
C VAL D 171 -13.99 -20.54 43.34
N MET D 172 -13.34 -21.07 42.33
CA MET D 172 -12.71 -22.38 42.44
C MET D 172 -11.39 -22.28 43.20
N VAL D 173 -11.25 -23.06 44.27
CA VAL D 173 -10.06 -23.10 45.12
C VAL D 173 -9.11 -24.19 44.65
N PRO D 174 -7.78 -24.07 44.88
CA PRO D 174 -6.83 -25.15 44.52
C PRO D 174 -7.01 -26.48 45.25
N GLU D 175 -5.95 -27.30 45.31
CA GLU D 175 -5.89 -28.59 46.02
C GLU D 175 -6.87 -29.61 45.41
N THR D 176 -7.57 -29.22 44.35
CA THR D 176 -8.41 -30.15 43.60
C THR D 176 -8.16 -29.91 42.13
N LYS D 177 -8.54 -30.87 41.30
CA LYS D 177 -8.34 -30.76 39.86
C LYS D 177 -9.44 -29.94 39.13
N ASP E 1 -14.82 -35.42 12.56
CA ASP E 1 -13.47 -34.92 12.82
C ASP E 1 -13.38 -33.40 12.67
N ILE E 2 -14.21 -32.62 13.38
CA ILE E 2 -15.29 -33.05 14.29
C ILE E 2 -16.59 -33.23 13.48
N TYR E 3 -16.62 -32.51 12.35
CA TYR E 3 -17.75 -32.58 11.44
C TYR E 3 -17.90 -33.96 10.81
N SER E 4 -16.79 -34.63 10.48
CA SER E 4 -16.87 -35.97 9.91
C SER E 4 -17.55 -36.94 10.86
N ARG E 5 -17.30 -36.80 12.15
CA ARG E 5 -18.00 -37.61 13.15
C ARG E 5 -19.48 -37.31 13.19
N LEU E 6 -19.83 -36.03 13.22
CA LEU E 6 -21.25 -35.67 13.15
C LEU E 6 -21.86 -36.12 11.82
N LEU E 7 -21.07 -36.16 10.73
CA LEU E 7 -21.62 -36.65 9.47
C LEU E 7 -22.15 -38.06 9.60
N LYS E 8 -21.43 -38.91 10.34
CA LYS E 8 -21.88 -40.29 10.55
C LYS E 8 -23.27 -40.34 11.16
N ASP E 9 -23.63 -39.35 11.98
CA ASP E 9 -24.97 -39.19 12.52
C ASP E 9 -25.93 -38.48 11.57
N ARG E 10 -25.55 -38.28 10.30
CA ARG E 10 -26.39 -37.60 9.31
C ARG E 10 -26.64 -36.13 9.64
N ILE E 11 -25.66 -35.49 10.30
CA ILE E 11 -25.70 -34.07 10.60
C ILE E 11 -24.74 -33.30 9.68
N ILE E 12 -25.25 -32.25 9.04
CA ILE E 12 -24.43 -31.33 8.27
C ILE E 12 -24.51 -29.96 8.92
N MET E 13 -23.34 -29.28 9.06
CA MET E 13 -23.28 -27.93 9.62
C MET E 13 -23.07 -26.92 8.50
N LEU E 14 -23.99 -26.00 8.35
CA LEU E 14 -23.86 -24.86 7.44
C LEU E 14 -23.63 -23.69 8.37
N GLY E 15 -22.37 -23.32 8.54
CA GLY E 15 -22.07 -22.28 9.50
C GLY E 15 -21.28 -21.10 8.95
N SER E 16 -21.55 -20.69 7.71
CA SER E 16 -20.74 -19.62 7.13
C SER E 16 -21.54 -18.97 6.02
N GLN E 17 -20.92 -17.96 5.38
CA GLN E 17 -21.50 -17.39 4.18
C GLN E 17 -21.68 -18.48 3.15
N ILE E 18 -22.67 -18.33 2.28
CA ILE E 18 -22.98 -19.32 1.26
C ILE E 18 -22.33 -18.82 -0.04
N ASP E 19 -21.16 -19.33 -0.37
CA ASP E 19 -20.57 -19.13 -1.69
C ASP E 19 -20.53 -20.47 -2.43
N ASP E 20 -19.92 -20.45 -3.61
CA ASP E 20 -19.88 -21.65 -4.46
C ASP E 20 -19.15 -22.80 -3.80
N ASN E 21 -18.03 -22.52 -3.09
CA ASN E 21 -17.30 -23.55 -2.35
C ASN E 21 -18.18 -24.19 -1.29
N VAL E 22 -18.84 -23.37 -0.48
CA VAL E 22 -19.70 -23.88 0.60
C VAL E 22 -20.87 -24.68 0.01
N ALA E 23 -21.53 -24.13 -1.02
CA ALA E 23 -22.63 -24.86 -1.67
C ALA E 23 -22.16 -26.21 -2.19
N ASN E 24 -20.99 -26.26 -2.83
CA ASN E 24 -20.48 -27.52 -3.35
C ASN E 24 -20.27 -28.53 -2.21
N SER E 25 -19.77 -28.05 -1.08
CA SER E 25 -19.53 -28.96 0.03
C SER E 25 -20.84 -29.46 0.64
N ILE E 26 -21.80 -28.56 0.86
CA ILE E 26 -23.10 -29.01 1.39
C ILE E 26 -23.76 -29.99 0.40
N VAL E 27 -23.72 -29.67 -0.90
CA VAL E 27 -24.41 -30.55 -1.85
C VAL E 27 -23.77 -31.93 -1.84
N SER E 28 -22.43 -31.97 -1.85
CA SER E 28 -21.70 -33.23 -1.81
C SER E 28 -22.07 -34.06 -0.59
N GLN E 29 -22.22 -33.40 0.58
CA GLN E 29 -22.61 -34.10 1.81
C GLN E 29 -24.04 -34.62 1.75
N LEU E 30 -24.98 -33.83 1.18
CA LEU E 30 -26.33 -34.34 0.95
C LEU E 30 -26.33 -35.56 0.04
N LEU E 31 -25.63 -35.48 -1.09
CA LEU E 31 -25.57 -36.59 -2.04
C LEU E 31 -24.99 -37.83 -1.37
N PHE E 32 -23.93 -37.63 -0.59
CA PHE E 32 -23.27 -38.73 0.11
C PHE E 32 -24.23 -39.43 1.06
N LEU E 33 -24.85 -38.67 1.97
CA LEU E 33 -25.75 -39.23 2.97
C LEU E 33 -26.90 -40.01 2.34
N GLN E 34 -27.48 -39.48 1.26
CA GLN E 34 -28.49 -40.23 0.51
C GLN E 34 -27.92 -41.53 -0.05
N ALA E 35 -26.74 -41.44 -0.68
CA ALA E 35 -26.05 -42.63 -1.17
C ALA E 35 -25.84 -43.64 -0.04
N GLN E 36 -25.55 -43.18 1.17
CA GLN E 36 -25.41 -44.09 2.30
C GLN E 36 -26.75 -44.71 2.69
N ASP E 37 -27.82 -43.94 2.63
CA ASP E 37 -29.12 -44.39 3.10
C ASP E 37 -30.18 -43.40 2.63
N SER E 38 -31.06 -43.83 1.73
CA SER E 38 -31.96 -42.89 1.10
C SER E 38 -33.23 -42.64 1.90
N GLU E 39 -33.40 -43.25 3.06
CA GLU E 39 -34.65 -43.12 3.80
C GLU E 39 -34.54 -42.35 5.10
N LYS E 40 -33.45 -42.49 5.85
CA LYS E 40 -33.34 -41.78 7.13
C LYS E 40 -33.20 -40.29 6.92
N ASP E 41 -33.73 -39.53 7.87
CA ASP E 41 -33.69 -38.07 7.81
C ASP E 41 -32.25 -37.55 7.80
N ILE E 42 -32.08 -36.34 7.29
CA ILE E 42 -30.82 -35.61 7.40
C ILE E 42 -31.08 -34.38 8.28
N TYR E 43 -30.05 -33.94 9.03
CA TYR E 43 -30.17 -32.81 9.93
C TYR E 43 -29.22 -31.70 9.49
N LEU E 44 -29.78 -30.61 8.96
CA LEU E 44 -29.02 -29.47 8.47
C LEU E 44 -29.11 -28.34 9.49
N TYR E 45 -28.01 -28.10 10.21
CA TYR E 45 -27.89 -26.93 11.07
C TYR E 45 -27.48 -25.72 10.26
N ILE E 46 -28.15 -24.60 10.50
CA ILE E 46 -27.94 -23.37 9.73
C ILE E 46 -27.60 -22.26 10.72
N ASN E 47 -26.41 -21.68 10.55
CA ASN E 47 -26.01 -20.45 11.23
C ASN E 47 -25.27 -19.65 10.15
N SER E 48 -25.97 -18.77 9.46
CA SER E 48 -25.33 -18.24 8.27
C SER E 48 -25.84 -16.84 8.01
N PRO E 49 -24.96 -15.91 7.64
CA PRO E 49 -25.42 -14.56 7.30
C PRO E 49 -25.95 -14.44 5.88
N GLY E 50 -25.95 -15.51 5.08
CA GLY E 50 -26.40 -15.49 3.72
C GLY E 50 -25.31 -15.76 2.72
N GLY E 51 -25.54 -15.33 1.49
CA GLY E 51 -24.59 -15.51 0.41
C GLY E 51 -25.25 -15.49 -0.97
N SER E 52 -24.56 -16.10 -1.91
CA SER E 52 -24.90 -16.03 -3.32
C SER E 52 -26.24 -16.70 -3.62
N VAL E 53 -27.04 -16.06 -4.48
CA VAL E 53 -28.34 -16.62 -4.83
C VAL E 53 -28.19 -17.99 -5.52
N THR E 54 -27.27 -18.10 -6.49
CA THR E 54 -27.14 -19.35 -7.25
C THR E 54 -26.50 -20.45 -6.42
N ALA E 55 -25.51 -20.12 -5.58
CA ALA E 55 -25.01 -21.11 -4.63
C ALA E 55 -26.14 -21.58 -3.68
N GLY E 56 -26.95 -20.64 -3.20
CA GLY E 56 -28.12 -21.02 -2.42
C GLY E 56 -29.05 -21.96 -3.17
N PHE E 57 -29.31 -21.66 -4.44
CA PHE E 57 -30.21 -22.52 -5.21
C PHE E 57 -29.60 -23.89 -5.49
N ALA E 58 -28.28 -24.00 -5.64
CA ALA E 58 -27.69 -25.34 -5.70
C ALA E 58 -28.09 -26.15 -4.46
N ILE E 59 -28.01 -25.55 -3.27
CA ILE E 59 -28.37 -26.27 -2.04
C ILE E 59 -29.87 -26.54 -1.99
N TYR E 60 -30.68 -25.52 -2.29
CA TYR E 60 -32.14 -25.65 -2.22
C TYR E 60 -32.63 -26.79 -3.10
N ASP E 61 -32.26 -26.77 -4.38
CA ASP E 61 -32.71 -27.81 -5.29
C ASP E 61 -32.20 -29.18 -4.89
N THR E 62 -31.01 -29.27 -4.29
CA THR E 62 -30.54 -30.59 -3.87
C THR E 62 -31.35 -31.11 -2.70
N ILE E 63 -31.72 -30.22 -1.76
CA ILE E 63 -32.64 -30.62 -0.70
C ILE E 63 -33.95 -31.11 -1.29
N GLN E 64 -34.55 -30.35 -2.20
CA GLN E 64 -35.86 -30.76 -2.73
C GLN E 64 -35.75 -32.08 -3.46
N HIS E 65 -34.58 -32.37 -4.05
CA HIS E 65 -34.47 -33.44 -5.02
C HIS E 65 -34.27 -34.81 -4.40
N ILE E 66 -33.43 -34.92 -3.38
CA ILE E 66 -33.11 -36.20 -2.79
C ILE E 66 -34.32 -36.74 -2.03
N LYS E 67 -34.31 -38.06 -1.77
CA LYS E 67 -35.39 -38.79 -1.14
C LYS E 67 -35.51 -38.48 0.34
N PRO E 68 -34.42 -38.46 1.11
CA PRO E 68 -34.55 -38.22 2.55
C PRO E 68 -35.16 -36.86 2.87
N ASP E 69 -35.99 -36.85 3.90
CA ASP E 69 -36.37 -35.59 4.54
C ASP E 69 -35.15 -34.89 5.11
N VAL E 70 -34.99 -33.61 4.79
CA VAL E 70 -33.94 -32.80 5.36
C VAL E 70 -34.59 -31.89 6.40
N GLN E 71 -34.26 -32.14 7.67
CA GLN E 71 -34.65 -31.25 8.76
C GLN E 71 -33.72 -30.05 8.78
N THR E 72 -34.26 -28.87 9.05
CA THR E 72 -33.45 -27.67 9.15
C THR E 72 -33.54 -27.11 10.56
N ILE E 73 -32.40 -26.75 11.14
CA ILE E 73 -32.33 -26.27 12.52
C ILE E 73 -31.52 -25.00 12.56
N CYS E 74 -32.17 -23.88 12.85
CA CYS E 74 -31.49 -22.60 12.94
C CYS E 74 -30.94 -22.39 14.34
N ILE E 75 -29.64 -22.17 14.42
CA ILE E 75 -28.97 -21.78 15.65
C ILE E 75 -28.27 -20.45 15.39
N GLY E 76 -28.43 -19.50 16.29
CA GLY E 76 -27.79 -18.23 16.13
C GLY E 76 -28.49 -17.33 15.13
N MET E 77 -28.14 -17.43 13.85
CA MET E 77 -28.74 -16.54 12.87
C MET E 77 -28.90 -17.22 11.52
N ALA E 78 -30.07 -17.11 10.91
CA ALA E 78 -30.25 -17.45 9.49
C ALA E 78 -30.84 -16.22 8.80
N ALA E 79 -30.02 -15.56 8.05
CA ALA E 79 -30.40 -14.40 7.34
C ALA E 79 -30.20 -14.53 5.85
N SER E 80 -31.01 -13.81 5.09
CA SER E 80 -30.94 -13.71 3.66
C SER E 80 -31.05 -15.11 3.05
N MET E 81 -30.07 -15.58 2.34
CA MET E 81 -30.08 -16.90 1.79
C MET E 81 -30.17 -17.94 2.89
N GLY E 82 -29.68 -17.63 4.08
CA GLY E 82 -29.75 -18.60 5.16
C GLY E 82 -31.18 -18.87 5.61
N SER E 83 -32.00 -17.81 5.74
CA SER E 83 -33.40 -18.02 6.07
C SER E 83 -34.18 -18.66 4.92
N PHE E 84 -33.72 -18.50 3.68
CA PHE E 84 -34.33 -19.20 2.55
C PHE E 84 -34.12 -20.70 2.66
N LEU E 85 -32.90 -21.12 2.95
CA LEU E 85 -32.63 -22.55 3.12
C LEU E 85 -33.29 -23.10 4.39
N LEU E 86 -33.43 -22.27 5.42
CA LEU E 86 -34.15 -22.69 6.62
C LEU E 86 -35.58 -23.06 6.25
N ALA E 87 -36.25 -22.19 5.52
CA ALA E 87 -37.63 -22.43 5.10
C ALA E 87 -37.74 -23.60 4.13
N ALA E 88 -36.62 -24.08 3.61
CA ALA E 88 -36.63 -25.12 2.59
C ALA E 88 -36.60 -26.53 3.17
N GLY E 89 -36.46 -26.69 4.49
CA GLY E 89 -36.47 -28.02 5.08
C GLY E 89 -37.84 -28.65 4.98
N ALA E 90 -37.90 -29.96 5.27
CA ALA E 90 -39.14 -30.71 5.08
C ALA E 90 -40.23 -30.17 5.99
N LYS E 91 -41.39 -29.88 5.41
CA LYS E 91 -42.45 -29.21 6.15
C LYS E 91 -42.85 -30.04 7.39
N GLY E 92 -42.96 -29.36 8.53
CA GLY E 92 -43.06 -30.04 9.81
C GLY E 92 -41.74 -30.26 10.51
N LYS E 93 -40.61 -30.12 9.83
CA LYS E 93 -39.32 -30.42 10.47
C LYS E 93 -38.35 -29.26 10.33
N ARG E 94 -38.86 -28.04 10.35
CA ARG E 94 -38.04 -26.84 10.32
C ARG E 94 -38.09 -26.21 11.71
N PHE E 95 -36.91 -26.01 12.30
CA PHE E 95 -36.82 -25.58 13.70
C PHE E 95 -35.92 -24.37 13.88
N ALA E 96 -36.13 -23.66 14.98
CA ALA E 96 -35.16 -22.70 15.46
C ALA E 96 -34.99 -22.86 16.96
N LEU E 97 -33.78 -22.68 17.42
CA LEU E 97 -33.56 -22.57 18.85
C LEU E 97 -34.18 -21.26 19.35
N PRO E 98 -34.52 -21.20 20.66
CA PRO E 98 -35.40 -20.10 21.14
C PRO E 98 -34.84 -18.70 20.94
N ASN E 99 -33.52 -18.53 20.94
CA ASN E 99 -32.90 -17.21 20.80
C ASN E 99 -32.28 -17.01 19.44
N ALA E 100 -32.46 -17.96 18.52
CA ALA E 100 -31.90 -17.78 17.19
C ALA E 100 -32.61 -16.62 16.53
N GLU E 101 -31.95 -16.00 15.56
CA GLU E 101 -32.56 -14.90 14.85
C GLU E 101 -32.70 -15.24 13.35
N VAL E 102 -33.72 -14.67 12.73
CA VAL E 102 -34.02 -14.89 11.30
C VAL E 102 -34.15 -13.52 10.65
N MET E 103 -33.53 -13.33 9.51
CA MET E 103 -33.75 -12.08 8.80
C MET E 103 -34.05 -12.38 7.33
N ILE E 104 -35.00 -11.64 6.78
CA ILE E 104 -35.32 -11.72 5.37
C ILE E 104 -35.18 -10.32 4.78
N HIS E 105 -34.78 -10.28 3.50
CA HIS E 105 -34.68 -9.03 2.76
C HIS E 105 -34.50 -9.34 1.27
N GLN E 106 -34.68 -8.32 0.45
CA GLN E 106 -34.62 -8.51 -0.99
C GLN E 106 -33.17 -8.70 -1.42
N PRO E 107 -32.93 -9.31 -2.59
CA PRO E 107 -31.55 -9.50 -3.06
C PRO E 107 -30.86 -8.19 -3.40
N LEU E 108 -29.53 -8.25 -3.41
CA LEU E 108 -28.65 -7.13 -3.70
C LEU E 108 -27.72 -7.52 -4.84
N GLY E 109 -27.29 -6.54 -5.60
CA GLY E 109 -26.30 -6.82 -6.62
C GLY E 109 -25.60 -5.57 -7.08
N GLY E 110 -25.00 -5.67 -8.25
CA GLY E 110 -24.26 -4.57 -8.82
C GLY E 110 -24.38 -4.66 -10.33
N ALA E 111 -23.96 -3.60 -11.01
CA ALA E 111 -24.10 -3.51 -12.46
C ALA E 111 -23.20 -2.39 -12.94
N GLN E 112 -22.47 -2.63 -14.02
CA GLN E 112 -21.59 -1.61 -14.57
C GLN E 112 -21.51 -1.76 -16.08
N GLY E 113 -21.34 -0.64 -16.76
CA GLY E 113 -21.09 -0.68 -18.18
C GLY E 113 -22.14 0.10 -18.95
N GLN E 114 -22.33 -0.30 -20.20
CA GLN E 114 -23.27 0.39 -21.08
C GLN E 114 -24.69 0.29 -20.56
N ALA E 115 -25.49 1.32 -20.90
CA ALA E 115 -26.89 1.35 -20.55
C ALA E 115 -27.55 0.02 -20.88
N THR E 116 -27.22 -0.59 -22.03
CA THR E 116 -27.91 -1.84 -22.36
C THR E 116 -27.41 -2.97 -21.47
N GLU E 117 -26.15 -2.95 -21.04
CA GLU E 117 -25.72 -3.98 -20.08
C GLU E 117 -26.37 -3.79 -18.70
N ILE E 118 -26.48 -2.55 -18.25
CA ILE E 118 -27.11 -2.29 -16.95
C ILE E 118 -28.55 -2.76 -16.97
N GLU E 119 -29.25 -2.56 -18.11
CA GLU E 119 -30.64 -2.98 -18.23
C GLU E 119 -30.77 -4.51 -18.20
N ILE E 120 -29.85 -5.24 -18.85
CA ILE E 120 -29.89 -6.71 -18.74
C ILE E 120 -29.67 -7.14 -17.29
N ALA E 121 -28.70 -6.51 -16.62
CA ALA E 121 -28.45 -6.84 -15.23
C ALA E 121 -29.68 -6.54 -14.36
N ALA E 122 -30.29 -5.37 -14.53
CA ALA E 122 -31.47 -5.02 -13.76
C ALA E 122 -32.60 -6.01 -14.01
N ASN E 123 -32.92 -6.27 -15.28
CA ASN E 123 -33.97 -7.22 -15.60
C ASN E 123 -33.70 -8.58 -14.97
N HIS E 124 -32.47 -9.07 -15.07
CA HIS E 124 -32.19 -10.36 -14.44
C HIS E 124 -32.37 -10.33 -12.92
N ILE E 125 -31.97 -9.24 -12.24
CA ILE E 125 -32.10 -9.33 -10.78
C ILE E 125 -33.57 -9.15 -10.37
N LEU E 126 -34.35 -8.41 -11.16
CA LEU E 126 -35.79 -8.33 -10.89
C LEU E 126 -36.48 -9.68 -11.12
N LYS E 127 -36.08 -10.42 -12.16
CA LYS E 127 -36.72 -11.71 -12.38
C LYS E 127 -36.32 -12.67 -11.26
N THR E 128 -35.06 -12.62 -10.82
CA THR E 128 -34.60 -13.42 -9.69
C THR E 128 -35.37 -13.09 -8.42
N ARG E 129 -35.62 -11.81 -8.14
CA ARG E 129 -36.43 -11.46 -6.99
C ARG E 129 -37.86 -12.05 -7.08
N GLU E 130 -38.49 -11.97 -8.27
CA GLU E 130 -39.84 -12.55 -8.36
C GLU E 130 -39.82 -14.05 -8.10
N LYS E 131 -38.79 -14.74 -8.60
CA LYS E 131 -38.70 -16.18 -8.37
C LYS E 131 -38.52 -16.49 -6.89
N LEU E 132 -37.66 -15.71 -6.21
CA LEU E 132 -37.45 -15.90 -4.77
C LEU E 132 -38.73 -15.60 -3.98
N ASN E 133 -39.36 -14.46 -4.26
CA ASN E 133 -40.65 -14.15 -3.62
C ASN E 133 -41.65 -15.27 -3.82
N ARG E 134 -41.74 -15.81 -5.04
CA ARG E 134 -42.72 -16.86 -5.31
C ARG E 134 -42.42 -18.11 -4.50
N ILE E 135 -41.18 -18.58 -4.51
CA ILE E 135 -40.85 -19.80 -3.78
C ILE E 135 -41.01 -19.60 -2.27
N LEU E 136 -40.54 -18.47 -1.74
CA LEU E 136 -40.68 -18.27 -0.30
C LEU E 136 -42.15 -18.18 0.11
N SER E 137 -42.95 -17.49 -0.68
CA SER E 137 -44.41 -17.48 -0.57
C SER E 137 -45.04 -18.86 -0.39
N GLU E 138 -44.64 -19.82 -1.23
CA GLU E 138 -45.15 -21.20 -1.12
C GLU E 138 -44.55 -21.94 0.07
N ARG E 139 -43.35 -21.55 0.52
CA ARG E 139 -42.76 -22.22 1.68
C ARG E 139 -43.37 -21.76 2.99
N THR E 140 -43.95 -20.57 3.03
CA THR E 140 -44.42 -19.94 4.25
C THR E 140 -45.93 -19.84 4.36
N GLY E 141 -46.66 -20.02 3.27
CA GLY E 141 -48.10 -19.80 3.28
C GLY E 141 -48.50 -18.35 3.17
N GLN E 142 -47.58 -17.45 2.79
CA GLN E 142 -47.88 -16.03 2.67
C GLN E 142 -48.17 -15.66 1.22
N SER E 143 -48.80 -14.50 1.04
CA SER E 143 -48.98 -14.05 -0.32
C SER E 143 -47.66 -13.49 -0.86
N ILE E 144 -47.58 -13.44 -2.19
CA ILE E 144 -46.40 -12.90 -2.85
C ILE E 144 -46.23 -11.43 -2.52
N GLU E 145 -47.34 -10.69 -2.46
CA GLU E 145 -47.23 -9.26 -2.17
C GLU E 145 -46.79 -9.03 -0.72
N LYS E 146 -47.16 -9.94 0.19
CA LYS E 146 -46.66 -9.84 1.55
C LYS E 146 -45.15 -10.08 1.60
N ILE E 147 -44.65 -11.08 0.89
CA ILE E 147 -43.21 -11.32 0.87
C ILE E 147 -42.48 -10.11 0.30
N GLN E 148 -42.99 -9.57 -0.82
CA GLN E 148 -42.40 -8.38 -1.45
C GLN E 148 -42.35 -7.21 -0.47
N LYS E 149 -43.45 -6.93 0.22
CA LYS E 149 -43.49 -5.80 1.16
C LYS E 149 -42.57 -6.02 2.37
N ASP E 150 -42.55 -7.23 2.91
CA ASP E 150 -41.78 -7.49 4.12
C ASP E 150 -40.28 -7.61 3.87
N THR E 151 -39.82 -7.70 2.63
CA THR E 151 -38.40 -7.80 2.33
C THR E 151 -37.87 -6.53 1.68
N ASP E 152 -38.69 -5.50 1.53
CA ASP E 152 -38.22 -4.28 0.90
C ASP E 152 -36.93 -3.78 1.56
N ARG E 153 -36.87 -3.85 2.90
CA ARG E 153 -35.67 -3.62 3.70
C ARG E 153 -35.48 -4.77 4.67
N ASP E 154 -34.38 -4.71 5.43
CA ASP E 154 -34.03 -5.80 6.35
C ASP E 154 -35.14 -6.00 7.36
N ASN E 155 -35.52 -7.26 7.57
CA ASN E 155 -36.67 -7.57 8.42
C ASN E 155 -36.26 -8.69 9.38
N PHE E 156 -35.99 -8.32 10.63
CA PHE E 156 -35.49 -9.22 11.68
C PHE E 156 -36.65 -9.84 12.43
N LEU E 157 -36.62 -11.17 12.60
CA LEU E 157 -37.70 -11.88 13.27
C LEU E 157 -37.10 -12.74 14.38
N THR E 158 -37.70 -12.70 15.56
CA THR E 158 -37.41 -13.72 16.57
C THR E 158 -37.87 -15.08 16.08
N ALA E 159 -37.43 -16.12 16.81
CA ALA E 159 -37.83 -17.48 16.47
C ALA E 159 -39.34 -17.64 16.51
N GLU E 160 -39.98 -17.03 17.49
CA GLU E 160 -41.42 -17.13 17.60
C GLU E 160 -42.12 -16.44 16.43
N GLU E 161 -41.62 -15.25 16.04
CA GLU E 161 -42.17 -14.55 14.88
C GLU E 161 -41.87 -15.29 13.58
N ALA E 162 -40.74 -16.01 13.49
CA ALA E 162 -40.49 -16.84 12.32
C ALA E 162 -41.49 -17.97 12.23
N LYS E 163 -41.89 -18.52 13.38
CA LYS E 163 -42.90 -19.59 13.39
C LYS E 163 -44.26 -19.05 12.96
N GLU E 164 -44.66 -17.88 13.48
CA GLU E 164 -45.92 -17.29 13.03
C GLU E 164 -45.85 -16.88 11.57
N TYR E 165 -44.66 -16.56 11.07
CA TYR E 165 -44.50 -16.17 9.67
C TYR E 165 -44.62 -17.36 8.73
N GLY E 166 -44.33 -18.57 9.20
CA GLY E 166 -44.31 -19.72 8.35
C GLY E 166 -42.92 -20.16 7.93
N LEU E 167 -41.85 -19.47 8.38
CA LEU E 167 -40.51 -19.88 7.99
C LEU E 167 -40.08 -21.16 8.69
N ILE E 168 -40.58 -21.40 9.90
CA ILE E 168 -40.25 -22.61 10.64
C ILE E 168 -41.55 -23.15 11.21
N ASP E 169 -41.50 -24.39 11.70
CA ASP E 169 -42.67 -25.09 12.21
C ASP E 169 -42.76 -25.10 13.73
N GLU E 170 -41.62 -25.25 14.42
CA GLU E 170 -41.59 -25.27 15.88
C GLU E 170 -40.35 -24.56 16.39
N VAL E 171 -40.51 -23.85 17.50
CA VAL E 171 -39.38 -23.39 18.30
C VAL E 171 -38.93 -24.55 19.18
N MET E 172 -37.67 -24.96 19.04
CA MET E 172 -37.17 -26.09 19.80
C MET E 172 -36.96 -25.73 21.27
N VAL E 173 -37.55 -26.53 22.16
CA VAL E 173 -37.45 -26.35 23.61
C VAL E 173 -36.40 -27.31 24.16
N PRO E 174 -35.83 -27.04 25.34
CA PRO E 174 -34.74 -27.88 25.87
C PRO E 174 -35.09 -29.29 26.39
N GLU E 175 -34.16 -29.82 27.18
CA GLU E 175 -34.15 -31.15 27.80
C GLU E 175 -34.33 -32.27 26.77
N THR E 176 -34.23 -31.97 25.46
CA THR E 176 -34.23 -32.99 24.42
C THR E 176 -33.05 -32.70 23.50
N LYS E 177 -32.52 -33.74 22.84
CA LYS E 177 -31.32 -33.59 22.00
C LYS E 177 -31.54 -33.02 20.56
N ASP F 1 7.35 -34.73 19.54
CA ASP F 1 7.41 -34.49 18.11
C ASP F 1 7.51 -33.02 17.71
N ILE F 2 8.50 -32.27 18.24
CA ILE F 2 9.44 -32.72 19.25
C ILE F 2 8.82 -32.44 20.63
N TYR F 3 7.91 -31.46 20.66
CA TYR F 3 7.23 -31.08 21.90
C TYR F 3 6.36 -32.21 22.43
N SER F 4 5.79 -33.01 21.54
CA SER F 4 4.95 -34.13 21.96
C SER F 4 5.76 -35.22 22.62
N ARG F 5 7.00 -35.41 22.18
CA ARG F 5 7.87 -36.38 22.84
C ARG F 5 8.27 -35.88 24.22
N LEU F 6 8.51 -34.58 24.36
CA LEU F 6 8.86 -34.05 25.68
C LEU F 6 7.64 -34.04 26.59
N LEU F 7 6.44 -33.89 26.00
CA LEU F 7 5.23 -33.94 26.81
C LEU F 7 5.14 -35.27 27.52
N LYS F 8 5.58 -36.35 26.85
CA LYS F 8 5.58 -37.65 27.53
C LYS F 8 6.43 -37.63 28.79
N ASP F 9 7.48 -36.81 28.84
CA ASP F 9 8.29 -36.60 30.03
C ASP F 9 7.74 -35.50 30.94
N ARG F 10 6.49 -35.06 30.74
CA ARG F 10 5.86 -34.04 31.60
C ARG F 10 6.60 -32.70 31.54
N ILE F 11 7.25 -32.44 30.40
CA ILE F 11 7.92 -31.17 30.12
C ILE F 11 7.03 -30.34 29.21
N ILE F 12 6.84 -29.06 29.56
CA ILE F 12 6.12 -28.11 28.74
C ILE F 12 7.06 -26.97 28.38
N MET F 13 7.11 -26.63 27.09
CA MET F 13 7.94 -25.52 26.61
C MET F 13 7.07 -24.28 26.41
N LEU F 14 7.43 -23.18 27.07
CA LEU F 14 6.79 -21.89 26.83
C LEU F 14 7.85 -20.97 26.23
N GLY F 15 7.91 -20.91 24.90
CA GLY F 15 8.96 -20.18 24.23
C GLY F 15 8.49 -19.06 23.31
N SER F 16 7.53 -18.24 23.74
CA SER F 16 7.02 -17.19 22.88
C SER F 16 6.31 -16.14 23.71
N GLN F 17 5.92 -15.05 23.06
CA GLN F 17 4.94 -14.13 23.63
C GLN F 17 3.70 -14.90 24.11
N ILE F 18 3.12 -14.42 25.22
CA ILE F 18 1.95 -15.04 25.84
C ILE F 18 0.71 -14.32 25.31
N ASP F 19 -0.01 -14.94 24.39
CA ASP F 19 -1.32 -14.43 24.00
C ASP F 19 -2.38 -15.48 24.36
N ASP F 20 -3.60 -15.28 23.87
CA ASP F 20 -4.68 -16.19 24.23
C ASP F 20 -4.46 -17.60 23.65
N ASN F 21 -3.90 -17.70 22.44
CA ASN F 21 -3.64 -19.03 21.87
C ASN F 21 -2.57 -19.78 22.66
N VAL F 22 -1.45 -19.12 22.92
CA VAL F 22 -0.38 -19.68 23.76
C VAL F 22 -0.92 -20.13 25.11
N ALA F 23 -1.66 -19.23 25.79
CA ALA F 23 -2.20 -19.58 27.09
C ALA F 23 -3.13 -20.79 27.01
N ASN F 24 -3.98 -20.84 25.99
CA ASN F 24 -4.89 -21.96 25.84
C ASN F 24 -4.15 -23.28 25.65
N SER F 25 -3.06 -23.25 24.86
CA SER F 25 -2.26 -24.46 24.69
C SER F 25 -1.60 -24.88 26.00
N ILE F 26 -0.97 -23.92 26.70
CA ILE F 26 -0.29 -24.26 27.95
C ILE F 26 -1.28 -24.80 28.98
N VAL F 27 -2.47 -24.18 29.08
CA VAL F 27 -3.47 -24.64 30.04
C VAL F 27 -3.90 -26.07 29.71
N SER F 28 -4.14 -26.36 28.43
CA SER F 28 -4.54 -27.70 28.03
C SER F 28 -3.44 -28.73 28.30
N GLN F 29 -2.17 -28.35 28.10
CA GLN F 29 -1.09 -29.30 28.40
C GLN F 29 -1.01 -29.57 29.91
N LEU F 30 -1.15 -28.54 30.74
CA LEU F 30 -1.27 -28.76 32.19
C LEU F 30 -2.42 -29.69 32.53
N LEU F 31 -3.63 -29.40 32.02
CA LEU F 31 -4.80 -30.22 32.35
C LEU F 31 -4.60 -31.65 31.88
N PHE F 32 -3.99 -31.82 30.70
CA PHE F 32 -3.70 -33.14 30.17
C PHE F 32 -2.74 -33.90 31.09
N LEU F 33 -1.71 -33.24 31.58
CA LEU F 33 -0.70 -33.97 32.36
C LEU F 33 -1.25 -34.39 33.71
N GLN F 34 -2.10 -33.56 34.31
CA GLN F 34 -2.75 -33.95 35.56
C GLN F 34 -3.70 -35.12 35.35
N ALA F 35 -4.44 -35.13 34.23
CA ALA F 35 -5.31 -36.26 33.91
C ALA F 35 -4.51 -37.55 33.82
N GLN F 36 -3.40 -37.52 33.10
CA GLN F 36 -2.50 -38.68 33.03
C GLN F 36 -2.02 -39.08 34.42
N ASP F 37 -1.64 -38.11 35.25
CA ASP F 37 -1.06 -38.43 36.56
C ASP F 37 -1.17 -37.21 37.46
N SER F 38 -1.85 -37.35 38.59
CA SER F 38 -2.04 -36.22 39.47
C SER F 38 -0.88 -36.01 40.43
N GLU F 39 0.08 -36.92 40.46
CA GLU F 39 1.11 -36.89 41.50
C GLU F 39 2.46 -36.39 41.00
N LYS F 40 2.88 -36.80 39.80
CA LYS F 40 4.21 -36.50 39.31
C LYS F 40 4.38 -35.01 38.98
N ASP F 41 5.56 -34.49 39.24
CA ASP F 41 5.89 -33.11 38.93
C ASP F 41 5.72 -32.83 37.44
N ILE F 42 5.42 -31.57 37.12
CA ILE F 42 5.44 -31.07 35.75
C ILE F 42 6.57 -30.06 35.64
N TYR F 43 7.27 -30.06 34.50
CA TYR F 43 8.38 -29.14 34.27
C TYR F 43 8.01 -28.15 33.17
N LEU F 44 8.00 -26.86 33.51
CA LEU F 44 7.60 -25.81 32.59
C LEU F 44 8.81 -24.93 32.32
N TYR F 45 9.38 -25.06 31.13
CA TYR F 45 10.44 -24.20 30.65
C TYR F 45 9.86 -22.89 30.13
N ILE F 46 10.54 -21.79 30.43
CA ILE F 46 10.03 -20.45 30.12
C ILE F 46 11.14 -19.68 29.41
N ASN F 47 10.85 -19.23 28.21
CA ASN F 47 11.70 -18.30 27.47
C ASN F 47 10.68 -17.39 26.79
N SER F 48 10.37 -16.27 27.43
CA SER F 48 9.23 -15.58 26.96
C SER F 48 9.46 -14.10 27.24
N PRO F 49 9.19 -13.22 26.29
CA PRO F 49 9.24 -11.79 26.56
C PRO F 49 8.00 -11.24 27.26
N GLY F 50 7.01 -12.06 27.58
CA GLY F 50 5.79 -11.60 28.23
C GLY F 50 4.58 -11.72 27.34
N GLY F 51 3.56 -10.96 27.68
CA GLY F 51 2.33 -10.96 26.89
C GLY F 51 1.16 -10.46 27.71
N SER F 52 -0.03 -10.88 27.27
CA SER F 52 -1.30 -10.41 27.84
C SER F 52 -1.43 -10.80 29.30
N VAL F 53 -1.88 -9.85 30.13
CA VAL F 53 -2.09 -10.13 31.56
C VAL F 53 -3.15 -11.20 31.77
N THR F 54 -4.27 -11.14 31.03
CA THR F 54 -5.32 -12.13 31.30
C THR F 54 -4.92 -13.51 30.80
N ALA F 55 -4.29 -13.58 29.63
CA ALA F 55 -3.69 -14.85 29.18
C ALA F 55 -2.69 -15.38 30.21
N GLY F 56 -1.85 -14.51 30.76
CA GLY F 56 -0.94 -14.94 31.82
C GLY F 56 -1.66 -15.49 33.05
N PHE F 57 -2.74 -14.82 33.49
CA PHE F 57 -3.47 -15.32 34.66
C PHE F 57 -4.17 -16.65 34.40
N ALA F 58 -4.62 -16.89 33.17
CA ALA F 58 -5.10 -18.22 32.78
C ALA F 58 -4.08 -19.31 33.11
N ILE F 59 -2.82 -19.13 32.70
CA ILE F 59 -1.76 -20.09 32.99
C ILE F 59 -1.46 -20.13 34.50
N TYR F 60 -1.35 -18.95 35.12
CA TYR F 60 -1.01 -18.87 36.55
C TYR F 60 -2.03 -19.61 37.40
N ASP F 61 -3.30 -19.20 37.31
CA ASP F 61 -4.31 -19.87 38.11
C ASP F 61 -4.38 -21.37 37.80
N THR F 62 -4.07 -21.77 36.57
CA THR F 62 -4.09 -23.20 36.27
C THR F 62 -2.92 -23.91 36.94
N ILE F 63 -1.72 -23.30 36.90
CA ILE F 63 -0.59 -23.82 37.69
C ILE F 63 -1.01 -24.04 39.14
N GLN F 64 -1.66 -23.03 39.74
CA GLN F 64 -2.01 -23.13 41.16
C GLN F 64 -3.14 -24.11 41.40
N HIS F 65 -3.97 -24.40 40.41
CA HIS F 65 -5.16 -25.21 40.66
C HIS F 65 -4.85 -26.70 40.68
N ILE F 66 -4.04 -27.19 39.72
CA ILE F 66 -3.82 -28.63 39.60
C ILE F 66 -3.06 -29.17 40.82
N LYS F 67 -3.17 -30.49 41.02
CA LYS F 67 -2.47 -31.12 42.15
C LYS F 67 -0.96 -31.22 41.93
N PRO F 68 -0.46 -31.61 40.76
CA PRO F 68 1.00 -31.74 40.62
C PRO F 68 1.75 -30.44 40.86
N ASP F 69 2.90 -30.55 41.50
CA ASP F 69 3.89 -29.47 41.49
C ASP F 69 4.27 -29.12 40.06
N VAL F 70 4.37 -27.83 39.78
CA VAL F 70 4.86 -27.34 38.49
C VAL F 70 6.19 -26.67 38.77
N GLN F 71 7.28 -27.29 38.34
CA GLN F 71 8.59 -26.65 38.37
C GLN F 71 8.68 -25.67 37.21
N THR F 72 9.27 -24.49 37.46
CA THR F 72 9.49 -23.50 36.40
C THR F 72 10.98 -23.32 36.15
N ILE F 73 11.39 -23.35 34.89
CA ILE F 73 12.81 -23.25 34.56
C ILE F 73 13.01 -22.15 33.52
N CYS F 74 13.64 -21.06 33.91
CA CYS F 74 13.88 -19.97 32.98
C CYS F 74 15.12 -20.26 32.17
N ILE F 75 14.98 -20.29 30.85
CA ILE F 75 16.11 -20.34 29.93
C ILE F 75 16.02 -19.14 29.01
N GLY F 76 17.14 -18.48 28.80
CA GLY F 76 17.12 -17.34 27.91
C GLY F 76 16.58 -16.11 28.60
N MET F 77 15.25 -15.95 28.65
CA MET F 77 14.69 -14.72 29.19
C MET F 77 13.29 -14.96 29.74
N ALA F 78 13.04 -14.50 30.96
CA ALA F 78 11.68 -14.37 31.47
C ALA F 78 11.47 -12.89 31.74
N ALA F 79 10.77 -12.22 30.85
CA ALA F 79 10.43 -10.81 30.99
C ALA F 79 8.93 -10.64 31.20
N SER F 80 8.58 -9.64 32.02
CA SER F 80 7.21 -9.15 32.13
C SER F 80 6.33 -10.30 32.58
N MET F 81 5.29 -10.69 31.84
CA MET F 81 4.46 -11.79 32.29
C MET F 81 5.24 -13.11 32.34
N GLY F 82 6.36 -13.21 31.60
CA GLY F 82 7.23 -14.38 31.74
C GLY F 82 7.81 -14.52 33.14
N SER F 83 8.28 -13.41 33.73
CA SER F 83 8.86 -13.57 35.06
C SER F 83 7.77 -13.77 36.11
N PHE F 84 6.56 -13.27 35.87
CA PHE F 84 5.46 -13.56 36.78
C PHE F 84 5.19 -15.06 36.81
N LEU F 85 5.10 -15.67 35.63
CA LEU F 85 4.89 -17.11 35.57
C LEU F 85 6.09 -17.89 36.12
N LEU F 86 7.32 -17.40 35.91
CA LEU F 86 8.47 -18.06 36.53
C LEU F 86 8.30 -18.12 38.05
N ALA F 87 8.01 -16.97 38.66
CA ALA F 87 7.84 -16.88 40.11
C ALA F 87 6.64 -17.66 40.61
N ALA F 88 5.81 -18.20 39.71
CA ALA F 88 4.58 -18.93 40.08
C ALA F 88 4.80 -20.44 40.28
N GLY F 89 5.96 -20.98 39.92
CA GLY F 89 6.20 -22.39 40.13
C GLY F 89 6.20 -22.76 41.62
N ALA F 90 6.19 -24.08 41.86
CA ALA F 90 6.15 -24.62 43.21
C ALA F 90 7.35 -24.13 44.02
N LYS F 91 7.12 -23.70 45.25
CA LYS F 91 8.20 -23.06 45.98
C LYS F 91 9.31 -24.08 46.26
N GLY F 92 10.54 -23.62 46.19
CA GLY F 92 11.66 -24.53 46.13
C GLY F 92 11.90 -25.13 44.76
N LYS F 93 11.01 -24.97 43.78
CA LYS F 93 11.26 -25.59 42.50
C LYS F 93 11.21 -24.59 41.34
N ARG F 94 11.61 -23.35 41.56
CA ARG F 94 11.69 -22.35 40.49
C ARG F 94 13.16 -22.09 40.19
N PHE F 95 13.55 -22.25 38.92
CA PHE F 95 14.97 -22.21 38.56
C PHE F 95 15.24 -21.24 37.42
N ALA F 96 16.50 -20.85 37.31
CA ALA F 96 16.98 -20.22 36.09
C ALA F 96 18.37 -20.78 35.77
N LEU F 97 18.64 -20.90 34.48
CA LEU F 97 19.96 -21.24 34.04
C LEU F 97 20.91 -20.06 34.23
N PRO F 98 22.24 -20.32 34.33
CA PRO F 98 23.15 -19.29 34.84
C PRO F 98 23.15 -18.00 34.04
N ASN F 99 22.96 -18.03 32.72
CA ASN F 99 23.04 -16.80 31.94
C ASN F 99 21.66 -16.27 31.53
N ALA F 100 20.59 -16.90 31.99
CA ALA F 100 19.25 -16.43 31.69
C ALA F 100 19.01 -15.07 32.35
N GLU F 101 18.22 -14.23 31.69
CA GLU F 101 17.87 -12.92 32.21
C GLU F 101 16.41 -12.92 32.66
N VAL F 102 16.11 -12.14 33.68
CA VAL F 102 14.76 -11.90 34.14
C VAL F 102 14.55 -10.40 34.16
N MET F 103 13.34 -9.97 33.86
CA MET F 103 13.04 -8.55 33.84
C MET F 103 11.63 -8.33 34.35
N ILE F 104 11.47 -7.31 35.20
CA ILE F 104 10.17 -6.94 35.75
C ILE F 104 9.88 -5.49 35.38
N HIS F 105 8.62 -5.18 35.08
CA HIS F 105 8.16 -3.82 34.84
C HIS F 105 6.64 -3.77 35.02
N GLN F 106 6.13 -2.56 35.13
CA GLN F 106 4.71 -2.35 35.36
C GLN F 106 3.90 -2.60 34.08
N PRO F 107 2.61 -2.89 34.18
CA PRO F 107 1.85 -3.20 32.96
C PRO F 107 1.71 -1.99 32.05
N LEU F 108 1.43 -2.30 30.78
CA LEU F 108 1.21 -1.31 29.73
C LEU F 108 -0.17 -1.51 29.12
N GLY F 109 -0.71 -0.46 28.55
CA GLY F 109 -2.01 -0.55 27.92
C GLY F 109 -2.30 0.64 27.05
N GLY F 110 -3.57 0.78 26.71
CA GLY F 110 -4.00 1.87 25.87
C GLY F 110 -5.46 2.14 26.15
N ALA F 111 -5.90 3.33 25.78
CA ALA F 111 -7.28 3.74 26.04
C ALA F 111 -7.64 4.88 25.10
N GLN F 112 -8.83 4.79 24.53
CA GLN F 112 -9.35 5.78 23.61
C GLN F 112 -10.84 5.96 23.85
N GLY F 113 -11.34 7.16 23.57
CA GLY F 113 -12.78 7.41 23.62
C GLY F 113 -13.08 8.63 24.45
N GLN F 114 -14.27 8.65 25.05
CA GLN F 114 -14.69 9.75 25.91
C GLN F 114 -13.88 9.78 27.21
N ALA F 115 -13.74 10.99 27.77
CA ALA F 115 -13.18 11.12 29.11
C ALA F 115 -13.60 9.98 30.05
N THR F 116 -14.90 9.67 30.14
CA THR F 116 -15.28 8.69 31.14
C THR F 116 -14.82 7.28 30.74
N GLU F 117 -14.75 6.98 29.43
CA GLU F 117 -14.19 5.70 28.99
C GLU F 117 -12.71 5.61 29.31
N ILE F 118 -11.97 6.71 29.16
CA ILE F 118 -10.55 6.72 29.49
C ILE F 118 -10.36 6.52 31.00
N GLU F 119 -11.21 7.17 31.82
CA GLU F 119 -11.20 6.96 33.25
C GLU F 119 -11.45 5.48 33.61
N ILE F 120 -12.43 4.85 32.97
CA ILE F 120 -12.69 3.45 33.27
C ILE F 120 -11.49 2.59 32.94
N ALA F 121 -10.86 2.81 31.78
CA ALA F 121 -9.68 2.03 31.41
C ALA F 121 -8.50 2.31 32.36
N ALA F 122 -8.31 3.57 32.77
CA ALA F 122 -7.21 3.88 33.70
C ALA F 122 -7.42 3.16 35.02
N ASN F 123 -8.62 3.27 35.59
CA ASN F 123 -8.91 2.56 36.84
C ASN F 123 -8.71 1.07 36.69
N HIS F 124 -9.18 0.48 35.58
CA HIS F 124 -9.01 -0.96 35.40
C HIS F 124 -7.53 -1.36 35.35
N ILE F 125 -6.69 -0.59 34.67
CA ILE F 125 -5.30 -1.06 34.60
C ILE F 125 -4.54 -0.75 35.91
N LEU F 126 -4.86 0.35 36.60
CA LEU F 126 -4.31 0.58 37.95
C LEU F 126 -4.68 -0.52 38.93
N LYS F 127 -5.95 -0.96 38.91
CA LYS F 127 -6.40 -2.08 39.73
C LYS F 127 -5.63 -3.34 39.40
N THR F 128 -5.46 -3.62 38.10
CA THR F 128 -4.73 -4.80 37.65
C THR F 128 -3.29 -4.75 38.14
N ARG F 129 -2.68 -3.57 38.16
CA ARG F 129 -1.32 -3.43 38.65
C ARG F 129 -1.23 -3.72 40.14
N GLU F 130 -2.21 -3.22 40.92
CA GLU F 130 -2.24 -3.53 42.36
C GLU F 130 -2.43 -5.02 42.58
N LYS F 131 -3.17 -5.69 41.72
CA LYS F 131 -3.33 -7.12 41.90
C LYS F 131 -2.04 -7.86 41.54
N LEU F 132 -1.35 -7.45 40.48
CA LEU F 132 -0.10 -8.11 40.13
C LEU F 132 0.94 -7.92 41.23
N ASN F 133 1.10 -6.68 41.70
CA ASN F 133 2.02 -6.39 42.80
C ASN F 133 1.71 -7.20 44.05
N ARG F 134 0.44 -7.30 44.43
CA ARG F 134 0.11 -8.09 45.61
C ARG F 134 0.49 -9.55 45.42
N ILE F 135 0.22 -10.13 44.25
CA ILE F 135 0.54 -11.54 44.06
C ILE F 135 2.04 -11.74 44.03
N LEU F 136 2.76 -10.86 43.32
CA LEU F 136 4.21 -11.00 43.31
C LEU F 136 4.78 -10.78 44.71
N SER F 137 4.15 -9.93 45.51
CA SER F 137 4.59 -9.75 46.91
C SER F 137 4.50 -11.05 47.68
N GLU F 138 3.47 -11.83 47.41
CA GLU F 138 3.24 -13.10 48.10
C GLU F 138 4.18 -14.19 47.60
N ARG F 139 4.58 -14.13 46.34
CA ARG F 139 5.43 -15.15 45.75
C ARG F 139 6.91 -14.93 46.08
N THR F 140 7.30 -13.69 46.44
CA THR F 140 8.69 -13.28 46.58
C THR F 140 9.08 -12.87 48.00
N GLY F 141 8.17 -12.34 48.82
CA GLY F 141 8.55 -11.74 50.07
C GLY F 141 8.86 -10.26 50.01
N GLN F 142 8.87 -9.67 48.83
CA GLN F 142 9.05 -8.21 48.77
C GLN F 142 7.76 -7.52 49.17
N SER F 143 7.90 -6.32 49.68
CA SER F 143 6.64 -5.67 50.00
C SER F 143 6.01 -5.13 48.71
N ILE F 144 4.70 -4.84 48.80
CA ILE F 144 3.99 -4.26 47.68
C ILE F 144 4.59 -2.92 47.27
N GLU F 145 4.94 -2.10 48.25
CA GLU F 145 5.47 -0.78 47.97
C GLU F 145 6.81 -0.90 47.23
N LYS F 146 7.59 -1.95 47.54
CA LYS F 146 8.88 -2.13 46.89
C LYS F 146 8.72 -2.64 45.46
N ILE F 147 7.82 -3.61 45.24
CA ILE F 147 7.48 -4.01 43.89
C ILE F 147 7.08 -2.80 43.06
N GLN F 148 6.24 -1.93 43.63
CA GLN F 148 5.76 -0.76 42.91
C GLN F 148 6.93 0.11 42.45
N LYS F 149 7.87 0.38 43.35
CA LYS F 149 9.03 1.21 42.98
C LYS F 149 9.93 0.51 41.98
N ASP F 150 10.13 -0.80 42.15
CA ASP F 150 11.10 -1.54 41.35
C ASP F 150 10.64 -1.82 39.94
N THR F 151 9.34 -1.76 39.68
CA THR F 151 8.78 -2.00 38.37
C THR F 151 8.36 -0.69 37.70
N ASP F 152 8.70 0.45 38.29
CA ASP F 152 8.30 1.72 37.69
C ASP F 152 8.84 1.83 36.27
N ARG F 153 10.09 1.40 36.08
CA ARG F 153 10.71 1.20 34.77
C ARG F 153 11.27 -0.21 34.65
N ASP F 154 11.70 -0.55 33.43
CA ASP F 154 12.26 -1.87 33.14
C ASP F 154 13.36 -2.20 34.13
N ASN F 155 13.33 -3.41 34.70
CA ASN F 155 14.23 -3.76 35.79
C ASN F 155 14.81 -5.12 35.47
N PHE F 156 16.05 -5.12 34.99
CA PHE F 156 16.72 -6.31 34.46
C PHE F 156 17.52 -6.97 35.58
N LEU F 157 17.33 -8.27 35.76
CA LEU F 157 17.98 -9.03 36.83
C LEU F 157 18.73 -10.22 36.23
N THR F 158 19.97 -10.42 36.69
CA THR F 158 20.69 -11.68 36.44
C THR F 158 20.03 -12.80 37.24
N ALA F 159 20.40 -14.03 36.89
CA ALA F 159 19.82 -15.18 37.57
C ALA F 159 20.09 -15.14 39.07
N GLU F 160 21.31 -14.76 39.48
CA GLU F 160 21.54 -14.75 40.93
C GLU F 160 20.78 -13.60 41.60
N GLU F 161 20.64 -12.45 40.92
CA GLU F 161 19.81 -11.38 41.45
C GLU F 161 18.34 -11.79 41.52
N ALA F 162 17.88 -12.58 40.55
CA ALA F 162 16.50 -13.04 40.60
C ALA F 162 16.28 -13.96 41.80
N LYS F 163 17.29 -14.75 42.15
CA LYS F 163 17.24 -15.59 43.33
C LYS F 163 17.19 -14.75 44.60
N GLU F 164 18.09 -13.78 44.72
CA GLU F 164 18.02 -12.88 45.87
C GLU F 164 16.72 -12.12 45.91
N TYR F 165 16.09 -11.90 44.74
CA TYR F 165 14.83 -11.18 44.72
C TYR F 165 13.66 -12.03 45.21
N GLY F 166 13.83 -13.35 45.27
CA GLY F 166 12.74 -14.25 45.55
C GLY F 166 11.91 -14.64 44.33
N LEU F 167 12.38 -14.32 43.10
CA LEU F 167 11.66 -14.78 41.91
C LEU F 167 11.94 -16.24 41.61
N ILE F 168 13.15 -16.71 41.89
CA ILE F 168 13.52 -18.12 41.75
C ILE F 168 14.16 -18.57 43.05
N ASP F 169 14.27 -19.90 43.21
CA ASP F 169 14.85 -20.50 44.39
C ASP F 169 16.32 -20.88 44.21
N GLU F 170 16.73 -21.32 43.02
CA GLU F 170 18.11 -21.72 42.78
C GLU F 170 18.52 -21.40 41.34
N VAL F 171 19.78 -21.06 41.17
CA VAL F 171 20.41 -21.05 39.86
C VAL F 171 20.83 -22.48 39.52
N MET F 172 20.43 -22.96 38.35
CA MET F 172 20.74 -24.34 37.99
C MET F 172 22.19 -24.45 37.53
N VAL F 173 22.95 -25.34 38.16
CA VAL F 173 24.35 -25.62 37.81
C VAL F 173 24.41 -26.79 36.83
N PRO F 174 25.46 -26.88 36.01
CA PRO F 174 25.59 -28.01 35.08
C PRO F 174 25.87 -29.38 35.71
N GLU F 175 26.36 -30.33 34.88
CA GLU F 175 26.70 -31.72 35.21
C GLU F 175 25.45 -32.54 35.56
N THR F 176 24.26 -31.94 35.47
CA THR F 176 23.04 -32.66 35.79
C THR F 176 22.02 -32.31 34.71
N LYS F 177 21.21 -33.29 34.30
CA LYS F 177 20.15 -33.09 33.29
C LYS F 177 19.26 -31.84 33.48
N ASP G 1 13.46 -37.14 8.81
CA ASP G 1 12.55 -36.84 7.72
C ASP G 1 12.54 -35.35 7.41
N ILE G 2 13.67 -34.81 6.94
CA ILE G 2 14.96 -35.52 6.80
C ILE G 2 15.75 -35.31 8.09
N TYR G 3 15.42 -34.20 8.76
CA TYR G 3 16.03 -33.86 10.03
C TYR G 3 15.70 -34.89 11.10
N SER G 4 14.46 -35.39 11.12
CA SER G 4 14.08 -36.39 12.12
C SER G 4 14.92 -37.63 11.95
N ARG G 5 15.21 -38.01 10.70
CA ARG G 5 16.09 -39.12 10.42
C ARG G 5 17.48 -38.88 10.97
N LEU G 6 18.05 -37.72 10.67
CA LEU G 6 19.32 -37.37 11.26
C LEU G 6 19.24 -37.28 12.79
N LEU G 7 18.08 -36.95 13.33
CA LEU G 7 17.96 -36.88 14.79
C LEU G 7 18.24 -38.24 15.43
N LYS G 8 17.88 -39.32 14.74
CA LYS G 8 18.17 -40.65 15.25
C LYS G 8 19.67 -40.93 15.33
N ASP G 9 20.51 -40.19 14.59
CA ASP G 9 21.96 -40.29 14.73
C ASP G 9 22.54 -39.22 15.64
N ARG G 10 21.70 -38.55 16.42
CA ARG G 10 22.13 -37.52 17.37
C ARG G 10 22.68 -36.28 16.65
N ILE G 11 22.10 -35.96 15.49
CA ILE G 11 22.48 -34.78 14.71
C ILE G 11 21.35 -33.76 14.79
N ILE G 12 21.73 -32.52 15.14
CA ILE G 12 20.85 -31.36 15.15
C ILE G 12 21.40 -30.36 14.14
N MET G 13 20.52 -29.86 13.27
CA MET G 13 20.88 -28.79 12.32
C MET G 13 20.38 -27.46 12.85
N LEU G 14 21.28 -26.51 12.98
CA LEU G 14 20.97 -25.11 13.24
C LEU G 14 21.28 -24.37 11.95
N GLY G 15 20.27 -24.19 11.11
CA GLY G 15 20.51 -23.58 9.81
C GLY G 15 19.77 -22.29 9.52
N SER G 16 19.56 -21.44 10.51
CA SER G 16 18.76 -20.24 10.29
C SER G 16 19.06 -19.20 11.34
N GLN G 17 18.46 -18.01 11.18
CA GLN G 17 18.44 -16.98 12.20
C GLN G 17 17.99 -17.59 13.52
N ILE G 18 18.60 -17.15 14.61
CA ILE G 18 18.34 -17.70 15.93
C ILE G 18 17.31 -16.78 16.57
N ASP G 19 16.05 -17.18 16.57
CA ASP G 19 15.03 -16.49 17.34
C ASP G 19 14.48 -17.44 18.39
N ASP G 20 13.46 -16.97 19.09
CA ASP G 20 12.87 -17.75 20.17
C ASP G 20 12.32 -19.09 19.66
N ASN G 21 11.67 -19.09 18.49
CA ASN G 21 11.17 -20.35 17.94
C ASN G 21 12.30 -21.32 17.68
N VAL G 22 13.38 -20.83 17.07
CA VAL G 22 14.51 -21.72 16.75
C VAL G 22 15.20 -22.19 18.01
N ALA G 23 15.39 -21.28 18.98
CA ALA G 23 16.00 -21.70 20.24
C ALA G 23 15.16 -22.75 20.94
N ASN G 24 13.82 -22.60 20.89
CA ASN G 24 12.96 -23.59 21.54
C ASN G 24 13.06 -24.94 20.84
N SER G 25 13.10 -24.94 19.52
CA SER G 25 13.34 -26.19 18.79
C SER G 25 14.68 -26.80 19.20
N ILE G 26 15.77 -26.01 19.17
CA ILE G 26 17.09 -26.56 19.45
C ILE G 26 17.16 -27.09 20.89
N VAL G 27 16.66 -26.30 21.85
CA VAL G 27 16.71 -26.73 23.24
C VAL G 27 15.95 -28.05 23.41
N SER G 28 14.80 -28.18 22.75
CA SER G 28 13.99 -29.37 22.90
C SER G 28 14.71 -30.60 22.37
N GLN G 29 15.37 -30.45 21.21
CA GLN G 29 16.12 -31.56 20.63
C GLN G 29 17.30 -31.97 21.51
N LEU G 30 18.03 -31.00 22.07
CA LEU G 30 19.08 -31.33 23.04
C LEU G 30 18.51 -32.06 24.25
N LEU G 31 17.39 -31.56 24.81
CA LEU G 31 16.77 -32.22 25.95
C LEU G 31 16.34 -33.64 25.59
N PHE G 32 15.73 -33.81 24.42
CA PHE G 32 15.29 -35.12 23.95
C PHE G 32 16.47 -36.08 23.76
N LEU G 33 17.55 -35.62 23.12
CA LEU G 33 18.68 -36.51 22.87
C LEU G 33 19.34 -36.93 24.17
N GLN G 34 19.39 -36.04 25.16
CA GLN G 34 19.90 -36.45 26.45
C GLN G 34 18.97 -37.45 27.13
N ALA G 35 17.66 -37.23 27.05
CA ALA G 35 16.74 -38.17 27.66
C ALA G 35 16.85 -39.54 27.01
N GLN G 36 17.24 -39.58 25.74
CA GLN G 36 17.45 -40.85 25.07
C GLN G 36 18.77 -41.50 25.46
N ASP G 37 19.77 -40.72 25.82
CA ASP G 37 21.07 -41.29 26.15
C ASP G 37 21.97 -40.16 26.66
N SER G 38 22.33 -40.19 27.93
CA SER G 38 23.00 -39.07 28.55
C SER G 38 24.51 -39.08 28.38
N GLU G 39 25.08 -40.06 27.67
CA GLU G 39 26.53 -40.15 27.58
C GLU G 39 27.08 -40.05 26.16
N LYS G 40 26.35 -40.53 25.16
CA LYS G 40 26.77 -40.39 23.78
C LYS G 40 26.78 -38.91 23.37
N ASP G 41 27.71 -38.57 22.48
CA ASP G 41 27.88 -37.22 21.98
C ASP G 41 26.70 -36.76 21.13
N ILE G 42 26.56 -35.45 21.03
CA ILE G 42 25.59 -34.80 20.15
C ILE G 42 26.37 -33.98 19.14
N TYR G 43 25.89 -33.95 17.90
CA TYR G 43 26.53 -33.19 16.83
C TYR G 43 25.60 -32.07 16.38
N LEU G 44 26.08 -30.83 16.55
CA LEU G 44 25.32 -29.63 16.24
C LEU G 44 26.00 -28.90 15.09
N TYR G 45 25.40 -29.02 13.91
CA TYR G 45 25.84 -28.27 12.74
C TYR G 45 25.31 -26.84 12.80
N ILE G 46 26.12 -25.89 12.37
CA ILE G 46 25.78 -24.48 12.51
C ILE G 46 26.03 -23.83 11.17
N ASN G 47 24.95 -23.30 10.56
CA ASN G 47 24.98 -22.43 9.38
C ASN G 47 23.96 -21.34 9.68
N SER G 48 24.44 -20.24 10.25
CA SER G 48 23.52 -19.30 10.80
C SER G 48 24.12 -17.90 10.76
N PRO G 49 23.33 -16.90 10.36
CA PRO G 49 23.81 -15.52 10.40
C PRO G 49 23.70 -14.84 11.76
N GLY G 50 23.23 -15.54 12.79
CA GLY G 50 23.12 -15.00 14.12
C GLY G 50 21.68 -14.90 14.58
N GLY G 51 21.44 -13.97 15.51
CA GLY G 51 20.11 -13.64 15.97
C GLY G 51 20.14 -13.15 17.41
N SER G 52 19.04 -13.44 18.11
CA SER G 52 18.77 -12.88 19.42
C SER G 52 19.74 -13.36 20.49
N VAL G 53 20.16 -12.43 21.34
CA VAL G 53 21.05 -12.77 22.46
C VAL G 53 20.37 -13.73 23.45
N THR G 54 19.15 -13.41 23.89
CA THR G 54 18.52 -14.27 24.88
C THR G 54 18.17 -15.64 24.28
N ALA G 55 17.78 -15.66 23.00
CA ALA G 55 17.54 -16.93 22.33
C ALA G 55 18.83 -17.74 22.21
N GLY G 56 19.94 -17.11 21.88
CA GLY G 56 21.22 -17.80 21.88
C GLY G 56 21.62 -18.29 23.26
N PHE G 57 21.36 -17.48 24.31
CA PHE G 57 21.69 -17.91 25.67
C PHE G 57 20.83 -19.10 26.13
N ALA G 58 19.58 -19.20 25.67
CA ALA G 58 18.79 -20.41 25.94
C ALA G 58 19.48 -21.65 25.37
N ILE G 59 20.07 -21.55 24.17
CA ILE G 59 20.80 -22.68 23.58
C ILE G 59 22.14 -22.89 24.30
N TYR G 60 22.89 -21.81 24.49
CA TYR G 60 24.19 -21.90 25.15
C TYR G 60 24.07 -22.58 26.51
N ASP G 61 23.16 -22.07 27.36
CA ASP G 61 23.05 -22.65 28.68
C ASP G 61 22.60 -24.11 28.62
N THR G 62 21.75 -24.45 27.65
CA THR G 62 21.33 -25.85 27.55
C THR G 62 22.50 -26.73 27.12
N ILE G 63 23.33 -26.26 26.17
CA ILE G 63 24.55 -27.02 25.84
C ILE G 63 25.41 -27.22 27.07
N GLN G 64 25.70 -26.15 27.82
CA GLN G 64 26.54 -26.31 29.00
C GLN G 64 25.89 -27.23 30.02
N HIS G 65 24.54 -27.26 30.08
CA HIS G 65 23.89 -27.94 31.18
C HIS G 65 23.80 -29.46 31.02
N ILE G 66 23.54 -29.97 29.81
CA ILE G 66 23.30 -31.40 29.68
C ILE G 66 24.60 -32.17 29.88
N LYS G 67 24.46 -33.48 30.15
CA LYS G 67 25.65 -34.29 30.39
C LYS G 67 26.42 -34.59 29.11
N PRO G 68 25.79 -34.99 27.99
CA PRO G 68 26.55 -35.31 26.78
C PRO G 68 27.35 -34.14 26.26
N ASP G 69 28.57 -34.43 25.82
CA ASP G 69 29.32 -33.53 24.96
C ASP G 69 28.51 -33.16 23.73
N VAL G 70 28.53 -31.87 23.41
CA VAL G 70 27.93 -31.33 22.20
C VAL G 70 29.06 -30.88 21.28
N GLN G 71 29.22 -31.56 20.15
CA GLN G 71 30.16 -31.17 19.11
C GLN G 71 29.54 -30.12 18.20
N THR G 72 30.34 -29.14 17.79
CA THR G 72 29.85 -28.08 16.92
C THR G 72 30.67 -28.08 15.63
N ILE G 73 29.97 -27.97 14.51
CA ILE G 73 30.56 -28.06 13.18
C ILE G 73 29.99 -26.92 12.37
N CYS G 74 30.82 -25.93 12.06
CA CYS G 74 30.37 -24.82 11.23
C CYS G 74 30.47 -25.23 9.76
N ILE G 75 29.35 -25.14 9.05
CA ILE G 75 29.32 -25.23 7.60
C ILE G 75 28.74 -23.94 7.06
N GLY G 76 29.34 -23.43 6.00
CA GLY G 76 28.87 -22.21 5.40
C GLY G 76 29.32 -21.01 6.19
N MET G 77 28.57 -20.66 7.24
CA MET G 77 28.89 -19.46 7.98
C MET G 77 28.37 -19.57 9.41
N ALA G 78 29.20 -19.18 10.37
CA ALA G 78 28.73 -18.94 11.73
C ALA G 78 29.06 -17.48 12.04
N ALA G 79 28.03 -16.66 12.09
CA ALA G 79 28.16 -15.23 12.29
C ALA G 79 27.50 -14.85 13.61
N SER G 80 28.10 -13.90 14.33
CA SER G 80 27.41 -13.25 15.43
C SER G 80 27.03 -14.32 16.46
N MET G 81 25.76 -14.40 16.88
CA MET G 81 25.35 -15.43 17.83
C MET G 81 25.62 -16.83 17.29
N GLY G 82 25.66 -17.00 15.97
CA GLY G 82 26.07 -18.28 15.41
C GLY G 82 27.49 -18.65 15.81
N SER G 83 28.42 -17.70 15.73
CA SER G 83 29.79 -18.04 16.09
C SER G 83 29.96 -18.16 17.60
N PHE G 84 29.07 -17.51 18.38
CA PHE G 84 29.10 -17.69 19.83
C PHE G 84 28.73 -19.12 20.21
N LEU G 85 27.72 -19.68 19.54
CA LEU G 85 27.32 -21.06 19.79
C LEU G 85 28.36 -22.05 19.26
N LEU G 86 29.02 -21.74 18.13
CA LEU G 86 30.13 -22.57 17.65
C LEU G 86 31.19 -22.74 18.74
N ALA G 87 31.65 -21.61 19.30
CA ALA G 87 32.62 -21.59 20.39
C ALA G 87 32.14 -22.32 21.63
N ALA G 88 30.85 -22.56 21.75
CA ALA G 88 30.30 -23.14 22.96
C ALA G 88 30.39 -24.66 22.97
N GLY G 89 30.74 -25.30 21.85
CA GLY G 89 30.88 -26.75 21.86
C GLY G 89 31.93 -27.21 22.86
N ALA G 90 31.88 -28.50 23.18
CA ALA G 90 32.86 -29.10 24.08
C ALA G 90 34.26 -28.87 23.53
N LYS G 91 35.17 -28.47 24.42
CA LYS G 91 36.53 -28.15 23.98
C LYS G 91 37.21 -29.40 23.40
N GLY G 92 37.92 -29.20 22.29
CA GLY G 92 38.42 -30.32 21.52
C GLY G 92 37.45 -30.84 20.48
N LYS G 93 36.20 -30.37 20.46
CA LYS G 93 35.21 -30.89 19.55
C LYS G 93 34.47 -29.75 18.85
N ARG G 94 35.17 -28.67 18.57
CA ARG G 94 34.59 -27.53 17.87
C ARG G 94 35.28 -27.46 16.50
N PHE G 95 34.50 -27.59 15.44
CA PHE G 95 35.04 -27.76 14.10
C PHE G 95 34.46 -26.75 13.11
N ALA G 96 35.21 -26.55 12.03
CA ALA G 96 34.70 -25.87 10.85
C ALA G 96 35.17 -26.61 9.60
N LEU G 97 34.30 -26.68 8.60
CA LEU G 97 34.71 -27.16 7.30
C LEU G 97 35.61 -26.11 6.66
N PRO G 98 36.44 -26.51 5.67
CA PRO G 98 37.60 -25.66 5.31
C PRO G 98 37.23 -24.36 4.60
N ASN G 99 36.08 -24.26 3.97
CA ASN G 99 35.69 -22.99 3.36
C ASN G 99 34.61 -22.27 4.17
N ALA G 100 34.19 -22.82 5.31
CA ALA G 100 33.23 -22.13 6.13
C ALA G 100 33.82 -20.79 6.59
N GLU G 101 32.93 -19.86 6.93
CA GLU G 101 33.34 -18.55 7.40
C GLU G 101 32.76 -18.28 8.78
N VAL G 102 33.49 -17.51 9.57
CA VAL G 102 33.09 -17.19 10.94
C VAL G 102 33.18 -15.68 11.08
N MET G 103 32.18 -15.10 11.71
CA MET G 103 32.21 -13.65 11.92
C MET G 103 31.80 -13.34 13.35
N ILE G 104 32.52 -12.41 13.97
CA ILE G 104 32.18 -11.91 15.29
C ILE G 104 32.02 -10.40 15.21
N HIS G 105 31.15 -9.87 16.04
CA HIS G 105 30.93 -8.43 16.13
C HIS G 105 30.13 -8.13 17.41
N GLN G 106 30.03 -6.87 17.73
CA GLN G 106 29.42 -6.49 18.99
C GLN G 106 27.90 -6.49 18.83
N PRO G 107 27.15 -6.51 19.94
CA PRO G 107 25.68 -6.63 19.84
C PRO G 107 25.04 -5.36 19.30
N LEU G 108 23.88 -5.52 18.69
CA LEU G 108 23.10 -4.42 18.14
C LEU G 108 21.75 -4.36 18.81
N GLY G 109 21.23 -3.15 18.96
CA GLY G 109 19.90 -3.02 19.53
C GLY G 109 19.21 -1.77 19.10
N GLY G 110 18.23 -1.39 19.89
CA GLY G 110 17.43 -0.22 19.60
C GLY G 110 16.78 0.22 20.89
N ALA G 111 16.42 1.50 20.93
CA ALA G 111 15.89 2.12 22.13
C ALA G 111 15.11 3.33 21.70
N GLN G 112 13.90 3.47 22.24
CA GLN G 112 13.10 4.66 22.01
C GLN G 112 12.35 5.01 23.28
N GLY G 113 12.15 6.30 23.50
CA GLY G 113 11.37 6.72 24.65
C GLY G 113 11.99 7.92 25.34
N GLN G 114 11.69 8.08 26.63
CA GLN G 114 12.23 9.17 27.41
C GLN G 114 13.73 8.97 27.63
N ALA G 115 14.42 10.07 27.94
CA ALA G 115 15.85 9.99 28.28
C ALA G 115 16.14 8.88 29.28
N THR G 116 15.30 8.73 30.32
CA THR G 116 15.66 7.73 31.32
C THR G 116 15.42 6.30 30.78
N GLU G 117 14.48 6.11 29.84
CA GLU G 117 14.30 4.81 29.23
C GLU G 117 15.47 4.46 28.30
N ILE G 118 15.95 5.45 27.53
CA ILE G 118 17.10 5.24 26.66
C ILE G 118 18.33 4.89 27.49
N GLU G 119 18.46 5.53 28.66
CA GLU G 119 19.56 5.20 29.56
C GLU G 119 19.46 3.76 30.04
N ILE G 120 18.25 3.30 30.39
CA ILE G 120 18.09 1.94 30.91
C ILE G 120 18.43 0.92 29.82
N ALA G 121 17.89 1.13 28.62
CA ALA G 121 18.21 0.25 27.50
C ALA G 121 19.71 0.25 27.19
N ALA G 122 20.33 1.44 27.20
CA ALA G 122 21.76 1.53 26.90
C ALA G 122 22.59 0.80 27.94
N ASN G 123 22.30 1.04 29.23
CA ASN G 123 22.96 0.31 30.31
C ASN G 123 22.78 -1.19 30.15
N HIS G 124 21.58 -1.63 29.76
CA HIS G 124 21.35 -3.06 29.66
C HIS G 124 22.16 -3.69 28.51
N ILE G 125 22.28 -3.00 27.37
CA ILE G 125 23.01 -3.62 26.27
C ILE G 125 24.52 -3.57 26.51
N LEU G 126 25.00 -2.50 27.14
CA LEU G 126 26.39 -2.46 27.59
C LEU G 126 26.71 -3.64 28.52
N LYS G 127 25.86 -3.89 29.51
CA LYS G 127 26.11 -4.98 30.44
C LYS G 127 26.04 -6.32 29.72
N THR G 128 25.14 -6.46 28.75
CA THR G 128 25.07 -7.68 27.96
C THR G 128 26.35 -7.86 27.15
N ARG G 129 26.87 -6.78 26.57
CA ARG G 129 28.14 -6.86 25.84
C ARG G 129 29.30 -7.32 26.74
N GLU G 130 29.38 -6.79 27.98
CA GLU G 130 30.47 -7.23 28.85
C GLU G 130 30.33 -8.70 29.20
N LYS G 131 29.09 -9.18 29.37
CA LYS G 131 28.92 -10.60 29.66
C LYS G 131 29.32 -11.48 28.46
N LEU G 132 28.92 -11.08 27.24
CA LEU G 132 29.29 -11.86 26.06
C LEU G 132 30.80 -11.90 25.86
N ASN G 133 31.45 -10.74 25.99
CA ASN G 133 32.92 -10.68 25.91
C ASN G 133 33.59 -11.58 26.92
N ARG G 134 33.11 -11.59 28.16
CA ARG G 134 33.75 -12.41 29.19
C ARG G 134 33.59 -13.89 28.87
N ILE G 135 32.41 -14.30 28.40
CA ILE G 135 32.22 -15.70 28.08
C ILE G 135 33.03 -16.10 26.84
N LEU G 136 33.00 -15.29 25.77
CA LEU G 136 33.77 -15.67 24.58
C LEU G 136 35.26 -15.69 24.89
N SER G 137 35.74 -14.72 25.66
CA SER G 137 37.12 -14.76 26.17
C SER G 137 37.51 -16.09 26.86
N GLU G 138 36.60 -16.63 27.67
CA GLU G 138 36.87 -17.91 28.34
C GLU G 138 36.80 -19.10 27.38
N ARG G 139 36.03 -18.98 26.32
CA ARG G 139 35.86 -20.06 25.36
C ARG G 139 37.01 -20.16 24.38
N THR G 140 37.72 -19.04 24.18
CA THR G 140 38.75 -18.90 23.18
C THR G 140 40.13 -18.75 23.77
N GLY G 141 40.25 -18.38 25.04
CA GLY G 141 41.56 -18.15 25.62
C GLY G 141 42.15 -16.80 25.29
N GLN G 142 41.35 -15.85 24.80
CA GLN G 142 41.76 -14.47 24.60
C GLN G 142 41.46 -13.66 25.85
N SER G 143 42.03 -12.46 25.91
CA SER G 143 41.64 -11.53 26.97
C SER G 143 40.33 -10.86 26.61
N ILE G 144 39.71 -10.26 27.62
CA ILE G 144 38.47 -9.52 27.42
C ILE G 144 38.70 -8.34 26.49
N GLU G 145 39.77 -7.58 26.71
CA GLU G 145 40.03 -6.40 25.90
C GLU G 145 40.27 -6.77 24.44
N LYS G 146 40.83 -7.94 24.17
CA LYS G 146 41.01 -8.35 22.78
C LYS G 146 39.67 -8.64 22.11
N ILE G 147 38.80 -9.41 22.77
CA ILE G 147 37.42 -9.58 22.29
C ILE G 147 36.80 -8.21 22.03
N GLN G 148 36.91 -7.30 22.98
CA GLN G 148 36.28 -5.98 22.87
C GLN G 148 36.74 -5.26 21.60
N LYS G 149 38.07 -5.17 21.39
CA LYS G 149 38.57 -4.44 20.22
C LYS G 149 38.25 -5.18 18.93
N ASP G 150 38.32 -6.51 18.93
CA ASP G 150 38.14 -7.27 17.72
C ASP G 150 36.69 -7.34 17.25
N THR G 151 35.72 -6.95 18.10
CA THR G 151 34.32 -6.97 17.70
C THR G 151 33.76 -5.57 17.56
N ASP G 152 34.60 -4.55 17.64
CA ASP G 152 34.10 -3.19 17.51
C ASP G 152 33.34 -3.00 16.21
N ARG G 153 33.86 -3.61 15.12
CA ARG G 153 33.15 -3.73 13.84
C ARG G 153 33.19 -5.19 13.41
N ASP G 154 32.48 -5.48 12.30
CA ASP G 154 32.37 -6.86 11.83
C ASP G 154 33.77 -7.42 11.53
N ASN G 155 34.05 -8.63 12.01
CA ASN G 155 35.37 -9.23 11.89
C ASN G 155 35.19 -10.60 11.26
N PHE G 156 35.52 -10.72 9.97
CA PHE G 156 35.37 -11.96 9.21
C PHE G 156 36.62 -12.82 9.36
N LEU G 157 36.45 -14.10 9.66
CA LEU G 157 37.59 -15.00 9.84
C LEU G 157 37.43 -16.24 8.97
N THR G 158 38.52 -16.69 8.33
CA THR G 158 38.52 -18.01 7.71
C THR G 158 38.45 -19.08 8.80
N ALA G 159 38.19 -20.31 8.37
CA ALA G 159 38.19 -21.43 9.29
C ALA G 159 39.51 -21.55 10.03
N GLU G 160 40.61 -21.43 9.29
CA GLU G 160 41.93 -21.49 9.90
C GLU G 160 42.14 -20.31 10.84
N GLU G 161 41.68 -19.11 10.46
CA GLU G 161 41.81 -17.98 11.38
C GLU G 161 40.96 -18.19 12.65
N ALA G 162 39.78 -18.82 12.52
CA ALA G 162 38.98 -19.12 13.71
C ALA G 162 39.70 -20.10 14.64
N LYS G 163 40.47 -21.03 14.07
CA LYS G 163 41.24 -21.96 14.90
C LYS G 163 42.38 -21.26 15.64
N GLU G 164 43.08 -20.33 14.99
CA GLU G 164 44.11 -19.59 15.71
C GLU G 164 43.49 -18.69 16.75
N TYR G 165 42.30 -18.19 16.47
CA TYR G 165 41.62 -17.35 17.44
C TYR G 165 41.18 -18.16 18.66
N GLY G 166 40.92 -19.45 18.49
CA GLY G 166 40.42 -20.26 19.56
C GLY G 166 38.92 -20.41 19.58
N LEU G 167 38.24 -20.04 18.49
CA LEU G 167 36.80 -20.26 18.37
C LEU G 167 36.48 -21.71 18.00
N ILE G 168 37.35 -22.38 17.24
CA ILE G 168 37.22 -23.80 16.97
C ILE G 168 38.53 -24.48 17.34
N ASP G 169 38.48 -25.82 17.44
CA ASP G 169 39.69 -26.59 17.71
C ASP G 169 40.38 -27.09 16.45
N GLU G 170 39.62 -27.53 15.41
CA GLU G 170 40.17 -28.17 14.21
C GLU G 170 39.40 -27.75 12.96
N VAL G 171 40.14 -27.55 11.88
CA VAL G 171 39.54 -27.53 10.55
C VAL G 171 39.33 -28.97 10.12
N MET G 172 38.10 -29.30 9.75
CA MET G 172 37.77 -30.67 9.37
C MET G 172 38.23 -30.95 7.94
N VAL G 173 39.11 -31.93 7.78
CA VAL G 173 39.62 -32.35 6.48
C VAL G 173 38.74 -33.47 5.92
N PRO G 174 38.75 -33.67 4.59
CA PRO G 174 37.92 -34.73 3.98
C PRO G 174 38.40 -36.18 4.17
N GLU G 175 37.85 -37.11 3.38
CA GLU G 175 38.06 -38.57 3.44
C GLU G 175 37.50 -39.18 4.73
N THR G 176 36.70 -38.44 5.50
CA THR G 176 36.05 -38.97 6.69
C THR G 176 34.63 -38.41 6.76
N LYS G 177 33.70 -39.16 7.37
CA LYS G 177 32.30 -38.70 7.53
C LYS G 177 32.17 -37.34 8.23
N ASP H 1 -12.49 36.29 -12.06
CA ASP H 1 -11.43 35.70 -12.89
C ASP H 1 -11.34 34.20 -12.65
N ILE H 2 -12.38 33.47 -13.11
CA ILE H 2 -13.51 34.00 -13.92
C ILE H 2 -14.73 34.28 -13.04
N TYR H 3 -14.79 33.52 -11.94
CA TYR H 3 -15.87 33.67 -10.96
C TYR H 3 -15.86 35.06 -10.35
N SER H 4 -14.67 35.64 -10.13
CA SER H 4 -14.60 36.97 -9.54
C SER H 4 -15.16 38.02 -10.48
N ARG H 5 -15.01 37.82 -11.78
CA ARG H 5 -15.64 38.69 -12.76
C ARG H 5 -17.16 38.55 -12.71
N LEU H 6 -17.64 37.30 -12.70
CA LEU H 6 -19.07 37.09 -12.57
C LEU H 6 -19.60 37.64 -11.24
N LEU H 7 -18.78 37.64 -10.19
CA LEU H 7 -19.25 38.15 -8.90
C LEU H 7 -19.67 39.61 -9.00
N LYS H 8 -18.95 40.39 -9.84
CA LYS H 8 -19.31 41.78 -10.05
C LYS H 8 -20.66 41.93 -10.73
N ASP H 9 -21.18 40.90 -11.36
CA ASP H 9 -22.56 40.91 -11.84
C ASP H 9 -23.52 40.24 -10.86
N ARG H 10 -23.07 39.97 -9.63
CA ARG H 10 -23.91 39.37 -8.59
C ARG H 10 -24.28 37.93 -8.94
N ILE H 11 -23.37 37.22 -9.59
CA ILE H 11 -23.53 35.80 -9.91
C ILE H 11 -22.61 35.00 -8.99
N ILE H 12 -23.18 33.98 -8.36
CA ILE H 12 -22.44 33.00 -7.57
C ILE H 12 -22.61 31.65 -8.24
N MET H 13 -21.51 30.91 -8.42
CA MET H 13 -21.56 29.56 -8.96
C MET H 13 -21.42 28.55 -7.83
N LEU H 14 -22.40 27.65 -7.72
CA LEU H 14 -22.32 26.49 -6.82
C LEU H 14 -22.19 25.26 -7.70
N GLY H 15 -20.95 24.85 -7.96
CA GLY H 15 -20.70 23.79 -8.91
C GLY H 15 -20.02 22.55 -8.34
N SER H 16 -20.28 22.21 -7.09
CA SER H 16 -19.56 21.09 -6.49
C SER H 16 -20.36 20.51 -5.33
N GLN H 17 -19.84 19.40 -4.78
CA GLN H 17 -20.33 18.87 -3.53
C GLN H 17 -20.37 19.97 -2.48
N ILE H 18 -21.40 19.95 -1.66
CA ILE H 18 -21.63 20.97 -0.64
C ILE H 18 -20.96 20.43 0.62
N ASP H 19 -19.77 20.91 0.94
CA ASP H 19 -19.17 20.66 2.24
C ASP H 19 -18.99 21.98 2.97
N ASP H 20 -18.36 21.88 4.14
CA ASP H 20 -18.15 23.04 4.99
C ASP H 20 -17.34 24.13 4.28
N ASN H 21 -16.30 23.76 3.53
CA ASN H 21 -15.53 24.76 2.80
C ASN H 21 -16.40 25.46 1.76
N VAL H 22 -17.17 24.68 1.00
CA VAL H 22 -18.00 25.26 -0.05
C VAL H 22 -19.10 26.10 0.58
N ALA H 23 -19.75 25.60 1.63
CA ALA H 23 -20.75 26.40 2.30
C ALA H 23 -20.17 27.71 2.81
N ASN H 24 -18.94 27.67 3.36
CA ASN H 24 -18.35 28.90 3.87
C ASN H 24 -18.04 29.88 2.75
N SER H 25 -17.58 29.39 1.61
CA SER H 25 -17.39 30.26 0.45
C SER H 25 -18.72 30.88 0.00
N ILE H 26 -19.77 30.06 -0.15
CA ILE H 26 -21.05 30.58 -0.66
C ILE H 26 -21.63 31.60 0.33
N VAL H 27 -21.58 31.30 1.63
CA VAL H 27 -22.12 32.24 2.60
C VAL H 27 -21.37 33.55 2.53
N SER H 28 -20.05 33.50 2.36
CA SER H 28 -19.27 34.72 2.36
C SER H 28 -19.61 35.59 1.15
N GLN H 29 -19.79 34.95 -0.01
CA GLN H 29 -20.19 35.66 -1.22
C GLN H 29 -21.58 36.30 -1.08
N LEU H 30 -22.54 35.58 -0.51
CA LEU H 30 -23.85 36.17 -0.23
C LEU H 30 -23.72 37.38 0.71
N LEU H 31 -22.98 37.22 1.82
CA LEU H 31 -22.81 38.32 2.76
C LEU H 31 -22.17 39.52 2.07
N PHE H 32 -21.18 39.25 1.22
CA PHE H 32 -20.48 40.30 0.46
C PHE H 32 -21.41 41.02 -0.51
N LEU H 33 -22.20 40.26 -1.30
CA LEU H 33 -23.07 40.91 -2.29
C LEU H 33 -24.11 41.76 -1.59
N GLN H 34 -24.60 41.29 -0.45
CA GLN H 34 -25.50 42.11 0.35
C GLN H 34 -24.81 43.36 0.86
N ALA H 35 -23.60 43.22 1.41
CA ALA H 35 -22.90 44.41 1.88
C ALA H 35 -22.69 45.41 0.76
N GLN H 36 -22.59 44.94 -0.47
CA GLN H 36 -22.41 45.82 -1.61
C GLN H 36 -23.72 46.45 -2.07
N ASP H 37 -24.85 45.79 -1.83
CA ASP H 37 -26.12 46.32 -2.28
C ASP H 37 -27.21 45.41 -1.73
N SER H 38 -28.06 45.92 -0.86
CA SER H 38 -29.03 45.08 -0.18
C SER H 38 -30.33 44.93 -0.94
N GLU H 39 -30.46 45.52 -2.14
CA GLU H 39 -31.73 45.52 -2.85
C GLU H 39 -31.71 44.75 -4.16
N LYS H 40 -30.63 44.87 -4.95
CA LYS H 40 -30.51 44.15 -6.22
C LYS H 40 -30.48 42.64 -6.00
N ASP H 41 -31.00 41.91 -6.98
CA ASP H 41 -31.08 40.46 -6.90
C ASP H 41 -29.69 39.84 -6.93
N ILE H 42 -29.64 38.60 -6.46
CA ILE H 42 -28.48 37.72 -6.56
C ILE H 42 -28.89 36.52 -7.38
N TYR H 43 -27.98 36.03 -8.22
CA TYR H 43 -28.22 34.86 -9.06
C TYR H 43 -27.29 33.72 -8.65
N LEU H 44 -27.89 32.60 -8.26
CA LEU H 44 -27.16 31.46 -7.72
C LEU H 44 -27.38 30.27 -8.65
N TYR H 45 -26.34 29.97 -9.43
CA TYR H 45 -26.34 28.79 -10.29
C TYR H 45 -25.99 27.55 -9.48
N ILE H 46 -26.65 26.46 -9.78
CA ILE H 46 -26.50 25.24 -9.00
C ILE H 46 -26.24 24.10 -9.98
N ASN H 47 -25.09 23.43 -9.82
CA ASN H 47 -24.72 22.18 -10.50
C ASN H 47 -23.97 21.38 -9.44
N SER H 48 -24.71 20.54 -8.72
CA SER H 48 -24.14 20.00 -7.54
C SER H 48 -24.80 18.68 -7.23
N PRO H 49 -24.01 17.66 -6.87
CA PRO H 49 -24.57 16.36 -6.51
C PRO H 49 -25.08 16.29 -5.08
N GLY H 50 -24.93 17.35 -4.28
CA GLY H 50 -25.42 17.35 -2.92
C GLY H 50 -24.30 17.51 -1.91
N GLY H 51 -24.52 17.09 -0.68
CA GLY H 51 -23.52 17.04 0.36
C GLY H 51 -24.15 17.19 1.73
N SER H 52 -23.37 17.76 2.63
CA SER H 52 -23.70 17.80 4.05
C SER H 52 -24.98 18.56 4.34
N VAL H 53 -25.80 18.01 5.23
CA VAL H 53 -27.01 18.71 5.69
C VAL H 53 -26.66 20.02 6.39
N THR H 54 -25.77 19.98 7.40
CA THR H 54 -25.48 21.20 8.15
C THR H 54 -24.82 22.25 7.25
N ALA H 55 -23.95 21.80 6.33
CA ALA H 55 -23.37 22.75 5.38
C ALA H 55 -24.44 23.32 4.45
N GLY H 56 -25.38 22.49 4.01
CA GLY H 56 -26.50 23.02 3.26
C GLY H 56 -27.34 23.99 4.05
N PHE H 57 -27.59 23.69 5.34
CA PHE H 57 -28.37 24.61 6.15
C PHE H 57 -27.67 25.95 6.38
N ALA H 58 -26.33 25.98 6.44
CA ALA H 58 -25.63 27.27 6.49
C ALA H 58 -25.95 28.14 5.28
N ILE H 59 -26.02 27.54 4.09
CA ILE H 59 -26.37 28.28 2.87
C ILE H 59 -27.84 28.65 2.86
N TYR H 60 -28.71 27.67 3.13
CA TYR H 60 -30.14 27.90 3.18
C TYR H 60 -30.49 29.06 4.10
N ASP H 61 -30.05 28.98 5.36
CA ASP H 61 -30.42 30.03 6.30
C ASP H 61 -29.89 31.38 5.85
N THR H 62 -28.69 31.39 5.26
CA THR H 62 -28.15 32.66 4.81
C THR H 62 -28.95 33.22 3.64
N ILE H 63 -29.40 32.35 2.72
CA ILE H 63 -30.29 32.80 1.67
C ILE H 63 -31.56 33.42 2.28
N GLN H 64 -32.22 32.71 3.20
CA GLN H 64 -33.44 33.27 3.78
C GLN H 64 -33.15 34.57 4.53
N HIS H 65 -31.94 34.72 5.08
CA HIS H 65 -31.70 35.82 6.00
C HIS H 65 -31.47 37.17 5.31
N ILE H 66 -30.68 37.21 4.24
CA ILE H 66 -30.31 38.49 3.64
C ILE H 66 -31.53 39.13 2.98
N LYS H 67 -31.43 40.44 2.73
CA LYS H 67 -32.58 41.15 2.14
C LYS H 67 -32.74 40.88 0.66
N PRO H 68 -31.68 40.87 -0.17
CA PRO H 68 -31.85 40.62 -1.60
C PRO H 68 -32.52 39.29 -1.88
N ASP H 69 -33.43 39.31 -2.84
CA ASP H 69 -33.87 38.08 -3.47
C ASP H 69 -32.68 37.31 -4.01
N VAL H 70 -32.70 36.00 -3.81
CA VAL H 70 -31.70 35.12 -4.39
C VAL H 70 -32.40 34.24 -5.39
N GLN H 71 -32.08 34.41 -6.68
CA GLN H 71 -32.58 33.55 -7.75
C GLN H 71 -31.73 32.29 -7.83
N THR H 72 -32.37 31.16 -8.12
CA THR H 72 -31.66 29.89 -8.24
C THR H 72 -31.87 29.34 -9.64
N ILE H 73 -30.79 28.93 -10.29
CA ILE H 73 -30.83 28.41 -11.65
C ILE H 73 -30.08 27.09 -11.69
N CYS H 74 -30.80 26.00 -11.90
CA CYS H 74 -30.17 24.69 -11.99
C CYS H 74 -29.66 24.47 -13.42
N ILE H 75 -28.35 24.24 -13.56
CA ILE H 75 -27.76 23.74 -14.79
C ILE H 75 -27.15 22.36 -14.49
N GLY H 76 -27.34 21.43 -15.42
CA GLY H 76 -26.79 20.10 -15.26
C GLY H 76 -27.60 19.27 -14.30
N MET H 77 -27.32 19.40 -13.00
CA MET H 77 -27.98 18.56 -12.01
C MET H 77 -28.09 19.30 -10.68
N ALA H 78 -29.23 19.18 -10.02
CA ALA H 78 -29.36 19.57 -8.62
C ALA H 78 -29.92 18.35 -7.92
N ALA H 79 -29.04 17.66 -7.20
CA ALA H 79 -29.41 16.45 -6.48
C ALA H 79 -29.29 16.69 -4.99
N SER H 80 -30.16 16.02 -4.23
CA SER H 80 -30.00 15.91 -2.77
C SER H 80 -29.98 17.33 -2.19
N MET H 81 -28.95 17.69 -1.40
CA MET H 81 -28.88 19.04 -0.86
C MET H 81 -28.86 20.10 -1.94
N GLY H 82 -28.38 19.76 -3.15
CA GLY H 82 -28.43 20.70 -4.25
C GLY H 82 -29.86 21.06 -4.65
N SER H 83 -30.76 20.08 -4.67
CA SER H 83 -32.14 20.41 -5.03
C SER H 83 -32.86 21.10 -3.88
N PHE H 84 -32.45 20.84 -2.64
CA PHE H 84 -32.98 21.58 -1.50
C PHE H 84 -32.66 23.07 -1.63
N LEU H 85 -31.41 23.39 -2.01
CA LEU H 85 -31.03 24.79 -2.18
C LEU H 85 -31.67 25.40 -3.43
N LEU H 86 -31.87 24.61 -4.49
CA LEU H 86 -32.63 25.09 -5.64
C LEU H 86 -34.02 25.55 -5.20
N ALA H 87 -34.73 24.69 -4.45
CA ALA H 87 -36.06 25.00 -3.94
C ALA H 87 -36.07 26.20 -3.00
N ALA H 88 -34.91 26.65 -2.53
CA ALA H 88 -34.85 27.68 -1.52
C ALA H 88 -34.76 29.09 -2.11
N GLY H 89 -34.63 29.23 -3.43
CA GLY H 89 -34.62 30.56 -4.01
C GLY H 89 -35.93 31.29 -3.79
N ALA H 90 -35.89 32.61 -4.00
CA ALA H 90 -37.09 33.42 -3.87
C ALA H 90 -38.19 32.87 -4.77
N LYS H 91 -39.42 32.80 -4.24
CA LYS H 91 -40.51 32.20 -4.99
C LYS H 91 -40.82 33.05 -6.23
N GLY H 92 -41.06 32.38 -7.34
CA GLY H 92 -41.12 33.04 -8.64
C GLY H 92 -39.78 33.24 -9.31
N LYS H 93 -38.68 32.87 -8.69
CA LYS H 93 -37.37 33.07 -9.26
C LYS H 93 -36.52 31.81 -9.10
N ARG H 94 -37.16 30.66 -9.21
CA ARG H 94 -36.47 29.38 -9.12
C ARG H 94 -36.56 28.72 -10.48
N PHE H 95 -35.42 28.49 -11.13
CA PHE H 95 -35.39 28.12 -12.53
C PHE H 95 -34.58 26.84 -12.77
N ALA H 96 -34.85 26.21 -13.91
CA ALA H 96 -33.97 25.17 -14.42
C ALA H 96 -33.84 25.31 -15.93
N LEU H 97 -32.62 25.09 -16.44
CA LEU H 97 -32.42 24.94 -17.87
C LEU H 97 -33.12 23.67 -18.35
N PRO H 98 -33.49 23.60 -19.64
CA PRO H 98 -34.48 22.59 -20.07
C PRO H 98 -34.00 21.14 -19.98
N ASN H 99 -32.72 20.86 -20.04
CA ASN H 99 -32.25 19.48 -19.90
C ASN H 99 -31.62 19.20 -18.53
N ALA H 100 -31.65 20.16 -17.62
CA ALA H 100 -31.13 19.94 -16.29
C ALA H 100 -31.95 18.84 -15.61
N GLU H 101 -31.31 18.16 -14.66
CA GLU H 101 -31.86 17.03 -13.91
C GLU H 101 -31.96 17.42 -12.43
N VAL H 102 -33.05 17.02 -11.77
CA VAL H 102 -33.26 17.31 -10.34
C VAL H 102 -33.52 16.00 -9.64
N MET H 103 -32.86 15.79 -8.51
CA MET H 103 -33.07 14.55 -7.79
C MET H 103 -33.29 14.83 -6.31
N ILE H 104 -34.26 14.13 -5.72
CA ILE H 104 -34.52 14.21 -4.29
C ILE H 104 -34.48 12.81 -3.71
N HIS H 105 -34.06 12.73 -2.44
CA HIS H 105 -33.99 11.47 -1.71
C HIS H 105 -33.76 11.77 -0.23
N GLN H 106 -33.89 10.75 0.58
CA GLN H 106 -33.85 10.93 2.01
C GLN H 106 -32.40 10.98 2.48
N PRO H 107 -32.15 11.50 3.69
CA PRO H 107 -30.76 11.69 4.12
C PRO H 107 -30.05 10.37 4.41
N LEU H 108 -28.74 10.38 4.25
CA LEU H 108 -27.90 9.22 4.53
C LEU H 108 -26.93 9.56 5.65
N GLY H 109 -26.57 8.55 6.43
CA GLY H 109 -25.59 8.75 7.47
C GLY H 109 -24.90 7.47 7.90
N GLY H 110 -24.37 7.51 9.09
CA GLY H 110 -23.63 6.38 9.59
C GLY H 110 -23.49 6.51 11.09
N ALA H 111 -23.28 5.37 11.74
CA ALA H 111 -23.33 5.29 13.19
C ALA H 111 -22.53 4.07 13.63
N GLN H 112 -21.71 4.24 14.66
CA GLN H 112 -20.93 3.15 15.24
C GLN H 112 -20.81 3.37 16.73
N GLY H 113 -20.66 2.28 17.45
CA GLY H 113 -20.45 2.39 18.87
C GLY H 113 -21.47 1.57 19.64
N GLN H 114 -21.66 1.95 20.90
CA GLN H 114 -22.55 1.24 21.78
C GLN H 114 -23.99 1.38 21.32
N ALA H 115 -24.84 0.42 21.72
CA ALA H 115 -26.27 0.51 21.42
C ALA H 115 -26.84 1.90 21.73
N THR H 116 -26.46 2.52 22.86
CA THR H 116 -27.10 3.82 23.14
C THR H 116 -26.55 4.92 22.24
N GLU H 117 -25.29 4.80 21.80
CA GLU H 117 -24.77 5.72 20.78
C GLU H 117 -25.48 5.56 19.45
N ILE H 118 -25.74 4.31 19.04
CA ILE H 118 -26.44 4.13 17.76
C ILE H 118 -27.85 4.70 17.84
N GLU H 119 -28.49 4.55 19.00
CA GLU H 119 -29.83 5.13 19.19
C GLU H 119 -29.79 6.65 19.07
N ILE H 120 -28.80 7.30 19.68
CA ILE H 120 -28.72 8.76 19.64
C ILE H 120 -28.52 9.24 18.20
N ALA H 121 -27.57 8.63 17.49
CA ALA H 121 -27.36 8.96 16.08
C ALA H 121 -28.61 8.72 15.25
N ALA H 122 -29.29 7.59 15.47
CA ALA H 122 -30.50 7.26 14.73
C ALA H 122 -31.59 8.29 14.97
N ASN H 123 -31.86 8.59 16.26
CA ASN H 123 -32.84 9.61 16.61
C ASN H 123 -32.49 10.94 15.97
N HIS H 124 -31.20 11.29 15.94
CA HIS H 124 -30.82 12.57 15.38
C HIS H 124 -31.08 12.63 13.86
N ILE H 125 -30.83 11.54 13.12
CA ILE H 125 -31.02 11.67 11.68
C ILE H 125 -32.51 11.59 11.31
N LEU H 126 -33.30 10.79 12.04
CA LEU H 126 -34.75 10.85 11.91
C LEU H 126 -35.29 12.28 12.12
N LYS H 127 -34.88 12.93 13.21
CA LYS H 127 -35.36 14.28 13.45
C LYS H 127 -34.88 15.25 12.38
N THR H 128 -33.67 15.03 11.86
CA THR H 128 -33.18 15.85 10.75
C THR H 128 -34.02 15.62 9.49
N ARG H 129 -34.43 14.38 9.24
CA ARG H 129 -35.29 14.09 8.09
C ARG H 129 -36.68 14.74 8.23
N GLU H 130 -37.30 14.69 9.43
CA GLU H 130 -38.59 15.34 9.58
C GLU H 130 -38.49 16.83 9.32
N LYS H 131 -37.41 17.45 9.79
CA LYS H 131 -37.20 18.88 9.53
C LYS H 131 -37.00 19.17 8.03
N LEU H 132 -36.22 18.34 7.33
CA LEU H 132 -36.00 18.58 5.90
C LEU H 132 -37.31 18.43 5.12
N ASN H 133 -38.05 17.37 5.43
CA ASN H 133 -39.37 17.14 4.82
C ASN H 133 -40.32 18.30 5.07
N ARG H 134 -40.34 18.81 6.31
CA ARG H 134 -41.23 19.92 6.60
C ARG H 134 -40.83 21.16 5.82
N ILE H 135 -39.53 21.49 5.76
CA ILE H 135 -39.13 22.66 5.01
C ILE H 135 -39.36 22.48 3.50
N LEU H 136 -39.01 21.32 2.93
CA LEU H 136 -39.23 21.16 1.49
C LEU H 136 -40.73 21.18 1.16
N SER H 137 -41.54 20.56 2.02
CA SER H 137 -43.00 20.66 1.92
C SER H 137 -43.50 22.10 1.78
N GLU H 138 -42.95 23.01 2.58
CA GLU H 138 -43.37 24.41 2.52
C GLU H 138 -42.83 25.13 1.30
N ARG H 139 -41.71 24.68 0.76
CA ARG H 139 -41.10 25.31 -0.40
C ARG H 139 -41.78 24.91 -1.70
N THR H 140 -42.45 23.76 -1.68
CA THR H 140 -43.01 23.15 -2.86
C THR H 140 -44.52 23.16 -2.90
N GLY H 141 -45.20 23.30 -1.76
CA GLY H 141 -46.64 23.19 -1.75
C GLY H 141 -47.15 21.76 -1.66
N GLN H 142 -46.30 20.80 -1.31
CA GLN H 142 -46.71 19.41 -1.14
C GLN H 142 -46.99 19.13 0.32
N SER H 143 -47.68 18.03 0.59
CA SER H 143 -47.80 17.60 1.98
C SER H 143 -46.48 17.01 2.46
N ILE H 144 -46.34 16.94 3.78
CA ILE H 144 -45.18 16.28 4.38
C ILE H 144 -45.12 14.81 3.95
N GLU H 145 -46.25 14.11 4.03
CA GLU H 145 -46.25 12.68 3.75
C GLU H 145 -45.87 12.40 2.29
N LYS H 146 -46.18 13.31 1.36
CA LYS H 146 -45.78 13.11 -0.01
C LYS H 146 -44.27 13.27 -0.18
N ILE H 147 -43.68 14.34 0.40
CA ILE H 147 -42.22 14.44 0.45
C ILE H 147 -41.63 13.15 0.98
N GLN H 148 -42.19 12.65 2.09
CA GLN H 148 -41.64 11.46 2.75
C GLN H 148 -41.66 10.25 1.81
N LYS H 149 -42.79 10.01 1.16
CA LYS H 149 -42.89 8.83 0.29
C LYS H 149 -42.04 8.99 -0.96
N ASP H 150 -41.98 10.20 -1.51
CA ASP H 150 -41.28 10.45 -2.76
C ASP H 150 -39.76 10.43 -2.60
N THR H 151 -39.24 10.48 -1.38
CA THR H 151 -37.80 10.48 -1.16
C THR H 151 -37.33 9.19 -0.49
N ASP H 152 -38.22 8.21 -0.35
CA ASP H 152 -37.82 6.96 0.25
C ASP H 152 -36.64 6.33 -0.48
N ARG H 153 -36.65 6.41 -1.82
CA ARG H 153 -35.51 6.06 -2.67
C ARG H 153 -35.24 7.23 -3.61
N ASP H 154 -34.12 7.14 -4.34
CA ASP H 154 -33.74 8.22 -5.25
C ASP H 154 -34.87 8.53 -6.24
N ASN H 155 -35.17 9.81 -6.45
CA ASN H 155 -36.30 10.22 -7.29
C ASN H 155 -35.79 11.26 -8.27
N PHE H 156 -35.58 10.84 -9.52
CA PHE H 156 -35.04 11.70 -10.58
C PHE H 156 -36.19 12.42 -11.29
N LEU H 157 -36.05 13.72 -11.49
CA LEU H 157 -37.11 14.52 -12.10
C LEU H 157 -36.54 15.34 -13.26
N THR H 158 -37.31 15.45 -14.36
CA THR H 158 -36.96 16.42 -15.39
C THR H 158 -37.22 17.83 -14.87
N ALA H 159 -36.68 18.81 -15.60
CA ALA H 159 -36.94 20.20 -15.29
C ALA H 159 -38.44 20.47 -15.21
N GLU H 160 -39.19 19.97 -16.19
CA GLU H 160 -40.62 20.16 -16.22
C GLU H 160 -41.29 19.42 -15.07
N GLU H 161 -40.83 18.19 -14.76
CA GLU H 161 -41.36 17.50 -13.60
C GLU H 161 -41.03 18.24 -12.30
N ALA H 162 -39.84 18.87 -12.20
CA ALA H 162 -39.52 19.69 -11.03
C ALA H 162 -40.48 20.87 -10.89
N LYS H 163 -40.88 21.45 -12.03
CA LYS H 163 -41.84 22.56 -12.00
C LYS H 163 -43.22 22.11 -11.54
N GLU H 164 -43.69 20.95 -12.00
CA GLU H 164 -44.98 20.48 -11.52
C GLU H 164 -44.91 20.09 -10.06
N TYR H 165 -43.74 19.63 -9.62
CA TYR H 165 -43.56 19.31 -8.22
C TYR H 165 -43.56 20.56 -7.35
N GLY H 166 -43.15 21.69 -7.89
CA GLY H 166 -43.04 22.90 -7.11
C GLY H 166 -41.63 23.19 -6.61
N LEU H 167 -40.63 22.45 -7.09
CA LEU H 167 -39.24 22.73 -6.75
C LEU H 167 -38.71 23.94 -7.49
N ILE H 168 -39.18 24.18 -8.72
CA ILE H 168 -38.85 25.40 -9.46
C ILE H 168 -40.13 26.05 -9.92
N ASP H 169 -40.03 27.32 -10.33
CA ASP H 169 -41.17 28.03 -10.88
C ASP H 169 -41.26 27.96 -12.40
N GLU H 170 -40.14 27.98 -13.13
CA GLU H 170 -40.14 28.04 -14.59
C GLU H 170 -38.98 27.24 -15.17
N VAL H 171 -39.22 26.62 -16.31
CA VAL H 171 -38.14 26.12 -17.14
C VAL H 171 -37.64 27.29 -17.99
N MET H 172 -36.36 27.56 -17.93
CA MET H 172 -35.80 28.70 -18.66
C MET H 172 -35.65 28.36 -20.14
N VAL H 173 -36.30 29.16 -20.99
CA VAL H 173 -36.24 29.02 -22.45
C VAL H 173 -35.15 29.90 -23.01
N PRO H 174 -34.61 29.57 -24.19
CA PRO H 174 -33.48 30.35 -24.77
C PRO H 174 -33.85 31.70 -25.40
N GLU H 175 -32.94 32.24 -26.23
CA GLU H 175 -32.97 33.57 -26.84
C GLU H 175 -32.87 34.69 -25.78
N THR H 176 -32.65 34.34 -24.51
CA THR H 176 -32.46 35.37 -23.48
C THR H 176 -31.25 34.99 -22.63
N LYS H 177 -30.58 35.99 -22.07
CA LYS H 177 -29.39 35.79 -21.21
C LYS H 177 -29.60 34.81 -20.03
N ASP I 1 -3.88 34.14 -21.17
CA ASP I 1 -2.71 33.89 -20.33
C ASP I 1 -2.42 32.41 -20.04
N ILE I 2 -2.36 31.55 -21.06
CA ILE I 2 -2.53 31.89 -22.47
C ILE I 2 -4.04 31.85 -22.83
N TYR I 3 -4.83 31.15 -22.01
CA TYR I 3 -6.26 31.03 -22.28
C TYR I 3 -7.00 32.33 -22.04
N SER I 4 -6.54 33.15 -21.09
CA SER I 4 -7.17 34.44 -20.87
C SER I 4 -6.99 35.37 -22.06
N ARG I 5 -5.83 35.35 -22.70
CA ARG I 5 -5.64 36.19 -23.89
C ARG I 5 -6.59 35.76 -25.00
N LEU I 6 -6.71 34.45 -25.23
CA LEU I 6 -7.62 33.94 -26.26
C LEU I 6 -9.07 34.16 -25.89
N LEU I 7 -9.38 34.28 -24.60
CA LEU I 7 -10.75 34.58 -24.22
C LEU I 7 -11.14 35.99 -24.67
N LYS I 8 -10.17 36.90 -24.81
CA LYS I 8 -10.47 38.25 -25.27
C LYS I 8 -10.86 38.27 -26.74
N ASP I 9 -10.45 37.27 -27.52
CA ASP I 9 -10.97 37.03 -28.86
C ASP I 9 -12.16 36.09 -28.85
N ARG I 10 -12.85 35.99 -27.71
CA ARG I 10 -14.07 35.18 -27.56
C ARG I 10 -13.83 33.70 -27.91
N ILE I 11 -12.64 33.20 -27.57
CA ILE I 11 -12.29 31.81 -27.76
C ILE I 11 -12.28 31.08 -26.41
N ILE I 12 -12.90 29.91 -26.39
CA ILE I 12 -12.91 29.04 -25.22
C ILE I 12 -12.29 27.70 -25.62
N MET I 13 -11.41 27.17 -24.80
CA MET I 13 -10.70 25.93 -25.12
C MET I 13 -11.21 24.81 -24.22
N LEU I 14 -11.89 23.83 -24.80
CA LEU I 14 -12.35 22.64 -24.09
C LEU I 14 -11.44 21.48 -24.49
N GLY I 15 -10.45 21.18 -23.64
CA GLY I 15 -9.46 20.18 -23.96
C GLY I 15 -9.19 19.15 -22.87
N SER I 16 -10.25 18.59 -22.30
CA SER I 16 -10.09 17.57 -21.29
C SER I 16 -11.41 16.84 -21.15
N GLN I 17 -11.40 15.80 -20.32
CA GLN I 17 -12.62 15.19 -19.83
C GLN I 17 -13.58 16.26 -19.31
N ILE I 18 -14.87 16.03 -19.50
CA ILE I 18 -15.89 16.97 -19.08
C ILE I 18 -16.40 16.49 -17.73
N ASP I 19 -15.97 17.13 -16.66
CA ASP I 19 -16.58 16.87 -15.37
C ASP I 19 -17.20 18.16 -14.85
N ASP I 20 -17.65 18.11 -13.59
CA ASP I 20 -18.35 19.26 -13.02
C ASP I 20 -17.47 20.50 -12.99
N ASN I 21 -16.18 20.35 -12.59
CA ASN I 21 -15.30 21.50 -12.53
C ASN I 21 -15.08 22.11 -13.90
N VAL I 22 -14.90 21.27 -14.92
CA VAL I 22 -14.70 21.77 -16.27
C VAL I 22 -15.98 22.43 -16.79
N ALA I 23 -17.13 21.82 -16.51
CA ALA I 23 -18.39 22.42 -16.93
C ALA I 23 -18.58 23.81 -16.30
N ASN I 24 -18.26 23.96 -15.01
CA ASN I 24 -18.45 25.26 -14.37
C ASN I 24 -17.58 26.31 -15.03
N SER I 25 -16.34 25.94 -15.34
CA SER I 25 -15.45 26.86 -16.03
C SER I 25 -15.99 27.24 -17.41
N ILE I 26 -16.40 26.25 -18.21
CA ILE I 26 -16.95 26.56 -19.54
C ILE I 26 -18.22 27.41 -19.43
N VAL I 27 -19.18 26.98 -18.61
CA VAL I 27 -20.40 27.78 -18.41
C VAL I 27 -20.04 29.21 -18.01
N SER I 28 -19.14 29.37 -17.02
CA SER I 28 -18.76 30.71 -16.59
C SER I 28 -18.20 31.54 -17.73
N GLN I 29 -17.31 30.96 -18.53
CA GLN I 29 -16.73 31.69 -19.65
C GLN I 29 -17.80 32.11 -20.65
N LEU I 30 -18.74 31.20 -20.96
CA LEU I 30 -19.87 31.56 -21.82
C LEU I 30 -20.68 32.71 -21.22
N LEU I 31 -21.04 32.60 -19.94
CA LEU I 31 -21.77 33.68 -19.29
C LEU I 31 -21.00 35.00 -19.35
N PHE I 32 -19.68 34.92 -19.16
CA PHE I 32 -18.86 36.11 -19.16
C PHE I 32 -18.81 36.77 -20.55
N LEU I 33 -18.65 35.97 -21.60
CA LEU I 33 -18.51 36.54 -22.93
C LEU I 33 -19.83 37.15 -23.41
N GLN I 34 -20.95 36.53 -23.06
CA GLN I 34 -22.24 37.16 -23.33
C GLN I 34 -22.38 38.50 -22.61
N ALA I 35 -21.97 38.55 -21.34
CA ALA I 35 -22.05 39.79 -20.59
C ALA I 35 -21.26 40.89 -21.28
N GLN I 36 -20.10 40.56 -21.84
CA GLN I 36 -19.27 41.56 -22.51
C GLN I 36 -19.89 42.02 -23.82
N ASP I 37 -20.57 41.14 -24.53
CA ASP I 37 -21.13 41.46 -25.83
C ASP I 37 -22.09 40.35 -26.20
N SER I 38 -23.40 40.64 -26.27
CA SER I 38 -24.38 39.60 -26.52
C SER I 38 -24.59 39.30 -28.00
N GLU I 39 -23.87 39.94 -28.91
CA GLU I 39 -24.09 39.75 -30.36
C GLU I 39 -22.97 38.98 -31.06
N LYS I 40 -21.71 39.25 -30.76
CA LYS I 40 -20.62 38.61 -31.49
C LYS I 40 -20.52 37.12 -31.15
N ASP I 41 -20.27 36.31 -32.18
CA ASP I 41 -20.09 34.86 -32.07
C ASP I 41 -19.07 34.47 -31.00
N ILE I 42 -19.17 33.23 -30.50
CA ILE I 42 -18.16 32.66 -29.61
C ILE I 42 -17.56 31.45 -30.29
N TYR I 43 -16.28 31.17 -29.99
CA TYR I 43 -15.54 30.06 -30.59
C TYR I 43 -15.14 29.06 -29.51
N LEU I 44 -15.75 27.89 -29.54
CA LEU I 44 -15.47 26.82 -28.59
C LEU I 44 -14.70 25.72 -29.31
N TYR I 45 -13.41 25.57 -28.97
CA TYR I 45 -12.63 24.46 -29.50
C TYR I 45 -12.81 23.26 -28.61
N ILE I 46 -12.96 22.09 -29.22
CA ILE I 46 -13.33 20.88 -28.52
C ILE I 46 -12.29 19.83 -28.84
N ASN I 47 -11.55 19.41 -27.81
CA ASN I 47 -10.69 18.24 -27.88
C ASN I 47 -10.96 17.52 -26.55
N SER I 48 -11.95 16.65 -26.56
CA SER I 48 -12.42 16.06 -25.34
C SER I 48 -12.75 14.60 -25.61
N PRO I 49 -12.37 13.72 -24.69
CA PRO I 49 -12.80 12.32 -24.75
C PRO I 49 -14.18 12.08 -24.17
N GLY I 50 -14.89 13.12 -23.71
CA GLY I 50 -16.21 12.91 -23.14
C GLY I 50 -16.28 13.18 -21.64
N GLY I 51 -17.20 12.53 -20.95
CA GLY I 51 -17.30 12.74 -19.52
C GLY I 51 -18.75 12.66 -19.06
N SER I 52 -19.01 13.32 -17.93
CA SER I 52 -20.28 13.21 -17.24
C SER I 52 -21.43 13.76 -18.09
N VAL I 53 -22.54 13.02 -18.12
CA VAL I 53 -23.69 13.48 -18.88
C VAL I 53 -24.27 14.77 -18.32
N THR I 54 -24.41 14.87 -16.99
CA THR I 54 -25.00 16.10 -16.45
C THR I 54 -24.06 17.28 -16.60
N ALA I 55 -22.75 17.07 -16.38
CA ALA I 55 -21.81 18.15 -16.66
C ALA I 55 -21.94 18.60 -18.12
N GLY I 56 -21.95 17.65 -19.06
CA GLY I 56 -22.16 18.00 -20.46
C GLY I 56 -23.43 18.81 -20.69
N PHE I 57 -24.52 18.45 -20.00
CA PHE I 57 -25.78 19.17 -20.24
C PHE I 57 -25.75 20.59 -19.69
N ALA I 58 -25.02 20.83 -18.58
CA ALA I 58 -24.80 22.19 -18.11
C ALA I 58 -24.18 23.05 -19.22
N ILE I 59 -23.21 22.50 -19.95
CA ILE I 59 -22.59 23.24 -21.04
C ILE I 59 -23.56 23.36 -22.21
N TYR I 60 -24.18 22.24 -22.61
CA TYR I 60 -25.11 22.23 -23.74
C TYR I 60 -26.18 23.30 -23.60
N ASP I 61 -26.87 23.31 -22.46
CA ASP I 61 -28.01 24.20 -22.30
C ASP I 61 -27.56 25.66 -22.22
N THR I 62 -26.39 25.91 -21.65
CA THR I 62 -25.85 27.26 -21.66
C THR I 62 -25.54 27.73 -23.08
N ILE I 63 -25.05 26.83 -23.93
CA ILE I 63 -24.84 27.19 -25.32
C ILE I 63 -26.17 27.58 -25.97
N GLN I 64 -27.19 26.75 -25.79
CA GLN I 64 -28.49 27.09 -26.37
C GLN I 64 -29.06 28.35 -25.75
N HIS I 65 -28.78 28.61 -24.47
CA HIS I 65 -29.47 29.69 -23.80
C HIS I 65 -28.98 31.07 -24.23
N ILE I 66 -27.68 31.26 -24.40
CA ILE I 66 -27.17 32.62 -24.53
C ILE I 66 -27.51 33.19 -25.91
N LYS I 67 -27.46 34.53 -26.01
CA LYS I 67 -27.77 35.17 -27.29
C LYS I 67 -26.76 34.84 -28.36
N PRO I 68 -25.45 34.96 -28.12
CA PRO I 68 -24.49 34.79 -29.23
C PRO I 68 -24.57 33.40 -29.84
N ASP I 69 -24.27 33.34 -31.13
CA ASP I 69 -23.91 32.09 -31.76
C ASP I 69 -22.64 31.52 -31.12
N VAL I 70 -22.62 30.21 -30.97
CA VAL I 70 -21.46 29.49 -30.46
C VAL I 70 -21.00 28.56 -31.57
N GLN I 71 -19.88 28.89 -32.21
CA GLN I 71 -19.27 27.98 -33.17
C GLN I 71 -18.49 26.91 -32.43
N THR I 72 -18.63 25.66 -32.87
CA THR I 72 -17.86 24.54 -32.35
C THR I 72 -16.86 24.10 -33.41
N ILE I 73 -15.61 23.91 -32.99
CA ILE I 73 -14.52 23.49 -33.87
C ILE I 73 -13.86 22.27 -33.24
N CYS I 74 -13.99 21.13 -33.88
CA CYS I 74 -13.37 19.91 -33.38
C CYS I 74 -11.92 19.83 -33.83
N ILE I 75 -10.99 19.83 -32.87
CA ILE I 75 -9.58 19.54 -33.12
C ILE I 75 -9.22 18.28 -32.34
N GLY I 76 -8.57 17.34 -33.01
CA GLY I 76 -8.12 16.12 -32.38
C GLY I 76 -9.19 15.06 -32.23
N MET I 77 -10.02 15.16 -31.20
CA MET I 77 -11.00 14.11 -30.90
C MET I 77 -12.19 14.72 -30.19
N ALA I 78 -13.40 14.50 -30.73
CA ALA I 78 -14.64 14.75 -30.01
C ALA I 78 -15.31 13.39 -29.85
N ALA I 79 -15.20 12.83 -28.65
CA ALA I 79 -15.77 11.53 -28.32
C ALA I 79 -16.90 11.69 -27.29
N SER I 80 -17.93 10.88 -27.44
CA SER I 80 -18.94 10.73 -26.40
C SER I 80 -19.58 12.09 -26.13
N MET I 81 -19.59 12.59 -24.90
CA MET I 81 -20.15 13.91 -24.65
C MET I 81 -19.42 14.98 -25.48
N GLY I 82 -18.14 14.77 -25.81
CA GLY I 82 -17.45 15.72 -26.66
C GLY I 82 -18.16 15.92 -27.98
N SER I 83 -18.53 14.82 -28.65
CA SER I 83 -19.21 14.90 -29.94
C SER I 83 -20.63 15.44 -29.80
N PHE I 84 -21.24 15.22 -28.64
CA PHE I 84 -22.55 15.80 -28.38
C PHE I 84 -22.46 17.32 -28.33
N LEU I 85 -21.42 17.84 -27.69
CA LEU I 85 -21.25 19.29 -27.64
C LEU I 85 -20.82 19.83 -28.99
N LEU I 86 -20.12 19.01 -29.80
CA LEU I 86 -19.79 19.41 -31.16
C LEU I 86 -21.07 19.68 -31.95
N ALA I 87 -22.02 18.73 -31.92
CA ALA I 87 -23.29 18.93 -32.60
C ALA I 87 -24.09 20.08 -32.01
N ALA I 88 -23.73 20.57 -30.83
CA ALA I 88 -24.54 21.59 -30.19
C ALA I 88 -24.27 23.00 -30.71
N GLY I 89 -23.22 23.21 -31.48
CA GLY I 89 -22.92 24.54 -31.99
C GLY I 89 -24.00 25.05 -32.93
N ALA I 90 -24.01 26.37 -33.14
CA ALA I 90 -25.00 26.97 -34.02
C ALA I 90 -24.93 26.34 -35.41
N LYS I 91 -26.10 25.99 -35.96
CA LYS I 91 -26.11 25.26 -37.22
C LYS I 91 -25.52 26.10 -38.34
N GLY I 92 -24.69 25.47 -39.15
CA GLY I 92 -23.88 26.18 -40.11
C GLY I 92 -22.50 26.55 -39.59
N LYS I 93 -22.23 26.43 -38.30
CA LYS I 93 -20.97 26.87 -37.72
C LYS I 93 -20.38 25.79 -36.83
N ARG I 94 -20.56 24.53 -37.24
CA ARG I 94 -20.02 23.36 -36.56
C ARG I 94 -18.96 22.76 -37.46
N PHE I 95 -17.72 22.76 -36.99
CA PHE I 95 -16.56 22.42 -37.81
C PHE I 95 -15.73 21.32 -37.15
N ALA I 96 -14.93 20.67 -37.99
CA ALA I 96 -13.85 19.77 -37.60
C ALA I 96 -12.65 20.04 -38.49
N LEU I 97 -11.45 19.92 -37.93
CA LEU I 97 -10.25 19.96 -38.75
C LEU I 97 -10.08 18.64 -39.48
N PRO I 98 -9.33 18.64 -40.58
CA PRO I 98 -9.41 17.51 -41.53
C PRO I 98 -9.13 16.14 -40.92
N ASN I 99 -8.23 16.06 -39.94
CA ASN I 99 -7.83 14.78 -39.36
C ASN I 99 -8.43 14.55 -37.98
N ALA I 100 -9.30 15.45 -37.51
CA ALA I 100 -9.95 15.24 -36.22
C ALA I 100 -10.80 13.98 -36.26
N GLU I 101 -11.00 13.38 -35.09
CA GLU I 101 -11.79 12.16 -34.90
C GLU I 101 -13.09 12.49 -34.17
N VAL I 102 -14.19 11.87 -34.58
CA VAL I 102 -15.47 11.98 -33.87
C VAL I 102 -15.93 10.59 -33.47
N MET I 103 -16.35 10.44 -32.21
CA MET I 103 -16.84 9.14 -31.77
C MET I 103 -18.18 9.31 -31.05
N ILE I 104 -19.12 8.43 -31.38
CA ILE I 104 -20.42 8.37 -30.71
C ILE I 104 -20.61 6.95 -30.16
N HIS I 105 -21.29 6.88 -29.02
CA HIS I 105 -21.63 5.62 -28.38
C HIS I 105 -22.66 5.91 -27.29
N GLN I 106 -23.31 4.85 -26.81
CA GLN I 106 -24.34 5.00 -25.79
C GLN I 106 -23.74 5.30 -24.42
N PRO I 107 -24.54 5.81 -23.49
CA PRO I 107 -24.00 6.13 -22.16
C PRO I 107 -23.65 4.87 -21.36
N LEU I 108 -22.73 5.05 -20.42
CA LEU I 108 -22.27 4.02 -19.51
C LEU I 108 -22.53 4.45 -18.08
N GLY I 109 -22.64 3.48 -17.18
CA GLY I 109 -22.90 3.82 -15.81
C GLY I 109 -22.66 2.62 -14.91
N GLY I 110 -23.12 2.77 -13.68
CA GLY I 110 -22.95 1.71 -12.71
C GLY I 110 -24.05 1.85 -11.68
N ALA I 111 -24.37 0.72 -11.03
CA ALA I 111 -25.39 0.65 -10.01
C ALA I 111 -25.02 -0.46 -9.04
N GLN I 112 -25.26 -0.20 -7.75
CA GLN I 112 -25.05 -1.20 -6.70
C GLN I 112 -26.11 -1.01 -5.61
N GLY I 113 -26.53 -2.11 -4.98
CA GLY I 113 -27.44 -2.06 -3.86
C GLY I 113 -28.57 -3.07 -4.02
N GLN I 114 -29.70 -2.78 -3.38
CA GLN I 114 -30.85 -3.67 -3.45
C GLN I 114 -31.40 -3.73 -4.89
N ALA I 115 -32.11 -4.82 -5.18
CA ALA I 115 -32.74 -4.94 -6.50
C ALA I 115 -33.54 -3.68 -6.88
N THR I 116 -34.33 -3.11 -5.95
CA THR I 116 -35.11 -1.94 -6.35
C THR I 116 -34.21 -0.74 -6.62
N GLU I 117 -33.04 -0.64 -5.96
CA GLU I 117 -32.10 0.44 -6.26
C GLU I 117 -31.53 0.26 -7.66
N ILE I 118 -31.15 -0.98 -7.99
CA ILE I 118 -30.63 -1.26 -9.33
C ILE I 118 -31.67 -0.98 -10.40
N GLU I 119 -32.95 -1.28 -10.12
CA GLU I 119 -33.97 -0.97 -11.10
C GLU I 119 -34.09 0.54 -11.31
N ILE I 120 -34.02 1.31 -10.21
CA ILE I 120 -34.12 2.77 -10.33
C ILE I 120 -32.97 3.32 -11.15
N ALA I 121 -31.75 2.82 -10.92
CA ALA I 121 -30.61 3.30 -11.69
C ALA I 121 -30.72 2.91 -13.17
N ALA I 122 -31.22 1.70 -13.45
CA ALA I 122 -31.35 1.30 -14.85
C ALA I 122 -32.38 2.18 -15.58
N ASN I 123 -33.54 2.42 -14.96
CA ASN I 123 -34.56 3.24 -15.59
C ASN I 123 -34.06 4.66 -15.84
N HIS I 124 -33.29 5.19 -14.89
CA HIS I 124 -32.76 6.54 -15.06
C HIS I 124 -31.77 6.62 -16.24
N ILE I 125 -30.90 5.61 -16.42
CA ILE I 125 -29.93 5.74 -17.50
C ILE I 125 -30.58 5.39 -18.86
N LEU I 126 -31.58 4.52 -18.86
CA LEU I 126 -32.34 4.29 -20.10
C LEU I 126 -33.07 5.55 -20.53
N LYS I 127 -33.72 6.24 -19.57
CA LYS I 127 -34.38 7.51 -19.87
C LYS I 127 -33.37 8.54 -20.37
N THR I 128 -32.22 8.59 -19.72
CA THR I 128 -31.16 9.47 -20.18
C THR I 128 -30.72 9.13 -21.60
N ARG I 129 -30.61 7.83 -21.92
CA ARG I 129 -30.26 7.49 -23.30
C ARG I 129 -31.30 8.02 -24.29
N GLU I 130 -32.59 7.83 -24.01
CA GLU I 130 -33.63 8.34 -24.91
C GLU I 130 -33.59 9.86 -25.02
N LYS I 131 -33.26 10.56 -23.93
CA LYS I 131 -33.13 12.00 -24.04
C LYS I 131 -31.98 12.38 -24.97
N LEU I 132 -30.86 11.67 -24.87
CA LEU I 132 -29.68 12.03 -25.68
C LEU I 132 -29.93 11.70 -27.16
N ASN I 133 -30.50 10.52 -27.43
CA ASN I 133 -30.89 10.18 -28.80
C ASN I 133 -31.86 11.22 -29.38
N ARG I 134 -32.84 11.65 -28.59
CA ARG I 134 -33.80 12.58 -29.16
C ARG I 134 -33.14 13.90 -29.51
N ILE I 135 -32.22 14.36 -28.69
CA ILE I 135 -31.52 15.61 -28.99
C ILE I 135 -30.56 15.43 -30.17
N LEU I 136 -29.80 14.33 -30.19
CA LEU I 136 -28.86 14.19 -31.29
C LEU I 136 -29.61 14.12 -32.62
N SER I 137 -30.84 13.60 -32.59
CA SER I 137 -31.73 13.53 -33.74
C SER I 137 -32.10 14.92 -34.27
N GLU I 138 -32.47 15.82 -33.38
CA GLU I 138 -32.80 17.17 -33.80
C GLU I 138 -31.56 17.89 -34.31
N ARG I 139 -30.40 17.50 -33.82
CA ARG I 139 -29.18 18.22 -34.14
C ARG I 139 -28.57 17.76 -35.45
N THR I 140 -28.85 16.52 -35.85
CA THR I 140 -28.24 15.88 -37.00
C THR I 140 -29.18 15.60 -38.16
N GLY I 141 -30.49 15.51 -37.92
CA GLY I 141 -31.39 15.04 -38.97
C GLY I 141 -31.49 13.53 -39.11
N GLN I 142 -30.75 12.76 -38.31
CA GLN I 142 -30.98 11.32 -38.34
C GLN I 142 -32.18 10.94 -37.47
N SER I 143 -32.80 9.81 -37.80
CA SER I 143 -33.85 9.27 -36.95
C SER I 143 -33.28 8.69 -35.64
N ILE I 144 -34.17 8.62 -34.64
CA ILE I 144 -33.81 8.13 -33.31
C ILE I 144 -33.39 6.68 -33.36
N GLU I 145 -34.10 5.89 -34.14
CA GLU I 145 -33.76 4.49 -34.34
C GLU I 145 -32.38 4.34 -34.95
N LYS I 146 -32.01 5.25 -35.85
CA LYS I 146 -30.69 5.15 -36.46
C LYS I 146 -29.62 5.51 -35.44
N ILE I 147 -29.83 6.60 -34.69
CA ILE I 147 -28.94 6.92 -33.57
C ILE I 147 -28.84 5.74 -32.61
N GLN I 148 -29.99 5.20 -32.22
CA GLN I 148 -30.01 4.06 -31.30
C GLN I 148 -29.12 2.93 -31.82
N LYS I 149 -29.28 2.55 -33.10
CA LYS I 149 -28.51 1.45 -33.65
C LYS I 149 -27.03 1.82 -33.79
N ASP I 150 -26.74 3.03 -34.23
CA ASP I 150 -25.37 3.44 -34.49
C ASP I 150 -24.55 3.69 -33.23
N THR I 151 -25.19 3.79 -32.05
CA THR I 151 -24.47 4.04 -30.81
C THR I 151 -24.46 2.81 -29.92
N ASP I 152 -24.93 1.68 -30.39
CA ASP I 152 -24.94 0.50 -29.54
C ASP I 152 -23.51 0.15 -29.07
N ARG I 153 -22.52 0.36 -29.94
CA ARG I 153 -21.10 0.23 -29.59
C ARG I 153 -20.36 1.44 -30.15
N ASP I 154 -19.09 1.56 -29.75
CA ASP I 154 -18.28 2.72 -30.13
C ASP I 154 -18.24 2.85 -31.63
N ASN I 155 -18.48 4.06 -32.12
CA ASN I 155 -18.64 4.33 -33.53
C ASN I 155 -17.71 5.50 -33.86
N PHE I 156 -16.58 5.18 -34.49
CA PHE I 156 -15.57 6.18 -34.85
C PHE I 156 -15.84 6.75 -36.23
N LEU I 157 -15.80 8.06 -36.34
CA LEU I 157 -16.09 8.70 -37.62
C LEU I 157 -14.95 9.64 -37.96
N THR I 158 -14.55 9.63 -39.23
CA THR I 158 -13.68 10.68 -39.74
C THR I 158 -14.45 11.99 -39.79
N ALA I 159 -13.71 13.09 -39.99
CA ALA I 159 -14.38 14.39 -40.09
C ALA I 159 -15.36 14.42 -41.25
N GLU I 160 -15.00 13.80 -42.38
CA GLU I 160 -15.90 13.81 -43.51
C GLU I 160 -17.16 13.00 -43.20
N GLU I 161 -17.01 11.83 -42.57
CA GLU I 161 -18.20 11.07 -42.21
C GLU I 161 -19.06 11.78 -41.18
N ALA I 162 -18.45 12.53 -40.25
CA ALA I 162 -19.25 13.33 -39.31
C ALA I 162 -20.03 14.41 -40.02
N LYS I 163 -19.49 14.95 -41.11
CA LYS I 163 -20.27 15.86 -41.94
C LYS I 163 -21.45 15.15 -42.59
N GLU I 164 -21.20 14.00 -43.22
CA GLU I 164 -22.28 13.22 -43.84
C GLU I 164 -23.34 12.82 -42.82
N TYR I 165 -22.97 12.73 -41.54
CA TYR I 165 -23.88 12.26 -40.51
C TYR I 165 -24.73 13.39 -39.94
N GLY I 166 -24.25 14.64 -40.00
CA GLY I 166 -24.97 15.76 -39.45
C GLY I 166 -24.42 16.28 -38.14
N LEU I 167 -23.31 15.71 -37.64
CA LEU I 167 -22.70 16.24 -36.42
C LEU I 167 -22.01 17.57 -36.67
N ILE I 168 -21.43 17.76 -37.85
CA ILE I 168 -20.83 19.04 -38.21
C ILE I 168 -21.34 19.46 -39.57
N ASP I 169 -21.04 20.73 -39.90
CA ASP I 169 -21.47 21.35 -41.15
C ASP I 169 -20.38 21.38 -42.20
N GLU I 170 -19.13 21.63 -41.81
CA GLU I 170 -18.01 21.76 -42.74
C GLU I 170 -16.75 21.18 -42.12
N VAL I 171 -15.95 20.52 -42.96
CA VAL I 171 -14.56 20.25 -42.62
C VAL I 171 -13.76 21.51 -42.91
N MET I 172 -12.95 21.93 -41.96
CA MET I 172 -12.23 23.17 -42.11
C MET I 172 -10.98 22.97 -42.96
N VAL I 173 -10.82 23.79 -43.99
CA VAL I 173 -9.69 23.75 -44.91
C VAL I 173 -8.66 24.81 -44.51
N PRO I 174 -7.39 24.62 -44.89
CA PRO I 174 -6.35 25.60 -44.53
C PRO I 174 -6.36 26.92 -45.33
N GLU I 175 -5.26 27.67 -45.23
CA GLU I 175 -5.06 29.02 -45.79
C GLU I 175 -6.03 30.04 -45.18
N THR I 176 -6.66 29.70 -44.05
CA THR I 176 -7.46 30.67 -43.32
C THR I 176 -7.22 30.45 -41.82
N LYS I 177 -7.47 31.49 -41.02
CA LYS I 177 -7.38 31.39 -39.55
C LYS I 177 -8.47 30.47 -38.99
N ASP J 1 9.10 34.16 -19.82
CA ASP J 1 9.03 33.82 -18.39
C ASP J 1 9.00 32.32 -18.09
N ILE J 2 10.02 31.57 -18.50
CA ILE J 2 11.05 31.99 -19.48
C ILE J 2 10.38 31.79 -20.84
N TYR J 3 9.45 30.83 -20.86
CA TYR J 3 8.74 30.50 -22.09
C TYR J 3 7.94 31.70 -22.59
N SER J 4 7.42 32.53 -21.68
CA SER J 4 6.65 33.71 -22.07
C SER J 4 7.51 34.70 -22.87
N ARG J 5 8.77 34.90 -22.47
CA ARG J 5 9.60 35.84 -23.20
C ARG J 5 10.05 35.26 -24.53
N LEU J 6 10.25 33.94 -24.58
CA LEU J 6 10.46 33.30 -25.88
C LEU J 6 9.22 33.38 -26.74
N LEU J 7 8.02 33.35 -26.12
CA LEU J 7 6.80 33.51 -26.91
C LEU J 7 6.82 34.82 -27.69
N LYS J 8 7.31 35.89 -27.06
CA LYS J 8 7.36 37.18 -27.74
C LYS J 8 8.19 37.10 -29.02
N ASP J 9 9.16 36.18 -29.07
CA ASP J 9 9.95 35.92 -30.25
C ASP J 9 9.33 34.86 -31.16
N ARG J 10 8.05 34.54 -30.96
CA ARG J 10 7.34 33.55 -31.76
C ARG J 10 7.99 32.16 -31.68
N ILE J 11 8.59 31.86 -30.53
CA ILE J 11 9.20 30.57 -30.27
C ILE J 11 8.25 29.78 -29.36
N ILE J 12 7.93 28.55 -29.75
CA ILE J 12 7.12 27.66 -28.91
C ILE J 12 7.96 26.43 -28.59
N MET J 13 7.99 26.06 -27.30
CA MET J 13 8.74 24.91 -26.81
C MET J 13 7.79 23.73 -26.60
N LEU J 14 8.06 22.62 -27.30
CA LEU J 14 7.36 21.36 -27.07
C LEU J 14 8.39 20.40 -26.50
N GLY J 15 8.42 20.26 -25.17
CA GLY J 15 9.44 19.45 -24.53
C GLY J 15 8.97 18.36 -23.56
N SER J 16 7.89 17.66 -23.89
CA SER J 16 7.35 16.63 -22.99
C SER J 16 6.53 15.64 -23.80
N GLN J 17 5.99 14.64 -23.11
CA GLN J 17 4.98 13.80 -23.71
C GLN J 17 3.84 14.66 -24.25
N ILE J 18 3.17 14.18 -25.30
CA ILE J 18 2.08 14.88 -25.92
C ILE J 18 0.79 14.22 -25.43
N ASP J 19 0.11 14.89 -24.52
CA ASP J 19 -1.23 14.51 -24.08
C ASP J 19 -2.18 15.66 -24.41
N ASP J 20 -3.42 15.55 -23.94
CA ASP J 20 -4.42 16.57 -24.24
C ASP J 20 -4.04 17.92 -23.65
N ASN J 21 -3.49 17.94 -22.43
CA ASN J 21 -3.11 19.20 -21.81
C ASN J 21 -2.01 19.88 -22.62
N VAL J 22 -0.93 19.16 -22.88
CA VAL J 22 0.14 19.66 -23.75
C VAL J 22 -0.40 20.14 -25.09
N ALA J 23 -1.25 19.33 -25.74
CA ALA J 23 -1.78 19.74 -27.05
C ALA J 23 -2.58 21.03 -26.93
N ASN J 24 -3.45 21.11 -25.91
CA ASN J 24 -4.25 22.33 -25.71
C ASN J 24 -3.35 23.56 -25.53
N SER J 25 -2.26 23.41 -24.78
CA SER J 25 -1.31 24.51 -24.62
C SER J 25 -0.66 24.91 -25.95
N ILE J 26 -0.22 23.94 -26.77
CA ILE J 26 0.47 24.25 -28.02
C ILE J 26 -0.49 24.84 -29.07
N VAL J 27 -1.72 24.32 -29.14
CA VAL J 27 -2.70 24.91 -30.06
C VAL J 27 -2.96 26.37 -29.68
N SER J 28 -3.15 26.62 -28.39
CA SER J 28 -3.43 27.97 -27.92
C SER J 28 -2.32 28.94 -28.31
N GLN J 29 -1.06 28.58 -28.03
CA GLN J 29 0.08 29.43 -28.39
C GLN J 29 0.13 29.69 -29.88
N LEU J 30 -0.12 28.65 -30.69
CA LEU J 30 -0.20 28.80 -32.14
C LEU J 30 -1.30 29.78 -32.54
N LEU J 31 -2.53 29.52 -32.07
CA LEU J 31 -3.65 30.44 -32.25
C LEU J 31 -3.29 31.86 -31.83
N PHE J 32 -2.72 31.99 -30.62
CA PHE J 32 -2.31 33.29 -30.10
C PHE J 32 -1.35 34.01 -31.04
N LEU J 33 -0.34 33.30 -31.53
CA LEU J 33 0.69 33.96 -32.32
C LEU J 33 0.16 34.38 -33.68
N GLN J 34 -0.73 33.58 -34.27
CA GLN J 34 -1.38 33.99 -35.50
C GLN J 34 -2.19 35.27 -35.30
N ALA J 35 -2.90 35.36 -34.18
CA ALA J 35 -3.68 36.57 -33.92
C ALA J 35 -2.79 37.80 -33.83
N GLN J 36 -1.63 37.65 -33.18
CA GLN J 36 -0.67 38.74 -33.08
C GLN J 36 -0.11 39.15 -34.43
N ASP J 37 0.16 38.20 -35.31
CA ASP J 37 0.75 38.51 -36.62
C ASP J 37 0.60 37.29 -37.50
N SER J 38 -0.17 37.42 -38.58
CA SER J 38 -0.48 36.29 -39.44
C SER J 38 0.56 36.04 -40.51
N GLU J 39 1.57 36.91 -40.64
CA GLU J 39 2.58 36.73 -41.68
C GLU J 39 3.90 36.18 -41.15
N LYS J 40 4.30 36.52 -39.93
CA LYS J 40 5.63 36.18 -39.44
C LYS J 40 5.71 34.72 -39.04
N ASP J 41 6.81 34.07 -39.43
CA ASP J 41 7.09 32.68 -39.09
C ASP J 41 6.96 32.42 -37.59
N ILE J 42 6.66 31.16 -37.26
CA ILE J 42 6.69 30.65 -35.89
C ILE J 42 7.76 29.57 -35.81
N TYR J 43 8.42 29.46 -34.66
CA TYR J 43 9.52 28.53 -34.44
C TYR J 43 9.10 27.53 -33.36
N LEU J 44 8.95 26.25 -33.76
CA LEU J 44 8.50 25.19 -32.85
C LEU J 44 9.65 24.23 -32.58
N TYR J 45 10.21 24.28 -31.37
CA TYR J 45 11.27 23.35 -30.97
C TYR J 45 10.65 22.08 -30.42
N ILE J 46 11.22 20.93 -30.79
CA ILE J 46 10.62 19.65 -30.47
C ILE J 46 11.65 18.78 -29.76
N ASN J 47 11.30 18.36 -28.55
CA ASN J 47 12.05 17.39 -27.75
C ASN J 47 10.95 16.61 -27.06
N SER J 48 10.54 15.52 -27.67
CA SER J 48 9.40 14.84 -27.14
C SER J 48 9.57 13.36 -27.43
N PRO J 49 9.25 12.51 -26.46
CA PRO J 49 9.21 11.07 -26.72
C PRO J 49 7.92 10.60 -27.34
N GLY J 50 7.04 11.52 -27.71
CA GLY J 50 5.80 11.18 -28.34
C GLY J 50 4.61 11.42 -27.43
N GLY J 51 3.50 10.78 -27.78
CA GLY J 51 2.30 10.86 -26.98
C GLY J 51 1.08 10.40 -27.77
N SER J 52 -0.07 10.95 -27.38
CA SER J 52 -1.37 10.54 -27.90
C SER J 52 -1.55 10.93 -29.36
N VAL J 53 -2.11 10.02 -30.15
CA VAL J 53 -2.32 10.29 -31.57
C VAL J 53 -3.32 11.43 -31.76
N THR J 54 -4.45 11.42 -31.03
CA THR J 54 -5.45 12.47 -31.27
C THR J 54 -4.95 13.82 -30.78
N ALA J 55 -4.19 13.85 -29.68
CA ALA J 55 -3.61 15.11 -29.23
C ALA J 55 -2.55 15.60 -30.22
N GLY J 56 -1.76 14.69 -30.78
CA GLY J 56 -0.85 15.07 -31.84
C GLY J 56 -1.57 15.65 -33.06
N PHE J 57 -2.66 15.02 -33.47
CA PHE J 57 -3.40 15.54 -34.61
C PHE J 57 -3.99 16.91 -34.34
N ALA J 58 -4.36 17.19 -33.09
CA ALA J 58 -4.80 18.53 -32.74
C ALA J 58 -3.71 19.56 -33.02
N ILE J 59 -2.46 19.23 -32.69
CA ILE J 59 -1.34 20.11 -33.03
C ILE J 59 -1.10 20.12 -34.54
N TYR J 60 -1.11 18.94 -35.16
CA TYR J 60 -0.84 18.83 -36.60
C TYR J 60 -1.78 19.68 -37.43
N ASP J 61 -3.09 19.44 -37.30
CA ASP J 61 -4.06 20.18 -38.07
C ASP J 61 -4.03 21.68 -37.75
N THR J 62 -3.69 22.05 -36.51
CA THR J 62 -3.59 23.47 -36.21
C THR J 62 -2.38 24.08 -36.91
N ILE J 63 -1.27 23.34 -37.00
CA ILE J 63 -0.08 23.83 -37.72
C ILE J 63 -0.40 24.07 -39.18
N GLN J 64 -1.04 23.08 -39.83
CA GLN J 64 -1.39 23.23 -41.25
C GLN J 64 -2.42 24.32 -41.47
N HIS J 65 -3.25 24.62 -40.47
CA HIS J 65 -4.40 25.47 -40.73
C HIS J 65 -4.05 26.96 -40.71
N ILE J 66 -3.16 27.37 -39.80
CA ILE J 66 -2.89 28.80 -39.65
C ILE J 66 -2.10 29.30 -40.85
N LYS J 67 -2.09 30.63 -41.03
CA LYS J 67 -1.31 31.21 -42.13
C LYS J 67 0.18 31.17 -41.90
N PRO J 68 0.72 31.55 -40.74
CA PRO J 68 2.19 31.58 -40.58
C PRO J 68 2.84 30.24 -40.90
N ASP J 69 4.00 30.29 -41.55
CA ASP J 69 4.85 29.11 -41.62
C ASP J 69 5.30 28.74 -40.22
N VAL J 70 5.26 27.44 -39.90
CA VAL J 70 5.74 26.93 -38.62
C VAL J 70 6.99 26.14 -38.91
N GLN J 71 8.13 26.67 -38.47
CA GLN J 71 9.39 25.95 -38.54
C GLN J 71 9.45 24.96 -37.39
N THR J 72 9.94 23.75 -37.68
CA THR J 72 10.10 22.72 -36.66
C THR J 72 11.58 22.46 -36.47
N ILE J 73 12.05 22.52 -35.23
CA ILE J 73 13.46 22.27 -34.92
C ILE J 73 13.55 21.18 -33.86
N CYS J 74 14.13 20.06 -34.22
CA CYS J 74 14.29 18.95 -33.29
C CYS J 74 15.58 19.15 -32.51
N ILE J 75 15.45 19.25 -31.19
CA ILE J 75 16.58 19.23 -30.28
C ILE J 75 16.41 18.02 -29.37
N GLY J 76 17.45 17.24 -29.23
CA GLY J 76 17.44 16.09 -28.37
C GLY J 76 16.81 14.89 -29.03
N MET J 77 15.48 14.81 -29.05
CA MET J 77 14.81 13.62 -29.53
C MET J 77 13.42 14.01 -30.04
N ALA J 78 13.05 13.46 -31.18
CA ALA J 78 11.67 13.57 -31.67
C ALA J 78 11.29 12.13 -31.98
N ALA J 79 10.55 11.50 -31.09
CA ALA J 79 10.16 10.12 -31.30
C ALA J 79 8.66 10.04 -31.48
N SER J 80 8.24 9.10 -32.35
CA SER J 80 6.85 8.70 -32.43
C SER J 80 6.03 9.92 -32.80
N MET J 81 5.05 10.33 -32.01
CA MET J 81 4.29 11.51 -32.41
C MET J 81 5.17 12.75 -32.45
N GLY J 82 6.29 12.77 -31.70
CA GLY J 82 7.24 13.86 -31.83
C GLY J 82 7.81 13.99 -33.23
N SER J 83 8.20 12.86 -33.84
CA SER J 83 8.77 12.95 -35.19
C SER J 83 7.70 13.20 -36.25
N PHE J 84 6.46 12.86 -35.96
CA PHE J 84 5.38 13.17 -36.90
C PHE J 84 5.15 14.67 -36.98
N LEU J 85 5.15 15.33 -35.81
CA LEU J 85 5.03 16.78 -35.78
C LEU J 85 6.27 17.46 -36.34
N LEU J 86 7.44 16.85 -36.16
CA LEU J 86 8.64 17.43 -36.77
C LEU J 86 8.47 17.48 -38.28
N ALA J 87 8.01 16.35 -38.87
CA ALA J 87 7.81 16.28 -40.32
C ALA J 87 6.70 17.21 -40.78
N ALA J 88 5.91 17.77 -39.85
CA ALA J 88 4.75 18.57 -40.20
C ALA J 88 5.08 20.04 -40.42
N GLY J 89 6.31 20.48 -40.13
CA GLY J 89 6.64 21.86 -40.35
C GLY J 89 6.61 22.22 -41.83
N ALA J 90 6.56 23.53 -42.09
CA ALA J 90 6.56 24.03 -43.45
C ALA J 90 7.74 23.45 -44.20
N LYS J 91 7.52 23.05 -45.45
CA LYS J 91 8.58 22.33 -46.15
C LYS J 91 9.74 23.29 -46.44
N GLY J 92 10.95 22.78 -46.26
CA GLY J 92 12.14 23.62 -46.30
C GLY J 92 12.47 24.32 -45.00
N LYS J 93 11.61 24.21 -43.98
CA LYS J 93 11.87 24.84 -42.69
C LYS J 93 11.81 23.81 -41.55
N ARG J 94 12.08 22.55 -41.87
CA ARG J 94 12.10 21.48 -40.88
C ARG J 94 13.55 21.12 -40.59
N PHE J 95 13.97 21.29 -39.34
CA PHE J 95 15.38 21.10 -38.99
C PHE J 95 15.58 20.08 -37.89
N ALA J 96 16.84 19.64 -37.77
CA ALA J 96 17.31 18.94 -36.60
C ALA J 96 18.72 19.43 -36.26
N LEU J 97 19.01 19.48 -34.97
CA LEU J 97 20.36 19.76 -34.52
C LEU J 97 21.23 18.55 -34.75
N PRO J 98 22.55 18.75 -34.91
CA PRO J 98 23.39 17.64 -35.41
C PRO J 98 23.31 16.36 -34.58
N ASN J 99 23.13 16.41 -33.26
CA ASN J 99 23.14 15.18 -32.48
C ASN J 99 21.75 14.77 -32.00
N ALA J 100 20.70 15.46 -32.47
CA ALA J 100 19.35 15.05 -32.15
C ALA J 100 19.03 13.69 -32.77
N GLU J 101 18.21 12.91 -32.07
CA GLU J 101 17.75 11.60 -32.54
C GLU J 101 16.32 11.72 -33.02
N VAL J 102 15.98 10.93 -34.04
CA VAL J 102 14.62 10.83 -34.52
C VAL J 102 14.23 9.36 -34.50
N MET J 103 12.99 9.07 -34.12
CA MET J 103 12.54 7.68 -34.11
C MET J 103 11.10 7.59 -34.60
N ILE J 104 10.83 6.55 -35.40
CA ILE J 104 9.51 6.29 -35.94
C ILE J 104 9.17 4.85 -35.63
N HIS J 105 7.89 4.59 -35.34
CA HIS J 105 7.40 3.24 -35.12
C HIS J 105 5.89 3.26 -35.28
N GLN J 106 5.31 2.08 -35.34
CA GLN J 106 3.88 2.02 -35.54
C GLN J 106 3.15 2.38 -34.25
N PRO J 107 1.85 2.70 -34.33
CA PRO J 107 1.10 3.07 -33.12
C PRO J 107 0.89 1.89 -32.16
N LEU J 108 0.73 2.21 -30.87
CA LEU J 108 0.47 1.23 -29.82
C LEU J 108 -0.86 1.54 -29.14
N GLY J 109 -1.50 0.50 -28.59
CA GLY J 109 -2.75 0.71 -27.91
C GLY J 109 -3.14 -0.47 -27.06
N GLY J 110 -4.41 -0.51 -26.71
CA GLY J 110 -4.92 -1.58 -25.88
C GLY J 110 -6.41 -1.70 -26.07
N ALA J 111 -6.94 -2.88 -25.77
CA ALA J 111 -8.36 -3.17 -25.91
C ALA J 111 -8.73 -4.24 -24.89
N GLN J 112 -9.88 -4.04 -24.25
CA GLN J 112 -10.39 -5.04 -23.32
C GLN J 112 -11.90 -5.09 -23.43
N GLY J 113 -12.46 -6.28 -23.28
CA GLY J 113 -13.91 -6.43 -23.30
C GLY J 113 -14.37 -7.61 -24.15
N GLN J 114 -15.59 -7.52 -24.66
CA GLN J 114 -16.12 -8.58 -25.51
C GLN J 114 -15.35 -8.70 -26.82
N ALA J 115 -15.42 -9.89 -27.40
CA ALA J 115 -14.84 -10.09 -28.74
C ALA J 115 -15.25 -8.96 -29.68
N THR J 116 -16.52 -8.52 -29.63
CA THR J 116 -16.97 -7.46 -30.54
C THR J 116 -16.24 -6.15 -30.30
N GLU J 117 -16.02 -5.81 -29.01
CA GLU J 117 -15.31 -4.58 -28.65
C GLU J 117 -13.84 -4.65 -29.04
N ILE J 118 -13.21 -5.80 -28.84
CA ILE J 118 -11.81 -5.93 -29.23
C ILE J 118 -11.68 -5.73 -30.73
N GLU J 119 -12.62 -6.30 -31.50
CA GLU J 119 -12.60 -6.12 -32.95
C GLU J 119 -12.74 -4.64 -33.33
N ILE J 120 -13.60 -3.91 -32.62
CA ILE J 120 -13.81 -2.49 -32.95
C ILE J 120 -12.55 -1.70 -32.66
N ALA J 121 -11.89 -1.97 -31.54
CA ALA J 121 -10.66 -1.28 -31.20
C ALA J 121 -9.54 -1.63 -32.17
N ALA J 122 -9.43 -2.90 -32.56
CA ALA J 122 -8.41 -3.29 -33.54
C ALA J 122 -8.65 -2.59 -34.86
N ASN J 123 -9.90 -2.59 -35.34
CA ASN J 123 -10.17 -1.96 -36.62
C ASN J 123 -9.82 -0.49 -36.56
N HIS J 124 -10.13 0.16 -35.44
CA HIS J 124 -9.84 1.59 -35.33
C HIS J 124 -8.33 1.85 -35.33
N ILE J 125 -7.55 1.05 -34.61
CA ILE J 125 -6.14 1.43 -34.53
C ILE J 125 -5.44 1.10 -35.84
N LEU J 126 -5.92 0.10 -36.58
CA LEU J 126 -5.41 -0.16 -37.92
C LEU J 126 -5.71 0.97 -38.88
N LYS J 127 -6.95 1.49 -38.89
CA LYS J 127 -7.27 2.60 -39.79
C LYS J 127 -6.44 3.82 -39.41
N THR J 128 -6.25 4.05 -38.11
CA THR J 128 -5.42 5.14 -37.65
C THR J 128 -4.00 4.98 -38.16
N ARG J 129 -3.48 3.74 -38.16
CA ARG J 129 -2.14 3.52 -38.68
C ARG J 129 -2.07 3.85 -40.17
N GLU J 130 -3.08 3.44 -40.95
CA GLU J 130 -3.09 3.76 -42.37
C GLU J 130 -3.18 5.27 -42.61
N LYS J 131 -3.94 5.97 -41.77
CA LYS J 131 -4.03 7.41 -41.92
C LYS J 131 -2.69 8.08 -41.66
N LEU J 132 -1.99 7.65 -40.59
CA LEU J 132 -0.68 8.18 -40.26
C LEU J 132 0.33 7.87 -41.37
N ASN J 133 0.36 6.61 -41.85
CA ASN J 133 1.24 6.26 -42.97
C ASN J 133 0.99 7.10 -44.20
N ARG J 134 -0.28 7.37 -44.52
CA ARG J 134 -0.56 8.15 -45.72
C ARG J 134 -0.05 9.57 -45.57
N ILE J 135 -0.27 10.18 -44.40
CA ILE J 135 0.19 11.55 -44.20
C ILE J 135 1.71 11.60 -44.16
N LEU J 136 2.35 10.60 -43.56
CA LEU J 136 3.81 10.66 -43.51
C LEU J 136 4.40 10.45 -44.91
N SER J 137 3.76 9.61 -45.72
CA SER J 137 4.13 9.47 -47.13
C SER J 137 4.14 10.82 -47.84
N GLU J 138 3.09 11.60 -47.63
CA GLU J 138 2.99 12.92 -48.25
C GLU J 138 4.06 13.87 -47.73
N ARG J 139 4.43 13.75 -46.44
CA ARG J 139 5.35 14.72 -45.86
C ARG J 139 6.80 14.43 -46.22
N THR J 140 7.13 13.17 -46.53
CA THR J 140 8.49 12.73 -46.76
C THR J 140 8.79 12.32 -48.18
N GLY J 141 7.78 12.03 -49.01
CA GLY J 141 8.05 11.45 -50.30
C GLY J 141 8.32 9.96 -50.28
N GLN J 142 8.31 9.31 -49.11
CA GLN J 142 8.44 7.85 -49.13
C GLN J 142 7.11 7.20 -49.42
N SER J 143 7.16 6.03 -50.02
CA SER J 143 5.90 5.34 -50.29
C SER J 143 5.28 4.80 -49.00
N ILE J 144 3.96 4.59 -49.06
CA ILE J 144 3.24 4.07 -47.91
C ILE J 144 3.76 2.69 -47.54
N GLU J 145 4.04 1.86 -48.54
CA GLU J 145 4.55 0.53 -48.31
C GLU J 145 5.89 0.55 -47.58
N LYS J 146 6.74 1.56 -47.86
CA LYS J 146 8.05 1.63 -47.22
C LYS J 146 7.93 2.13 -45.78
N ILE J 147 7.05 3.12 -45.56
CA ILE J 147 6.73 3.55 -44.19
C ILE J 147 6.17 2.40 -43.38
N GLN J 148 5.27 1.61 -43.96
CA GLN J 148 4.72 0.45 -43.25
C GLN J 148 5.84 -0.49 -42.79
N LYS J 149 6.78 -0.81 -43.68
CA LYS J 149 7.82 -1.76 -43.30
C LYS J 149 8.81 -1.14 -42.31
N ASP J 150 9.09 0.16 -42.46
CA ASP J 150 10.11 0.84 -41.67
C ASP J 150 9.64 1.20 -40.27
N THR J 151 8.34 1.16 -40.01
CA THR J 151 7.76 1.43 -38.70
C THR J 151 7.29 0.15 -38.02
N ASP J 152 7.54 -1.01 -38.61
CA ASP J 152 7.09 -2.25 -37.99
C ASP J 152 7.62 -2.38 -36.56
N ARG J 153 8.89 -2.05 -36.35
CA ARG J 153 9.45 -1.90 -35.01
C ARG J 153 10.18 -0.57 -34.91
N ASP J 154 10.58 -0.23 -33.68
CA ASP J 154 11.28 1.03 -33.42
C ASP J 154 12.45 1.22 -34.39
N ASN J 155 12.51 2.41 -34.98
CA ASN J 155 13.46 2.73 -36.05
C ASN J 155 14.12 4.06 -35.69
N PHE J 156 15.34 4.00 -35.14
CA PHE J 156 16.05 5.18 -34.67
C PHE J 156 16.87 5.74 -35.82
N LEU J 157 16.79 7.07 -36.04
CA LEU J 157 17.46 7.74 -37.15
C LEU J 157 18.30 8.90 -36.62
N THR J 158 19.56 9.00 -37.08
CA THR J 158 20.34 10.21 -36.85
C THR J 158 19.68 11.39 -37.57
N ALA J 159 20.17 12.59 -37.27
CA ALA J 159 19.73 13.80 -37.97
C ALA J 159 19.97 13.69 -39.46
N GLU J 160 21.16 13.23 -39.86
CA GLU J 160 21.45 13.04 -41.27
C GLU J 160 20.54 11.99 -41.90
N GLU J 161 20.31 10.87 -41.22
CA GLU J 161 19.38 9.87 -41.75
C GLU J 161 17.95 10.41 -41.83
N ALA J 162 17.58 11.32 -40.93
CA ALA J 162 16.23 11.88 -40.99
C ALA J 162 16.08 12.79 -42.19
N LYS J 163 17.14 13.51 -42.53
CA LYS J 163 17.15 14.33 -43.75
C LYS J 163 17.01 13.48 -45.02
N GLU J 164 17.78 12.39 -45.13
CA GLU J 164 17.67 11.52 -46.31
C GLU J 164 16.32 10.83 -46.37
N TYR J 165 15.69 10.58 -45.21
CA TYR J 165 14.37 10.00 -45.22
C TYR J 165 13.29 10.99 -45.64
N GLY J 166 13.52 12.29 -45.46
CA GLY J 166 12.52 13.29 -45.77
C GLY J 166 11.78 13.85 -44.58
N LEU J 167 12.10 13.37 -43.36
CA LEU J 167 11.46 13.93 -42.17
C LEU J 167 11.88 15.37 -41.93
N ILE J 168 13.10 15.74 -42.31
CA ILE J 168 13.54 17.12 -42.19
C ILE J 168 14.20 17.54 -43.51
N ASP J 169 14.42 18.84 -43.62
CA ASP J 169 15.04 19.42 -44.81
C ASP J 169 16.54 19.63 -44.64
N GLU J 170 17.00 20.09 -43.48
CA GLU J 170 18.42 20.31 -43.23
C GLU J 170 18.80 19.98 -41.79
N VAL J 171 20.07 19.62 -41.62
CA VAL J 171 20.71 19.58 -40.32
C VAL J 171 21.27 20.97 -40.03
N MET J 172 20.90 21.53 -38.88
CA MET J 172 21.29 22.89 -38.54
C MET J 172 22.73 22.94 -38.05
N VAL J 173 23.52 23.83 -38.65
CA VAL J 173 24.95 23.93 -38.33
C VAL J 173 25.16 25.09 -37.38
N PRO J 174 26.23 25.05 -36.57
CA PRO J 174 26.50 26.16 -35.64
C PRO J 174 26.93 27.48 -36.30
N GLU J 175 27.41 28.43 -35.49
CA GLU J 175 27.82 29.80 -35.87
C GLU J 175 26.63 30.67 -36.31
N THR J 176 25.41 30.15 -36.24
CA THR J 176 24.23 30.96 -36.53
C THR J 176 23.20 30.65 -35.43
N LYS J 177 22.48 31.66 -34.96
CA LYS J 177 21.50 31.43 -33.88
C LYS J 177 20.32 30.52 -34.28
N ASP K 1 15.81 36.04 -9.10
CA ASP K 1 14.72 35.77 -8.15
C ASP K 1 14.70 34.33 -7.63
N ILE K 2 15.83 33.79 -7.13
CA ILE K 2 17.17 34.38 -7.12
C ILE K 2 17.87 34.07 -8.45
N TYR K 3 17.38 33.01 -9.12
CA TYR K 3 17.95 32.63 -10.39
C TYR K 3 17.61 33.66 -11.47
N SER K 4 16.44 34.30 -11.37
CA SER K 4 16.10 35.35 -12.32
C SER K 4 17.08 36.51 -12.21
N ARG K 5 17.50 36.83 -11.00
CA ARG K 5 18.48 37.89 -10.83
C ARG K 5 19.83 37.49 -11.44
N LEU K 6 20.31 36.27 -11.14
CA LEU K 6 21.56 35.81 -11.77
C LEU K 6 21.43 35.78 -13.28
N LEU K 7 20.22 35.51 -13.81
CA LEU K 7 20.06 35.51 -15.25
C LEU K 7 20.38 36.86 -15.87
N LYS K 8 20.17 37.96 -15.14
CA LYS K 8 20.51 39.25 -15.75
C LYS K 8 22.01 39.39 -15.92
N ASP K 9 22.79 38.66 -15.12
CA ASP K 9 24.23 38.61 -15.30
C ASP K 9 24.64 37.49 -16.24
N ARG K 10 23.70 36.93 -17.01
CA ARG K 10 24.04 35.92 -18.01
C ARG K 10 24.60 34.64 -17.37
N ILE K 11 24.07 34.28 -16.21
CA ILE K 11 24.49 33.09 -15.48
C ILE K 11 23.32 32.11 -15.46
N ILE K 12 23.57 30.85 -15.81
CA ILE K 12 22.60 29.78 -15.70
C ILE K 12 23.11 28.76 -14.67
N MET K 13 22.21 28.33 -13.78
CA MET K 13 22.54 27.36 -12.73
C MET K 13 21.93 26.00 -13.08
N LEU K 14 22.77 25.03 -13.40
CA LEU K 14 22.32 23.66 -13.65
C LEU K 14 22.63 22.86 -12.42
N GLY K 15 21.62 22.65 -11.56
CA GLY K 15 21.91 22.05 -10.28
C GLY K 15 21.16 20.77 -9.92
N SER K 16 20.89 19.90 -10.88
CA SER K 16 20.09 18.71 -10.59
C SER K 16 20.29 17.66 -11.67
N GLN K 17 19.53 16.56 -11.55
CA GLN K 17 19.47 15.58 -12.64
C GLN K 17 18.99 16.26 -13.91
N ILE K 18 19.43 15.74 -15.03
CA ILE K 18 19.11 16.30 -16.32
C ILE K 18 17.99 15.43 -16.88
N ASP K 19 16.77 15.89 -16.75
CA ASP K 19 15.66 15.25 -17.44
C ASP K 19 15.17 16.22 -18.50
N ASP K 20 14.11 15.81 -19.20
CA ASP K 20 13.62 16.62 -20.31
C ASP K 20 13.16 18.01 -19.84
N ASN K 21 12.57 18.10 -18.64
CA ASN K 21 12.13 19.40 -18.13
C ASN K 21 13.32 20.32 -17.87
N VAL K 22 14.33 19.82 -17.16
CA VAL K 22 15.56 20.58 -16.93
C VAL K 22 16.16 21.04 -18.27
N ALA K 23 16.23 20.14 -19.24
CA ALA K 23 16.84 20.48 -20.52
C ALA K 23 16.09 21.61 -21.24
N ASN K 24 14.74 21.56 -21.26
CA ASN K 24 14.01 22.66 -21.91
C ASN K 24 14.24 23.97 -21.18
N SER K 25 14.34 23.92 -19.86
CA SER K 25 14.62 25.12 -19.09
C SER K 25 15.98 25.70 -19.46
N ILE K 26 17.04 24.87 -19.40
CA ILE K 26 18.37 25.35 -19.79
C ILE K 26 18.37 25.83 -21.25
N VAL K 27 17.76 25.06 -22.16
CA VAL K 27 17.75 25.47 -23.56
C VAL K 27 17.06 26.82 -23.72
N SER K 28 15.90 26.98 -23.07
CA SER K 28 15.17 28.24 -23.17
C SER K 28 16.00 29.41 -22.66
N GLN K 29 16.69 29.23 -21.51
CA GLN K 29 17.57 30.26 -20.96
C GLN K 29 18.73 30.59 -21.91
N LEU K 30 19.34 29.57 -22.50
CA LEU K 30 20.38 29.80 -23.52
C LEU K 30 19.85 30.64 -24.68
N LEU K 31 18.67 30.30 -25.20
CA LEU K 31 18.05 31.08 -26.28
C LEU K 31 17.70 32.49 -25.81
N PHE K 32 17.15 32.63 -24.61
CA PHE K 32 16.83 33.94 -24.09
C PHE K 32 18.04 34.85 -24.08
N LEU K 33 19.18 34.35 -23.58
CA LEU K 33 20.37 35.19 -23.42
C LEU K 33 20.96 35.59 -24.75
N GLN K 34 21.05 34.65 -25.69
CA GLN K 34 21.52 35.02 -27.02
C GLN K 34 20.63 36.08 -27.61
N ALA K 35 19.31 36.00 -27.35
CA ALA K 35 18.37 36.95 -27.93
C ALA K 35 18.57 38.33 -27.34
N GLN K 36 18.99 38.43 -26.08
CA GLN K 36 19.30 39.73 -25.51
C GLN K 36 20.68 40.23 -25.94
N ASP K 37 21.61 39.34 -26.22
CA ASP K 37 22.94 39.78 -26.60
C ASP K 37 23.69 38.58 -27.16
N SER K 38 23.95 38.60 -28.47
CA SER K 38 24.55 37.45 -29.12
C SER K 38 26.07 37.43 -29.04
N GLU K 39 26.70 38.39 -28.37
CA GLU K 39 28.16 38.46 -28.29
C GLU K 39 28.72 38.18 -26.90
N LYS K 40 28.06 38.64 -25.83
CA LYS K 40 28.60 38.47 -24.49
C LYS K 40 28.57 37.00 -24.07
N ASP K 41 29.62 36.57 -23.38
CA ASP K 41 29.68 35.21 -22.87
C ASP K 41 28.46 34.89 -21.97
N ILE K 42 28.17 33.60 -21.85
CA ILE K 42 27.21 33.02 -20.92
C ILE K 42 27.98 32.14 -19.93
N TYR K 43 27.51 32.09 -18.68
CA TYR K 43 28.19 31.31 -17.64
C TYR K 43 27.27 30.21 -17.13
N LEU K 44 27.66 28.95 -17.35
CA LEU K 44 26.84 27.79 -17.01
C LEU K 44 27.50 27.04 -15.87
N TYR K 45 26.92 27.16 -14.67
CA TYR K 45 27.40 26.39 -13.52
C TYR K 45 26.77 25.01 -13.55
N ILE K 46 27.57 23.98 -13.28
CA ILE K 46 27.09 22.61 -13.35
C ILE K 46 27.36 21.93 -12.03
N ASN K 47 26.28 21.51 -11.38
CA ASN K 47 26.33 20.65 -10.21
C ASN K 47 25.24 19.61 -10.48
N SER K 48 25.65 18.44 -10.97
CA SER K 48 24.67 17.53 -11.52
C SER K 48 25.21 16.11 -11.48
N PRO K 49 24.41 15.14 -11.02
CA PRO K 49 24.79 13.74 -11.11
C PRO K 49 24.52 13.12 -12.47
N GLY K 50 24.03 13.88 -13.44
CA GLY K 50 23.75 13.36 -14.75
C GLY K 50 22.26 13.29 -15.04
N GLY K 51 21.92 12.44 -16.00
CA GLY K 51 20.55 12.36 -16.47
C GLY K 51 20.48 11.78 -17.88
N SER K 52 19.33 12.01 -18.51
CA SER K 52 18.99 11.40 -19.79
C SER K 52 19.97 11.81 -20.90
N VAL K 53 20.33 10.85 -21.76
CA VAL K 53 21.26 11.16 -22.85
C VAL K 53 20.66 12.18 -23.82
N THR K 54 19.39 11.97 -24.23
CA THR K 54 18.80 12.88 -25.21
C THR K 54 18.51 14.25 -24.64
N ALA K 55 18.14 14.34 -23.36
CA ALA K 55 18.02 15.66 -22.75
C ALA K 55 19.38 16.34 -22.69
N GLY K 56 20.43 15.60 -22.32
CA GLY K 56 21.77 16.13 -22.38
C GLY K 56 22.12 16.69 -23.73
N PHE K 57 21.76 15.96 -24.79
CA PHE K 57 22.11 16.41 -26.13
C PHE K 57 21.33 17.66 -26.57
N ALA K 58 20.08 17.83 -26.10
CA ALA K 58 19.38 19.08 -26.34
C ALA K 58 20.20 20.26 -25.80
N ILE K 59 20.70 20.15 -24.56
CA ILE K 59 21.58 21.19 -24.01
C ILE K 59 22.87 21.29 -24.84
N TYR K 60 23.55 20.17 -25.06
CA TYR K 60 24.83 20.19 -25.76
C TYR K 60 24.73 20.92 -27.11
N ASP K 61 23.83 20.45 -27.98
CA ASP K 61 23.74 21.04 -29.31
C ASP K 61 23.34 22.52 -29.26
N THR K 62 22.56 22.92 -28.27
CA THR K 62 22.17 24.32 -28.16
C THR K 62 23.38 25.17 -27.76
N ILE K 63 24.21 24.65 -26.85
CA ILE K 63 25.45 25.34 -26.51
C ILE K 63 26.29 25.54 -27.76
N GLN K 64 26.47 24.48 -28.55
CA GLN K 64 27.31 24.61 -29.75
C GLN K 64 26.67 25.53 -30.78
N HIS K 65 25.34 25.64 -30.76
CA HIS K 65 24.65 26.31 -31.85
C HIS K 65 24.66 27.83 -31.74
N ILE K 66 24.53 28.35 -30.52
CA ILE K 66 24.38 29.79 -30.35
C ILE K 66 25.73 30.48 -30.56
N LYS K 67 25.66 31.78 -30.89
CA LYS K 67 26.87 32.56 -31.10
C LYS K 67 27.69 32.74 -29.82
N PRO K 68 27.10 33.10 -28.67
CA PRO K 68 27.92 33.33 -27.47
C PRO K 68 28.75 32.12 -27.08
N ASP K 69 29.96 32.38 -26.59
CA ASP K 69 30.68 31.38 -25.83
C ASP K 69 29.90 31.02 -24.57
N VAL K 70 29.86 29.74 -24.26
CA VAL K 70 29.29 29.27 -23.02
C VAL K 70 30.45 28.77 -22.16
N GLN K 71 30.72 29.50 -21.08
CA GLN K 71 31.66 29.03 -20.06
C GLN K 71 30.97 27.99 -19.19
N THR K 72 31.66 26.89 -18.90
CA THR K 72 31.15 25.88 -17.99
C THR K 72 31.98 25.87 -16.72
N ILE K 73 31.32 25.86 -15.56
CA ILE K 73 31.98 25.93 -14.26
C ILE K 73 31.43 24.80 -13.38
N CYS K 74 32.26 23.82 -13.08
CA CYS K 74 31.83 22.73 -12.22
C CYS K 74 32.03 23.11 -10.75
N ILE K 75 30.92 23.13 -9.99
CA ILE K 75 30.90 23.27 -8.54
C ILE K 75 30.32 21.98 -7.96
N GLY K 76 31.00 21.40 -6.99
CA GLY K 76 30.50 20.21 -6.33
C GLY K 76 30.73 18.95 -7.11
N MET K 77 29.86 18.63 -8.08
CA MET K 77 30.08 17.41 -8.83
C MET K 77 29.46 17.51 -10.22
N ALA K 78 30.23 17.09 -11.23
CA ALA K 78 29.73 16.83 -12.56
C ALA K 78 29.96 15.34 -12.86
N ALA K 79 28.90 14.56 -12.83
CA ALA K 79 28.99 13.14 -13.13
C ALA K 79 28.23 12.84 -14.41
N SER K 80 28.76 11.87 -15.18
CA SER K 80 28.03 11.27 -16.29
C SER K 80 27.61 12.38 -17.27
N MET K 81 26.33 12.57 -17.55
CA MET K 81 25.96 13.65 -18.46
C MET K 81 26.38 15.03 -17.94
N GLY K 82 26.53 15.18 -16.61
CA GLY K 82 27.04 16.44 -16.10
C GLY K 82 28.43 16.76 -16.62
N SER K 83 29.31 15.75 -16.65
CA SER K 83 30.66 15.99 -17.13
C SER K 83 30.73 16.06 -18.64
N PHE K 84 29.78 15.46 -19.35
CA PHE K 84 29.75 15.65 -20.80
C PHE K 84 29.49 17.12 -21.11
N LEU K 85 28.56 17.75 -20.37
CA LEU K 85 28.27 19.14 -20.64
C LEU K 85 29.39 20.05 -20.14
N LEU K 86 30.07 19.68 -19.05
CA LEU K 86 31.23 20.41 -18.62
C LEU K 86 32.26 20.48 -19.73
N ALA K 87 32.60 19.32 -20.32
CA ALA K 87 33.54 19.23 -21.44
C ALA K 87 33.08 20.06 -22.64
N ALA K 88 31.80 20.42 -22.69
CA ALA K 88 31.22 21.01 -23.88
C ALA K 88 31.36 22.51 -23.91
N GLY K 89 31.82 23.13 -22.82
CA GLY K 89 32.02 24.56 -22.80
C GLY K 89 33.04 25.01 -23.83
N ALA K 90 33.07 26.33 -24.04
CA ALA K 90 33.96 26.90 -25.03
C ALA K 90 35.39 26.63 -24.59
N LYS K 91 36.22 26.16 -25.52
CA LYS K 91 37.54 25.72 -25.11
C LYS K 91 38.34 26.91 -24.58
N GLY K 92 39.17 26.63 -23.60
CA GLY K 92 39.72 27.69 -22.78
C GLY K 92 38.81 28.22 -21.68
N LYS K 93 37.52 27.88 -21.67
CA LYS K 93 36.58 28.47 -20.71
C LYS K 93 35.79 27.41 -19.94
N ARG K 94 36.38 26.24 -19.75
CA ARG K 94 35.82 25.15 -18.96
C ARG K 94 36.63 25.05 -17.66
N PHE K 95 35.94 25.24 -16.54
CA PHE K 95 36.56 25.36 -15.23
C PHE K 95 35.95 24.34 -14.28
N ALA K 96 36.70 24.04 -13.23
CA ALA K 96 36.19 23.38 -12.04
C ALA K 96 36.74 24.09 -10.80
N LEU K 97 35.92 24.17 -9.75
CA LEU K 97 36.38 24.63 -8.44
C LEU K 97 37.29 23.60 -7.81
N PRO K 98 38.19 24.01 -6.89
CA PRO K 98 39.28 23.09 -6.49
C PRO K 98 38.82 21.79 -5.85
N ASN K 99 37.66 21.71 -5.21
CA ASN K 99 37.24 20.47 -4.57
C ASN K 99 36.08 19.80 -5.29
N ALA K 100 35.67 20.35 -6.43
CA ALA K 100 34.69 19.70 -7.28
C ALA K 100 35.23 18.35 -7.75
N GLU K 101 34.31 17.42 -7.98
CA GLU K 101 34.61 16.09 -8.50
C GLU K 101 33.95 15.92 -9.86
N VAL K 102 34.58 15.15 -10.72
CA VAL K 102 34.07 14.81 -12.03
C VAL K 102 34.04 13.29 -12.12
N MET K 103 32.99 12.75 -12.71
CA MET K 103 32.93 11.31 -12.91
C MET K 103 32.46 11.00 -14.33
N ILE K 104 33.09 9.99 -14.94
CA ILE K 104 32.69 9.54 -16.26
C ILE K 104 32.41 8.05 -16.18
N HIS K 105 31.43 7.61 -16.97
CA HIS K 105 31.07 6.21 -17.05
C HIS K 105 30.22 5.99 -18.29
N GLN K 106 30.10 4.74 -18.69
CA GLN K 106 29.33 4.43 -19.88
C GLN K 106 27.83 4.56 -19.62
N PRO K 107 27.01 4.67 -20.68
CA PRO K 107 25.58 4.84 -20.46
C PRO K 107 24.90 3.59 -19.91
N LEU K 108 23.75 3.81 -19.28
CA LEU K 108 22.94 2.76 -18.72
C LEU K 108 21.56 2.79 -19.37
N GLY K 109 20.91 1.65 -19.45
CA GLY K 109 19.54 1.63 -19.92
C GLY K 109 18.83 0.35 -19.58
N GLY K 110 17.76 0.09 -20.30
CA GLY K 110 16.94 -1.07 -20.02
C GLY K 110 16.17 -1.48 -21.25
N ALA K 111 15.86 -2.77 -21.33
CA ALA K 111 15.16 -3.35 -22.48
C ALA K 111 14.35 -4.56 -22.03
N GLN K 112 13.08 -4.59 -22.44
CA GLN K 112 12.23 -5.77 -22.27
C GLN K 112 11.40 -5.98 -23.52
N GLY K 113 11.04 -7.22 -23.77
CA GLY K 113 10.21 -7.54 -24.90
C GLY K 113 10.73 -8.75 -25.62
N GLN K 114 10.38 -8.86 -26.89
CA GLN K 114 10.86 -9.96 -27.72
C GLN K 114 12.35 -9.83 -27.96
N ALA K 115 13.02 -10.96 -28.16
CA ALA K 115 14.41 -11.00 -28.62
C ALA K 115 14.71 -9.93 -29.66
N THR K 116 13.84 -9.75 -30.67
CA THR K 116 14.19 -8.76 -31.68
C THR K 116 14.08 -7.32 -31.15
N GLU K 117 13.12 -7.05 -30.25
CA GLU K 117 13.03 -5.73 -29.63
C GLU K 117 14.24 -5.46 -28.74
N ILE K 118 14.73 -6.50 -28.06
CA ILE K 118 15.88 -6.35 -27.18
C ILE K 118 17.14 -6.10 -28.00
N GLU K 119 17.26 -6.80 -29.13
CA GLU K 119 18.33 -6.51 -30.09
C GLU K 119 18.25 -5.08 -30.61
N ILE K 120 17.05 -4.59 -30.94
CA ILE K 120 16.95 -3.20 -31.38
C ILE K 120 17.43 -2.25 -30.29
N ALA K 121 17.09 -2.53 -29.03
CA ALA K 121 17.45 -1.61 -27.95
C ALA K 121 18.94 -1.70 -27.61
N ALA K 122 19.51 -2.90 -27.66
CA ALA K 122 20.94 -3.07 -27.50
C ALA K 122 21.71 -2.32 -28.58
N ASN K 123 21.30 -2.48 -29.85
CA ASN K 123 21.96 -1.78 -30.95
C ASN K 123 21.87 -0.26 -30.81
N HIS K 124 20.74 0.25 -30.34
CA HIS K 124 20.62 1.70 -30.18
C HIS K 124 21.52 2.23 -29.06
N ILE K 125 21.64 1.50 -27.94
CA ILE K 125 22.45 2.07 -26.86
C ILE K 125 23.95 1.90 -27.13
N LEU K 126 24.37 0.85 -27.83
CA LEU K 126 25.76 0.76 -28.30
C LEU K 126 26.11 1.88 -29.26
N LYS K 127 25.22 2.17 -30.22
CA LYS K 127 25.44 3.28 -31.15
C LYS K 127 25.46 4.61 -30.41
N THR K 128 24.64 4.72 -29.37
CA THR K 128 24.66 5.95 -28.59
C THR K 128 26.00 6.07 -27.88
N ARG K 129 26.51 4.96 -27.37
CA ARG K 129 27.80 4.97 -26.71
C ARG K 129 28.93 5.31 -27.68
N GLU K 130 28.88 4.82 -28.92
CA GLU K 130 29.91 5.24 -29.90
C GLU K 130 29.80 6.73 -30.22
N LYS K 131 28.57 7.26 -30.30
CA LYS K 131 28.44 8.70 -30.56
C LYS K 131 28.99 9.53 -29.40
N LEU K 132 28.68 9.14 -28.15
CA LEU K 132 29.19 9.86 -26.97
C LEU K 132 30.73 9.78 -26.88
N ASN K 133 31.29 8.59 -27.01
CA ASN K 133 32.75 8.40 -27.05
C ASN K 133 33.40 9.25 -28.14
N ARG K 134 32.80 9.33 -29.33
CA ARG K 134 33.41 10.09 -30.39
C ARG K 134 33.43 11.58 -30.06
N ILE K 135 32.32 12.13 -29.57
CA ILE K 135 32.29 13.55 -29.22
C ILE K 135 33.21 13.86 -28.02
N LEU K 136 33.28 12.96 -27.04
CA LEU K 136 34.16 13.24 -25.90
C LEU K 136 35.63 13.19 -26.32
N SER K 137 35.95 12.31 -27.27
CA SER K 137 37.30 12.26 -27.83
C SER K 137 37.68 13.59 -28.48
N GLU K 138 36.76 14.15 -29.27
CA GLU K 138 36.95 15.45 -29.90
C GLU K 138 37.11 16.57 -28.89
N ARG K 139 36.45 16.47 -27.74
CA ARG K 139 36.41 17.58 -26.81
C ARG K 139 37.57 17.59 -25.83
N THR K 140 38.18 16.42 -25.62
CA THR K 140 39.20 16.20 -24.61
C THR K 140 40.58 15.96 -25.22
N GLY K 141 40.67 15.40 -26.41
CA GLY K 141 41.92 14.92 -26.96
C GLY K 141 42.22 13.45 -26.67
N GLN K 142 41.40 12.77 -25.87
CA GLN K 142 41.63 11.35 -25.67
C GLN K 142 41.19 10.56 -26.89
N SER K 143 41.85 9.43 -27.14
CA SER K 143 41.38 8.58 -28.22
C SER K 143 40.09 7.87 -27.82
N ILE K 144 39.32 7.45 -28.83
CA ILE K 144 38.04 6.78 -28.62
C ILE K 144 38.26 5.51 -27.81
N GLU K 145 39.32 4.77 -28.14
CA GLU K 145 39.62 3.52 -27.45
C GLU K 145 39.93 3.76 -25.99
N LYS K 146 40.55 4.91 -25.66
CA LYS K 146 40.84 5.16 -24.25
C LYS K 146 39.58 5.58 -23.51
N ILE K 147 38.73 6.40 -24.16
CA ILE K 147 37.45 6.75 -23.55
C ILE K 147 36.67 5.48 -23.23
N GLN K 148 36.63 4.55 -24.20
CA GLN K 148 35.92 3.28 -24.05
C GLN K 148 36.38 2.52 -22.82
N LYS K 149 37.70 2.39 -22.64
CA LYS K 149 38.21 1.62 -21.51
C LYS K 149 38.01 2.36 -20.20
N ASP K 150 38.15 3.69 -20.23
CA ASP K 150 38.12 4.48 -19.01
C ASP K 150 36.72 4.66 -18.45
N THR K 151 35.68 4.43 -19.26
CA THR K 151 34.29 4.54 -18.86
C THR K 151 33.64 3.16 -18.66
N ASP K 152 34.41 2.09 -18.74
CA ASP K 152 33.83 0.76 -18.54
C ASP K 152 33.12 0.67 -17.19
N ARG K 153 33.77 1.15 -16.12
CA ARG K 153 33.14 1.34 -14.81
C ARG K 153 33.30 2.79 -14.38
N ASP K 154 32.68 3.14 -13.26
CA ASP K 154 32.76 4.51 -12.74
C ASP K 154 34.21 4.92 -12.54
N ASN K 155 34.52 6.17 -12.90
CA ASN K 155 35.88 6.68 -12.97
C ASN K 155 35.77 8.09 -12.41
N PHE K 156 36.17 8.23 -11.15
CA PHE K 156 36.15 9.47 -10.40
C PHE K 156 37.45 10.22 -10.58
N LEU K 157 37.36 11.52 -10.86
CA LEU K 157 38.48 12.39 -11.14
C LEU K 157 38.41 13.59 -10.22
N THR K 158 39.54 13.97 -9.64
CA THR K 158 39.63 15.28 -9.01
C THR K 158 39.61 16.38 -10.07
N ALA K 159 39.52 17.62 -9.61
CA ALA K 159 39.58 18.76 -10.53
C ALA K 159 40.88 18.74 -11.36
N GLU K 160 42.04 18.63 -10.70
CA GLU K 160 43.30 18.60 -11.42
C GLU K 160 43.35 17.46 -12.41
N GLU K 161 42.84 16.27 -12.05
CA GLU K 161 42.77 15.17 -13.01
C GLU K 161 41.80 15.45 -14.15
N ALA K 162 40.71 16.17 -13.89
CA ALA K 162 39.82 16.54 -14.99
C ALA K 162 40.54 17.45 -15.96
N LYS K 163 41.39 18.33 -15.42
CA LYS K 163 42.20 19.20 -16.27
C LYS K 163 43.15 18.40 -17.14
N GLU K 164 43.93 17.52 -16.52
CA GLU K 164 44.85 16.70 -17.30
C GLU K 164 44.12 15.78 -18.27
N TYR K 165 42.91 15.33 -17.90
CA TYR K 165 42.11 14.49 -18.79
C TYR K 165 41.64 15.26 -20.01
N GLY K 166 41.61 16.59 -19.94
CA GLY K 166 41.08 17.39 -21.02
C GLY K 166 39.61 17.77 -20.89
N LEU K 167 38.95 17.43 -19.78
CA LEU K 167 37.54 17.75 -19.60
C LEU K 167 37.33 19.22 -19.25
N ILE K 168 38.31 19.86 -18.59
CA ILE K 168 38.29 21.29 -18.30
C ILE K 168 39.64 21.86 -18.67
N ASP K 169 39.72 23.18 -18.64
CA ASP K 169 40.92 23.93 -19.00
C ASP K 169 41.70 24.43 -17.79
N GLU K 170 41.01 24.87 -16.73
CA GLU K 170 41.68 25.43 -15.56
C GLU K 170 40.91 25.09 -14.30
N VAL K 171 41.64 24.83 -13.23
CA VAL K 171 41.05 24.75 -11.90
C VAL K 171 40.97 26.15 -11.35
N MET K 172 39.77 26.57 -10.91
CA MET K 172 39.60 27.93 -10.46
C MET K 172 40.22 28.14 -9.10
N VAL K 173 41.04 29.19 -8.97
CA VAL K 173 41.65 29.59 -7.69
C VAL K 173 40.85 30.72 -7.08
N PRO K 174 40.92 30.92 -5.74
CA PRO K 174 40.13 31.99 -5.11
C PRO K 174 40.68 33.38 -5.35
N GLU K 175 40.14 34.38 -4.62
CA GLU K 175 40.50 35.79 -4.68
C GLU K 175 40.03 36.44 -5.98
N THR K 176 39.18 35.75 -6.73
CA THR K 176 38.63 36.33 -7.97
C THR K 176 37.21 35.81 -8.14
N LYS K 177 36.24 36.71 -8.30
CA LYS K 177 34.80 36.37 -8.39
C LYS K 177 34.41 35.07 -9.12
N ASP L 1 11.67 38.69 2.52
CA ASP L 1 10.29 38.23 2.54
C ASP L 1 10.20 36.73 2.80
N ILE L 2 10.60 36.30 4.01
CA ILE L 2 11.22 37.13 5.05
C ILE L 2 12.73 37.09 4.80
N TYR L 3 13.13 36.01 4.14
CA TYR L 3 14.53 35.79 3.77
C TYR L 3 15.01 36.83 2.78
N SER L 4 14.16 37.24 1.83
CA SER L 4 14.55 38.26 0.87
C SER L 4 14.89 39.58 1.54
N ARG L 5 14.18 39.94 2.62
CA ARG L 5 14.54 41.17 3.31
C ARG L 5 15.87 41.02 4.05
N LEU L 6 16.09 39.88 4.69
CA LEU L 6 17.38 39.66 5.32
C LEU L 6 18.50 39.59 4.29
N LEU L 7 18.21 39.12 3.08
CA LEU L 7 19.22 39.12 2.03
C LEU L 7 19.73 40.53 1.78
N LYS L 8 18.83 41.52 1.84
CA LYS L 8 19.23 42.92 1.68
C LYS L 8 20.30 43.30 2.70
N ASP L 9 20.30 42.67 3.87
CA ASP L 9 21.32 42.87 4.89
C ASP L 9 22.51 41.92 4.76
N ARG L 10 22.64 41.22 3.62
CA ARG L 10 23.75 40.28 3.37
C ARG L 10 23.72 39.06 4.30
N ILE L 11 22.53 38.65 4.73
CA ILE L 11 22.32 37.48 5.57
C ILE L 11 21.73 36.36 4.73
N ILE L 12 22.33 35.17 4.82
CA ILE L 12 21.81 33.96 4.19
C ILE L 12 21.52 32.95 5.28
N MET L 13 20.35 32.30 5.22
CA MET L 13 19.93 31.29 6.19
C MET L 13 20.10 29.89 5.57
N LEU L 14 20.88 29.07 6.23
CA LEU L 14 21.06 27.67 5.83
C LEU L 14 20.39 26.89 6.94
N GLY L 15 19.15 26.48 6.72
CA GLY L 15 18.37 25.94 7.81
C GLY L 15 17.78 24.56 7.54
N SER L 16 18.46 23.74 6.74
CA SER L 16 17.88 22.46 6.34
C SER L 16 18.99 21.49 5.98
N GLN L 17 18.61 20.26 5.63
CA GLN L 17 19.55 19.31 5.04
C GLN L 17 20.19 19.93 3.81
N ILE L 18 21.45 19.59 3.57
CA ILE L 18 22.20 20.12 2.43
C ILE L 18 22.05 19.11 1.29
N ASP L 19 21.15 19.38 0.35
CA ASP L 19 21.11 18.62 -0.89
C ASP L 19 21.44 19.55 -2.05
N ASP L 20 21.39 18.98 -3.26
CA ASP L 20 21.75 19.73 -4.46
C ASP L 20 20.90 20.99 -4.64
N ASN L 21 19.59 20.91 -4.33
CA ASN L 21 18.72 22.10 -4.42
C ASN L 21 19.18 23.20 -3.47
N VAL L 22 19.40 22.83 -2.20
CA VAL L 22 19.82 23.79 -1.18
C VAL L 22 21.20 24.36 -1.50
N ALA L 23 22.14 23.51 -1.94
CA ALA L 23 23.45 24.02 -2.34
C ALA L 23 23.33 25.06 -3.45
N ASN L 24 22.51 24.79 -4.47
CA ASN L 24 22.42 25.74 -5.57
C ASN L 24 21.82 27.06 -5.10
N SER L 25 20.82 27.01 -4.25
CA SER L 25 20.25 28.23 -3.72
C SER L 25 21.29 29.03 -2.92
N ILE L 26 22.03 28.36 -2.02
CA ILE L 26 23.04 29.06 -1.22
C ILE L 26 24.13 29.62 -2.12
N VAL L 27 24.62 28.82 -3.07
CA VAL L 27 25.69 29.31 -3.94
C VAL L 27 25.19 30.52 -4.74
N SER L 28 23.96 30.44 -5.25
CA SER L 28 23.39 31.54 -6.03
C SER L 28 23.32 32.82 -5.20
N GLN L 29 22.92 32.70 -3.92
CA GLN L 29 22.85 33.88 -3.04
C GLN L 29 24.23 34.44 -2.73
N LEU L 30 25.24 33.56 -2.56
CA LEU L 30 26.61 34.04 -2.39
C LEU L 30 27.09 34.79 -3.63
N LEU L 31 26.86 34.22 -4.82
CA LEU L 31 27.24 34.88 -6.07
C LEU L 31 26.56 36.23 -6.20
N PHE L 32 25.26 36.26 -5.91
CA PHE L 32 24.50 37.49 -6.00
C PHE L 32 25.06 38.57 -5.07
N LEU L 33 25.21 38.25 -3.79
CA LEU L 33 25.71 39.22 -2.81
C LEU L 33 27.05 39.79 -3.22
N GLN L 34 27.94 38.95 -3.78
CA GLN L 34 29.22 39.43 -4.24
C GLN L 34 29.06 40.37 -5.44
N ALA L 35 28.19 39.99 -6.37
CA ALA L 35 27.90 40.86 -7.50
C ALA L 35 27.34 42.20 -7.05
N GLN L 36 26.56 42.21 -5.98
CA GLN L 36 26.10 43.47 -5.40
C GLN L 36 27.24 44.28 -4.79
N ASP L 37 28.15 43.64 -4.10
CA ASP L 37 29.21 44.33 -3.38
C ASP L 37 30.28 43.32 -3.01
N SER L 38 31.49 43.45 -3.55
CA SER L 38 32.48 42.41 -3.36
C SER L 38 33.35 42.62 -2.13
N GLU L 39 33.10 43.67 -1.35
CA GLU L 39 33.91 43.99 -0.18
C GLU L 39 33.21 43.68 1.14
N LYS L 40 31.91 43.94 1.25
CA LYS L 40 31.25 43.83 2.55
C LYS L 40 31.09 42.37 2.94
N ASP L 41 31.18 42.11 4.24
CA ASP L 41 31.04 40.74 4.75
C ASP L 41 29.70 40.15 4.37
N ILE L 42 29.64 38.82 4.33
CA ILE L 42 28.37 38.09 4.25
C ILE L 42 28.18 37.32 5.55
N TYR L 43 26.92 37.20 5.99
CA TYR L 43 26.60 36.49 7.22
C TYR L 43 25.81 35.23 6.90
N LEU L 44 26.43 34.07 7.15
CA LEU L 44 25.84 32.77 6.84
C LEU L 44 25.44 32.08 8.15
N TYR L 45 24.14 32.02 8.41
CA TYR L 45 23.59 31.28 9.54
C TYR L 45 23.40 29.81 9.19
N ILE L 46 23.81 28.93 10.11
CA ILE L 46 23.81 27.50 9.86
C ILE L 46 23.03 26.83 10.98
N ASN L 47 21.92 26.19 10.61
CA ASN L 47 21.18 25.28 11.49
C ASN L 47 20.83 24.07 10.62
N SER L 48 21.69 23.08 10.63
CA SER L 48 21.55 22.04 9.60
C SER L 48 22.01 20.71 10.13
N PRO L 49 21.28 19.64 9.85
CA PRO L 49 21.74 18.30 10.22
C PRO L 49 22.80 17.71 9.29
N GLY L 50 23.18 18.39 8.22
CA GLY L 50 24.12 17.87 7.26
C GLY L 50 23.52 17.62 5.89
N GLY L 51 24.18 16.76 5.14
CA GLY L 51 23.72 16.39 3.82
C GLY L 51 24.87 15.90 2.94
N SER L 52 24.64 16.03 1.65
CA SER L 52 25.49 15.44 0.62
C SER L 52 26.89 16.06 0.61
N VAL L 53 27.90 15.21 0.44
CA VAL L 53 29.28 15.71 0.42
C VAL L 53 29.52 16.66 -0.75
N THR L 54 29.07 16.29 -1.95
CA THR L 54 29.36 17.13 -3.12
C THR L 54 28.53 18.41 -3.08
N ALA L 55 27.28 18.34 -2.62
CA ALA L 55 26.53 19.57 -2.40
C ALA L 55 27.21 20.46 -1.37
N GLY L 56 27.73 19.86 -0.30
CA GLY L 56 28.50 20.64 0.66
C GLY L 56 29.71 21.31 0.05
N PHE L 57 30.41 20.60 -0.84
CA PHE L 57 31.61 21.15 -1.47
C PHE L 57 31.30 22.25 -2.47
N ALA L 58 30.14 22.19 -3.14
CA ALA L 58 29.70 23.34 -3.92
C ALA L 58 29.64 24.60 -3.05
N ILE L 59 29.07 24.50 -1.84
CA ILE L 59 28.99 25.65 -0.94
C ILE L 59 30.39 26.03 -0.44
N TYR L 60 31.16 25.05 0.04
CA TYR L 60 32.48 25.32 0.60
C TYR L 60 33.37 26.05 -0.39
N ASP L 61 33.52 25.48 -1.59
CA ASP L 61 34.39 26.10 -2.59
C ASP L 61 33.88 27.49 -2.99
N THR L 62 32.56 27.72 -3.01
CA THR L 62 32.08 29.05 -3.36
C THR L 62 32.39 30.05 -2.26
N ILE L 63 32.28 29.64 -0.99
CA ILE L 63 32.74 30.50 0.10
C ILE L 63 34.21 30.84 -0.07
N GLN L 64 35.05 29.82 -0.29
CA GLN L 64 36.49 30.08 -0.38
C GLN L 64 36.79 31.01 -1.54
N HIS L 65 35.96 30.98 -2.58
CA HIS L 65 36.32 31.56 -3.86
C HIS L 65 35.99 33.05 -3.98
N ILE L 66 34.81 33.45 -3.50
CA ILE L 66 34.40 34.84 -3.64
C ILE L 66 35.27 35.73 -2.74
N LYS L 67 35.27 37.05 -3.05
CA LYS L 67 36.13 38.01 -2.36
C LYS L 67 35.63 38.37 -0.96
N PRO L 68 34.32 38.54 -0.73
CA PRO L 68 33.84 38.86 0.62
C PRO L 68 34.20 37.80 1.66
N ASP L 69 34.55 38.27 2.85
CA ASP L 69 34.55 37.41 4.03
C ASP L 69 33.13 36.91 4.30
N VAL L 70 33.00 35.60 4.47
CA VAL L 70 31.75 34.97 4.83
C VAL L 70 31.86 34.60 6.30
N GLN L 71 31.09 35.28 7.14
CA GLN L 71 30.98 34.92 8.55
C GLN L 71 30.01 33.75 8.70
N THR L 72 30.33 32.81 9.58
CA THR L 72 29.45 31.67 9.83
C THR L 72 28.95 31.71 11.25
N ILE L 73 27.65 31.48 11.45
CA ILE L 73 27.03 31.57 12.77
C ILE L 73 26.16 30.34 12.99
N CYS L 74 26.56 29.48 13.91
CA CYS L 74 25.80 28.29 14.23
C CYS L 74 24.73 28.62 15.26
N ILE L 75 23.48 28.34 14.91
CA ILE L 75 22.35 28.41 15.82
C ILE L 75 21.71 27.02 15.85
N GLY L 76 21.45 26.52 17.03
CA GLY L 76 20.78 25.23 17.15
C GLY L 76 21.75 24.09 16.95
N MET L 77 21.98 23.68 15.72
CA MET L 77 22.81 22.51 15.49
C MET L 77 23.53 22.66 14.16
N ALA L 78 24.82 22.33 14.14
CA ALA L 78 25.56 22.17 12.89
C ALA L 78 26.26 20.83 12.99
N ALA L 79 25.75 19.89 12.27
CA ALA L 79 26.25 18.55 12.26
C ALA L 79 26.69 18.09 10.90
N SER L 80 27.64 17.19 10.86
CA SER L 80 28.10 16.56 9.68
C SER L 80 28.56 17.63 8.70
N MET L 81 27.98 17.69 7.54
CA MET L 81 28.32 18.70 6.57
C MET L 81 28.05 20.09 7.11
N GLY L 82 27.11 20.22 8.02
CA GLY L 82 26.84 21.53 8.59
C GLY L 82 28.02 22.06 9.41
N SER L 83 28.65 21.19 10.20
CA SER L 83 29.82 21.64 10.97
C SER L 83 31.04 21.84 10.05
N PHE L 84 31.09 21.14 8.93
CA PHE L 84 32.15 21.40 7.95
C PHE L 84 32.03 22.80 7.35
N LEU L 85 30.83 23.20 6.99
CA LEU L 85 30.65 24.56 6.46
C LEU L 85 30.82 25.61 7.55
N LEU L 86 30.40 25.30 8.78
CA LEU L 86 30.66 26.21 9.89
C LEU L 86 32.14 26.51 10.00
N ALA L 87 32.98 25.47 9.93
CA ALA L 87 34.42 25.64 10.04
C ALA L 87 35.00 26.36 8.82
N ALA L 88 34.23 26.50 7.76
CA ALA L 88 34.69 27.06 6.50
C ALA L 88 34.61 28.58 6.48
N GLY L 89 33.96 29.21 7.45
CA GLY L 89 33.86 30.66 7.47
C GLY L 89 35.22 31.30 7.67
N ALA L 90 35.27 32.62 7.42
CA ALA L 90 36.53 33.35 7.44
C ALA L 90 37.16 33.28 8.83
N LYS L 91 38.44 32.92 8.88
CA LYS L 91 39.08 32.70 10.18
C LYS L 91 39.01 33.96 11.02
N GLY L 92 38.60 33.81 12.29
CA GLY L 92 38.24 34.91 13.15
C GLY L 92 36.76 35.28 13.13
N LYS L 93 35.98 34.78 12.19
CA LYS L 93 34.58 35.21 12.09
C LYS L 93 33.61 34.01 12.06
N ARG L 94 33.97 32.93 12.75
CA ARG L 94 33.14 31.74 12.86
C ARG L 94 32.60 31.68 14.29
N PHE L 95 31.26 31.64 14.44
CA PHE L 95 30.63 31.78 15.74
C PHE L 95 29.63 30.66 16.01
N ALA L 96 29.36 30.43 17.30
CA ALA L 96 28.19 29.66 17.72
C ALA L 96 27.45 30.41 18.81
N LEU L 97 26.14 30.29 18.82
CA LEU L 97 25.40 30.74 19.97
C LEU L 97 25.68 29.81 21.15
N PRO L 98 25.48 30.29 22.40
CA PRO L 98 25.98 29.52 23.56
C PRO L 98 25.42 28.12 23.72
N ASN L 99 24.20 27.85 23.23
CA ASN L 99 23.58 26.55 23.39
C ASN L 99 23.50 25.79 22.08
N ALA L 100 24.11 26.31 21.02
CA ALA L 100 24.13 25.59 19.77
C ALA L 100 25.00 24.35 19.95
N GLU L 101 24.70 23.31 19.21
CA GLU L 101 25.47 22.07 19.22
C GLU L 101 26.18 21.86 17.88
N VAL L 102 27.32 21.18 17.94
CA VAL L 102 28.13 20.86 16.77
C VAL L 102 28.39 19.36 16.82
N MET L 103 28.23 18.68 15.71
CA MET L 103 28.60 17.28 15.68
C MET L 103 29.48 17.03 14.46
N ILE L 104 30.50 16.21 14.67
CA ILE L 104 31.33 15.73 13.57
C ILE L 104 31.32 14.21 13.57
N HIS L 105 31.42 13.63 12.36
CA HIS L 105 31.49 12.19 12.18
C HIS L 105 31.95 11.89 10.75
N GLN L 106 32.43 10.66 10.56
CA GLN L 106 32.95 10.28 9.25
C GLN L 106 31.78 10.15 8.25
N PRO L 107 32.06 10.19 6.94
CA PRO L 107 30.98 10.09 5.95
C PRO L 107 30.34 8.70 5.91
N LEU L 108 29.12 8.67 5.36
CA LEU L 108 28.33 7.45 5.20
C LEU L 108 27.96 7.30 3.73
N GLY L 109 27.74 6.06 3.32
CA GLY L 109 27.26 5.85 1.97
C GLY L 109 26.70 4.47 1.78
N GLY L 110 26.59 4.09 0.51
CA GLY L 110 26.07 2.79 0.15
C GLY L 110 26.83 2.26 -1.04
N ALA L 111 26.58 1.00 -1.35
CA ALA L 111 27.24 0.35 -2.47
C ALA L 111 26.52 -0.94 -2.77
N GLN L 112 26.18 -1.19 -4.04
CA GLN L 112 25.65 -2.50 -4.36
C GLN L 112 26.10 -2.90 -5.76
N GLY L 113 26.20 -4.21 -5.98
CA GLY L 113 26.53 -4.69 -7.30
C GLY L 113 27.69 -5.67 -7.27
N GLN L 114 28.38 -5.79 -8.39
CA GLN L 114 29.50 -6.71 -8.51
C GLN L 114 30.62 -6.32 -7.55
N ALA L 115 31.38 -7.32 -7.13
CA ALA L 115 32.53 -7.07 -6.28
C ALA L 115 33.38 -5.91 -6.81
N THR L 116 33.56 -5.81 -8.13
CA THR L 116 34.42 -4.73 -8.63
C THR L 116 33.73 -3.37 -8.54
N GLU L 117 32.39 -3.33 -8.65
CA GLU L 117 31.69 -2.06 -8.41
C GLU L 117 31.74 -1.65 -6.94
N ILE L 118 31.55 -2.60 -6.04
CA ILE L 118 31.63 -2.29 -4.61
C ILE L 118 33.01 -1.73 -4.25
N GLU L 119 34.06 -2.30 -4.84
CA GLU L 119 35.42 -1.85 -4.53
C GLU L 119 35.68 -0.43 -5.07
N ILE L 120 35.13 -0.09 -6.23
CA ILE L 120 35.25 1.28 -6.74
C ILE L 120 34.54 2.25 -5.80
N ALA L 121 33.35 1.89 -5.33
CA ALA L 121 32.62 2.73 -4.40
C ALA L 121 33.36 2.85 -3.07
N ALA L 122 33.83 1.74 -2.51
CA ALA L 122 34.64 1.80 -1.30
C ALA L 122 35.81 2.76 -1.45
N ASN L 123 36.66 2.53 -2.47
CA ASN L 123 37.83 3.38 -2.68
C ASN L 123 37.44 4.84 -2.79
N HIS L 124 36.39 5.13 -3.56
CA HIS L 124 35.98 6.53 -3.67
C HIS L 124 35.56 7.11 -2.32
N ILE L 125 34.85 6.34 -1.47
CA ILE L 125 34.43 7.01 -0.23
C ILE L 125 35.61 7.11 0.75
N LEU L 126 36.55 6.17 0.72
CA LEU L 126 37.78 6.34 1.50
C LEU L 126 38.57 7.57 1.04
N LYS L 127 38.69 7.78 -0.28
CA LYS L 127 39.46 8.94 -0.73
C LYS L 127 38.77 10.23 -0.32
N THR L 128 37.43 10.24 -0.35
CA THR L 128 36.64 11.39 0.08
C THR L 128 36.83 11.68 1.56
N ARG L 129 36.84 10.64 2.40
CA ARG L 129 37.12 10.82 3.81
C ARG L 129 38.51 11.44 4.05
N GLU L 130 39.55 10.95 3.35
CA GLU L 130 40.86 11.54 3.56
C GLU L 130 40.88 13.01 3.17
N LYS L 131 40.18 13.37 2.08
CA LYS L 131 40.13 14.77 1.67
C LYS L 131 39.42 15.61 2.72
N LEU L 132 38.30 15.12 3.25
CA LEU L 132 37.56 15.82 4.31
C LEU L 132 38.39 15.94 5.58
N ASN L 133 38.99 14.85 6.03
CA ASN L 133 39.91 14.91 7.15
C ASN L 133 40.99 15.99 6.94
N ARG L 134 41.62 15.98 5.76
CA ARG L 134 42.71 16.93 5.53
C ARG L 134 42.21 18.37 5.60
N ILE L 135 41.11 18.67 4.93
CA ILE L 135 40.62 20.04 4.94
C ILE L 135 40.15 20.46 6.34
N LEU L 136 39.41 19.60 7.03
CA LEU L 136 38.97 19.97 8.38
C LEU L 136 40.16 20.14 9.32
N SER L 137 41.17 19.28 9.21
CA SER L 137 42.46 19.46 9.88
C SER L 137 43.07 20.86 9.71
N GLU L 138 43.13 21.35 8.47
CA GLU L 138 43.65 22.70 8.22
C GLU L 138 42.70 23.78 8.73
N ARG L 139 41.40 23.50 8.77
CA ARG L 139 40.48 24.53 9.25
C ARG L 139 40.49 24.66 10.77
N THR L 140 40.93 23.62 11.49
CA THR L 140 40.82 23.57 12.93
C THR L 140 42.15 23.66 13.67
N GLY L 141 43.27 23.44 12.99
CA GLY L 141 44.54 23.36 13.66
C GLY L 141 44.85 22.01 14.27
N GLN L 142 44.04 20.99 13.97
CA GLN L 142 44.25 19.64 14.51
C GLN L 142 45.07 18.79 13.54
N SER L 143 45.66 17.73 14.08
CA SER L 143 46.30 16.79 13.19
C SER L 143 45.24 15.98 12.44
N ILE L 144 45.66 15.41 11.32
CA ILE L 144 44.79 14.57 10.52
C ILE L 144 44.38 13.33 11.31
N GLU L 145 45.31 12.76 12.08
CA GLU L 145 44.99 11.56 12.83
C GLU L 145 44.01 11.86 13.97
N LYS L 146 44.07 13.08 14.52
CA LYS L 146 43.07 13.45 15.51
C LYS L 146 41.68 13.53 14.88
N ILE L 147 41.55 14.14 13.70
CA ILE L 147 40.26 14.22 13.03
C ILE L 147 39.73 12.81 12.75
N GLN L 148 40.59 11.93 12.25
CA GLN L 148 40.18 10.57 11.92
C GLN L 148 39.65 9.85 13.17
N LYS L 149 40.39 9.96 14.28
CA LYS L 149 39.97 9.32 15.53
C LYS L 149 38.70 9.93 16.09
N ASP L 150 38.57 11.25 16.04
CA ASP L 150 37.42 11.88 16.67
C ASP L 150 36.14 11.75 15.85
N THR L 151 36.24 11.32 14.58
CA THR L 151 35.06 11.18 13.75
C THR L 151 34.72 9.72 13.50
N ASP L 152 35.43 8.78 14.13
CA ASP L 152 35.13 7.38 13.90
C ASP L 152 33.65 7.09 14.14
N ARG L 153 33.09 7.64 15.22
CA ARG L 153 31.64 7.66 15.47
C ARG L 153 31.20 9.09 15.76
N ASP L 154 29.89 9.25 15.97
CA ASP L 154 29.30 10.55 16.22
C ASP L 154 29.96 11.19 17.43
N ASN L 155 30.30 12.48 17.30
CA ASN L 155 31.07 13.18 18.32
C ASN L 155 30.40 14.53 18.51
N PHE L 156 29.61 14.66 19.58
CA PHE L 156 28.83 15.86 19.90
C PHE L 156 29.66 16.81 20.74
N LEU L 157 29.66 18.09 20.38
CA LEU L 157 30.45 19.11 21.06
C LEU L 157 29.57 20.30 21.41
N THR L 158 29.71 20.81 22.64
CA THR L 158 29.12 22.11 22.99
C THR L 158 29.82 23.23 22.23
N ALA L 159 29.19 24.41 22.27
CA ALA L 159 29.78 25.58 21.65
C ALA L 159 31.18 25.84 22.18
N GLU L 160 31.35 25.69 23.49
CA GLU L 160 32.64 25.94 24.09
C GLU L 160 33.67 24.90 23.63
N GLU L 161 33.26 23.63 23.55
CA GLU L 161 34.18 22.59 23.09
C GLU L 161 34.51 22.73 21.60
N ALA L 162 33.56 23.22 20.79
CA ALA L 162 33.84 23.49 19.39
C ALA L 162 34.87 24.60 19.24
N LYS L 163 34.85 25.59 20.14
CA LYS L 163 35.86 26.65 20.12
C LYS L 163 37.22 26.10 20.52
N GLU L 164 37.27 25.29 21.57
CA GLU L 164 38.54 24.68 21.93
C GLU L 164 39.04 23.74 20.84
N TYR L 165 38.11 23.13 20.10
CA TYR L 165 38.48 22.25 19.00
C TYR L 165 39.05 23.01 17.81
N GLY L 166 38.67 24.28 17.64
CA GLY L 166 39.08 25.04 16.48
C GLY L 166 38.01 25.15 15.41
N LEU L 167 36.81 24.59 15.63
CA LEU L 167 35.78 24.68 14.61
C LEU L 167 35.21 26.09 14.52
N ILE L 168 35.18 26.82 15.63
CA ILE L 168 34.70 28.19 15.64
C ILE L 168 35.70 29.01 16.42
N ASP L 169 35.56 30.33 16.32
CA ASP L 169 36.53 31.24 16.93
C ASP L 169 36.03 31.87 18.23
N GLU L 170 34.72 32.13 18.35
CA GLU L 170 34.14 32.76 19.53
C GLU L 170 32.74 32.21 19.75
N VAL L 171 32.39 32.01 21.02
CA VAL L 171 31.01 31.81 21.42
C VAL L 171 30.34 33.17 21.51
N MET L 172 29.24 33.36 20.80
CA MET L 172 28.60 34.68 20.79
C MET L 172 27.78 34.90 22.06
N VAL L 173 28.09 35.98 22.78
CA VAL L 173 27.40 36.38 24.01
C VAL L 173 26.30 37.37 23.67
N PRO L 174 25.26 37.51 24.53
CA PRO L 174 24.15 38.44 24.24
C PRO L 174 24.46 39.94 24.33
N GLU L 175 23.40 40.77 24.38
CA GLU L 175 23.42 42.24 24.48
C GLU L 175 23.93 42.89 23.19
N THR L 176 24.27 42.10 22.17
CA THR L 176 24.76 42.63 20.89
C THR L 176 24.04 41.88 19.76
N LYS L 177 23.83 42.55 18.62
CA LYS L 177 23.07 41.96 17.51
C LYS L 177 23.83 40.95 16.61
N ASP M 1 -0.66 39.99 6.76
CA ASP M 1 -1.08 39.17 5.64
C ASP M 1 -1.33 37.68 5.94
N ILE M 2 -1.97 37.30 7.05
CA ILE M 2 -2.41 38.16 8.16
C ILE M 2 -1.22 38.33 9.12
N TYR M 3 -0.32 37.34 9.12
CA TYR M 3 0.85 37.38 9.98
C TYR M 3 1.78 38.52 9.62
N SER M 4 2.00 38.74 8.32
CA SER M 4 2.83 39.87 7.88
C SER M 4 2.30 41.18 8.43
N ARG M 5 0.98 41.33 8.50
CA ARG M 5 0.44 42.53 9.11
C ARG M 5 0.66 42.53 10.62
N LEU M 6 0.69 41.37 11.26
CA LEU M 6 1.05 41.45 12.67
C LEU M 6 2.53 41.74 12.83
N LEU M 7 3.35 41.40 11.83
CA LEU M 7 4.78 41.66 11.96
C LEU M 7 5.06 43.15 12.09
N LYS M 8 4.35 44.01 11.32
CA LYS M 8 4.56 45.46 11.48
C LYS M 8 4.23 45.93 12.88
N ASP M 9 3.42 45.18 13.64
CA ASP M 9 3.19 45.46 15.06
C ASP M 9 4.20 44.77 15.97
N ARG M 10 5.27 44.20 15.41
CA ARG M 10 6.29 43.49 16.18
C ARG M 10 5.70 42.27 16.90
N ILE M 11 4.70 41.63 16.28
CA ILE M 11 4.09 40.42 16.79
C ILE M 11 4.54 39.23 15.94
N ILE M 12 5.06 38.19 16.60
CA ILE M 12 5.41 36.91 15.99
C ILE M 12 4.51 35.83 16.55
N MET M 13 3.96 34.98 15.67
CA MET M 13 3.06 33.90 16.08
C MET M 13 3.79 32.58 15.92
N LEU M 14 4.12 31.94 17.05
CA LEU M 14 4.64 30.58 17.06
C LEU M 14 3.47 29.65 17.34
N GLY M 15 2.89 29.08 16.30
CA GLY M 15 1.68 28.29 16.45
C GLY M 15 1.73 26.85 15.99
N SER M 16 2.84 26.15 16.15
CA SER M 16 2.87 24.78 15.65
C SER M 16 4.02 24.03 16.32
N GLN M 17 4.19 22.77 15.92
CA GLN M 17 5.35 22.01 16.33
C GLN M 17 6.60 22.76 15.91
N ILE M 18 7.66 22.65 16.71
CA ILE M 18 8.91 23.34 16.46
C ILE M 18 9.85 22.38 15.73
N ASP M 19 10.02 22.55 14.44
CA ASP M 19 11.08 21.87 13.71
C ASP M 19 12.04 22.90 13.14
N ASP M 20 12.97 22.42 12.32
CA ASP M 20 14.00 23.29 11.74
C ASP M 20 13.39 24.39 10.88
N ASN M 21 12.34 24.08 10.10
CA ASN M 21 11.71 25.10 9.28
C ASN M 21 11.09 26.20 10.13
N VAL M 22 10.35 25.81 11.16
CA VAL M 22 9.68 26.80 12.01
C VAL M 22 10.72 27.64 12.75
N ALA M 23 11.75 26.99 13.31
CA ALA M 23 12.81 27.73 13.97
C ALA M 23 13.44 28.73 13.02
N ASN M 24 13.70 28.32 11.78
CA ASN M 24 14.28 29.21 10.78
C ASN M 24 13.39 30.44 10.55
N SER M 25 12.08 30.22 10.45
CA SER M 25 11.16 31.33 10.28
C SER M 25 11.15 32.24 11.51
N ILE M 26 11.02 31.66 12.71
CA ILE M 26 10.98 32.48 13.92
C ILE M 26 12.28 33.27 14.07
N VAL M 27 13.42 32.60 13.93
CA VAL M 27 14.70 33.31 14.03
C VAL M 27 14.77 34.45 13.02
N SER M 28 14.38 34.20 11.77
CA SER M 28 14.45 35.24 10.75
C SER M 28 13.54 36.42 11.08
N GLN M 29 12.37 36.14 11.63
CA GLN M 29 11.50 37.22 12.09
C GLN M 29 12.11 38.00 13.23
N LEU M 30 12.84 37.32 14.14
CA LEU M 30 13.51 38.03 15.22
C LEU M 30 14.65 38.89 14.68
N LEU M 31 15.49 38.32 13.81
CA LEU M 31 16.53 39.11 13.16
C LEU M 31 15.94 40.31 12.45
N PHE M 32 14.84 40.10 11.74
CA PHE M 32 14.24 41.16 10.94
C PHE M 32 13.70 42.30 11.82
N LEU M 33 13.05 41.97 12.94
CA LEU M 33 12.45 43.03 13.76
C LEU M 33 13.50 43.80 14.53
N GLN M 34 14.58 43.14 14.94
CA GLN M 34 15.70 43.88 15.50
C GLN M 34 16.29 44.84 14.48
N ALA M 35 16.44 44.39 13.22
CA ALA M 35 16.93 45.26 12.16
C ALA M 35 16.09 46.52 12.04
N GLN M 36 14.76 46.39 12.12
CA GLN M 36 13.89 47.54 11.98
C GLN M 36 13.96 48.47 13.19
N ASP M 37 14.25 47.93 14.37
CA ASP M 37 14.27 48.75 15.58
C ASP M 37 14.89 47.98 16.73
N SER M 38 16.10 48.38 17.13
CA SER M 38 16.83 47.69 18.16
C SER M 38 16.25 47.86 19.56
N GLU M 39 15.31 48.77 19.76
CA GLU M 39 14.91 49.14 21.12
C GLU M 39 13.50 48.70 21.52
N LYS M 40 12.51 48.75 20.62
CA LYS M 40 11.14 48.45 21.00
C LYS M 40 10.95 46.96 21.27
N ASP M 41 9.94 46.65 22.10
CA ASP M 41 9.67 45.26 22.48
C ASP M 41 9.18 44.45 21.28
N ILE M 42 9.44 43.14 21.33
CA ILE M 42 8.86 42.15 20.42
C ILE M 42 7.88 41.32 21.25
N TYR M 43 6.79 40.89 20.60
CA TYR M 43 5.74 40.09 21.24
C TYR M 43 5.62 38.73 20.57
N LEU M 44 5.95 37.65 21.32
CA LEU M 44 5.98 36.28 20.80
C LEU M 44 4.85 35.47 21.42
N TYR M 45 3.84 35.18 20.61
CA TYR M 45 2.72 34.34 21.03
C TYR M 45 3.05 32.87 20.82
N ILE M 46 2.72 32.04 21.79
CA ILE M 46 3.18 30.66 21.81
C ILE M 46 1.97 29.76 22.01
N ASN M 47 1.66 28.95 20.99
CA ASN M 47 0.69 27.88 21.04
C ASN M 47 1.36 26.71 20.32
N SER M 48 2.07 25.88 21.09
CA SER M 48 2.91 24.88 20.50
C SER M 48 2.93 23.64 21.36
N PRO M 49 2.83 22.45 20.75
CA PRO M 49 3.07 21.20 21.48
C PRO M 49 4.53 20.85 21.69
N GLY M 50 5.48 21.69 21.28
CA GLY M 50 6.87 21.38 21.44
C GLY M 50 7.52 21.01 20.12
N GLY M 51 8.61 20.28 20.22
CA GLY M 51 9.34 19.85 19.06
C GLY M 51 10.82 19.65 19.37
N SER M 52 11.61 19.80 18.32
CA SER M 52 13.03 19.43 18.35
C SER M 52 13.81 20.30 19.35
N VAL M 53 14.71 19.65 20.09
CA VAL M 53 15.51 20.39 21.07
C VAL M 53 16.44 21.40 20.40
N THR M 54 17.11 20.99 19.31
CA THR M 54 18.06 21.91 18.66
C THR M 54 17.35 23.04 17.93
N ALA M 55 16.20 22.75 17.28
CA ALA M 55 15.40 23.82 16.70
C ALA M 55 14.88 24.78 17.77
N GLY M 56 14.47 24.26 18.94
CA GLY M 56 14.07 25.14 20.03
C GLY M 56 15.22 26.02 20.51
N PHE M 57 16.41 25.43 20.64
CA PHE M 57 17.57 26.21 21.07
C PHE M 57 17.98 27.27 20.04
N ALA M 58 17.76 27.03 18.75
CA ALA M 58 18.00 28.11 17.79
C ALA M 58 17.13 29.33 18.12
N ILE M 59 15.85 29.09 18.47
CA ILE M 59 14.97 30.20 18.84
C ILE M 59 15.37 30.79 20.19
N TYR M 60 15.55 29.92 21.19
CA TYR M 60 15.93 30.37 22.53
C TYR M 60 17.12 31.31 22.48
N ASP M 61 18.24 30.84 21.89
CA ASP M 61 19.45 31.65 21.89
C ASP M 61 19.28 32.92 21.05
N THR M 62 18.42 32.90 20.03
CA THR M 62 18.22 34.13 19.27
C THR M 62 17.44 35.15 20.11
N ILE M 63 16.39 34.69 20.82
CA ILE M 63 15.70 35.53 21.79
C ILE M 63 16.68 36.19 22.74
N GLN M 64 17.61 35.41 23.30
CA GLN M 64 18.54 35.94 24.29
C GLN M 64 19.56 36.89 23.69
N HIS M 65 19.93 36.67 22.43
CA HIS M 65 21.05 37.39 21.86
C HIS M 65 20.67 38.81 21.46
N ILE M 66 19.44 39.02 20.98
CA ILE M 66 19.11 40.31 20.39
C ILE M 66 18.89 41.35 21.48
N LYS M 67 18.89 42.62 21.06
CA LYS M 67 18.71 43.72 22.01
C LYS M 67 17.28 43.84 22.52
N PRO M 68 16.22 43.81 21.70
CA PRO M 68 14.86 43.99 22.24
C PRO M 68 14.51 42.94 23.28
N ASP M 69 13.81 43.37 24.31
CA ASP M 69 13.05 42.45 25.13
C ASP M 69 12.10 41.64 24.25
N VAL M 70 12.00 40.35 24.49
CA VAL M 70 11.01 39.53 23.82
C VAL M 70 9.98 39.13 24.87
N GLN M 71 8.77 39.66 24.72
CA GLN M 71 7.65 39.26 25.57
C GLN M 71 7.13 37.92 25.09
N THR M 72 6.79 37.02 26.00
CA THR M 72 6.19 35.75 25.57
C THR M 72 4.80 35.61 26.15
N ILE M 73 3.85 35.19 25.32
CA ILE M 73 2.45 35.08 25.71
C ILE M 73 1.96 33.68 25.33
N CYS M 74 1.60 32.88 26.31
CA CYS M 74 1.06 31.56 26.07
C CYS M 74 -0.43 31.65 25.83
N ILE M 75 -0.89 31.20 24.66
CA ILE M 75 -2.30 31.01 24.37
C ILE M 75 -2.50 29.53 24.04
N GLY M 76 -3.54 28.93 24.59
CA GLY M 76 -3.81 27.55 24.30
C GLY M 76 -2.89 26.59 25.03
N MET M 77 -1.68 26.39 24.51
CA MET M 77 -0.78 25.41 25.12
C MET M 77 0.69 25.72 24.82
N ALA M 78 1.52 25.63 25.84
CA ALA M 78 2.97 25.64 25.69
C ALA M 78 3.46 24.39 26.39
N ALA M 79 3.76 23.37 25.60
CA ALA M 79 4.16 22.08 26.12
C ALA M 79 5.59 21.79 25.69
N SER M 80 6.37 21.18 26.59
CA SER M 80 7.70 20.66 26.22
C SER M 80 8.56 21.83 25.74
N MET M 81 9.15 21.77 24.54
CA MET M 81 9.94 22.89 24.07
C MET M 81 9.14 24.19 24.03
N GLY M 82 7.82 24.12 23.87
CA GLY M 82 7.02 25.34 23.90
C GLY M 82 7.06 26.03 25.25
N SER M 83 7.01 25.26 26.35
CA SER M 83 7.09 25.89 27.67
C SER M 83 8.51 26.36 27.98
N PHE M 84 9.53 25.69 27.44
CA PHE M 84 10.89 26.22 27.53
C PHE M 84 10.96 27.61 26.91
N LEU M 85 10.40 27.77 25.70
CA LEU M 85 10.47 29.08 25.06
C LEU M 85 9.56 30.10 25.74
N LEU M 86 8.48 29.64 26.37
CA LEU M 86 7.69 30.55 27.20
C LEU M 86 8.54 31.13 28.33
N ALA M 87 9.23 30.24 29.08
CA ALA M 87 10.15 30.66 30.13
C ALA M 87 11.30 31.52 29.64
N ALA M 88 11.59 31.51 28.34
CA ALA M 88 12.74 32.22 27.83
C ALA M 88 12.51 33.72 27.63
N GLY M 89 11.27 34.21 27.70
CA GLY M 89 11.03 35.62 27.45
C GLY M 89 11.63 36.50 28.54
N ALA M 90 11.68 37.81 28.26
CA ALA M 90 12.29 38.78 29.18
C ALA M 90 11.63 38.73 30.56
N LYS M 91 12.45 38.64 31.61
CA LYS M 91 11.90 38.48 32.95
C LYS M 91 11.05 39.70 33.30
N GLY M 92 9.86 39.43 33.85
CA GLY M 92 8.82 40.43 33.97
C GLY M 92 7.85 40.48 32.79
N LYS M 93 8.13 39.80 31.68
CA LYS M 93 7.31 39.96 30.48
C LYS M 93 6.88 38.61 29.91
N ARG M 94 6.65 37.66 30.79
CA ARG M 94 6.30 36.29 30.43
C ARG M 94 4.86 36.03 30.88
N PHE M 95 3.96 35.80 29.92
CA PHE M 95 2.52 35.75 30.21
C PHE M 95 1.85 34.46 29.75
N ALA M 96 0.77 34.10 30.45
CA ALA M 96 -0.20 33.14 29.96
C ALA M 96 -1.58 33.77 30.05
N LEU M 97 -2.44 33.44 29.07
CA LEU M 97 -3.86 33.71 29.20
C LEU M 97 -4.47 32.77 30.24
N PRO M 98 -5.61 33.17 30.83
CA PRO M 98 -6.14 32.44 32.00
C PRO M 98 -6.35 30.96 31.81
N ASN M 99 -6.71 30.52 30.62
CA ASN M 99 -7.07 29.12 30.42
C ASN M 99 -6.01 28.35 29.64
N ALA M 100 -4.89 28.99 29.33
CA ALA M 100 -3.77 28.31 28.70
C ALA M 100 -3.25 27.19 29.60
N GLU M 101 -2.65 26.18 28.97
CA GLU M 101 -2.05 25.04 29.64
C GLU M 101 -0.56 25.08 29.40
N VAL M 102 0.22 24.71 30.41
CA VAL M 102 1.66 24.56 30.26
C VAL M 102 1.99 23.13 30.68
N MET M 103 2.90 22.49 29.96
CA MET M 103 3.31 21.14 30.29
C MET M 103 4.82 21.01 30.18
N ILE M 104 5.44 20.35 31.16
CA ILE M 104 6.88 20.12 31.12
C ILE M 104 7.11 18.63 31.27
N HIS M 105 8.14 18.14 30.59
CA HIS M 105 8.54 16.76 30.76
C HIS M 105 9.97 16.59 30.25
N GLN M 106 10.53 15.43 30.47
CA GLN M 106 11.92 15.23 30.08
C GLN M 106 12.01 14.91 28.59
N PRO M 107 13.19 15.08 27.98
CA PRO M 107 13.30 14.85 26.52
C PRO M 107 13.11 13.39 26.14
N LEU M 108 12.76 13.19 24.87
CA LEU M 108 12.52 11.89 24.27
C LEU M 108 13.42 11.75 23.06
N GLY M 109 13.77 10.53 22.71
CA GLY M 109 14.63 10.30 21.58
C GLY M 109 14.56 8.85 21.16
N GLY M 110 15.53 8.47 20.34
CA GLY M 110 15.62 7.08 19.93
C GLY M 110 17.05 6.82 19.53
N ALA M 111 17.33 5.55 19.30
CA ALA M 111 18.66 5.14 18.90
C ALA M 111 18.59 3.70 18.41
N GLN M 112 19.40 3.38 17.42
CA GLN M 112 19.57 2.00 16.99
C GLN M 112 21.02 1.82 16.57
N GLY M 113 21.42 0.57 16.40
CA GLY M 113 22.75 0.30 15.93
C GLY M 113 23.52 -0.51 16.94
N GLN M 114 24.85 -0.41 16.88
CA GLN M 114 25.72 -1.16 17.77
C GLN M 114 25.63 -0.63 19.21
N ALA M 115 25.90 -1.53 20.16
CA ALA M 115 26.04 -1.12 21.56
C ALA M 115 26.77 0.20 21.69
N THR M 116 27.93 0.37 21.05
CA THR M 116 28.61 1.63 21.31
C THR M 116 27.88 2.81 20.67
N GLU M 117 27.15 2.63 19.56
CA GLU M 117 26.32 3.71 19.05
C GLU M 117 25.19 4.06 20.03
N ILE M 118 24.58 3.03 20.62
CA ILE M 118 23.49 3.29 21.56
C ILE M 118 24.00 4.03 22.78
N GLU M 119 25.23 3.71 23.21
CA GLU M 119 25.76 4.42 24.36
C GLU M 119 26.07 5.89 24.01
N ILE M 120 26.51 6.16 22.78
CA ILE M 120 26.77 7.54 22.38
C ILE M 120 25.48 8.35 22.38
N ALA M 121 24.41 7.78 21.80
CA ALA M 121 23.12 8.45 21.79
C ALA M 121 22.56 8.62 23.22
N ALA M 122 22.72 7.61 24.07
CA ALA M 122 22.24 7.73 25.45
C ALA M 122 22.97 8.86 26.20
N ASN M 123 24.31 8.88 26.14
CA ASN M 123 25.08 9.94 26.81
C ASN M 123 24.74 11.32 26.26
N HIS M 124 24.47 11.41 24.96
CA HIS M 124 24.13 12.71 24.39
C HIS M 124 22.75 13.20 24.86
N ILE M 125 21.75 12.32 24.95
CA ILE M 125 20.46 12.84 25.38
C ILE M 125 20.43 13.08 26.91
N LEU M 126 21.15 12.28 27.70
CA LEU M 126 21.29 12.60 29.12
C LEU M 126 21.98 13.95 29.32
N LYS M 127 23.05 14.22 28.55
CA LYS M 127 23.74 15.50 28.70
C LYS M 127 22.82 16.65 28.31
N THR M 128 22.06 16.46 27.23
CA THR M 128 21.10 17.48 26.82
C THR M 128 20.09 17.74 27.94
N ARG M 129 19.63 16.70 28.61
CA ARG M 129 18.70 16.88 29.71
C ARG M 129 19.32 17.70 30.84
N GLU M 130 20.59 17.42 31.20
CA GLU M 130 21.21 18.24 32.23
C GLU M 130 21.32 19.69 31.79
N LYS M 131 21.56 19.92 30.50
CA LYS M 131 21.63 21.31 30.04
C LYS M 131 20.24 21.97 30.06
N LEU M 132 19.19 21.25 29.64
CA LEU M 132 17.83 21.84 29.73
C LEU M 132 17.44 22.13 31.18
N ASN M 133 17.71 21.18 32.08
CA ASN M 133 17.40 21.38 33.50
C ASN M 133 18.07 22.63 34.06
N ARG M 134 19.34 22.83 33.73
CA ARG M 134 20.10 23.91 34.34
C ARG M 134 19.58 25.26 33.86
N ILE M 135 19.27 25.38 32.58
CA ILE M 135 18.70 26.61 32.03
C ILE M 135 17.31 26.88 32.61
N LEU M 136 16.46 25.85 32.70
CA LEU M 136 15.15 26.10 33.26
C LEU M 136 15.27 26.49 34.72
N SER M 137 16.32 25.98 35.40
CA SER M 137 16.56 26.32 36.79
C SER M 137 16.91 27.79 36.95
N GLU M 138 17.75 28.32 36.07
CA GLU M 138 18.03 29.74 36.04
C GLU M 138 16.79 30.55 35.64
N ARG M 139 15.95 30.00 34.78
CA ARG M 139 14.84 30.81 34.31
C ARG M 139 13.72 30.89 35.33
N THR M 140 13.63 29.91 36.22
CA THR M 140 12.48 29.73 37.08
C THR M 140 12.78 29.94 38.55
N GLY M 141 14.05 29.90 38.96
CA GLY M 141 14.37 29.88 40.37
C GLY M 141 14.19 28.54 41.05
N GLN M 142 13.69 27.51 40.35
CA GLN M 142 13.64 26.21 41.00
C GLN M 142 15.01 25.55 40.93
N SER M 143 15.26 24.66 41.88
CA SER M 143 16.51 23.92 41.85
C SER M 143 16.46 22.85 40.76
N ILE M 144 17.66 22.48 40.29
CA ILE M 144 17.80 21.47 39.24
C ILE M 144 17.22 20.14 39.69
N GLU M 145 17.45 19.77 40.93
CA GLU M 145 16.92 18.49 41.43
C GLU M 145 15.39 18.47 41.43
N LYS M 146 14.72 19.62 41.67
CA LYS M 146 13.26 19.67 41.62
C LYS M 146 12.76 19.60 40.18
N ILE M 147 13.41 20.32 39.27
CA ILE M 147 13.12 20.16 37.85
C ILE M 147 13.24 18.69 37.44
N GLN M 148 14.35 18.05 37.79
CA GLN M 148 14.57 16.65 37.43
C GLN M 148 13.39 15.78 37.87
N LYS M 149 12.95 15.92 39.13
CA LYS M 149 11.83 15.10 39.61
C LYS M 149 10.52 15.49 38.94
N ASP M 150 10.28 16.79 38.76
CA ASP M 150 8.99 17.26 38.26
C ASP M 150 8.83 17.01 36.77
N THR M 151 9.89 16.67 36.05
CA THR M 151 9.80 16.40 34.63
C THR M 151 9.95 14.94 34.34
N ASP M 152 10.10 14.09 35.36
CA ASP M 152 10.25 12.66 35.11
C ASP M 152 9.13 12.13 34.23
N ARG M 153 7.89 12.55 34.47
CA ARG M 153 6.79 12.27 33.56
C ARG M 153 6.08 13.58 33.22
N ASP M 154 5.11 13.49 32.29
CA ASP M 154 4.40 14.67 31.84
C ASP M 154 3.79 15.38 33.04
N ASN M 155 3.99 16.69 33.12
CA ASN M 155 3.58 17.49 34.27
C ASN M 155 2.79 18.67 33.72
N PHE M 156 1.46 18.58 33.77
CA PHE M 156 0.57 19.63 33.26
C PHE M 156 0.33 20.67 34.34
N LEU M 157 0.49 21.94 33.98
CA LEU M 157 0.29 23.05 34.91
C LEU M 157 -0.76 24.01 34.37
N THR M 158 -1.62 24.52 35.26
CA THR M 158 -2.47 25.65 34.90
C THR M 158 -1.62 26.91 34.77
N ALA M 159 -2.23 27.97 34.27
CA ALA M 159 -1.53 29.24 34.17
C ALA M 159 -1.11 29.71 35.55
N GLU M 160 -2.00 29.58 36.53
CA GLU M 160 -1.64 29.96 37.88
C GLU M 160 -0.53 29.08 38.43
N GLU M 161 -0.56 27.77 38.15
CA GLU M 161 0.53 26.93 38.61
C GLU M 161 1.83 27.26 37.88
N ALA M 162 1.76 27.69 36.63
CA ALA M 162 2.98 28.03 35.92
C ALA M 162 3.62 29.29 36.47
N LYS M 163 2.80 30.21 37.00
CA LYS M 163 3.34 31.43 37.58
C LYS M 163 3.97 31.15 38.94
N GLU M 164 3.32 30.29 39.73
CA GLU M 164 3.91 29.86 41.00
C GLU M 164 5.23 29.12 40.77
N TYR M 165 5.30 28.38 39.67
CA TYR M 165 6.49 27.60 39.35
C TYR M 165 7.63 28.50 38.92
N GLY M 166 7.32 29.66 38.35
CA GLY M 166 8.35 30.54 37.85
C GLY M 166 8.49 30.53 36.35
N LEU M 167 7.64 29.78 35.66
CA LEU M 167 7.72 29.70 34.21
C LEU M 167 7.21 30.98 33.55
N ILE M 168 6.26 31.67 34.18
CA ILE M 168 5.77 32.96 33.71
C ILE M 168 5.75 33.92 34.89
N ASP M 169 5.59 35.20 34.57
CA ASP M 169 5.55 36.24 35.59
C ASP M 169 4.12 36.62 36.00
N GLU M 170 3.17 36.66 35.05
CA GLU M 170 1.80 37.04 35.35
C GLU M 170 0.82 36.24 34.50
N VAL M 171 -0.40 36.11 35.01
CA VAL M 171 -1.54 35.63 34.23
C VAL M 171 -2.22 36.85 33.65
N MET M 172 -2.35 36.90 32.33
CA MET M 172 -2.91 38.07 31.69
C MET M 172 -4.42 38.14 31.90
N VAL M 173 -4.89 39.28 32.40
CA VAL M 173 -6.31 39.52 32.64
C VAL M 173 -6.90 40.29 31.46
N PRO M 174 -8.22 40.15 31.21
CA PRO M 174 -8.85 40.92 30.11
C PRO M 174 -8.88 42.44 30.28
N GLU M 175 -9.77 43.12 29.54
CA GLU M 175 -10.03 44.57 29.61
C GLU M 175 -8.83 45.38 29.12
N THR M 176 -7.76 44.69 28.72
CA THR M 176 -6.60 45.30 28.08
C THR M 176 -6.27 44.48 26.84
N LYS M 177 -5.63 45.09 25.86
CA LYS M 177 -5.31 44.37 24.63
C LYS M 177 -4.08 43.43 24.73
N ASP N 1 -11.52 38.90 -0.02
CA ASP N 1 -10.92 38.13 -1.09
C ASP N 1 -10.99 36.60 -0.96
N ILE N 2 -12.16 36.02 -0.63
CA ILE N 2 -13.38 36.73 -0.29
C ILE N 2 -13.39 37.03 1.22
N TYR N 3 -12.61 36.25 1.98
CA TYR N 3 -12.55 36.44 3.43
C TYR N 3 -11.85 37.73 3.78
N SER N 4 -10.88 38.15 2.97
CA SER N 4 -10.19 39.41 3.20
C SER N 4 -11.11 40.60 3.01
N ARG N 5 -12.08 40.49 2.10
CA ARG N 5 -13.05 41.54 1.92
C ARG N 5 -14.00 41.62 3.11
N LEU N 6 -14.41 40.46 3.65
CA LEU N 6 -15.26 40.48 4.83
C LEU N 6 -14.50 40.94 6.06
N LEU N 7 -13.18 40.69 6.10
CA LEU N 7 -12.37 41.17 7.22
C LEU N 7 -12.47 42.68 7.33
N LYS N 8 -12.53 43.37 6.18
CA LYS N 8 -12.69 44.83 6.24
C LYS N 8 -13.98 45.23 6.96
N ASP N 9 -15.01 44.39 6.92
CA ASP N 9 -16.24 44.62 7.68
C ASP N 9 -16.18 44.03 9.07
N ARG N 10 -14.99 43.64 9.57
CA ARG N 10 -14.83 43.09 10.93
C ARG N 10 -15.56 41.76 11.12
N ILE N 11 -15.70 41.01 10.02
CA ILE N 11 -16.30 39.67 10.02
C ILE N 11 -15.19 38.62 9.92
N ILE N 12 -15.28 37.59 10.76
CA ILE N 12 -14.36 36.46 10.72
C ILE N 12 -15.19 35.20 10.48
N MET N 13 -14.76 34.35 9.56
CA MET N 13 -15.46 33.10 9.26
C MET N 13 -14.70 31.92 9.87
N LEU N 14 -15.34 31.19 10.76
CA LEU N 14 -14.80 29.95 11.30
C LEU N 14 -15.63 28.82 10.73
N GLY N 15 -15.15 28.21 9.64
CA GLY N 15 -15.91 27.18 8.95
C GLY N 15 -15.24 25.82 8.83
N SER N 16 -14.59 25.33 9.88
CA SER N 16 -13.86 24.06 9.77
C SER N 16 -13.62 23.50 11.15
N GLN N 17 -13.11 22.27 11.19
CA GLN N 17 -12.50 21.75 12.42
C GLN N 17 -11.53 22.77 12.99
N ILE N 18 -11.41 22.79 14.33
CA ILE N 18 -10.53 23.70 15.03
C ILE N 18 -9.24 22.93 15.35
N ASP N 19 -8.17 23.19 14.60
CA ASP N 19 -6.85 22.70 14.98
C ASP N 19 -5.94 23.90 15.26
N ASP N 20 -4.65 23.63 15.45
CA ASP N 20 -3.73 24.69 15.81
C ASP N 20 -3.61 25.75 14.71
N ASN N 21 -3.67 25.33 13.44
CA ASN N 21 -3.55 26.31 12.35
C ASN N 21 -4.78 27.20 12.25
N VAL N 22 -5.98 26.59 12.32
CA VAL N 22 -7.21 27.35 12.39
C VAL N 22 -7.20 28.32 13.58
N ALA N 23 -6.83 27.83 14.76
CA ALA N 23 -6.83 28.70 15.94
C ALA N 23 -5.91 29.90 15.75
N ASN N 24 -4.75 29.67 15.13
CA ASN N 24 -3.79 30.76 15.00
C ASN N 24 -4.20 31.76 13.92
N SER N 25 -4.84 31.28 12.86
CA SER N 25 -5.49 32.21 11.95
C SER N 25 -6.53 33.05 12.68
N ILE N 26 -7.46 32.40 13.38
CA ILE N 26 -8.54 33.14 14.04
C ILE N 26 -7.97 34.10 15.09
N VAL N 27 -7.01 33.62 15.89
CA VAL N 27 -6.43 34.50 16.92
C VAL N 27 -5.80 35.72 16.27
N SER N 28 -5.06 35.52 15.17
CA SER N 28 -4.40 36.63 14.48
C SER N 28 -5.41 37.61 13.89
N GLN N 29 -6.55 37.13 13.40
CA GLN N 29 -7.56 38.05 12.87
C GLN N 29 -8.22 38.85 13.99
N LEU N 30 -8.46 38.23 15.15
CA LEU N 30 -8.91 39.00 16.31
C LEU N 30 -7.91 40.09 16.68
N LEU N 31 -6.62 39.73 16.81
CA LEU N 31 -5.59 40.69 17.20
C LEU N 31 -5.49 41.82 16.18
N PHE N 32 -5.60 41.48 14.90
CA PHE N 32 -5.55 42.48 13.83
C PHE N 32 -6.72 43.45 13.92
N LEU N 33 -7.93 42.93 14.16
CA LEU N 33 -9.10 43.80 14.14
C LEU N 33 -9.10 44.74 15.33
N GLN N 34 -8.56 44.29 16.46
CA GLN N 34 -8.41 45.18 17.61
C GLN N 34 -7.38 46.27 17.34
N ALA N 35 -6.23 45.91 16.75
CA ALA N 35 -5.23 46.90 16.39
C ALA N 35 -5.81 47.96 15.46
N GLN N 36 -6.61 47.53 14.49
CA GLN N 36 -7.27 48.48 13.61
C GLN N 36 -8.25 49.37 14.37
N ASP N 37 -8.99 48.80 15.32
CA ASP N 37 -10.00 49.58 16.03
C ASP N 37 -10.39 48.83 17.30
N SER N 38 -10.14 49.43 18.45
CA SER N 38 -10.40 48.72 19.70
C SER N 38 -11.83 48.86 20.18
N GLU N 39 -12.67 49.62 19.48
CA GLU N 39 -14.01 49.91 19.99
C GLU N 39 -15.12 49.17 19.25
N LYS N 40 -14.99 49.02 17.94
CA LYS N 40 -16.08 48.45 17.14
C LYS N 40 -16.20 46.94 17.35
N ASP N 41 -17.43 46.47 17.23
CA ASP N 41 -17.72 45.05 17.38
C ASP N 41 -17.02 44.22 16.30
N ILE N 42 -16.77 42.96 16.64
CA ILE N 42 -16.28 41.97 15.69
C ILE N 42 -17.34 40.89 15.54
N TYR N 43 -17.55 40.38 14.33
CA TYR N 43 -18.56 39.35 14.08
C TYR N 43 -17.89 38.05 13.67
N LEU N 44 -18.08 37.02 14.48
CA LEU N 44 -17.46 35.73 14.28
C LEU N 44 -18.55 34.74 13.95
N TYR N 45 -18.60 34.34 12.68
CA TYR N 45 -19.46 33.27 12.19
C TYR N 45 -18.85 31.91 12.50
N ILE N 46 -19.68 30.99 12.99
CA ILE N 46 -19.19 29.68 13.42
C ILE N 46 -20.00 28.62 12.68
N ASN N 47 -19.30 27.75 11.96
CA ASN N 47 -19.84 26.54 11.36
C ASN N 47 -18.74 25.50 11.51
N SER N 48 -18.81 24.74 12.59
CA SER N 48 -17.63 23.97 12.93
C SER N 48 -18.08 22.71 13.64
N PRO N 49 -17.53 21.56 13.29
CA PRO N 49 -17.80 20.34 14.05
C PRO N 49 -16.98 20.20 15.33
N GLY N 50 -16.13 21.15 15.67
CA GLY N 50 -15.31 21.06 16.86
C GLY N 50 -13.84 20.97 16.52
N GLY N 51 -13.05 20.58 17.51
CA GLY N 51 -11.62 20.41 17.32
C GLY N 51 -10.90 20.27 18.63
N SER N 52 -9.61 20.60 18.60
CA SER N 52 -8.74 20.45 19.75
C SER N 52 -9.14 21.40 20.89
N VAL N 53 -9.14 20.87 22.12
CA VAL N 53 -9.46 21.69 23.29
C VAL N 53 -8.47 22.84 23.45
N THR N 54 -7.15 22.60 23.27
CA THR N 54 -6.23 23.70 23.53
C THR N 54 -6.30 24.75 22.43
N ALA N 55 -6.41 24.33 21.18
CA ALA N 55 -6.66 25.30 20.10
C ALA N 55 -7.95 26.09 20.34
N GLY N 56 -9.00 25.41 20.79
CA GLY N 56 -10.23 26.11 21.13
C GLY N 56 -10.03 27.14 22.23
N PHE N 57 -9.22 26.81 23.25
CA PHE N 57 -8.97 27.77 24.33
C PHE N 57 -8.11 28.95 23.87
N ALA N 58 -7.15 28.73 22.95
CA ALA N 58 -6.46 29.85 22.32
C ALA N 58 -7.45 30.89 21.77
N ILE N 59 -8.46 30.44 21.01
CA ILE N 59 -9.50 31.35 20.48
C ILE N 59 -10.33 31.95 21.62
N TYR N 60 -10.78 31.11 22.55
CA TYR N 60 -11.62 31.56 23.65
C TYR N 60 -10.95 32.68 24.45
N ASP N 61 -9.77 32.38 25.00
CA ASP N 61 -9.08 33.39 25.80
C ASP N 61 -8.80 34.66 24.99
N THR N 62 -8.60 34.54 23.68
CA THR N 62 -8.36 35.74 22.90
C THR N 62 -9.65 36.56 22.77
N ILE N 63 -10.78 35.90 22.52
CA ILE N 63 -12.07 36.59 22.54
C ILE N 63 -12.25 37.39 23.81
N GLN N 64 -11.94 36.76 24.97
CA GLN N 64 -12.13 37.45 26.24
C GLN N 64 -11.11 38.54 26.46
N HIS N 65 -9.94 38.43 25.84
CA HIS N 65 -8.88 39.37 26.18
C HIS N 65 -9.06 40.73 25.51
N ILE N 66 -9.40 40.74 24.23
CA ILE N 66 -9.43 41.98 23.48
C ILE N 66 -10.56 42.90 23.99
N LYS N 67 -10.40 44.21 23.70
CA LYS N 67 -11.43 45.16 24.11
C LYS N 67 -12.73 45.00 23.34
N PRO N 68 -12.74 44.86 22.01
CA PRO N 68 -14.02 44.83 21.28
C PRO N 68 -14.93 43.70 21.75
N ASP N 69 -16.23 43.95 21.70
CA ASP N 69 -17.20 42.86 21.74
C ASP N 69 -17.00 41.95 20.55
N VAL N 70 -17.06 40.64 20.77
CA VAL N 70 -17.07 39.65 19.70
C VAL N 70 -18.45 39.03 19.70
N GLN N 71 -19.23 39.33 18.67
CA GLN N 71 -20.51 38.66 18.46
C GLN N 71 -20.25 37.30 17.81
N THR N 72 -20.99 36.29 18.24
CA THR N 72 -20.87 34.95 17.64
C THR N 72 -22.16 34.58 16.94
N ILE N 73 -22.06 34.03 15.74
CA ILE N 73 -23.24 33.68 14.93
C ILE N 73 -23.09 32.25 14.41
N CYS N 74 -23.93 31.35 14.91
CA CYS N 74 -23.89 29.97 14.47
C CYS N 74 -24.70 29.83 13.20
N ILE N 75 -24.05 29.37 12.13
CA ILE N 75 -24.73 28.99 10.90
C ILE N 75 -24.39 27.53 10.64
N GLY N 76 -25.39 26.74 10.33
CA GLY N 76 -25.14 25.35 9.99
C GLY N 76 -25.01 24.55 11.26
N MET N 77 -23.81 24.52 11.85
CA MET N 77 -23.59 23.66 13.01
C MET N 77 -22.49 24.23 13.91
N ALA N 78 -22.76 24.28 15.21
CA ALA N 78 -21.71 24.50 16.19
C ALA N 78 -21.72 23.28 17.11
N ALA N 79 -20.78 22.38 16.90
CA ALA N 79 -20.66 21.17 17.68
C ALA N 79 -19.38 21.18 18.51
N SER N 80 -19.47 20.55 19.70
CA SER N 80 -18.31 20.27 20.53
C SER N 80 -17.58 21.57 20.83
N MET N 81 -16.31 21.74 20.47
CA MET N 81 -15.64 23.00 20.73
C MET N 81 -16.25 24.16 19.95
N GLY N 82 -16.93 23.88 18.83
CA GLY N 82 -17.68 24.93 18.15
C GLY N 82 -18.76 25.54 19.03
N SER N 83 -19.50 24.71 19.79
CA SER N 83 -20.54 25.31 20.63
C SER N 83 -19.94 26.01 21.84
N PHE N 84 -18.77 25.56 22.30
CA PHE N 84 -18.09 26.27 23.38
C PHE N 84 -17.75 27.69 22.94
N LEU N 85 -17.21 27.84 21.73
CA LEU N 85 -16.87 29.18 21.27
C LEU N 85 -18.12 29.99 20.95
N LEU N 86 -19.19 29.37 20.47
CA LEU N 86 -20.46 30.08 20.28
C LEU N 86 -20.89 30.74 21.59
N ALA N 87 -20.95 29.97 22.66
CA ALA N 87 -21.36 30.45 23.97
C ALA N 87 -20.37 31.45 24.56
N ALA N 88 -19.22 31.65 23.94
CA ALA N 88 -18.19 32.55 24.45
C ALA N 88 -18.30 33.99 23.93
N GLY N 89 -19.16 34.29 22.96
CA GLY N 89 -19.30 35.66 22.50
C GLY N 89 -19.85 36.60 23.58
N ALA N 90 -19.82 37.89 23.26
CA ALA N 90 -20.31 38.93 24.16
C ALA N 90 -21.76 38.66 24.54
N LYS N 91 -22.07 38.77 25.83
CA LYS N 91 -23.40 38.36 26.27
C LYS N 91 -24.45 39.33 25.72
N GLY N 92 -25.59 38.78 25.31
CA GLY N 92 -26.51 39.52 24.49
C GLY N 92 -26.17 39.55 23.01
N LYS N 93 -24.99 39.05 22.60
CA LYS N 93 -24.66 39.08 21.18
C LYS N 93 -24.23 37.71 20.65
N ARG N 94 -24.81 36.63 21.16
CA ARG N 94 -24.56 35.28 20.66
C ARG N 94 -25.83 34.77 19.96
N PHE N 95 -25.71 34.37 18.70
CA PHE N 95 -26.86 34.08 17.85
C PHE N 95 -26.73 32.74 17.15
N ALA N 96 -27.87 32.23 16.73
CA ALA N 96 -27.91 31.16 15.77
C ALA N 96 -29.01 31.44 14.76
N LEU N 97 -28.73 31.06 13.51
CA LEU N 97 -29.73 31.07 12.48
C LEU N 97 -30.80 30.02 12.78
N PRO N 98 -32.03 30.19 12.23
CA PRO N 98 -33.17 29.37 12.70
C PRO N 98 -32.97 27.87 12.54
N ASN N 99 -32.29 27.40 11.49
CA ASN N 99 -32.18 25.96 11.30
C ASN N 99 -30.81 25.42 11.70
N ALA N 100 -29.94 26.26 12.26
CA ALA N 100 -28.63 25.81 12.70
C ALA N 100 -28.74 24.83 13.87
N GLU N 101 -27.82 23.88 13.94
CA GLU N 101 -27.75 22.82 14.95
C GLU N 101 -26.61 23.14 15.92
N VAL N 102 -26.84 22.93 17.21
CA VAL N 102 -25.80 23.01 18.23
C VAL N 102 -25.70 21.66 18.91
N MET N 103 -24.48 21.23 19.24
CA MET N 103 -24.31 19.96 19.95
C MET N 103 -23.23 20.08 21.01
N ILE N 104 -23.49 19.50 22.18
CA ILE N 104 -22.54 19.48 23.28
C ILE N 104 -22.27 18.03 23.65
N HIS N 105 -21.01 17.71 23.96
CA HIS N 105 -20.64 16.42 24.51
C HIS N 105 -19.31 16.56 25.26
N GLN N 106 -18.99 15.54 26.04
CA GLN N 106 -17.77 15.56 26.86
C GLN N 106 -16.52 15.34 25.99
N PRO N 107 -15.34 15.73 26.47
CA PRO N 107 -14.15 15.59 25.63
C PRO N 107 -13.78 14.13 25.37
N LEU N 108 -12.98 13.95 24.31
CA LEU N 108 -12.47 12.66 23.88
C LEU N 108 -10.93 12.69 23.82
N GLY N 109 -10.32 11.53 23.97
CA GLY N 109 -8.87 11.47 23.89
C GLY N 109 -8.37 10.06 23.78
N GLY N 110 -7.07 9.92 24.00
CA GLY N 110 -6.44 8.63 23.88
C GLY N 110 -5.22 8.63 24.76
N ALA N 111 -4.76 7.43 25.08
CA ALA N 111 -3.64 7.29 26.01
C ALA N 111 -3.03 5.92 25.80
N GLN N 112 -1.72 5.89 25.70
CA GLN N 112 -0.94 4.68 25.50
C GLN N 112 0.26 4.70 26.44
N GLY N 113 0.74 3.53 26.84
CA GLY N 113 2.00 3.48 27.56
C GLY N 113 1.88 2.67 28.83
N GLN N 114 2.71 3.00 29.81
CA GLN N 114 2.69 2.32 31.10
C GLN N 114 1.46 2.71 31.91
N ALA N 115 1.06 1.82 32.83
CA ALA N 115 -0.01 2.17 33.77
C ALA N 115 0.09 3.60 34.26
N THR N 116 1.27 4.04 34.71
CA THR N 116 1.32 5.38 35.30
C THR N 116 1.17 6.48 34.24
N GLU N 117 1.62 6.28 32.99
CA GLU N 117 1.36 7.24 31.92
C GLU N 117 -0.14 7.32 31.61
N ILE N 118 -0.83 6.18 31.60
CA ILE N 118 -2.28 6.19 31.35
C ILE N 118 -3.02 6.95 32.47
N GLU N 119 -2.60 6.73 33.73
CA GLU N 119 -3.13 7.49 34.84
C GLU N 119 -2.91 8.99 34.66
N ILE N 120 -1.71 9.40 34.25
CA ILE N 120 -1.46 10.82 34.08
C ILE N 120 -2.37 11.40 33.00
N ALA N 121 -2.56 10.67 31.89
CA ALA N 121 -3.42 11.15 30.81
C ALA N 121 -4.88 11.16 31.24
N ALA N 122 -5.33 10.14 31.97
CA ALA N 122 -6.70 10.12 32.46
C ALA N 122 -6.96 11.30 33.39
N ASN N 123 -6.10 11.50 34.39
CA ASN N 123 -6.25 12.65 35.27
C ASN N 123 -6.28 13.94 34.49
N HIS N 124 -5.38 14.09 33.49
CA HIS N 124 -5.34 15.34 32.73
C HIS N 124 -6.63 15.59 31.93
N ILE N 125 -7.23 14.54 31.35
CA ILE N 125 -8.44 14.82 30.58
C ILE N 125 -9.66 15.00 31.51
N LEU N 126 -9.71 14.31 32.65
CA LEU N 126 -10.75 14.60 33.65
C LEU N 126 -10.67 16.03 34.18
N LYS N 127 -9.46 16.52 34.45
CA LYS N 127 -9.29 17.90 34.90
C LYS N 127 -9.76 18.87 33.83
N THR N 128 -9.39 18.59 32.57
CA THR N 128 -9.79 19.44 31.45
C THR N 128 -11.32 19.47 31.33
N ARG N 129 -11.96 18.32 31.54
CA ARG N 129 -13.41 18.26 31.52
C ARG N 129 -14.04 19.11 32.61
N GLU N 130 -13.45 19.10 33.82
CA GLU N 130 -13.99 19.94 34.90
C GLU N 130 -13.79 21.41 34.59
N LYS N 131 -12.69 21.76 33.92
CA LYS N 131 -12.50 23.14 33.56
C LYS N 131 -13.50 23.57 32.48
N LEU N 132 -13.75 22.71 31.49
CA LEU N 132 -14.71 23.06 30.45
C LEU N 132 -16.12 23.19 31.05
N ASN N 133 -16.51 22.22 31.87
CA ASN N 133 -17.81 22.29 32.55
C ASN N 133 -17.96 23.56 33.38
N ARG N 134 -16.90 23.96 34.09
CA ARG N 134 -17.01 25.15 34.93
C ARG N 134 -17.19 26.41 34.07
N ILE N 135 -16.47 26.50 32.96
CA ILE N 135 -16.59 27.69 32.12
C ILE N 135 -17.94 27.73 31.46
N LEU N 136 -18.39 26.61 30.91
CA LEU N 136 -19.71 26.59 30.29
C LEU N 136 -20.79 26.89 31.34
N SER N 137 -20.58 26.44 32.57
CA SER N 137 -21.51 26.75 33.65
C SER N 137 -21.61 28.26 33.87
N GLU N 138 -20.48 28.95 33.80
CA GLU N 138 -20.46 30.41 33.96
C GLU N 138 -21.05 31.11 32.75
N ARG N 139 -21.00 30.48 31.59
CA ARG N 139 -21.42 31.12 30.36
C ARG N 139 -22.91 30.97 30.12
N THR N 140 -23.53 29.95 30.72
CA THR N 140 -24.90 29.54 30.45
C THR N 140 -25.85 29.69 31.64
N GLY N 141 -25.36 29.62 32.87
CA GLY N 141 -26.22 29.53 34.02
C GLY N 141 -26.61 28.13 34.42
N GLN N 142 -26.21 27.12 33.66
CA GLN N 142 -26.48 25.76 34.11
C GLN N 142 -25.51 25.38 35.21
N SER N 143 -25.94 24.45 36.07
CA SER N 143 -24.95 24.08 37.07
C SER N 143 -23.90 23.16 36.44
N ILE N 144 -22.77 23.02 37.14
CA ILE N 144 -21.71 22.11 36.72
C ILE N 144 -22.23 20.68 36.64
N GLU N 145 -22.98 20.24 37.65
CA GLU N 145 -23.42 18.86 37.70
C GLU N 145 -24.40 18.58 36.56
N LYS N 146 -25.13 19.62 36.10
CA LYS N 146 -26.07 19.43 34.99
C LYS N 146 -25.34 19.36 33.66
N ILE N 147 -24.37 20.25 33.43
CA ILE N 147 -23.50 20.12 32.26
C ILE N 147 -22.91 18.72 32.20
N GLN N 148 -22.38 18.23 33.33
CA GLN N 148 -21.79 16.89 33.39
C GLN N 148 -22.78 15.83 32.90
N LYS N 149 -23.99 15.82 33.47
CA LYS N 149 -25.01 14.86 33.01
C LYS N 149 -25.37 15.05 31.54
N ASP N 150 -25.48 16.29 31.08
CA ASP N 150 -26.03 16.57 29.76
C ASP N 150 -25.04 16.30 28.63
N THR N 151 -23.74 16.25 28.93
CA THR N 151 -22.71 16.01 27.94
C THR N 151 -22.17 14.60 28.03
N ASP N 152 -22.80 13.72 28.81
CA ASP N 152 -22.28 12.37 28.96
C ASP N 152 -22.26 11.65 27.62
N ARG N 153 -23.31 11.85 26.80
CA ARG N 153 -23.35 11.44 25.39
C ARG N 153 -23.71 12.65 24.52
N ASP N 154 -23.65 12.46 23.20
CA ASP N 154 -23.91 13.54 22.26
C ASP N 154 -25.29 14.14 22.54
N ASN N 155 -25.39 15.46 22.53
CA ASN N 155 -26.61 16.14 22.96
C ASN N 155 -26.89 17.23 21.93
N PHE N 156 -27.85 16.95 21.05
CA PHE N 156 -28.16 17.78 19.90
C PHE N 156 -29.27 18.75 20.28
N LEU N 157 -29.08 20.03 19.98
CA LEU N 157 -30.02 21.09 20.34
C LEU N 157 -30.38 21.91 19.10
N THR N 158 -31.68 22.18 18.93
CA THR N 158 -32.12 23.18 17.96
C THR N 158 -31.71 24.57 18.43
N ALA N 159 -31.84 25.53 17.52
CA ALA N 159 -31.47 26.91 17.85
C ALA N 159 -32.30 27.43 19.01
N GLU N 160 -33.61 27.13 19.06
CA GLU N 160 -34.41 27.59 20.19
C GLU N 160 -34.01 26.88 21.50
N GLU N 161 -33.73 25.57 21.45
CA GLU N 161 -33.25 24.90 22.64
C GLU N 161 -31.92 25.46 23.09
N ALA N 162 -31.06 25.84 22.14
CA ALA N 162 -29.77 26.40 22.53
C ALA N 162 -29.96 27.72 23.26
N LYS N 163 -30.99 28.47 22.88
CA LYS N 163 -31.31 29.72 23.57
C LYS N 163 -31.83 29.45 24.97
N GLU N 164 -32.76 28.50 25.10
CA GLU N 164 -33.24 28.12 26.43
C GLU N 164 -32.12 27.56 27.26
N TYR N 165 -31.09 26.99 26.62
CA TYR N 165 -29.97 26.43 27.37
C TYR N 165 -29.03 27.51 27.90
N GLY N 166 -29.12 28.73 27.36
CA GLY N 166 -28.13 29.75 27.64
C GLY N 166 -26.87 29.70 26.78
N LEU N 167 -26.87 28.92 25.68
CA LEU N 167 -25.69 28.90 24.81
C LEU N 167 -25.68 30.10 23.86
N ILE N 168 -26.87 30.54 23.46
CA ILE N 168 -27.03 31.76 22.67
C ILE N 168 -28.09 32.63 23.35
N ASP N 169 -28.15 33.90 22.92
CA ASP N 169 -29.12 34.84 23.43
C ASP N 169 -30.35 34.97 22.55
N GLU N 170 -30.21 34.89 21.23
CA GLU N 170 -31.34 35.06 20.32
C GLU N 170 -31.19 34.17 19.09
N VAL N 171 -32.32 33.70 18.59
CA VAL N 171 -32.40 33.16 17.25
C VAL N 171 -32.52 34.32 16.26
N MET N 172 -31.68 34.33 15.25
CA MET N 172 -31.70 35.43 14.31
C MET N 172 -32.82 35.25 13.31
N VAL N 173 -33.68 36.25 13.17
CA VAL N 173 -34.83 36.23 12.26
C VAL N 173 -34.46 36.93 10.95
N PRO N 174 -35.15 36.64 9.89
CA PRO N 174 -34.89 37.27 8.60
C PRO N 174 -35.20 38.76 8.50
N GLU N 175 -35.08 39.24 7.29
CA GLU N 175 -35.35 40.61 6.81
C GLU N 175 -34.43 41.59 7.43
N THR N 176 -33.24 41.16 7.83
CA THR N 176 -32.29 42.11 8.41
C THR N 176 -30.97 41.65 7.93
N LYS N 177 -30.02 42.55 7.76
CA LYS N 177 -28.66 42.22 7.33
C LYS N 177 -28.16 40.89 7.82
N3 E4U O . 26.45 -15.16 -5.19
C6 E4U O . 26.82 -15.45 -6.59
C8 E4U O . 27.97 -16.51 -6.49
C10 E4U O . 30.08 -15.81 -7.93
C15 E4U O . 23.09 -12.02 -2.68
C17 E4U O . 26.70 -13.85 -1.89
C21 E4U O . 28.51 -11.14 -0.05
C22 E4U O . 27.33 -11.64 -0.58
C24 E4U O . 27.31 -9.14 0.73
C26 E4U O . 26.12 -10.89 -0.44
C28 E4U O . 21.19 -12.10 -1.21
B7 E4U O . 25.55 -15.87 -7.49
C1 E4U O . 26.63 -13.17 -3.27
C11 E4U O . 29.81 -18.12 -7.27
C14 E4U O . 24.09 -12.79 -3.56
C18 E4U O . 27.64 -12.92 -1.14
C19 E4U O . 29.03 -13.07 -0.97
C2 E4U O . 26.80 -13.83 -4.70
C23 E4U O . 28.50 -9.88 0.59
C25 E4U O . 26.11 -9.65 0.22
C27 E4U O . 22.09 -12.72 -2.06
C29 E4U O . 21.33 -10.75 -0.93
C30 E4U O . 22.35 -10.03 -1.52
C31 E4U O . 23.27 -10.67 -2.38
C9 E4U O . 29.01 -16.84 -7.59
N20 E4U O . 29.52 -12.03 -0.31
N5 E4U O . 25.38 -12.62 -2.98
O12 E4U O . 24.82 -14.96 -8.24
O13 E4U O . 25.04 -17.13 -7.36
O16 E4U O . 23.90 -13.49 -4.50
O4 E4U O . 27.29 -13.20 -5.58
CL2 E4U O . 21.90 -14.45 -2.41
CL3 E4U O . 22.51 -8.30 -1.13
N3 E4U P . 10.09 -18.10 -22.89
C6 E4U P . 9.21 -18.30 -24.08
C8 E4U P . 9.82 -19.54 -24.80
C10 E4U P . 9.90 -18.98 -27.34
C15 E4U P . 10.47 -14.92 -18.88
C17 E4U P . 12.97 -17.36 -21.08
C21 E4U P . 15.97 -15.15 -21.42
C22 E4U P . 14.77 -15.44 -20.79
C24 E4U P . 16.23 -13.19 -19.99
C26 E4U P . 14.27 -14.60 -19.75
C28 E4U P . 10.38 -14.86 -16.47
B7 E4U P . 7.68 -18.48 -23.68
C1 E4U P . 12.02 -16.45 -21.89
C11 E4U P . 10.04 -21.33 -26.63
C14 E4U P . 10.30 -15.73 -20.16
C18 E4U P . 14.29 -16.65 -21.39
C19 E4U P . 15.22 -16.97 -22.40
C2 E4U P . 10.94 -16.91 -22.93
C23 E4U P . 16.70 -14.01 -21.02
C25 E4U P . 15.02 -13.48 -19.35
C27 E4U P . 10.21 -15.54 -17.67
C29 E4U P . 10.88 -13.57 -16.49
C30 E4U P . 11.18 -12.96 -17.71
C31 E4U P . 11.00 -13.64 -18.92
C9 E4U P . 9.47 -19.96 -26.25
N20 E4U P . 16.21 -16.09 -22.37
N5 E4U P . 11.58 -15.77 -20.74
O12 E4U P . 6.81 -17.42 -23.56
O13 E4U P . 7.28 -19.66 -23.15
O16 E4U P . 9.37 -16.29 -20.62
O4 E4U P . 10.77 -16.24 -23.91
CL2 E4U P . 9.58 -17.19 -17.71
CL3 E4U P . 11.82 -11.29 -17.73
N3 E4U Q . -14.23 -17.15 -21.32
C6 E4U Q . -15.72 -17.09 -21.37
C8 E4U Q . -16.09 -18.26 -22.33
C10 E4U Q . -17.79 -17.54 -24.20
C15 E4U Q . -10.37 -14.32 -19.30
C17 E4U Q . -10.93 -16.83 -22.56
C21 E4U Q . -8.87 -14.82 -25.02
C22 E4U Q . -9.26 -15.05 -23.72
C24 E4U Q . -7.41 -12.96 -24.31
C26 E4U Q . -8.71 -14.22 -22.68
C28 E4U Q . -8.52 -14.69 -17.81
B7 E4U Q . -16.41 -17.07 -19.91
C1 E4U Q . -12.07 -15.80 -22.30
C11 E4U Q . -17.56 -19.87 -23.62
C14 E4U Q . -11.67 -14.85 -19.93
C18 E4U Q . -10.17 -16.18 -23.73
C19 E4U Q . -10.30 -16.51 -25.09
C2 E4U Q . -13.59 -16.08 -22.05
C23 E4U Q . -7.96 -13.78 -25.32
C25 E4U Q . -7.80 -13.20 -22.99
C27 E4U Q . -9.72 -15.09 -18.36
C29 E4U Q . -7.94 -13.51 -18.23
C30 E4U Q . -8.55 -12.74 -19.19
C31 E4U Q . -9.77 -13.15 -19.75
C9 E4U Q . -17.45 -18.47 -23.04
N20 E4U Q . -9.51 -15.73 -25.83
N5 E4U Q . -11.36 -15.21 -21.26
O12 E4U Q . -16.84 -15.90 -19.31
O13 E4U Q . -16.46 -18.19 -19.14
O16 E4U Q . -12.75 -14.98 -19.49
O4 E4U Q . -14.39 -15.35 -22.55
CL2 E4U Q . -10.48 -16.60 -17.83
CL3 E4U Q . -7.75 -11.23 -19.70
N3 E4U R . -20.99 -8.13 20.94
C6 E4U R . -20.76 -7.84 22.37
C8 E4U R . -21.96 -8.54 23.10
C10 E4U R . -23.11 -7.35 25.15
C15 E4U R . -19.25 -6.56 16.40
C17 E4U R . -22.81 -8.13 17.92
C21 E4U R . -25.20 -5.95 16.05
C22 E4U R . -23.90 -6.40 16.25
C24 E4U R . -24.45 -4.48 14.22
C26 E4U R . -22.86 -5.90 15.41
C28 E4U R . -18.27 -7.46 14.38
B7 E4U R . -19.25 -8.16 22.84
C1 E4U R . -22.14 -7.00 18.74
C11 E4U R . -22.97 -9.78 25.08
C14 E4U R . -19.74 -6.82 17.82
C18 E4U R . -23.95 -7.35 17.31
C19 E4U R . -25.29 -7.36 17.74
C2 E4U R . -21.67 -7.06 20.24
C23 E4U R . -25.47 -4.97 15.05
C25 E4U R . -23.15 -4.97 14.40
C27 E4U R . -18.69 -7.60 15.70
C29 E4U R . -18.47 -6.23 13.75
C30 E4U R . -19.09 -5.18 14.43
C31 E4U R . -19.51 -5.35 15.75
C9 E4U R . -22.25 -8.51 24.63
N20 E4U R . -26.01 -6.54 16.97
N5 E4U R . -21.16 -6.75 17.78
O12 E4U R . -18.29 -7.19 22.82
O13 E4U R . -18.84 -9.44 23.01
O16 E4U R . -19.12 -7.08 18.80
O4 E4U R . -21.88 -6.12 20.95
CL2 E4U R . -18.49 -9.10 16.63
CL3 E4U R . -19.40 -3.58 13.67
N3 E4U S . -28.03 -12.75 -1.98
C6 E4U S . -28.97 -12.50 -0.87
C8 E4U S . -30.16 -13.50 -1.14
C10 E4U S . -32.42 -12.26 -1.00
C15 E4U S . -23.53 -10.84 -3.73
C17 E4U S . -26.83 -12.80 -5.27
C21 E4U S . -27.34 -11.01 -8.53
C22 E4U S . -26.55 -11.27 -7.41
C24 E4U S . -25.61 -9.48 -9.40
C26 E4U S . -25.28 -10.65 -7.27
C28 E4U S . -21.27 -11.54 -4.07
B7 E4U S . -28.26 -12.60 0.58
C1 E4U S . -27.13 -11.63 -4.32
C11 E4U S . -32.39 -14.66 -0.59
C14 E4U S . -24.89 -11.15 -3.13
C18 E4U S . -27.27 -12.22 -6.61
C19 E4U S . -28.47 -12.43 -7.30
C2 E4U S . -27.95 -11.69 -2.97
C23 E4U S . -26.87 -10.10 -9.52
C25 E4U S . -24.83 -9.76 -8.27
C27 E4U S . -22.52 -11.75 -3.52
C29 E4U S . -21.05 -10.43 -4.89
C30 E4U S . -22.09 -9.54 -5.13
C31 E4U S . -23.34 -9.75 -4.56
C9 E4U S . -31.55 -13.38 -0.47
N20 E4U S . -28.49 -11.73 -8.43
N5 E4U S . -25.79 -11.28 -4.24
O12 E4U S . -27.81 -11.49 1.24
O13 E4U S . -27.99 -13.81 1.16
O16 E4U S . -25.22 -11.31 -2.00
O4 E4U S . -28.63 -10.75 -2.70
CL2 E4U S . -22.95 -13.11 -2.46
CL3 E4U S . -21.89 -8.09 -6.17
N3 E4U T . 1.50 -7.19 29.81
C6 E4U T . 2.76 -7.07 30.55
C8 E4U T . 2.46 -7.78 31.91
C10 E4U T . 3.20 -6.25 33.88
C15 E4U T . -0.65 -5.52 25.56
C17 E4U T . -1.87 -6.57 29.26
C21 E4U T . -4.51 -3.98 29.91
C22 E4U T . -3.64 -4.60 29.02
C24 E4U T . -5.33 -2.54 28.15
C26 E4U T . -3.62 -4.18 27.66
C28 E4U T . -1.74 -6.37 23.61
B7 E4U T . 4.03 -7.55 29.71
C1 E4U T . -0.65 -5.62 29.26
C11 E4U T . 3.19 -8.68 34.21
C14 E4U T . 0.17 -5.75 26.82
C18 E4U T . -2.96 -5.61 29.74
C19 E4U T . -3.43 -5.49 31.06
C2 E4U T . 0.76 -5.94 29.86
C23 E4U T . -5.37 -2.95 29.48
C25 E4U T . -4.48 -3.16 27.23
C27 E4U T . -0.95 -6.58 24.73
C29 E4U T . -2.30 -5.12 23.37
C30 E4U T . -2.04 -4.05 24.22
C31 E4U T . -1.23 -4.26 25.34
C9 E4U T . 3.35 -7.59 33.16
N20 E4U T . -4.36 -4.55 31.13
N5 E4U T . -0.73 -5.50 27.89
O12 E4U T . 4.87 -6.65 29.12
O13 E4U T . 4.14 -8.86 29.35
O16 E4U T . 1.29 -6.05 26.95
O4 E4U T . 1.37 -5.10 30.46
CL2 E4U T . -0.23 -8.18 25.07
CL3 E4U T . -2.76 -2.43 23.91
N3 E4U U . 22.36 -10.12 18.32
C6 E4U U . 23.73 -10.24 17.78
C8 E4U U . 24.50 -10.99 18.92
C10 E4U U . 26.76 -9.97 19.66
C15 E4U U . 18.01 -7.85 17.20
C17 E4U U . 19.97 -9.01 20.63
C21 E4U U . 19.43 -6.10 22.91
C22 E4U U . 19.10 -6.78 21.75
C24 E4U U . 17.78 -4.40 22.38
C26 E4U U . 18.10 -6.27 20.88
C28 E4U U . 15.68 -8.38 16.93
B7 E4U U . 23.78 -10.94 16.31
C1 E4U U . 20.82 -8.26 19.58
C11 E4U U . 26.50 -12.36 19.74
C14 E4U U . 19.44 -8.32 17.39
C18 E4U U . 19.92 -7.95 21.72
C19 E4U U . 20.74 -7.87 22.86
C2 E4U U . 22.10 -8.79 18.86
C23 E4U U . 18.77 -4.89 23.23
C25 E4U U . 17.43 -5.09 21.21
C27 E4U U . 17.00 -8.78 17.05
C29 E4U U . 15.37 -7.03 17.03
C30 E4U U . 16.38 -6.09 17.24
C31 E4U U . 17.70 -6.50 17.35
C9 E4U U . 26.04 -11.12 18.98
N20 E4U U . 20.41 -6.79 23.56
N5 E4U U . 19.73 -8.02 18.76
O12 E4U U . 23.88 -10.21 15.14
O13 E4U U . 23.52 -12.26 16.14
O16 E4U U . 20.20 -8.80 16.63
O4 E4U U . 23.05 -8.08 18.69
CL2 E4U U . 17.49 -10.49 16.92
CL3 E4U U . 16.00 -4.36 17.38
N3 E4U V . -26.80 14.65 2.77
C6 E4U V . -27.87 14.50 1.75
C8 E4U V . -28.96 15.56 2.11
C10 E4U V . -31.38 14.59 2.28
C15 E4U V . -22.50 12.50 4.33
C17 E4U V . -25.55 14.68 6.09
C21 E4U V . -26.17 12.89 9.31
C22 E4U V . -25.36 13.12 8.21
C24 E4U V . -24.56 11.27 10.15
C26 E4U V . -24.14 12.42 8.06
C28 E4U V . -20.20 13.03 4.72
B7 E4U V . -27.26 14.54 0.25
C1 E4U V . -25.97 13.54 5.12
C11 E4U V . -31.11 16.85 1.49
C14 E4U V . -23.85 12.90 3.75
C18 E4U V . -26.01 14.11 7.42
C19 E4U V . -27.22 14.38 8.10
C2 E4U V . -26.86 13.68 3.84
C23 E4U V . -25.77 11.95 10.29
C25 E4U V . -23.73 11.51 9.05
C27 E4U V . -21.43 13.35 4.15
C29 E4U V . -20.07 11.89 5.49
C30 E4U V . -21.18 11.06 5.70
C31 E4U V . -22.41 11.38 5.14
C9 E4U V . -30.41 15.50 1.54
N20 E4U V . -27.28 13.67 9.22
N5 E4U V . -24.65 13.12 4.90
O12 E4U V . -26.84 13.42 -0.43
O13 E4U V . -26.86 15.74 -0.29
O16 E4U V . -24.18 13.02 2.62
O4 E4U V . -27.77 12.91 3.66
CL2 E4U V . -21.70 14.79 3.13
CL3 E4U V . -21.06 9.59 6.70
N3 E4U W . -21.02 9.66 -20.41
C6 E4U W . -20.82 9.39 -21.86
C8 E4U W . -21.84 10.28 -22.61
C10 E4U W . -23.25 8.92 -24.40
C15 E4U W . -19.13 8.14 -15.89
C17 E4U W . -22.66 9.81 -17.24
C21 E4U W . -25.24 7.83 -15.38
C22 E4U W . -23.91 8.18 -15.55
C24 E4U W . -24.63 6.35 -13.52
C26 E4U W . -22.91 7.61 -14.68
C28 E4U W . -17.89 8.84 -13.96
B7 E4U W . -19.28 9.55 -22.32
C1 E4U W . -22.13 8.63 -18.11
C11 E4U W . -23.02 11.34 -24.60
C14 E4U W . -19.69 8.45 -17.29
C18 E4U W . -23.88 9.14 -16.62
C19 E4U W . -25.21 9.24 -17.08
C2 E4U W . -21.71 8.65 -19.64
C23 E4U W . -25.60 6.89 -14.38
C25 E4U W . -23.28 6.72 -13.66
C27 E4U W . -18.36 9.07 -15.25
C29 E4U W . -18.26 7.68 -13.30
C30 E4U W . -19.07 6.75 -13.92
C31 E4U W . -19.53 6.99 -15.21
C9 E4U W . -22.32 10.09 -24.09
N20 E4U W . -25.98 8.48 -16.32
N5 E4U W . -21.11 8.36 -17.19
O12 E4U W . -18.41 8.49 -22.31
O13 E4U W . -18.76 10.81 -22.51
O16 E4U W . -19.11 8.78 -18.28
O4 E4U W . -21.96 7.70 -20.32
CL2 E4U W . -17.91 10.55 -16.12
CL3 E4U W . -19.54 5.26 -13.06
N3 E4U X . 1.07 6.97 -30.04
C6 E4U X . 2.33 6.76 -30.78
C8 E4U X . 2.11 7.51 -32.15
C10 E4U X . 2.94 6.03 -34.13
C15 E4U X . -1.11 5.49 -25.64
C17 E4U X . -2.37 6.68 -29.40
C21 E4U X . -5.19 4.27 -29.91
C22 E4U X . -4.29 4.86 -29.06
C24 E4U X . -6.09 2.97 -28.04
C26 E4U X . -4.26 4.52 -27.68
C28 E4U X . -2.03 6.42 -23.61
B7 E4U X . 3.62 7.23 -29.94
C1 E4U X . -1.23 5.63 -29.37
C11 E4U X . 2.75 8.46 -34.43
C14 E4U X . -0.36 5.71 -26.96
C18 E4U X . -3.54 5.79 -29.85
C19 E4U X . -4.02 5.64 -31.17
C2 E4U X . 0.21 5.78 -30.00
C23 E4U X . -6.10 3.31 -29.41
C25 E4U X . -5.17 3.57 -27.17
C27 E4U X . -1.32 6.56 -24.79
C29 E4U X . -2.57 5.19 -23.30
C30 E4U X . -2.40 4.11 -24.18
C31 E4U X . -1.69 4.26 -25.36
C9 E4U X . 3.01 7.36 -33.40
N20 E4U X . -5.01 4.75 -31.18
N5 E4U X . -1.30 5.49 -27.99
O12 E4U X . 4.26 6.40 -29.08
O13 E4U X . 3.88 8.55 -29.80
O16 E4U X . 0.76 6.02 -27.17
O4 E4U X . 0.69 4.83 -30.55
CL2 E4U X . -0.60 8.12 -25.22
CL3 E4U X . -3.12 2.53 -23.77
N3 E4U Y . 22.74 8.51 -18.98
C6 E4U Y . 24.12 8.57 -18.45
C8 E4U Y . 24.91 9.27 -19.58
C10 E4U Y . 27.16 8.11 -20.19
C15 E4U Y . 18.20 6.49 -17.68
C17 E4U Y . 20.13 7.56 -21.18
C21 E4U Y . 19.06 4.65 -23.30
C22 E4U Y . 18.91 5.37 -22.13
C24 E4U Y . 17.30 3.08 -22.59
C26 E4U Y . 17.96 4.95 -21.17
C28 E4U Y . 15.94 7.24 -17.28
B7 E4U Y . 24.20 9.24 -16.98
C1 E4U Y . 20.98 6.78 -20.15
C11 E4U Y . 26.84 10.46 -20.67
C14 E4U Y . 19.66 6.88 -17.95
C18 E4U Y . 19.84 6.46 -22.21
C19 E4U Y . 20.53 6.29 -23.43
C2 E4U Y . 22.34 7.21 -19.47
C23 E4U Y . 18.26 3.50 -23.52
C25 E4U Y . 17.16 3.82 -21.41
C27 E4U Y . 17.28 7.52 -17.46
C29 E4U Y . 15.49 5.93 -17.34
C30 E4U Y . 16.39 4.91 -17.60
C31 E4U Y . 17.75 5.18 -17.79
C9 E4U Y . 26.46 9.36 -19.69
N20 E4U Y . 20.02 5.24 -24.06
N5 E4U Y . 19.89 6.58 -19.31
O12 E4U Y . 24.20 8.48 -15.84
O13 E4U Y . 24.13 10.60 -16.80
O16 E4U Y . 20.49 7.33 -17.26
O4 E4U Y . 23.17 6.38 -19.32
CL2 E4U Y . 17.90 9.18 -17.38
CL3 E4U Y . 15.76 3.23 -17.68
N3 E4U Z . 27.49 13.20 4.25
C6 E4U Z . 27.92 13.50 5.62
C8 E4U Z . 29.17 14.41 5.44
C10 E4U Z . 31.08 13.49 6.93
C15 E4U Z . 23.91 10.45 1.79
C17 E4U Z . 27.71 11.89 1.02
C21 E4U Z . 29.26 9.03 -0.83
C22 E4U Z . 28.14 9.65 -0.31
C24 E4U Z . 27.86 7.18 -1.66
C26 E4U Z . 26.87 9.05 -0.46
C28 E4U Z . 22.11 10.75 0.24
B7 E4U Z . 26.73 14.04 6.58
C1 E4U Z . 27.51 11.21 2.39
C11 E4U Z . 31.14 15.83 6.24
C14 E4U Z . 24.93 11.06 2.75
C18 E4U Z . 28.57 10.86 0.27
C19 E4U Z . 29.98 10.88 0.12
C2 E4U Z . 27.76 11.86 3.79
C23 E4U Z . 29.12 7.79 -1.50
C25 E4U Z . 26.74 7.83 -1.14
C27 E4U Z . 23.01 11.27 1.16
C29 E4U Z . 22.16 9.40 -0.08
C30 E4U Z . 23.10 8.58 0.53
C31 E4U Z . 23.99 9.11 1.46
C9 E4U Z . 30.19 14.68 6.58
N20 E4U Z . 30.36 9.80 -0.56
N5 E4U Z . 26.19 10.86 2.12
O12 E4U Z . 26.03 13.20 7.40
O13 E4U Z . 26.30 15.33 6.50
O16 E4U Z . 24.75 11.60 3.79
O4 E4U Z . 28.26 11.18 4.65
CL2 E4U Z . 23.04 12.98 1.65
CL3 E4U Z . 23.23 6.84 0.16
N3 E4U AA . 11.87 17.30 22.40
C6 E4U AA . 11.11 17.59 23.62
C8 E4U AA . 11.99 18.61 24.44
C10 E4U AA . 12.16 18.35 27.05
C15 E4U AA . 11.90 13.97 18.55
C17 E4U AA . 14.72 16.29 20.59
C21 E4U AA . 17.46 13.75 20.87
C22 E4U AA . 16.25 14.14 20.33
C24 E4U AA . 17.37 11.64 19.61
C26 E4U AA . 15.58 13.27 19.42
C28 E4U AA . 11.78 13.97 16.14
B7 E4U AA . 9.57 17.97 23.27
C1 E4U AA . 13.71 15.52 21.47
C11 E4U AA . 12.22 20.56 26.07
C14 E4U AA . 11.85 14.82 19.81
C18 E4U AA . 15.96 15.43 20.85
C19 E4U AA . 17.01 15.72 21.75
C2 E4U AA . 12.71 16.13 22.52
C23 E4U AA . 18.02 12.49 20.52
C25 E4U AA . 16.16 12.04 19.05
C27 E4U AA . 11.71 14.64 17.35
C29 E4U AA . 12.10 12.62 16.13
C30 E4U AA . 12.35 11.94 17.32
C31 E4U AA . 12.27 12.62 18.54
C9 E4U AA . 11.65 19.16 25.85
N20 E4U AA . 17.89 14.72 21.72
N5 E4U AA . 13.15 14.84 20.38
O12 E4U AA . 8.58 17.02 23.29
O13 E4U AA . 9.27 19.19 22.76
O16 E4U AA . 10.95 15.41 20.29
O4 E4U AA . 12.58 15.59 23.59
CL2 E4U AA . 11.30 16.36 17.50
CL3 E4U AA . 12.77 10.19 17.32
N3 E4U BA . -12.32 18.01 21.58
C6 E4U BA . -13.77 18.10 21.81
C8 E4U BA . -13.95 19.32 22.78
C10 E4U BA . -15.69 18.68 24.64
C15 E4U BA . -8.76 15.05 19.49
C17 E4U BA . -9.05 17.47 22.69
C21 E4U BA . -7.05 15.54 25.23
C22 E4U BA . -7.47 15.69 23.91
C24 E4U BA . -5.71 13.59 24.59
C26 E4U BA . -7.01 14.79 22.91
C28 E4U BA . -6.92 15.12 17.96
B7 E4U BA . -14.61 18.04 20.43
C1 E4U BA . -10.25 16.51 22.58
C11 E4U BA . -15.42 21.06 24.01
C14 E4U BA . -9.96 15.71 20.15
C18 E4U BA . -8.31 16.85 23.87
C19 E4U BA . -8.38 17.28 25.21
C2 E4U BA . -11.75 16.96 22.40
C23 E4U BA . -6.16 14.48 25.58
C25 E4U BA . -6.13 13.75 23.26
C27 E4U BA . -8.06 15.72 18.52
C29 E4U BA . -6.47 13.90 18.45
C30 E4U BA . -7.17 13.25 19.47
C31 E4U BA . -8.30 13.84 20.01
C9 E4U BA . -15.30 19.61 23.51
N20 E4U BA . -7.62 16.52 25.98
N5 E4U BA . -9.61 15.88 21.52
O12 E4U BA . -15.28 16.89 20.06
O13 E4U BA . -14.48 19.03 19.50
O16 E4U BA . -10.98 16.05 19.70
O4 E4U BA . -12.59 16.41 23.05
CL2 E4U BA . -8.67 17.29 17.94
CL3 E4U BA . -6.63 11.66 20.11
#